data_7PA7
#
_entry.id   7PA7
#
_cell.length_a   114.588
_cell.length_b   114.614
_cell.length_c   142.373
_cell.angle_alpha   92.315
_cell.angle_beta   105.996
_cell.angle_gamma   111.407
#
_symmetry.space_group_name_H-M   'P 1'
#
loop_
_entity.id
_entity.type
_entity.pdbx_description
1 polymer 'scFv 29B1 antibody heavy chain'
2 polymer 'Major capsid protein VP1'
3 water water
#
loop_
_entity_poly.entity_id
_entity_poly.type
_entity_poly.pdbx_seq_one_letter_code
_entity_poly.pdbx_strand_id
1 'polypeptide(L)'
;GSYVLTQPPSVSVAPGKTARITCGGNNIGSRSVHWYQHKPGQAPVMIISYDMNRPSGIPERVSGSNYGNTATLTISRVEA
GDEADYYCQVWDSRSDHPYVFGTGTRVTVLGSTSGSGKPGSGEGSTKGEVQLVESGGGLVKPGGSLRLSCAASGITFQYY
AMNWVRQAPGKGLEWVSSIGGRGDTTYYTDSVKGRFTISRDNSKSTLYLQMNSLRAEDTAVYYCAKEPFDSSGDHRGVFD
YWGQGTLVTVSS
;
eee,aaa,bbb,ccc,ddd,mmm,nnn,ooo,ppp,qqq
2 'polypeptide(L)'
;GSHMGGVEVLEVKTGVDAITEVECFLNPEMGDPDENLRGFSLKLSAENDFSSDSPERKMLPCYSTARIPLPNLNEDLTCG
NLLMWEAVTVQTEVIGITSMLNLHAGSQKVHEHGGGKPIQGSNFHFFAVGGDPLEMQGVLMNYRTKYPDGTITPKNPTAQ
SQVMNTDHKAYLDKNNAYPVECWVPDPSRNENTRYFGTFTGGENVPPVLHVTNTATTVLLDEQGVGPLCKADSLYVSAAD
ICGLFTNSSGTQQWRGLARYFKIRLRKRSVKNPYP
;
AAA,BBB,CCC,DDD,EEE,MMM,NNN,OOO,PPP,QQQ
#
# COMPACT_ATOMS: atom_id res chain seq x y z
N GLY A 1 -18.28 8.35 38.46
CA GLY A 1 -19.10 9.41 39.07
C GLY A 1 -19.37 10.52 38.06
N SER A 2 -19.06 11.77 38.42
CA SER A 2 -19.10 12.96 37.54
C SER A 2 -18.47 14.15 38.26
N TYR A 3 -17.55 14.89 37.63
CA TYR A 3 -16.81 16.03 38.23
C TYR A 3 -17.82 17.13 38.63
N VAL A 4 -17.59 17.81 39.74
CA VAL A 4 -18.57 18.80 40.30
C VAL A 4 -17.93 20.19 40.28
N LEU A 5 -18.67 21.16 39.77
CA LEU A 5 -18.27 22.58 39.75
C LEU A 5 -19.28 23.34 40.60
N THR A 6 -18.80 24.00 41.66
CA THR A 6 -19.62 24.75 42.64
C THR A 6 -19.53 26.24 42.36
N GLN A 7 -20.67 26.89 42.15
CA GLN A 7 -20.74 28.36 41.99
C GLN A 7 -21.69 28.93 43.05
N PRO A 8 -21.34 30.08 43.67
CA PRO A 8 -22.29 30.79 44.52
C PRO A 8 -23.55 31.12 43.72
N PRO A 9 -24.76 30.85 44.25
CA PRO A 9 -25.99 31.04 43.46
C PRO A 9 -26.17 32.48 42.97
N SER A 10 -25.73 33.47 43.73
CA SER A 10 -25.93 34.90 43.35
C SER A 10 -24.76 35.76 43.83
N VAL A 11 -24.53 36.87 43.13
CA VAL A 11 -23.57 37.93 43.51
C VAL A 11 -24.23 39.27 43.21
N SER A 12 -24.13 40.22 44.12
CA SER A 12 -24.69 41.60 43.99
C SER A 12 -23.54 42.60 44.06
N VAL A 13 -23.57 43.60 43.19
CA VAL A 13 -22.42 44.52 42.94
C VAL A 13 -22.98 45.90 42.58
N ALA A 14 -22.37 46.96 43.09
CA ALA A 14 -22.73 48.35 42.76
C ALA A 14 -22.11 48.69 41.41
N PRO A 15 -22.73 49.58 40.60
CA PRO A 15 -22.10 50.03 39.35
C PRO A 15 -20.70 50.60 39.62
N GLY A 16 -19.74 50.29 38.75
CA GLY A 16 -18.35 50.76 38.85
C GLY A 16 -17.49 49.85 39.73
N LYS A 17 -18.10 49.05 40.61
CA LYS A 17 -17.36 48.12 41.49
C LYS A 17 -16.94 46.87 40.71
N THR A 18 -16.25 45.97 41.39
CA THR A 18 -15.75 44.69 40.82
C THR A 18 -16.65 43.55 41.30
N ALA A 19 -17.02 42.65 40.39
CA ALA A 19 -17.75 41.40 40.68
C ALA A 19 -16.78 40.22 40.55
N ARG A 20 -16.76 39.35 41.56
CA ARG A 20 -15.92 38.12 41.56
C ARG A 20 -16.82 36.89 41.70
N ILE A 21 -16.80 36.03 40.69
CA ILE A 21 -17.60 34.77 40.64
C ILE A 21 -16.63 33.59 40.73
N THR A 22 -16.79 32.77 41.77
CA THR A 22 -15.87 31.61 42.01
C THR A 22 -16.46 30.38 41.34
N CYS A 23 -15.59 29.43 41.03
CA CYS A 23 -15.91 28.10 40.47
C CYS A 23 -15.04 27.10 41.20
N GLY A 24 -15.62 26.37 42.17
CA GLY A 24 -14.91 25.38 43.01
C GLY A 24 -14.86 24.03 42.35
N GLY A 25 -13.70 23.38 42.39
CA GLY A 25 -13.54 22.01 41.88
C GLY A 25 -12.32 21.35 42.47
N ASN A 26 -12.40 20.05 42.72
CA ASN A 26 -11.23 19.24 43.19
C ASN A 26 -10.09 19.38 42.16
N ASN A 27 -9.01 20.07 42.52
CA ASN A 27 -7.87 20.31 41.60
C ASN A 27 -8.40 20.84 40.27
N ILE A 28 -9.18 21.93 40.30
CA ILE A 28 -9.70 22.55 39.06
C ILE A 28 -8.55 23.29 38.35
N GLY A 29 -7.51 23.67 39.10
CA GLY A 29 -6.31 24.35 38.56
C GLY A 29 -5.56 23.50 37.57
N SER A 30 -5.79 22.19 37.56
CA SER A 30 -5.16 21.23 36.61
C SER A 30 -6.03 21.07 35.35
N ARG A 31 -7.14 21.82 35.21
CA ARG A 31 -8.11 21.71 34.08
C ARG A 31 -8.37 23.08 33.46
N SER A 32 -8.73 23.11 32.18
CA SER A 32 -9.03 24.36 31.43
C SER A 32 -10.48 24.74 31.68
N VAL A 33 -10.71 25.89 32.34
CA VAL A 33 -12.11 26.34 32.63
C VAL A 33 -12.49 27.43 31.64
N HIS A 34 -13.68 27.30 31.06
CA HIS A 34 -14.28 28.32 30.17
C HIS A 34 -15.47 28.96 30.90
N TRP A 35 -15.83 30.18 30.52
CA TRP A 35 -16.89 30.96 31.19
C TRP A 35 -17.92 31.45 30.16
N TYR A 36 -19.20 31.42 30.51
CA TYR A 36 -20.30 31.86 29.63
C TYR A 36 -21.13 32.91 30.37
N GLN A 37 -21.49 33.98 29.68
CA GLN A 37 -22.54 34.94 30.10
C GLN A 37 -23.86 34.51 29.45
N HIS A 38 -24.95 34.46 30.20
CA HIS A 38 -26.30 34.06 29.68
C HIS A 38 -27.38 35.03 30.17
N LYS A 39 -27.89 35.87 29.26
CA LYS A 39 -29.03 36.78 29.52
C LYS A 39 -30.33 36.07 29.13
N PRO A 40 -31.44 36.28 29.88
CA PRO A 40 -32.68 35.57 29.62
C PRO A 40 -33.17 35.73 28.17
N GLY A 41 -33.59 34.60 27.57
CA GLY A 41 -34.10 34.50 26.20
C GLY A 41 -33.06 34.90 25.16
N GLN A 42 -31.78 34.74 25.45
CA GLN A 42 -30.67 35.06 24.50
C GLN A 42 -29.70 33.89 24.43
N ALA A 43 -28.94 33.81 23.34
CA ALA A 43 -27.85 32.82 23.18
C ALA A 43 -26.78 33.12 24.22
N PRO A 44 -26.33 32.11 25.00
CA PRO A 44 -25.14 32.27 25.83
C PRO A 44 -23.96 32.76 24.98
N VAL A 45 -23.09 33.56 25.61
CA VAL A 45 -21.85 34.11 24.98
C VAL A 45 -20.66 33.56 25.75
N MET A 46 -19.64 33.05 25.04
CA MET A 46 -18.37 32.67 25.68
C MET A 46 -17.57 33.94 25.93
N ILE A 47 -17.16 34.18 27.17
CA ILE A 47 -16.42 35.41 27.59
C ILE A 47 -14.98 35.09 28.03
N ILE A 48 -14.70 33.87 28.50
CA ILE A 48 -13.31 33.42 28.80
C ILE A 48 -13.13 31.98 28.33
N SER A 49 -12.02 31.70 27.64
CA SER A 49 -11.60 30.32 27.26
C SER A 49 -10.23 30.00 27.88
N TYR A 50 -10.05 28.74 28.28
CA TYR A 50 -8.76 28.25 28.84
C TYR A 50 -8.27 29.22 29.94
N ASP A 51 -9.07 29.36 30.99
CA ASP A 51 -8.75 30.01 32.29
C ASP A 51 -8.77 31.53 32.18
N MET A 52 -8.18 32.13 31.13
CA MET A 52 -7.92 33.60 31.14
C MET A 52 -7.98 34.23 29.76
N ASN A 53 -8.27 33.49 28.69
CA ASN A 53 -8.21 34.05 27.31
C ASN A 53 -9.55 34.72 26.97
N ARG A 54 -9.52 36.00 26.60
CA ARG A 54 -10.76 36.72 26.16
C ARG A 54 -10.95 36.55 24.66
N PRO A 55 -12.11 36.05 24.20
CA PRO A 55 -12.46 36.15 22.78
C PRO A 55 -12.54 37.61 22.32
N SER A 56 -12.27 37.81 21.04
CA SER A 56 -12.42 39.11 20.33
C SER A 56 -13.83 39.65 20.61
N GLY A 57 -13.95 40.91 21.06
CA GLY A 57 -15.24 41.55 21.36
C GLY A 57 -15.55 41.59 22.84
N ILE A 58 -14.82 40.84 23.68
CA ILE A 58 -15.03 40.87 25.16
C ILE A 58 -14.11 41.94 25.74
N PRO A 59 -14.66 42.90 26.52
CA PRO A 59 -13.85 43.99 27.05
C PRO A 59 -12.80 43.57 28.11
N GLU A 60 -11.68 44.31 28.17
CA GLU A 60 -10.53 44.06 29.07
C GLU A 60 -10.98 43.99 30.54
N ARG A 61 -12.13 44.61 30.90
CA ARG A 61 -12.71 44.58 32.28
C ARG A 61 -12.95 43.13 32.72
N VAL A 62 -13.22 42.25 31.75
CA VAL A 62 -13.49 40.81 32.04
C VAL A 62 -12.14 40.09 32.06
N SER A 63 -11.83 39.39 33.15
CA SER A 63 -10.59 38.59 33.25
C SER A 63 -10.91 37.27 33.95
N GLY A 64 -10.07 36.26 33.74
CA GLY A 64 -10.27 34.94 34.39
C GLY A 64 -9.01 34.47 35.11
N SER A 65 -9.15 33.65 36.14
CA SER A 65 -8.02 33.04 36.87
C SER A 65 -8.38 31.61 37.25
N ASN A 66 -7.38 30.76 37.42
CA ASN A 66 -7.59 29.35 37.85
C ASN A 66 -6.35 28.90 38.62
N TYR A 67 -6.52 28.51 39.87
CA TYR A 67 -5.39 28.00 40.69
C TYR A 67 -5.95 27.11 41.79
N GLY A 68 -5.29 25.98 41.99
CA GLY A 68 -5.61 25.10 43.11
C GLY A 68 -6.99 24.52 42.97
N ASN A 69 -7.97 25.03 43.73
CA ASN A 69 -9.30 24.39 43.77
C ASN A 69 -10.36 25.40 43.37
N THR A 70 -9.96 26.55 42.87
CA THR A 70 -10.96 27.61 42.60
C THR A 70 -10.60 28.39 41.33
N ALA A 71 -11.52 28.45 40.38
CA ALA A 71 -11.39 29.29 39.19
C ALA A 71 -12.16 30.58 39.46
N THR A 72 -11.70 31.72 38.97
CA THR A 72 -12.36 33.02 39.32
C THR A 72 -12.61 33.88 38.08
N LEU A 73 -13.86 34.24 37.82
CA LEU A 73 -14.25 35.27 36.82
C LEU A 73 -14.32 36.61 37.54
N THR A 74 -13.54 37.59 37.07
CA THR A 74 -13.53 38.96 37.62
C THR A 74 -14.09 39.93 36.59
N ILE A 75 -15.10 40.69 36.95
CA ILE A 75 -15.65 41.78 36.10
C ILE A 75 -15.45 43.09 36.84
N SER A 76 -14.59 43.96 36.29
CA SER A 76 -14.27 45.30 36.84
C SER A 76 -15.17 46.36 36.19
N ARG A 77 -15.31 47.51 36.84
CA ARG A 77 -16.04 48.69 36.31
C ARG A 77 -17.40 48.20 35.80
N VAL A 78 -18.17 47.56 36.69
CA VAL A 78 -19.41 46.82 36.34
C VAL A 78 -20.47 47.78 35.81
N GLU A 79 -21.11 47.40 34.70
CA GLU A 79 -22.21 48.16 34.06
C GLU A 79 -23.52 47.37 34.19
N ALA A 80 -24.65 48.03 33.96
CA ALA A 80 -26.00 47.43 33.91
C ALA A 80 -25.98 46.20 32.98
N GLY A 81 -25.40 46.34 31.77
CA GLY A 81 -25.27 45.29 30.75
C GLY A 81 -24.58 44.02 31.25
N ASP A 82 -23.87 44.05 32.39
CA ASP A 82 -23.20 42.86 32.97
C ASP A 82 -24.21 41.97 33.72
N GLU A 83 -25.42 42.45 33.94
CA GLU A 83 -26.45 41.68 34.68
C GLU A 83 -26.85 40.47 33.83
N ALA A 84 -26.55 39.28 34.32
CA ALA A 84 -26.83 38.00 33.61
C ALA A 84 -26.50 36.81 34.52
N ASP A 85 -26.70 35.60 33.99
CA ASP A 85 -26.19 34.36 34.61
C ASP A 85 -24.77 34.10 34.09
N TYR A 86 -23.90 33.60 34.94
CA TYR A 86 -22.49 33.26 34.57
C TYR A 86 -22.21 31.80 34.93
N TYR A 87 -21.74 31.02 33.96
CA TYR A 87 -21.39 29.59 34.14
C TYR A 87 -19.91 29.33 33.86
N CYS A 88 -19.24 28.60 34.74
CA CYS A 88 -17.94 27.93 34.43
C CYS A 88 -18.22 26.57 33.80
N GLN A 89 -17.20 25.99 33.15
CA GLN A 89 -17.36 24.71 32.40
C GLN A 89 -15.98 24.09 32.14
N VAL A 90 -15.87 22.78 32.30
CA VAL A 90 -14.65 22.01 31.97
C VAL A 90 -15.01 20.86 31.05
N TRP A 91 -13.99 20.22 30.50
CA TRP A 91 -14.11 19.08 29.55
C TRP A 91 -13.05 18.04 29.92
N ASP A 92 -13.51 16.83 30.20
CA ASP A 92 -12.60 15.67 30.46
C ASP A 92 -12.86 14.63 29.36
N SER A 93 -11.99 14.59 28.35
CA SER A 93 -12.10 13.67 27.18
C SER A 93 -12.30 12.23 27.66
N ARG A 94 -11.56 11.85 28.72
CA ARG A 94 -11.50 10.45 29.27
C ARG A 94 -12.46 10.34 30.47
N SER A 95 -13.77 10.54 30.24
CA SER A 95 -14.81 10.49 31.32
C SER A 95 -16.18 10.13 30.74
N ASP A 96 -17.03 9.51 31.58
CA ASP A 96 -18.42 9.11 31.25
C ASP A 96 -19.25 10.35 30.89
N HIS A 97 -19.18 11.41 31.70
CA HIS A 97 -19.83 12.72 31.47
C HIS A 97 -18.74 13.75 31.14
N PRO A 98 -18.38 13.91 29.84
CA PRO A 98 -17.19 14.69 29.47
C PRO A 98 -17.33 16.22 29.43
N TYR A 99 -18.53 16.77 29.32
CA TYR A 99 -18.78 18.23 29.42
C TYR A 99 -19.55 18.50 30.71
N VAL A 100 -19.01 19.31 31.61
CA VAL A 100 -19.68 19.64 32.91
C VAL A 100 -19.82 21.15 33.05
N PHE A 101 -21.02 21.63 33.34
CA PHE A 101 -21.25 23.05 33.68
C PHE A 101 -21.29 23.25 35.18
N GLY A 102 -20.92 24.43 35.64
CA GLY A 102 -21.20 24.92 37.00
C GLY A 102 -22.70 25.12 37.20
N THR A 103 -23.11 25.24 38.46
CA THR A 103 -24.53 25.42 38.88
C THR A 103 -25.01 26.80 38.45
N GLY A 104 -24.11 27.75 38.18
CA GLY A 104 -24.47 29.09 37.66
C GLY A 104 -24.47 30.17 38.75
N THR A 105 -24.29 31.41 38.37
CA THR A 105 -24.31 32.57 39.30
C THR A 105 -25.14 33.70 38.68
N ARG A 106 -26.21 34.14 39.35
CA ARG A 106 -26.97 35.32 38.90
C ARG A 106 -26.25 36.59 39.39
N VAL A 107 -25.96 37.50 38.48
CA VAL A 107 -25.31 38.78 38.83
C VAL A 107 -26.36 39.88 38.71
N THR A 108 -26.60 40.60 39.80
CA THR A 108 -27.57 41.71 39.84
C THR A 108 -26.75 42.97 40.09
N VAL A 109 -26.87 43.98 39.24
CA VAL A 109 -26.17 45.27 39.46
C VAL A 109 -27.13 46.18 40.22
N LEU A 110 -26.72 46.61 41.41
CA LEU A 110 -27.58 47.43 42.30
C LEU A 110 -27.97 48.75 41.61
N GLY A 111 -29.26 49.08 41.59
CA GLY A 111 -29.78 50.35 41.06
C GLY A 111 -29.93 50.34 39.54
N SER A 112 -28.83 50.18 38.82
CA SER A 112 -28.81 50.29 37.34
C SER A 112 -29.78 49.30 36.67
N THR A 113 -30.67 49.80 35.83
CA THR A 113 -31.62 48.99 35.03
C THR A 113 -30.91 47.71 34.54
N GLU A 129 -20.78 35.58 8.24
CA GLU A 129 -20.70 35.38 9.73
C GLU A 129 -21.46 34.10 10.09
N VAL A 130 -21.16 33.51 11.25
CA VAL A 130 -21.76 32.21 11.69
C VAL A 130 -23.17 32.49 12.24
N GLN A 131 -24.16 31.72 11.79
CA GLN A 131 -25.54 31.80 12.35
C GLN A 131 -25.97 30.37 12.72
N LEU A 132 -26.51 30.18 13.91
CA LEU A 132 -26.99 28.85 14.39
C LEU A 132 -28.48 28.97 14.65
N VAL A 133 -29.33 28.36 13.82
CA VAL A 133 -30.80 28.56 13.98
C VAL A 133 -31.49 27.23 14.30
N GLU A 134 -32.17 27.16 15.45
CA GLU A 134 -32.82 25.90 15.91
C GLU A 134 -34.31 25.89 15.56
N SER A 135 -34.86 24.69 15.37
CA SER A 135 -36.30 24.50 15.05
C SER A 135 -36.75 23.15 15.60
N GLY A 136 -38.04 22.81 15.49
CA GLY A 136 -38.56 21.51 15.91
C GLY A 136 -39.22 21.57 17.26
N GLY A 137 -39.15 22.72 17.92
CA GLY A 137 -39.66 22.87 19.30
C GLY A 137 -41.16 22.99 19.33
N GLY A 138 -41.79 22.49 20.39
CA GLY A 138 -43.25 22.62 20.58
C GLY A 138 -43.74 21.91 21.84
N LEU A 139 -45.02 21.55 21.88
CA LEU A 139 -45.62 20.78 23.00
C LEU A 139 -45.92 19.36 22.52
N VAL A 140 -45.68 18.37 23.38
CA VAL A 140 -45.87 16.92 23.09
C VAL A 140 -46.37 16.21 24.34
N LYS A 141 -47.12 15.12 24.15
CA LYS A 141 -47.59 14.24 25.25
C LYS A 141 -46.37 13.51 25.81
N PRO A 142 -46.23 13.40 27.15
CA PRO A 142 -45.22 12.52 27.76
C PRO A 142 -45.26 11.13 27.11
N GLY A 143 -44.08 10.58 26.82
CA GLY A 143 -43.91 9.30 26.12
C GLY A 143 -43.84 9.46 24.61
N GLY A 144 -44.22 10.65 24.08
CA GLY A 144 -44.20 10.99 22.64
C GLY A 144 -42.79 11.25 22.10
N SER A 145 -42.73 11.80 20.89
CA SER A 145 -41.47 12.00 20.13
C SER A 145 -41.43 13.39 19.47
N LEU A 146 -40.21 13.90 19.31
CA LEU A 146 -39.96 15.24 18.71
C LEU A 146 -38.52 15.25 18.18
N ARG A 147 -38.32 15.81 16.97
CA ARG A 147 -37.00 15.95 16.32
C ARG A 147 -36.67 17.44 16.22
N LEU A 148 -35.55 17.86 16.83
CA LEU A 148 -35.05 19.24 16.70
C LEU A 148 -34.06 19.33 15.54
N SER A 149 -34.01 20.47 14.87
CA SER A 149 -32.99 20.79 13.83
C SER A 149 -32.22 22.04 14.22
N CYS A 150 -30.94 22.09 13.86
CA CYS A 150 -30.11 23.33 13.89
C CYS A 150 -29.51 23.57 12.50
N ALA A 151 -29.94 24.63 11.80
CA ALA A 151 -29.41 25.04 10.48
C ALA A 151 -28.24 25.99 10.72
N ALA A 152 -27.02 25.52 10.46
CA ALA A 152 -25.79 26.33 10.65
C ALA A 152 -25.46 27.03 9.33
N SER A 153 -24.99 28.26 9.42
CA SER A 153 -24.77 29.16 8.27
C SER A 153 -23.40 29.83 8.41
N GLY A 154 -22.60 29.83 7.35
CA GLY A 154 -21.30 30.52 7.29
C GLY A 154 -20.13 29.72 7.84
N ILE A 155 -20.26 28.40 7.96
CA ILE A 155 -19.19 27.49 8.41
C ILE A 155 -19.29 26.20 7.61
N THR A 156 -18.16 25.54 7.35
CA THR A 156 -18.10 24.24 6.66
C THR A 156 -18.30 23.18 7.75
N PHE A 157 -19.49 22.60 7.81
CA PHE A 157 -20.07 21.96 9.02
C PHE A 157 -19.23 20.77 9.50
N GLN A 158 -18.59 20.00 8.61
CA GLN A 158 -17.90 18.76 9.04
C GLN A 158 -16.63 19.10 9.84
N TYR A 159 -16.27 20.36 10.05
CA TYR A 159 -15.06 20.77 10.79
C TYR A 159 -15.39 21.14 12.23
N TYR A 160 -16.60 20.85 12.68
CA TYR A 160 -17.11 21.35 13.98
C TYR A 160 -17.80 20.22 14.74
N ALA A 161 -17.27 19.88 15.91
CA ALA A 161 -18.04 19.16 16.93
C ALA A 161 -19.26 20.02 17.31
N MET A 162 -20.43 19.40 17.36
CA MET A 162 -21.70 20.11 17.66
C MET A 162 -22.34 19.47 18.89
N ASN A 163 -23.12 20.28 19.61
CA ASN A 163 -23.65 19.95 20.96
C ASN A 163 -25.08 20.45 21.09
N TRP A 164 -25.87 19.74 21.91
CA TRP A 164 -27.17 20.21 22.42
C TRP A 164 -26.99 20.48 23.91
N VAL A 165 -27.38 21.67 24.34
CA VAL A 165 -27.36 22.08 25.77
C VAL A 165 -28.74 22.65 26.10
N ARG A 166 -29.34 22.23 27.20
CA ARG A 166 -30.71 22.65 27.57
C ARG A 166 -30.69 23.43 28.90
N GLN A 167 -31.73 24.25 29.08
CA GLN A 167 -32.04 24.89 30.37
C GLN A 167 -33.52 24.60 30.69
N ALA A 168 -33.76 23.74 31.68
CA ALA A 168 -35.10 23.49 32.25
C ALA A 168 -35.52 24.71 33.08
N PRO A 169 -36.83 24.96 33.26
CA PRO A 169 -37.28 26.03 34.13
C PRO A 169 -36.61 25.98 35.51
N GLY A 170 -36.04 27.12 35.94
CA GLY A 170 -35.43 27.30 37.28
C GLY A 170 -34.24 26.37 37.54
N LYS A 171 -33.64 25.79 36.49
CA LYS A 171 -32.39 24.99 36.60
C LYS A 171 -31.30 25.65 35.77
N GLY A 172 -30.05 25.21 35.90
CA GLY A 172 -28.91 25.76 35.17
C GLY A 172 -28.79 25.17 33.77
N LEU A 173 -27.79 25.64 33.01
CA LEU A 173 -27.41 25.04 31.71
C LEU A 173 -27.00 23.59 31.95
N GLU A 174 -27.56 22.66 31.18
CA GLU A 174 -27.23 21.21 31.28
C GLU A 174 -26.80 20.72 29.90
N TRP A 175 -25.57 20.22 29.81
CA TRP A 175 -25.07 19.58 28.57
C TRP A 175 -25.87 18.30 28.30
N VAL A 176 -26.38 18.14 27.08
CA VAL A 176 -27.29 17.00 26.72
C VAL A 176 -26.52 15.99 25.88
N SER A 177 -25.98 16.41 24.74
CA SER A 177 -25.38 15.49 23.74
C SER A 177 -24.32 16.21 22.90
N SER A 178 -23.34 15.44 22.43
CA SER A 178 -22.21 15.92 21.59
C SER A 178 -22.01 14.96 20.42
N ILE A 179 -21.65 15.50 19.27
CA ILE A 179 -21.29 14.69 18.06
C ILE A 179 -20.05 15.30 17.38
N GLY A 180 -19.13 14.45 16.95
CA GLY A 180 -17.95 14.83 16.14
C GLY A 180 -18.35 15.37 14.79
N GLY A 181 -17.49 16.16 14.16
CA GLY A 181 -17.70 16.74 12.82
C GLY A 181 -18.07 15.70 11.78
N ARG A 182 -17.35 14.56 11.80
CA ARG A 182 -17.58 13.42 10.87
C ARG A 182 -18.94 12.76 11.16
N GLY A 183 -19.50 12.96 12.35
CA GLY A 183 -20.73 12.28 12.79
C GLY A 183 -20.41 10.99 13.50
N ASP A 184 -19.13 10.70 13.70
CA ASP A 184 -18.60 9.37 14.08
C ASP A 184 -18.38 9.26 15.60
N THR A 185 -18.58 10.32 16.39
CA THR A 185 -18.35 10.24 17.85
C THR A 185 -19.53 10.88 18.55
N THR A 186 -20.24 10.14 19.41
CA THR A 186 -21.49 10.61 20.07
C THR A 186 -21.37 10.40 21.57
N TYR A 187 -21.81 11.39 22.33
CA TYR A 187 -21.85 11.34 23.82
C TYR A 187 -23.20 11.87 24.27
N TYR A 188 -23.74 11.20 25.29
CA TYR A 188 -25.06 11.54 25.87
C TYR A 188 -24.87 11.64 27.38
N THR A 189 -25.62 12.55 28.02
CA THR A 189 -25.79 12.56 29.48
C THR A 189 -26.64 11.31 29.83
N ASP A 190 -26.39 10.69 30.99
CA ASP A 190 -27.12 9.48 31.45
C ASP A 190 -28.64 9.67 31.30
N SER A 191 -29.14 10.82 31.75
CA SER A 191 -30.56 11.25 31.74
C SER A 191 -31.22 10.87 30.40
N VAL A 192 -30.59 11.12 29.27
CA VAL A 192 -31.26 10.97 27.93
C VAL A 192 -30.74 9.73 27.20
N LYS A 193 -29.68 9.11 27.71
CA LYS A 193 -29.05 7.91 27.10
C LYS A 193 -30.11 6.83 26.97
N GLY A 194 -30.48 6.46 25.75
CA GLY A 194 -31.42 5.36 25.54
C GLY A 194 -32.73 5.87 25.00
N ARG A 195 -32.88 7.19 24.93
CA ARG A 195 -34.14 7.79 24.43
C ARG A 195 -33.81 8.81 23.35
N PHE A 196 -32.65 9.47 23.48
CA PHE A 196 -32.29 10.55 22.53
C PHE A 196 -31.20 10.08 21.56
N THR A 197 -31.27 10.51 20.30
CA THR A 197 -30.24 10.24 19.27
C THR A 197 -29.81 11.57 18.64
N ILE A 198 -28.52 11.88 18.73
CA ILE A 198 -27.89 13.04 18.05
C ILE A 198 -27.40 12.54 16.69
N SER A 199 -27.67 13.31 15.65
CA SER A 199 -27.24 13.00 14.27
C SER A 199 -26.91 14.32 13.55
N ARG A 200 -26.49 14.23 12.29
CA ARG A 200 -25.86 15.38 11.60
C ARG A 200 -25.91 15.12 10.09
N ASP A 201 -26.33 16.12 9.32
CA ASP A 201 -26.23 16.10 7.83
C ASP A 201 -25.32 17.24 7.38
N ASN A 202 -24.04 16.96 7.15
CA ASN A 202 -23.02 17.96 6.79
C ASN A 202 -23.35 18.60 5.43
N SER A 203 -23.91 17.87 4.46
CA SER A 203 -24.31 18.44 3.15
C SER A 203 -25.28 19.61 3.35
N LYS A 204 -26.22 19.50 4.30
CA LYS A 204 -27.26 20.54 4.59
C LYS A 204 -26.79 21.44 5.73
N SER A 205 -25.65 21.15 6.35
CA SER A 205 -25.11 21.89 7.53
C SER A 205 -26.15 21.91 8.65
N THR A 206 -26.78 20.75 8.92
CA THR A 206 -27.88 20.65 9.91
C THR A 206 -27.55 19.59 10.97
N LEU A 207 -27.76 19.97 12.22
CA LEU A 207 -27.63 19.08 13.40
C LEU A 207 -29.04 18.63 13.79
N TYR A 208 -29.20 17.37 14.17
CA TYR A 208 -30.50 16.79 14.59
C TYR A 208 -30.42 16.28 16.03
N LEU A 209 -31.51 16.43 16.76
CA LEU A 209 -31.75 15.70 18.03
C LEU A 209 -33.13 15.04 17.96
N GLN A 210 -33.13 13.70 17.79
CA GLN A 210 -34.34 12.85 17.80
C GLN A 210 -34.60 12.48 19.27
N MET A 211 -35.67 13.06 19.83
CA MET A 211 -36.07 12.84 21.25
C MET A 211 -37.27 11.90 21.28
N ASN A 212 -37.04 10.64 21.68
CA ASN A 212 -38.10 9.61 21.85
C ASN A 212 -38.31 9.38 23.36
N SER A 213 -39.43 8.75 23.75
CA SER A 213 -39.78 8.47 25.16
C SER A 213 -39.72 9.79 25.94
N LEU A 214 -40.31 10.85 25.39
CA LEU A 214 -40.20 12.20 25.99
C LEU A 214 -40.71 12.19 27.43
N ARG A 215 -39.94 12.75 28.34
CA ARG A 215 -40.39 12.89 29.75
C ARG A 215 -40.63 14.36 30.02
N ALA A 216 -41.12 14.70 31.20
CA ALA A 216 -41.44 16.09 31.54
C ALA A 216 -40.18 16.78 32.07
N GLU A 217 -39.26 16.01 32.66
CA GLU A 217 -37.96 16.55 33.09
C GLU A 217 -37.21 17.01 31.84
N ASP A 218 -37.79 16.73 30.66
CA ASP A 218 -37.18 17.14 29.39
C ASP A 218 -37.69 18.51 28.94
N THR A 219 -38.68 19.09 29.61
CA THR A 219 -39.16 20.47 29.31
C THR A 219 -37.98 21.42 29.53
N ALA A 220 -37.58 22.14 28.49
CA ALA A 220 -36.40 23.04 28.49
C ALA A 220 -36.32 23.81 27.18
N VAL A 221 -35.54 24.89 27.19
CA VAL A 221 -35.03 25.51 25.93
C VAL A 221 -33.81 24.69 25.48
N TYR A 222 -33.81 24.26 24.23
CA TYR A 222 -32.71 23.45 23.65
C TYR A 222 -31.83 24.38 22.81
N TYR A 223 -30.58 24.55 23.25
CA TYR A 223 -29.55 25.36 22.58
C TYR A 223 -28.63 24.45 21.77
N CYS A 224 -28.34 24.90 20.56
CA CYS A 224 -27.34 24.39 19.61
C CYS A 224 -26.01 25.07 19.94
N ALA A 225 -24.97 24.31 20.25
CA ALA A 225 -23.64 24.86 20.65
C ALA A 225 -22.54 24.30 19.75
N LYS A 226 -21.90 25.22 19.03
CA LYS A 226 -20.75 24.97 18.13
C LYS A 226 -19.48 24.90 18.96
N GLU A 227 -18.60 23.97 18.63
CA GLU A 227 -17.20 23.96 19.17
C GLU A 227 -16.31 24.66 18.15
N PRO A 228 -15.09 25.11 18.51
CA PRO A 228 -14.22 25.79 17.56
C PRO A 228 -13.85 24.90 16.36
N PHE A 229 -13.59 25.55 15.22
CA PHE A 229 -13.04 24.90 14.01
C PHE A 229 -11.90 23.95 14.42
N ASP A 230 -11.93 22.74 13.88
CA ASP A 230 -10.88 21.70 14.07
C ASP A 230 -10.71 20.99 12.74
N SER A 231 -9.46 20.78 12.31
CA SER A 231 -9.16 20.18 11.00
C SER A 231 -9.77 18.78 10.90
N SER A 232 -10.00 18.08 12.02
CA SER A 232 -10.64 16.74 12.04
C SER A 232 -12.07 16.80 12.59
N GLY A 233 -12.63 17.98 12.83
CA GLY A 233 -13.92 18.13 13.55
C GLY A 233 -13.95 17.38 14.88
N ASP A 234 -12.82 17.24 15.61
CA ASP A 234 -12.80 16.60 16.96
C ASP A 234 -13.51 17.47 18.01
N HIS A 235 -13.82 16.84 19.14
CA HIS A 235 -14.31 17.47 20.39
C HIS A 235 -13.17 18.28 21.01
N ARG A 236 -13.44 19.51 21.46
CA ARG A 236 -12.39 20.39 22.02
C ARG A 236 -12.79 20.89 23.43
N GLY A 237 -14.04 20.70 23.85
CA GLY A 237 -14.50 21.07 25.21
C GLY A 237 -14.88 22.54 25.33
N VAL A 238 -15.10 23.23 24.21
CA VAL A 238 -15.40 24.69 24.20
C VAL A 238 -16.67 24.91 23.38
N PHE A 239 -17.65 25.60 23.95
CA PHE A 239 -18.88 26.01 23.25
C PHE A 239 -18.68 27.47 22.82
N ASP A 240 -18.08 27.73 21.67
CA ASP A 240 -17.65 29.12 21.38
C ASP A 240 -18.75 29.90 20.66
N TYR A 241 -19.85 29.27 20.25
CA TYR A 241 -21.00 30.00 19.67
C TYR A 241 -22.28 29.18 19.84
N TRP A 242 -23.36 29.89 20.17
CA TRP A 242 -24.69 29.31 20.49
C TRP A 242 -25.79 29.94 19.64
N GLY A 243 -26.85 29.15 19.39
CA GLY A 243 -28.14 29.62 18.87
C GLY A 243 -29.02 30.18 19.98
N GLN A 244 -30.11 30.85 19.60
CA GLN A 244 -31.04 31.56 20.54
C GLN A 244 -31.87 30.52 21.32
N GLY A 245 -32.03 29.29 20.80
CA GLY A 245 -32.72 28.17 21.47
C GLY A 245 -34.09 27.89 20.87
N THR A 246 -34.66 26.73 21.20
CA THR A 246 -36.05 26.33 20.84
C THR A 246 -36.68 25.68 22.08
N LEU A 247 -37.92 26.07 22.40
CA LEU A 247 -38.66 25.59 23.60
C LEU A 247 -39.33 24.24 23.30
N VAL A 248 -39.02 23.22 24.11
CA VAL A 248 -39.71 21.91 24.02
C VAL A 248 -40.50 21.77 25.31
N THR A 249 -41.83 21.88 25.23
CA THR A 249 -42.69 21.86 26.44
C THR A 249 -43.39 20.51 26.53
N VAL A 250 -43.40 19.91 27.72
CA VAL A 250 -44.15 18.63 27.90
C VAL A 250 -44.79 18.64 29.29
N VAL B 9 10.53 4.68 -23.50
CA VAL B 9 11.74 5.54 -23.68
C VAL B 9 12.95 4.63 -23.94
N LEU B 10 13.56 4.75 -25.12
CA LEU B 10 14.64 3.82 -25.55
C LEU B 10 16.00 4.53 -25.50
N GLU B 11 16.94 4.12 -26.35
CA GLU B 11 18.35 4.60 -26.27
C GLU B 11 18.48 5.95 -26.96
N VAL B 12 19.58 6.64 -26.68
CA VAL B 12 19.80 8.00 -27.25
C VAL B 12 20.23 7.87 -28.71
N LYS B 13 19.72 8.72 -29.59
CA LYS B 13 20.14 8.77 -31.02
C LYS B 13 21.36 9.70 -31.17
N ILE B 19 22.18 16.87 -31.53
CA ILE B 19 22.40 18.05 -30.64
C ILE B 19 21.74 19.29 -31.25
N THR B 20 21.16 20.14 -30.40
CA THR B 20 20.66 21.50 -30.74
C THR B 20 20.72 22.34 -29.46
N GLU B 21 20.92 23.64 -29.61
CA GLU B 21 20.77 24.64 -28.52
C GLU B 21 19.55 25.50 -28.87
N VAL B 22 18.75 25.87 -27.88
CA VAL B 22 17.74 26.96 -28.03
C VAL B 22 18.01 27.98 -26.95
N GLU B 23 17.94 29.25 -27.33
CA GLU B 23 18.24 30.42 -26.47
C GLU B 23 16.92 31.17 -26.32
N CYS B 24 16.72 31.81 -25.19
CA CYS B 24 15.48 32.59 -24.96
C CYS B 24 15.73 33.58 -23.83
N PHE B 25 15.24 34.80 -23.98
CA PHE B 25 15.03 35.76 -22.87
C PHE B 25 13.53 35.83 -22.57
N LEU B 26 13.14 35.56 -21.32
CA LEU B 26 11.73 35.57 -20.87
C LEU B 26 11.53 36.84 -20.05
N ASN B 27 10.72 37.79 -20.54
CA ASN B 27 10.54 39.08 -19.83
C ASN B 27 9.67 38.88 -18.60
N PRO B 28 9.85 39.68 -17.54
CA PRO B 28 9.04 39.54 -16.33
C PRO B 28 7.64 40.16 -16.50
N GLU B 29 6.72 39.71 -15.67
CA GLU B 29 5.31 40.17 -15.66
C GLU B 29 5.00 40.61 -14.23
N MET B 30 5.43 41.82 -13.89
CA MET B 30 5.36 42.35 -12.52
C MET B 30 4.07 43.16 -12.34
N GLY B 31 3.31 43.39 -13.42
CA GLY B 31 2.04 44.15 -13.40
C GLY B 31 1.99 45.25 -14.46
N ASP B 32 3.10 45.97 -14.67
CA ASP B 32 3.26 46.96 -15.77
C ASP B 32 2.15 48.00 -15.63
N PRO B 33 2.17 48.84 -14.58
CA PRO B 33 1.07 49.77 -14.32
C PRO B 33 0.88 50.80 -15.45
N ASP B 34 1.91 51.04 -16.26
CA ASP B 34 1.85 51.82 -17.51
C ASP B 34 3.16 51.55 -18.26
N GLU B 35 3.24 51.91 -19.54
CA GLU B 35 4.44 51.63 -20.36
C GLU B 35 5.71 52.08 -19.63
N ASN B 36 5.76 53.32 -19.17
CA ASN B 36 6.99 53.91 -18.55
C ASN B 36 7.45 53.13 -17.31
N LEU B 37 6.60 52.31 -16.72
CA LEU B 37 6.97 51.52 -15.52
C LEU B 37 6.94 50.03 -15.85
N ARG B 38 7.48 49.64 -16.99
CA ARG B 38 7.55 48.20 -17.36
C ARG B 38 8.66 47.55 -16.53
N GLY B 39 8.38 46.40 -15.94
CA GLY B 39 9.32 45.71 -15.03
C GLY B 39 8.93 46.01 -13.61
N PHE B 40 7.92 46.85 -13.44
CA PHE B 40 7.48 47.26 -12.10
C PHE B 40 6.02 46.88 -11.92
N SER B 41 5.54 46.98 -10.69
CA SER B 41 4.11 46.77 -10.37
C SER B 41 3.49 48.12 -10.04
N LEU B 42 2.17 48.16 -9.86
CA LEU B 42 1.48 49.35 -9.33
C LEU B 42 1.87 49.45 -7.87
N LYS B 43 1.75 50.62 -7.28
CA LYS B 43 2.04 50.75 -5.83
C LYS B 43 1.27 49.68 -5.05
N LEU B 44 1.90 49.16 -4.01
CA LEU B 44 1.29 48.12 -3.17
C LEU B 44 0.23 48.73 -2.24
N SER B 45 -0.93 48.08 -2.13
CA SER B 45 -1.98 48.49 -1.16
C SER B 45 -1.70 47.75 0.15
N ALA B 46 -2.30 48.19 1.24
CA ALA B 46 -2.03 47.58 2.56
C ALA B 46 -3.24 47.71 3.48
N GLU B 47 -3.31 46.84 4.49
CA GLU B 47 -4.29 46.92 5.60
C GLU B 47 -5.72 46.68 5.09
N ASN B 48 -5.86 45.96 3.99
CA ASN B 48 -7.20 45.62 3.48
C ASN B 48 -7.73 44.47 4.32
N ASP B 49 -9.00 44.47 4.66
CA ASP B 49 -9.55 43.32 5.39
C ASP B 49 -9.60 42.10 4.46
N PHE B 50 -9.31 40.96 5.03
CA PHE B 50 -9.37 39.66 4.32
C PHE B 50 -10.76 39.49 3.69
N SER B 51 -11.76 40.19 4.21
CA SER B 51 -13.16 40.02 3.77
C SER B 51 -13.48 40.93 2.58
N SER B 52 -12.70 42.00 2.41
CA SER B 52 -12.95 43.00 1.35
C SER B 52 -11.66 43.35 0.64
N ASP B 53 -11.08 42.41 -0.10
CA ASP B 53 -9.80 42.67 -0.80
C ASP B 53 -9.95 42.38 -2.28
N SER B 54 -10.15 43.40 -3.09
CA SER B 54 -10.15 43.26 -4.56
C SER B 54 -8.84 43.87 -5.08
N PRO B 55 -7.71 43.11 -5.13
CA PRO B 55 -6.46 43.62 -5.71
C PRO B 55 -6.51 43.96 -7.19
N GLU B 56 -5.85 45.03 -7.58
CA GLU B 56 -5.72 45.41 -9.00
C GLU B 56 -4.75 44.45 -9.67
N ARG B 57 -5.04 44.02 -10.90
CA ARG B 57 -4.17 43.12 -11.69
C ARG B 57 -2.74 43.67 -11.77
N LYS B 58 -2.59 44.97 -11.97
CA LYS B 58 -1.27 45.61 -12.19
C LYS B 58 -0.49 45.69 -10.86
N MET B 59 -1.09 45.22 -9.78
CA MET B 59 -0.44 45.15 -8.47
C MET B 59 0.15 43.75 -8.31
N LEU B 60 -0.31 42.78 -9.09
CA LEU B 60 0.06 41.37 -8.83
C LEU B 60 1.04 40.84 -9.85
N PRO B 61 2.26 40.51 -9.44
CA PRO B 61 3.20 39.82 -10.30
C PRO B 61 2.64 38.47 -10.77
N CYS B 62 2.90 38.13 -12.02
CA CYS B 62 2.36 36.88 -12.59
C CYS B 62 3.55 36.07 -13.12
N TYR B 63 3.37 34.77 -13.27
CA TYR B 63 4.44 33.86 -13.74
C TYR B 63 4.66 34.09 -15.22
N SER B 64 5.92 34.05 -15.65
CA SER B 64 6.29 34.17 -17.09
C SER B 64 6.45 32.78 -17.71
N THR B 65 5.89 32.55 -18.90
CA THR B 65 6.04 31.24 -19.59
C THR B 65 6.21 31.43 -21.09
N ALA B 66 6.88 30.47 -21.72
CA ALA B 66 7.11 30.46 -23.18
C ALA B 66 7.14 29.02 -23.64
N ARG B 67 6.51 28.72 -24.77
CA ARG B 67 6.62 27.40 -25.42
C ARG B 67 7.47 27.63 -26.66
N ILE B 68 8.69 27.12 -26.65
CA ILE B 68 9.62 27.28 -27.81
C ILE B 68 9.39 26.14 -28.79
N PRO B 69 8.98 26.42 -30.05
CA PRO B 69 8.81 25.37 -31.05
C PRO B 69 10.16 24.78 -31.48
N LEU B 70 10.27 23.46 -31.46
CA LEU B 70 11.55 22.77 -31.76
C LEU B 70 11.45 22.17 -33.15
N PRO B 71 12.57 21.81 -33.82
CA PRO B 71 12.51 21.18 -35.13
C PRO B 71 11.66 19.89 -35.22
N ASN B 72 10.84 19.78 -36.26
CA ASN B 72 10.04 18.56 -36.51
C ASN B 72 11.02 17.40 -36.70
N LEU B 73 10.85 16.33 -35.94
CA LEU B 73 11.80 15.21 -35.92
C LEU B 73 11.35 14.10 -36.87
N ASN B 74 10.05 14.02 -37.15
CA ASN B 74 9.49 12.92 -37.99
C ASN B 74 8.86 13.54 -39.25
N ASN B 81 9.03 3.65 -32.89
CA ASN B 81 10.45 3.99 -33.16
C ASN B 81 10.55 5.49 -33.48
N LEU B 82 9.90 6.31 -32.66
CA LEU B 82 9.83 7.77 -32.94
C LEU B 82 10.92 8.49 -32.15
N LEU B 83 11.43 9.58 -32.71
CA LEU B 83 12.46 10.41 -32.06
C LEU B 83 11.79 11.54 -31.30
N MET B 84 12.35 11.91 -30.15
CA MET B 84 11.84 13.05 -29.35
C MET B 84 13.01 13.94 -28.97
N TRP B 85 12.77 15.24 -28.77
CA TRP B 85 13.84 16.14 -28.27
C TRP B 85 14.00 15.95 -26.76
N GLU B 86 15.21 15.73 -26.28
CA GLU B 86 15.48 15.51 -24.84
C GLU B 86 16.36 16.64 -24.32
N ALA B 87 15.84 17.45 -23.40
CA ALA B 87 16.64 18.53 -22.79
C ALA B 87 17.65 17.92 -21.84
N VAL B 88 18.92 18.19 -22.06
CA VAL B 88 20.00 17.57 -21.24
C VAL B 88 20.53 18.62 -20.27
N THR B 89 20.72 19.85 -20.71
CA THR B 89 21.36 20.88 -19.85
C THR B 89 20.62 22.22 -19.96
N VAL B 90 20.73 23.06 -18.94
CA VAL B 90 20.17 24.45 -18.99
C VAL B 90 21.19 25.43 -18.43
N GLN B 91 21.38 26.55 -19.10
CA GLN B 91 22.21 27.65 -18.55
C GLN B 91 21.26 28.80 -18.31
N THR B 92 21.24 29.36 -17.11
CA THR B 92 20.23 30.41 -16.79
C THR B 92 20.82 31.49 -15.90
N GLU B 93 20.48 32.75 -16.17
CA GLU B 93 20.79 33.84 -15.22
C GLU B 93 19.73 34.95 -15.34
N VAL B 94 19.64 35.79 -14.30
CA VAL B 94 18.70 36.93 -14.27
C VAL B 94 19.39 38.10 -14.99
N ILE B 95 18.67 38.86 -15.81
CA ILE B 95 19.31 39.89 -16.67
C ILE B 95 18.99 41.30 -16.16
N GLY B 96 20.02 42.11 -15.90
CA GLY B 96 19.87 43.51 -15.48
C GLY B 96 20.11 43.71 -13.99
N ILE B 97 20.97 42.90 -13.38
CA ILE B 97 21.14 42.95 -11.92
C ILE B 97 21.82 44.26 -11.52
N THR B 98 22.48 44.94 -12.44
CA THR B 98 23.25 46.15 -12.12
C THR B 98 22.36 47.39 -12.25
N SER B 99 21.12 47.21 -12.71
CA SER B 99 20.16 48.32 -12.91
C SER B 99 19.77 48.90 -11.54
N MET B 100 20.02 48.14 -10.48
CA MET B 100 19.63 48.54 -9.11
C MET B 100 20.70 49.45 -8.47
N LEU B 101 21.80 49.72 -9.16
CA LEU B 101 22.81 50.67 -8.65
C LEU B 101 22.37 52.07 -9.02
N ASN B 102 21.21 52.20 -9.69
CA ASN B 102 20.55 53.52 -9.91
C ASN B 102 19.82 53.85 -8.62
N LEU B 103 20.33 54.82 -7.87
CA LEU B 103 19.72 55.29 -6.61
C LEU B 103 19.45 56.78 -6.74
N HIS B 104 19.49 57.28 -7.98
CA HIS B 104 19.36 58.74 -8.25
C HIS B 104 17.97 59.10 -8.79
N ALA B 105 17.16 58.11 -9.17
CA ALA B 105 15.83 58.37 -9.75
C ALA B 105 14.73 57.55 -9.05
N GLY B 106 13.65 58.22 -8.64
CA GLY B 106 12.43 57.56 -8.14
C GLY B 106 12.48 57.18 -6.67
N SER B 107 13.62 56.72 -6.17
CA SER B 107 13.72 56.18 -4.79
C SER B 107 13.73 57.30 -3.75
N GLN B 108 13.22 56.98 -2.58
CA GLN B 108 13.20 57.87 -1.40
C GLN B 108 14.61 57.91 -0.83
N LYS B 109 15.11 59.10 -0.49
CA LYS B 109 16.43 59.23 0.16
C LYS B 109 16.46 58.32 1.40
N VAL B 110 17.57 57.63 1.63
CA VAL B 110 17.75 56.79 2.85
C VAL B 110 17.79 57.73 4.05
N HIS B 111 18.24 58.97 3.85
CA HIS B 111 18.21 60.01 4.90
C HIS B 111 18.42 61.36 4.23
N GLU B 112 18.34 62.45 4.99
CA GLU B 112 18.58 63.80 4.44
C GLU B 112 19.98 63.85 3.83
N HIS B 113 20.09 64.40 2.63
CA HIS B 113 21.37 64.62 1.89
C HIS B 113 21.88 63.30 1.30
N GLY B 114 21.17 62.18 1.49
CA GLY B 114 21.69 60.86 1.08
C GLY B 114 21.19 60.43 -0.29
N GLY B 115 21.69 59.29 -0.76
CA GLY B 115 21.17 58.69 -1.99
C GLY B 115 19.86 57.98 -1.75
N GLY B 116 19.33 57.33 -2.79
CA GLY B 116 18.02 56.66 -2.72
C GLY B 116 18.09 55.27 -2.10
N LYS B 117 16.94 54.75 -1.69
CA LYS B 117 16.86 53.44 -1.02
C LYS B 117 17.01 52.34 -2.05
N PRO B 118 18.01 51.46 -1.88
CA PRO B 118 18.16 50.29 -2.74
C PRO B 118 16.90 49.44 -2.78
N ILE B 119 16.64 48.82 -3.92
CA ILE B 119 15.52 47.84 -4.02
C ILE B 119 15.88 46.73 -3.06
N GLN B 120 14.99 46.45 -2.13
CA GLN B 120 15.24 45.42 -1.12
C GLN B 120 13.91 44.85 -0.68
N GLY B 121 13.92 43.67 -0.09
CA GLY B 121 12.68 43.12 0.47
C GLY B 121 12.37 41.73 -0.03
N SER B 122 11.16 41.28 0.23
CA SER B 122 10.74 39.92 -0.15
C SER B 122 11.07 39.69 -1.63
N ASN B 123 11.64 38.55 -1.94
CA ASN B 123 12.02 38.22 -3.33
C ASN B 123 11.67 36.75 -3.65
N PHE B 124 11.49 36.43 -4.93
CA PHE B 124 11.24 35.04 -5.37
C PHE B 124 11.99 34.85 -6.67
N HIS B 125 12.78 33.78 -6.74
CA HIS B 125 13.61 33.51 -7.94
C HIS B 125 13.36 32.07 -8.38
N PHE B 126 12.73 31.88 -9.53
CA PHE B 126 12.30 30.53 -9.98
C PHE B 126 12.53 30.39 -11.49
N PHE B 127 12.82 29.18 -11.93
CA PHE B 127 12.88 28.85 -13.38
C PHE B 127 12.44 27.40 -13.54
N ALA B 128 11.93 27.04 -14.71
CA ALA B 128 11.55 25.65 -14.97
C ALA B 128 11.78 25.35 -16.43
N VAL B 129 12.27 24.15 -16.74
CA VAL B 129 12.40 23.66 -18.14
C VAL B 129 11.65 22.32 -18.21
N GLY B 130 10.85 22.13 -19.26
CA GLY B 130 10.13 20.86 -19.43
C GLY B 130 9.62 20.67 -20.84
N GLY B 131 9.14 19.47 -21.12
CA GLY B 131 8.55 19.13 -22.43
C GLY B 131 7.05 19.23 -22.37
N ASP B 132 6.52 19.62 -21.21
CA ASP B 132 5.07 19.81 -21.02
C ASP B 132 4.89 21.11 -20.26
N PRO B 133 3.69 21.73 -20.30
CA PRO B 133 3.43 22.92 -19.50
C PRO B 133 3.73 22.65 -18.02
N LEU B 134 4.35 23.61 -17.31
CA LEU B 134 4.67 23.43 -15.88
C LEU B 134 3.38 23.23 -15.08
N GLU B 135 3.31 22.15 -14.31
CA GLU B 135 2.13 21.85 -13.48
C GLU B 135 2.26 22.58 -12.14
N MET B 136 1.19 23.19 -11.66
CA MET B 136 1.28 24.08 -10.49
C MET B 136 0.19 23.77 -9.45
N GLN B 137 0.48 24.07 -8.19
CA GLN B 137 -0.48 23.85 -7.06
C GLN B 137 -0.82 25.20 -6.43
N GLY B 138 -2.07 25.39 -5.99
CA GLY B 138 -2.51 26.70 -5.50
C GLY B 138 -2.60 26.76 -4.00
N VAL B 139 -2.00 27.76 -3.38
CA VAL B 139 -2.17 28.02 -1.93
C VAL B 139 -2.44 29.52 -1.83
N LEU B 140 -3.40 29.94 -1.01
CA LEU B 140 -3.75 31.36 -0.86
C LEU B 140 -3.49 31.78 0.58
N MET B 141 -3.15 33.04 0.78
CA MET B 141 -2.99 33.65 2.10
C MET B 141 -4.40 33.98 2.58
N ASN B 142 -5.23 34.44 1.67
CA ASN B 142 -6.66 34.75 1.95
C ASN B 142 -7.48 34.11 0.83
N TYR B 143 -8.31 33.14 1.18
CA TYR B 143 -9.14 32.40 0.18
C TYR B 143 -10.26 33.33 -0.28
N ARG B 144 -10.53 34.34 0.50
CA ARG B 144 -11.64 35.24 0.21
C ARG B 144 -11.10 36.42 -0.57
N THR B 145 -9.85 36.33 -1.04
CA THR B 145 -9.35 37.41 -1.92
C THR B 145 -10.14 37.42 -3.22
N LYS B 146 -10.61 38.60 -3.60
CA LYS B 146 -11.29 38.76 -4.90
C LYS B 146 -10.21 39.08 -5.91
N TYR B 147 -9.76 38.09 -6.65
CA TYR B 147 -8.65 38.28 -7.59
C TYR B 147 -9.22 38.85 -8.89
N PRO B 148 -8.48 39.75 -9.56
CA PRO B 148 -8.94 40.39 -10.81
C PRO B 148 -9.32 39.55 -12.05
N ASP B 149 -10.27 40.03 -12.85
CA ASP B 149 -10.61 39.36 -14.13
C ASP B 149 -9.40 39.51 -15.04
N GLY B 150 -9.01 38.46 -15.76
CA GLY B 150 -7.77 38.45 -16.56
C GLY B 150 -6.75 37.56 -15.89
N THR B 151 -6.90 37.34 -14.59
CA THR B 151 -5.98 36.49 -13.84
C THR B 151 -6.60 35.10 -13.69
N ILE B 152 -5.79 34.05 -13.67
CA ILE B 152 -6.30 32.66 -13.44
C ILE B 152 -5.83 32.25 -12.05
N THR B 153 -6.75 32.15 -11.11
CA THR B 153 -6.44 31.89 -9.68
C THR B 153 -7.17 30.62 -9.23
N PRO B 154 -6.85 29.98 -8.07
CA PRO B 154 -7.63 28.84 -7.57
C PRO B 154 -9.16 28.94 -7.67
N LYS B 155 -9.80 27.92 -8.19
CA LYS B 155 -11.27 28.01 -8.46
C LYS B 155 -12.07 27.36 -7.33
N ASN B 156 -13.24 27.96 -7.03
CA ASN B 156 -14.11 27.55 -5.88
C ASN B 156 -13.22 27.40 -4.64
N PRO B 157 -12.56 28.49 -4.18
CA PRO B 157 -11.61 28.41 -3.07
C PRO B 157 -12.33 28.28 -1.72
N THR B 158 -11.79 27.44 -0.85
CA THR B 158 -12.34 27.21 0.51
C THR B 158 -11.27 27.56 1.52
N ALA B 159 -11.53 27.42 2.81
CA ALA B 159 -10.51 27.68 3.85
C ALA B 159 -9.29 26.78 3.66
N GLN B 160 -9.50 25.58 3.17
CA GLN B 160 -8.43 24.60 2.90
C GLN B 160 -7.46 25.17 1.85
N SER B 161 -7.85 26.21 1.14
CA SER B 161 -6.98 26.82 0.10
C SER B 161 -5.91 27.69 0.75
N GLN B 162 -5.99 27.93 2.07
CA GLN B 162 -4.97 28.69 2.83
C GLN B 162 -3.92 27.68 3.36
N VAL B 163 -4.21 26.40 3.17
CA VAL B 163 -3.26 25.31 3.49
C VAL B 163 -3.19 24.51 2.21
N MET B 164 -3.38 23.20 2.24
CA MET B 164 -3.35 22.40 0.99
C MET B 164 -4.74 21.91 0.57
N ASN B 165 -5.15 22.27 -0.64
CA ASN B 165 -6.41 21.81 -1.29
C ASN B 165 -5.98 21.18 -2.61
N THR B 166 -6.07 19.88 -2.75
CA THR B 166 -5.57 19.17 -3.96
C THR B 166 -6.43 19.53 -5.19
N ASP B 167 -7.51 20.29 -5.02
CA ASP B 167 -8.39 20.72 -6.13
C ASP B 167 -7.69 21.79 -6.96
N HIS B 168 -6.73 22.51 -6.39
CA HIS B 168 -6.09 23.67 -7.09
C HIS B 168 -4.89 23.21 -7.92
N LYS B 169 -5.15 22.49 -9.02
CA LYS B 169 -4.09 22.06 -9.96
C LYS B 169 -4.18 22.94 -11.20
N ALA B 170 -3.06 23.41 -11.74
CA ALA B 170 -3.10 24.17 -13.01
C ALA B 170 -1.89 23.90 -13.87
N TYR B 171 -1.94 24.40 -15.10
CA TYR B 171 -0.81 24.32 -16.03
C TYR B 171 -0.36 25.76 -16.31
N LEU B 172 0.94 26.05 -16.17
CA LEU B 172 1.43 27.36 -16.64
C LEU B 172 1.26 27.36 -18.16
N ASP B 173 0.19 27.98 -18.66
CA ASP B 173 -0.18 27.86 -20.08
C ASP B 173 -0.57 29.24 -20.64
N LYS B 174 -0.37 30.30 -19.86
CA LYS B 174 -0.57 31.67 -20.37
C LYS B 174 0.38 32.60 -19.62
N ASN B 175 0.94 33.59 -20.31
CA ASN B 175 1.84 34.58 -19.69
C ASN B 175 0.95 35.69 -19.14
N ASN B 176 1.41 36.47 -18.17
CA ASN B 176 0.67 37.57 -17.48
C ASN B 176 -0.73 37.06 -17.14
N ALA B 177 -0.83 35.90 -16.48
CA ALA B 177 -2.15 35.33 -16.18
C ALA B 177 -2.14 34.68 -14.80
N TYR B 178 -1.10 33.92 -14.49
CA TYR B 178 -1.09 33.13 -13.23
C TYR B 178 -0.36 33.91 -12.15
N PRO B 179 -1.06 34.40 -11.11
CA PRO B 179 -0.43 35.18 -10.05
C PRO B 179 0.54 34.35 -9.19
N VAL B 180 1.77 34.83 -9.07
CA VAL B 180 2.84 34.15 -8.29
C VAL B 180 2.33 33.87 -6.88
N GLU B 181 1.57 34.79 -6.28
CA GLU B 181 1.10 34.66 -4.87
C GLU B 181 0.01 33.59 -4.72
N CYS B 182 -0.49 33.02 -5.79
CA CYS B 182 -1.59 32.04 -5.72
C CYS B 182 -1.08 30.68 -6.13
N TRP B 183 0.06 30.61 -6.83
CA TRP B 183 0.53 29.34 -7.44
C TRP B 183 1.97 28.99 -7.04
N VAL B 184 2.22 27.70 -6.86
CA VAL B 184 3.61 27.20 -6.61
C VAL B 184 3.82 25.99 -7.50
N PRO B 185 5.06 25.63 -7.86
CA PRO B 185 5.32 24.38 -8.59
C PRO B 185 4.81 23.15 -7.83
N ASP B 186 4.09 22.25 -8.51
CA ASP B 186 3.51 21.02 -7.87
C ASP B 186 4.56 19.92 -7.77
N PRO B 187 5.07 19.57 -6.56
CA PRO B 187 5.98 18.43 -6.41
C PRO B 187 5.25 17.09 -6.59
N SER B 188 3.91 17.09 -6.60
CA SER B 188 3.06 15.88 -6.80
C SER B 188 3.04 15.50 -8.29
N ARG B 189 3.49 16.41 -9.16
CA ARG B 189 3.46 16.19 -10.62
C ARG B 189 4.81 16.58 -11.23
N ASN B 190 4.82 17.14 -12.44
CA ASN B 190 6.05 17.66 -13.11
C ASN B 190 7.09 16.54 -13.27
N GLU B 191 6.75 15.47 -14.00
CA GLU B 191 7.63 14.33 -14.25
C GLU B 191 8.44 14.62 -15.53
N ASN B 192 7.93 15.46 -16.43
CA ASN B 192 8.66 15.90 -17.63
C ASN B 192 9.14 17.34 -17.44
N THR B 193 9.21 17.80 -16.19
CA THR B 193 9.68 19.18 -15.94
C THR B 193 10.66 19.18 -14.77
N ARG B 194 11.81 19.83 -14.93
CA ARG B 194 12.74 20.08 -13.80
C ARG B 194 12.55 21.55 -13.34
N TYR B 195 12.26 21.77 -12.07
CA TYR B 195 12.01 23.14 -11.56
C TYR B 195 12.92 23.46 -10.37
N PHE B 196 13.18 24.76 -10.16
CA PHE B 196 14.08 25.25 -9.10
C PHE B 196 13.63 26.64 -8.68
N GLY B 197 13.36 26.84 -7.40
CA GLY B 197 12.95 28.17 -6.90
C GLY B 197 13.41 28.44 -5.48
N THR B 198 13.55 29.72 -5.14
CA THR B 198 13.92 30.15 -3.76
C THR B 198 13.07 31.36 -3.37
N PHE B 199 12.37 31.27 -2.25
CA PHE B 199 11.66 32.43 -1.66
C PHE B 199 12.45 32.98 -0.48
N THR B 200 12.72 34.28 -0.47
CA THR B 200 13.36 34.97 0.66
C THR B 200 12.47 36.12 1.07
N GLY B 201 11.79 36.01 2.20
CA GLY B 201 10.79 37.01 2.60
C GLY B 201 11.31 37.88 3.71
N GLY B 202 10.87 39.14 3.74
CA GLY B 202 11.34 40.08 4.76
C GLY B 202 11.36 41.49 4.23
N GLU B 203 11.25 42.45 5.12
CA GLU B 203 11.22 43.90 4.81
C GLU B 203 12.58 44.35 4.27
N ASN B 204 13.65 43.86 4.88
CA ASN B 204 15.00 44.39 4.62
C ASN B 204 15.87 43.31 3.97
N VAL B 205 15.28 42.32 3.32
CA VAL B 205 16.07 41.20 2.73
C VAL B 205 16.92 41.75 1.60
N PRO B 206 18.26 41.62 1.70
CA PRO B 206 19.16 42.00 0.62
C PRO B 206 19.07 41.13 -0.62
N PRO B 207 18.80 41.70 -1.82
CA PRO B 207 18.85 40.95 -3.07
C PRO B 207 20.29 40.42 -3.32
N VAL B 208 20.44 39.10 -3.44
CA VAL B 208 21.76 38.46 -3.71
C VAL B 208 21.66 37.67 -5.00
N LEU B 209 22.25 38.18 -6.08
CA LEU B 209 22.13 37.60 -7.42
C LEU B 209 23.51 37.37 -8.01
N HIS B 210 23.73 36.20 -8.58
CA HIS B 210 25.04 35.83 -9.19
C HIS B 210 24.89 35.71 -10.72
N VAL B 211 25.94 36.06 -11.46
CA VAL B 211 25.99 35.91 -12.94
C VAL B 211 27.26 35.14 -13.32
N THR B 212 27.16 34.12 -14.17
CA THR B 212 28.35 33.41 -14.72
C THR B 212 27.99 32.61 -15.97
N ASN B 213 28.90 32.56 -16.93
CA ASN B 213 28.68 31.77 -18.17
C ASN B 213 29.37 30.42 -18.01
N THR B 214 29.81 30.10 -16.81
CA THR B 214 30.60 28.87 -16.54
C THR B 214 29.71 27.82 -15.87
N ALA B 215 28.50 28.20 -15.44
CA ALA B 215 27.61 27.27 -14.70
C ALA B 215 26.56 26.64 -15.64
N THR B 216 26.33 25.34 -15.50
CA THR B 216 25.34 24.58 -16.28
C THR B 216 24.56 23.69 -15.33
N THR B 217 23.26 23.52 -15.53
CA THR B 217 22.44 22.59 -14.69
C THR B 217 22.02 21.39 -15.55
N VAL B 218 22.31 20.18 -15.08
CA VAL B 218 21.94 18.95 -15.83
C VAL B 218 20.48 18.64 -15.53
N LEU B 219 19.69 18.35 -16.56
CA LEU B 219 18.23 18.10 -16.43
C LEU B 219 17.94 16.60 -16.47
N LEU B 220 18.97 15.78 -16.44
CA LEU B 220 18.81 14.30 -16.47
C LEU B 220 18.33 13.79 -15.10
N ASP B 221 17.52 12.74 -15.11
CA ASP B 221 16.96 12.14 -13.87
C ASP B 221 17.84 10.98 -13.38
N GLU B 222 17.31 10.16 -12.48
CA GLU B 222 18.03 9.01 -11.87
C GLU B 222 18.28 7.95 -12.93
N GLN B 223 17.49 7.92 -13.99
CA GLN B 223 17.63 6.94 -15.08
C GLN B 223 18.46 7.53 -16.23
N GLY B 224 18.85 8.81 -16.14
CA GLY B 224 19.68 9.47 -17.16
C GLY B 224 18.82 10.03 -18.27
N VAL B 225 17.55 10.29 -17.97
CA VAL B 225 16.60 10.84 -18.98
C VAL B 225 16.20 12.26 -18.58
N GLY B 226 16.39 13.22 -19.47
CA GLY B 226 15.95 14.60 -19.20
C GLY B 226 14.54 14.83 -19.74
N PRO B 227 13.99 16.06 -19.60
CA PRO B 227 12.68 16.39 -20.16
C PRO B 227 12.50 16.03 -21.65
N LEU B 228 11.54 15.17 -21.95
CA LEU B 228 11.21 14.77 -23.36
C LEU B 228 10.17 15.73 -23.91
N CYS B 229 10.48 16.42 -25.00
CA CYS B 229 9.60 17.51 -25.51
C CYS B 229 8.41 16.94 -26.31
N LYS B 230 7.20 17.18 -25.81
CA LYS B 230 5.96 16.70 -26.45
C LYS B 230 5.51 17.75 -27.47
N ALA B 231 5.11 17.32 -28.67
CA ALA B 231 4.69 18.18 -29.79
C ALA B 231 5.87 19.05 -30.22
N ASP B 232 7.08 18.50 -30.16
CA ASP B 232 8.32 19.25 -30.49
C ASP B 232 8.16 20.65 -29.90
N SER B 233 7.95 20.72 -28.59
CA SER B 233 7.74 22.01 -27.91
C SER B 233 8.46 21.99 -26.57
N LEU B 234 9.27 23.00 -26.31
CA LEU B 234 10.02 23.12 -25.04
C LEU B 234 9.40 24.26 -24.22
N TYR B 235 9.11 24.00 -22.96
CA TYR B 235 8.43 25.00 -22.11
C TYR B 235 9.45 25.61 -21.14
N VAL B 236 9.54 26.94 -21.15
CA VAL B 236 10.39 27.67 -20.16
C VAL B 236 9.45 28.50 -19.29
N SER B 237 9.72 28.53 -18.00
CA SER B 237 8.84 29.22 -17.04
C SER B 237 9.74 29.98 -16.06
N ALA B 238 9.30 31.12 -15.54
CA ALA B 238 10.15 31.92 -14.64
C ALA B 238 9.34 32.85 -13.75
N ALA B 239 9.91 33.20 -12.61
CA ALA B 239 9.41 34.27 -11.73
C ALA B 239 10.62 34.88 -11.03
N ASP B 240 10.99 36.11 -11.39
CA ASP B 240 12.17 36.77 -10.77
C ASP B 240 11.80 38.14 -10.19
N ILE B 241 11.10 38.14 -9.05
CA ILE B 241 10.78 39.37 -8.28
C ILE B 241 12.04 39.74 -7.49
N CYS B 242 12.56 40.94 -7.68
CA CYS B 242 13.89 41.29 -7.06
C CYS B 242 13.71 41.99 -5.71
N GLY B 243 12.49 42.43 -5.38
CA GLY B 243 12.24 43.15 -4.13
C GLY B 243 11.39 44.38 -4.36
N LEU B 244 11.31 45.26 -3.38
CA LEU B 244 10.39 46.43 -3.49
C LEU B 244 11.16 47.71 -3.78
N PHE B 245 10.59 48.54 -4.63
CA PHE B 245 11.12 49.88 -4.92
C PHE B 245 10.32 50.84 -4.09
N THR B 246 10.96 51.52 -3.15
CA THR B 246 10.28 52.55 -2.33
C THR B 246 10.45 53.90 -3.02
N ASN B 247 9.34 54.49 -3.48
CA ASN B 247 9.37 55.82 -4.15
C ASN B 247 9.51 56.90 -3.08
N SER B 248 9.72 58.15 -3.49
CA SER B 248 9.85 59.31 -2.58
C SER B 248 8.59 59.48 -1.76
N SER B 249 7.45 59.09 -2.32
CA SER B 249 6.13 59.11 -1.65
C SER B 249 6.11 58.20 -0.43
N GLY B 250 6.78 57.06 -0.50
CA GLY B 250 6.69 56.02 0.54
C GLY B 250 5.96 54.85 -0.07
N THR B 251 5.43 55.06 -1.26
CA THR B 251 4.74 54.00 -1.99
C THR B 251 5.77 52.94 -2.38
N GLN B 252 5.38 51.68 -2.33
CA GLN B 252 6.28 50.57 -2.70
C GLN B 252 5.72 49.84 -3.93
N GLN B 253 6.58 49.53 -4.91
CA GLN B 253 6.16 48.71 -6.08
C GLN B 253 7.12 47.53 -6.20
N TRP B 254 6.70 46.44 -6.82
CA TRP B 254 7.60 45.29 -7.04
C TRP B 254 8.46 45.60 -8.24
N ARG B 255 9.70 45.10 -8.26
CA ARG B 255 10.60 45.24 -9.43
C ARG B 255 11.05 43.83 -9.84
N GLY B 256 11.02 43.56 -11.14
CA GLY B 256 11.40 42.27 -11.72
C GLY B 256 12.43 42.44 -12.81
N LEU B 257 13.09 41.34 -13.15
CA LEU B 257 14.09 41.29 -14.23
C LEU B 257 13.79 40.07 -15.08
N ALA B 258 14.19 40.14 -16.34
CA ALA B 258 14.05 39.04 -17.31
C ALA B 258 15.01 37.91 -16.94
N ARG B 259 14.76 36.73 -17.48
CA ARG B 259 15.62 35.55 -17.27
C ARG B 259 16.03 34.99 -18.63
N TYR B 260 17.31 34.68 -18.79
CA TYR B 260 17.86 34.06 -20.02
C TYR B 260 17.92 32.55 -19.84
N PHE B 261 17.57 31.81 -20.87
CA PHE B 261 17.72 30.33 -20.91
C PHE B 261 18.54 29.96 -22.15
N LYS B 262 19.52 29.07 -21.98
CA LYS B 262 20.15 28.33 -23.10
C LYS B 262 20.03 26.84 -22.80
N ILE B 263 19.30 26.12 -23.64
CA ILE B 263 18.95 24.70 -23.36
C ILE B 263 19.55 23.80 -24.45
N ARG B 264 20.37 22.82 -24.04
CA ARG B 264 20.98 21.82 -24.94
C ARG B 264 20.05 20.62 -25.00
N LEU B 265 19.61 20.26 -26.21
CA LEU B 265 18.73 19.09 -26.45
C LEU B 265 19.45 18.08 -27.35
N ARG B 266 19.07 16.82 -27.22
CA ARG B 266 19.53 15.73 -28.12
C ARG B 266 18.32 14.92 -28.57
N LYS B 267 18.48 14.22 -29.69
CA LYS B 267 17.45 13.29 -30.23
C LYS B 267 17.46 12.03 -29.36
N ARG B 268 16.28 11.57 -28.98
CA ARG B 268 16.07 10.36 -28.14
C ARG B 268 15.00 9.50 -28.82
N SER B 269 15.25 8.19 -28.92
CA SER B 269 14.26 7.20 -29.45
C SER B 269 13.27 6.80 -28.35
N VAL B 270 11.99 6.67 -28.69
CA VAL B 270 10.90 6.49 -27.68
C VAL B 270 9.86 5.46 -28.18
N GLU C 8 37.62 24.38 -35.52
CA GLU C 8 38.90 25.08 -35.83
C GLU C 8 39.99 24.77 -34.79
N VAL C 9 39.69 24.39 -33.54
CA VAL C 9 40.75 24.31 -32.49
C VAL C 9 41.33 22.88 -32.42
N LEU C 10 42.67 22.77 -32.53
CA LEU C 10 43.42 21.48 -32.72
C LEU C 10 44.16 21.12 -31.41
N GLU C 11 45.33 20.47 -31.49
CA GLU C 11 46.07 19.96 -30.30
C GLU C 11 46.75 21.12 -29.55
N VAL C 12 46.99 20.93 -28.25
CA VAL C 12 47.76 21.90 -27.41
C VAL C 12 49.25 21.81 -27.80
N LYS C 13 49.90 22.94 -28.04
CA LYS C 13 51.36 22.99 -28.37
C LYS C 13 52.13 23.08 -27.04
N ILE C 19 54.16 28.08 -22.40
CA ILE C 19 53.40 28.58 -21.21
C ILE C 19 53.89 29.98 -20.85
N THR C 20 53.00 30.84 -20.38
CA THR C 20 53.30 32.24 -19.98
C THR C 20 52.32 32.66 -18.89
N GLU C 21 52.75 33.56 -18.01
CA GLU C 21 51.87 34.26 -17.04
C GLU C 21 51.82 35.72 -17.45
N VAL C 22 50.67 36.37 -17.32
CA VAL C 22 50.56 37.85 -17.38
C VAL C 22 49.87 38.30 -16.10
N GLU C 23 50.40 39.37 -15.52
CA GLU C 23 49.93 40.01 -14.27
C GLU C 23 49.35 41.36 -14.65
N CYS C 24 48.36 41.82 -13.91
CA CYS C 24 47.77 43.16 -14.13
C CYS C 24 47.02 43.60 -12.88
N PHE C 25 47.16 44.85 -12.49
CA PHE C 25 46.23 45.53 -11.55
C PHE C 25 45.34 46.48 -12.36
N LEU C 26 44.01 46.32 -12.29
CA LEU C 26 43.02 47.13 -13.04
C LEU C 26 42.39 48.10 -12.03
N ASN C 27 42.63 49.40 -12.17
CA ASN C 27 42.13 50.42 -11.22
C ASN C 27 40.62 50.58 -11.40
N PRO C 28 39.86 50.89 -10.34
CA PRO C 28 38.42 51.08 -10.48
C PRO C 28 38.07 52.45 -11.10
N GLU C 29 36.86 52.55 -11.65
CA GLU C 29 36.32 53.78 -12.28
C GLU C 29 35.00 54.09 -11.60
N MET C 30 35.07 54.70 -10.42
CA MET C 30 33.88 54.95 -9.58
C MET C 30 33.31 56.33 -9.88
N GLY C 31 33.99 57.15 -10.69
CA GLY C 31 33.56 58.51 -11.07
C GLY C 31 34.66 59.54 -10.86
N ASP C 32 35.43 59.44 -9.77
CA ASP C 32 36.63 60.30 -9.52
C ASP C 32 36.20 61.76 -9.56
N PRO C 33 35.39 62.23 -8.58
CA PRO C 33 34.87 63.59 -8.61
C PRO C 33 35.97 64.67 -8.56
N ASP C 34 37.16 64.33 -8.07
CA ASP C 34 38.37 65.16 -8.13
C ASP C 34 39.57 64.29 -7.75
N GLU C 35 40.81 64.75 -7.97
CA GLU C 35 42.02 63.93 -7.71
C GLU C 35 41.96 63.35 -6.29
N ASN C 36 41.70 64.18 -5.28
CA ASN C 36 41.76 63.76 -3.86
C ASN C 36 40.72 62.68 -3.52
N LEU C 37 39.69 62.53 -4.34
CA LEU C 37 38.66 61.48 -4.11
C LEU C 37 38.75 60.41 -5.20
N ARG C 38 39.96 60.12 -5.65
CA ARG C 38 40.13 59.01 -6.61
C ARG C 38 39.72 57.69 -5.92
N GLY C 39 38.92 56.87 -6.61
CA GLY C 39 38.36 55.61 -6.07
C GLY C 39 36.99 55.80 -5.47
N PHE C 40 36.48 57.03 -5.46
CA PHE C 40 35.12 57.39 -4.96
C PHE C 40 34.28 57.91 -6.13
N SER C 41 32.97 57.89 -5.96
CA SER C 41 32.06 58.59 -6.89
C SER C 41 31.76 59.98 -6.33
N LEU C 42 31.22 60.86 -7.15
CA LEU C 42 30.55 62.09 -6.68
C LEU C 42 29.42 61.67 -5.72
N LYS C 43 29.05 62.56 -4.81
CA LYS C 43 27.89 62.35 -3.90
C LYS C 43 26.64 62.01 -4.73
N LEU C 44 25.87 61.04 -4.26
CA LEU C 44 24.65 60.55 -4.95
C LEU C 44 23.53 61.59 -4.79
N SER C 45 22.84 61.92 -5.90
CA SER C 45 21.55 62.65 -5.88
C SER C 45 20.44 61.67 -5.46
N ALA C 46 19.23 62.14 -5.20
CA ALA C 46 18.08 61.26 -4.91
C ALA C 46 16.74 61.94 -5.25
N GLU C 47 15.74 61.12 -5.57
CA GLU C 47 14.32 61.54 -5.69
C GLU C 47 14.07 62.29 -7.01
N ASN C 48 14.98 62.25 -7.97
CA ASN C 48 14.68 62.80 -9.32
C ASN C 48 13.49 62.03 -9.88
N ASP C 49 12.57 62.70 -10.56
CA ASP C 49 11.50 61.99 -11.29
C ASP C 49 12.15 61.22 -12.47
N PHE C 50 11.62 60.05 -12.79
CA PHE C 50 12.08 59.27 -13.97
C PHE C 50 12.13 60.17 -15.20
N SER C 51 11.21 61.13 -15.27
CA SER C 51 11.03 61.99 -16.47
C SER C 51 12.12 63.07 -16.58
N SER C 52 12.88 63.40 -15.52
CA SER C 52 13.96 64.42 -15.59
C SER C 52 15.12 64.02 -14.67
N ASP C 53 15.87 63.00 -15.09
CA ASP C 53 17.01 62.45 -14.33
C ASP C 53 18.25 62.56 -15.22
N SER C 54 19.06 63.60 -15.01
CA SER C 54 20.36 63.78 -15.70
C SER C 54 21.48 63.57 -14.68
N PRO C 55 21.94 62.33 -14.43
CA PRO C 55 23.05 62.12 -13.50
C PRO C 55 24.35 62.75 -13.98
N GLU C 56 25.10 63.35 -13.05
CA GLU C 56 26.46 63.83 -13.37
C GLU C 56 27.30 62.59 -13.73
N ARG C 57 28.13 62.71 -14.75
CA ARG C 57 29.02 61.60 -15.18
C ARG C 57 29.85 61.06 -14.00
N LYS C 58 30.34 61.92 -13.11
CA LYS C 58 31.20 61.51 -11.98
C LYS C 58 30.38 60.79 -10.90
N MET C 59 29.05 60.78 -11.03
CA MET C 59 28.17 60.07 -10.08
C MET C 59 28.14 58.57 -10.41
N LEU C 60 28.56 58.16 -11.61
CA LEU C 60 28.21 56.82 -12.16
C LEU C 60 29.45 55.94 -12.26
N PRO C 61 29.60 54.90 -11.42
CA PRO C 61 30.64 53.91 -11.65
C PRO C 61 30.53 53.28 -13.03
N CYS C 62 31.67 52.98 -13.62
CA CYS C 62 31.80 52.31 -14.95
C CYS C 62 32.63 51.03 -14.81
N TYR C 63 32.48 50.16 -15.79
CA TYR C 63 33.31 48.94 -15.87
C TYR C 63 34.74 49.36 -16.18
N SER C 64 35.69 48.69 -15.54
CA SER C 64 37.13 48.78 -15.86
C SER C 64 37.46 47.72 -16.90
N THR C 65 38.27 48.07 -17.89
CA THR C 65 38.78 47.07 -18.85
C THR C 65 40.18 47.46 -19.30
N ALA C 66 40.95 46.48 -19.75
CA ALA C 66 42.26 46.69 -20.36
C ALA C 66 42.55 45.52 -21.29
N ARG C 67 43.30 45.82 -22.35
CA ARG C 67 43.74 44.84 -23.34
C ARG C 67 45.25 44.61 -23.12
N ILE C 68 45.65 43.43 -22.66
CA ILE C 68 47.08 43.08 -22.40
C ILE C 68 47.69 42.45 -23.65
N PRO C 69 48.74 43.06 -24.26
CA PRO C 69 49.41 42.46 -25.40
C PRO C 69 50.19 41.20 -24.99
N LEU C 70 50.15 40.17 -25.83
CA LEU C 70 50.84 38.87 -25.57
C LEU C 70 51.99 38.70 -26.57
N PRO C 71 52.96 37.80 -26.31
CA PRO C 71 54.01 37.53 -27.28
C PRO C 71 53.46 37.16 -28.67
N ASN C 72 54.02 37.78 -29.71
CA ASN C 72 53.64 37.49 -31.12
C ASN C 72 53.89 36.00 -31.39
N LEU C 73 52.84 35.27 -31.73
CA LEU C 73 52.97 33.85 -32.15
C LEU C 73 53.17 33.92 -33.66
N ASN C 74 53.92 32.97 -34.23
CA ASN C 74 54.31 32.86 -35.67
C ASN C 74 54.93 34.17 -36.17
N ASN C 81 48.49 26.18 -40.23
CA ASN C 81 48.35 25.62 -38.86
C ASN C 81 48.90 26.62 -37.82
N LEU C 82 48.04 27.56 -37.40
CA LEU C 82 48.44 28.78 -36.65
C LEU C 82 48.34 28.51 -35.14
N LEU C 83 49.13 29.24 -34.36
CA LEU C 83 49.16 29.11 -32.87
C LEU C 83 48.41 30.28 -32.23
N MET C 84 47.70 30.03 -31.13
CA MET C 84 47.01 31.10 -30.36
C MET C 84 47.29 30.89 -28.87
N TRP C 85 47.36 31.98 -28.13
CA TRP C 85 47.42 31.94 -26.64
C TRP C 85 46.05 31.49 -26.12
N GLU C 86 46.08 30.44 -25.29
CA GLU C 86 44.87 29.91 -24.61
C GLU C 86 45.00 30.17 -23.11
N ALA C 87 44.11 31.00 -22.57
CA ALA C 87 44.05 31.32 -21.12
C ALA C 87 43.52 30.08 -20.38
N VAL C 88 44.26 29.56 -19.41
CA VAL C 88 43.93 28.27 -18.76
C VAL C 88 43.46 28.51 -17.33
N THR C 89 44.09 29.42 -16.59
CA THR C 89 43.67 29.74 -15.20
C THR C 89 43.78 31.24 -14.92
N VAL C 90 43.09 31.70 -13.88
CA VAL C 90 43.19 33.09 -13.40
C VAL C 90 43.22 33.06 -11.87
N GLN C 91 44.10 33.87 -11.28
CA GLN C 91 44.09 34.24 -9.84
C GLN C 91 43.70 35.71 -9.80
N THR C 92 42.74 36.05 -8.98
CA THR C 92 42.23 37.45 -8.91
C THR C 92 41.82 37.74 -7.48
N GLU C 93 42.14 38.93 -7.00
CA GLU C 93 41.54 39.41 -5.75
C GLU C 93 41.42 40.93 -5.79
N VAL C 94 40.55 41.43 -4.92
CA VAL C 94 40.32 42.87 -4.71
C VAL C 94 41.45 43.40 -3.81
N ILE C 95 41.98 44.57 -4.15
CA ILE C 95 43.22 45.10 -3.51
C ILE C 95 42.85 46.27 -2.61
N GLY C 96 43.33 46.26 -1.36
CA GLY C 96 43.12 47.35 -0.40
C GLY C 96 41.87 47.17 0.46
N ILE C 97 41.42 45.93 0.67
CA ILE C 97 40.16 45.67 1.43
C ILE C 97 40.31 46.28 2.83
N THR C 98 41.52 46.26 3.41
CA THR C 98 41.73 46.73 4.80
C THR C 98 41.59 48.25 4.86
N SER C 99 41.57 48.96 3.74
CA SER C 99 41.56 50.44 3.76
C SER C 99 40.24 50.93 4.37
N MET C 100 39.25 50.06 4.46
CA MET C 100 37.92 50.37 5.05
C MET C 100 37.96 50.34 6.59
N LEU C 101 39.08 50.02 7.21
CA LEU C 101 39.27 50.05 8.69
C LEU C 101 39.65 51.47 9.15
N ASN C 102 39.77 52.41 8.22
CA ASN C 102 39.93 53.86 8.54
C ASN C 102 38.51 54.40 8.80
N LEU C 103 38.14 54.51 10.08
CA LEU C 103 36.86 55.12 10.51
C LEU C 103 37.12 56.48 11.15
N HIS C 104 38.32 57.03 11.02
CA HIS C 104 38.72 58.28 11.71
C HIS C 104 38.53 59.49 10.78
N ALA C 105 38.48 59.30 9.46
CA ALA C 105 38.44 60.42 8.49
C ALA C 105 37.20 60.37 7.61
N GLY C 106 36.51 61.52 7.47
CA GLY C 106 35.45 61.75 6.47
C GLY C 106 34.11 61.13 6.81
N SER C 107 34.07 59.93 7.40
CA SER C 107 32.82 59.19 7.70
C SER C 107 32.07 59.87 8.84
N GLN C 108 30.75 59.95 8.69
CA GLN C 108 29.80 60.40 9.73
C GLN C 108 29.89 59.44 10.93
N LYS C 109 29.94 60.00 12.14
CA LYS C 109 29.96 59.22 13.40
C LYS C 109 28.68 58.37 13.47
N VAL C 110 28.80 57.09 13.84
CA VAL C 110 27.65 56.15 13.98
C VAL C 110 26.68 56.64 15.07
N HIS C 111 27.19 57.37 16.07
CA HIS C 111 26.40 58.03 17.15
C HIS C 111 27.33 58.99 17.91
N GLU C 112 26.82 59.73 18.89
CA GLU C 112 27.65 60.77 19.56
C GLU C 112 28.82 60.07 20.26
N HIS C 113 30.01 60.64 20.11
CA HIS C 113 31.29 60.18 20.71
C HIS C 113 31.80 58.89 20.02
N GLY C 114 31.06 58.36 19.05
CA GLY C 114 31.36 57.08 18.40
C GLY C 114 32.35 57.26 17.27
N GLY C 115 32.83 56.14 16.71
CA GLY C 115 33.69 56.11 15.50
C GLY C 115 32.89 56.40 14.24
N GLY C 116 33.59 56.61 13.13
CA GLY C 116 32.96 56.85 11.81
C GLY C 116 32.21 55.64 11.30
N LYS C 117 31.25 55.85 10.41
CA LYS C 117 30.45 54.76 9.81
C LYS C 117 31.30 53.97 8.82
N PRO C 118 31.39 52.63 8.97
CA PRO C 118 32.00 51.79 7.95
C PRO C 118 31.27 51.93 6.60
N ILE C 119 32.03 51.82 5.52
CA ILE C 119 31.43 51.69 4.16
C ILE C 119 30.54 50.46 4.20
N GLN C 120 29.32 50.60 3.70
CA GLN C 120 28.34 49.48 3.63
C GLN C 120 27.27 49.84 2.59
N GLY C 121 26.45 48.87 2.23
CA GLY C 121 25.36 49.06 1.27
C GLY C 121 25.60 48.30 0.00
N SER C 122 24.76 48.56 -1.00
CA SER C 122 24.72 47.83 -2.29
C SER C 122 26.17 47.67 -2.77
N ASN C 123 26.52 46.49 -3.24
CA ASN C 123 27.84 46.28 -3.87
C ASN C 123 27.72 45.32 -5.05
N PHE C 124 28.73 45.35 -5.90
CA PHE C 124 28.81 44.52 -7.12
C PHE C 124 30.28 44.15 -7.30
N HIS C 125 30.57 42.87 -7.43
CA HIS C 125 31.94 42.33 -7.61
C HIS C 125 31.94 41.43 -8.83
N PHE C 126 32.71 41.82 -9.83
CA PHE C 126 32.63 41.21 -11.18
C PHE C 126 34.02 41.22 -11.80
N PHE C 127 34.36 40.16 -12.50
CA PHE C 127 35.57 40.13 -13.34
C PHE C 127 35.32 39.20 -14.51
N ALA C 128 36.09 39.40 -15.57
CA ALA C 128 36.06 38.57 -16.79
C ALA C 128 37.47 38.51 -17.40
N VAL C 129 37.76 37.37 -18.00
CA VAL C 129 38.97 37.11 -18.84
C VAL C 129 38.48 36.57 -20.18
N GLY C 130 38.99 37.10 -21.28
CA GLY C 130 38.54 36.65 -22.61
C GLY C 130 39.59 36.93 -23.66
N GLY C 131 39.47 36.23 -24.78
CA GLY C 131 40.25 36.51 -25.98
C GLY C 131 39.65 37.62 -26.82
N ASP C 132 38.53 38.21 -26.38
CA ASP C 132 37.89 39.35 -27.08
C ASP C 132 37.28 40.28 -26.04
N PRO C 133 36.91 41.51 -26.43
CA PRO C 133 36.19 42.40 -25.52
C PRO C 133 34.96 41.66 -24.95
N LEU C 134 34.76 41.80 -23.64
CA LEU C 134 33.55 41.33 -22.95
C LEU C 134 32.32 41.85 -23.71
N GLU C 135 31.37 40.96 -23.99
CA GLU C 135 30.09 41.30 -24.67
C GLU C 135 29.02 41.55 -23.60
N MET C 136 28.30 42.66 -23.76
CA MET C 136 27.38 43.16 -22.70
C MET C 136 25.99 43.42 -23.28
N GLN C 137 25.00 43.28 -22.40
CA GLN C 137 23.56 43.52 -22.68
C GLN C 137 23.10 44.71 -21.83
N GLY C 138 22.31 45.59 -22.42
CA GLY C 138 21.80 46.80 -21.75
C GLY C 138 20.50 46.53 -21.05
N VAL C 139 20.37 46.99 -19.80
CA VAL C 139 19.07 46.98 -19.06
C VAL C 139 19.07 48.21 -18.15
N LEU C 140 17.96 48.96 -18.12
CA LEU C 140 17.89 50.23 -17.38
C LEU C 140 16.83 50.13 -16.29
N MET C 141 17.11 50.73 -15.12
CA MET C 141 16.09 51.02 -14.11
C MET C 141 15.02 51.90 -14.75
N ASN C 142 15.44 52.90 -15.50
CA ASN C 142 14.57 53.98 -16.04
C ASN C 142 15.05 54.33 -17.46
N TYR C 143 14.30 53.93 -18.49
CA TYR C 143 14.72 54.06 -19.89
C TYR C 143 14.84 55.55 -20.23
N ARG C 144 14.14 56.41 -19.50
CA ARG C 144 14.08 57.87 -19.82
C ARG C 144 15.25 58.60 -19.17
N THR C 145 16.10 57.88 -18.44
CA THR C 145 17.31 58.48 -17.80
C THR C 145 18.16 59.16 -18.87
N LYS C 146 18.47 60.43 -18.65
CA LYS C 146 19.33 61.20 -19.60
C LYS C 146 20.79 60.98 -19.18
N TYR C 147 21.48 60.04 -19.84
CA TYR C 147 22.87 59.69 -19.48
C TYR C 147 23.83 60.74 -20.02
N PRO C 148 24.93 61.04 -19.29
CA PRO C 148 25.83 62.12 -19.64
C PRO C 148 26.76 61.83 -20.82
N ASP C 149 27.03 62.86 -21.62
CA ASP C 149 28.04 62.85 -22.72
C ASP C 149 29.36 62.36 -22.13
N GLY C 150 30.03 61.44 -22.82
CA GLY C 150 31.26 60.78 -22.36
C GLY C 150 30.98 59.33 -21.98
N THR C 151 29.74 59.00 -21.67
CA THR C 151 29.37 57.60 -21.30
C THR C 151 28.72 56.94 -22.50
N ILE C 152 28.73 55.63 -22.54
CA ILE C 152 28.15 54.82 -23.63
C ILE C 152 27.04 53.98 -23.02
N THR C 153 25.79 54.29 -23.34
CA THR C 153 24.59 53.70 -22.70
C THR C 153 23.68 53.20 -23.81
N PRO C 154 22.71 52.32 -23.49
CA PRO C 154 21.75 51.86 -24.48
C PRO C 154 21.21 52.96 -25.41
N LYS C 155 21.15 52.67 -26.72
CA LYS C 155 20.80 53.66 -27.76
C LYS C 155 19.33 53.50 -28.14
N ASN C 156 18.64 54.64 -28.30
CA ASN C 156 17.19 54.74 -28.62
C ASN C 156 16.44 53.78 -27.69
N PRO C 157 16.59 53.93 -26.36
CA PRO C 157 15.94 53.02 -25.41
C PRO C 157 14.43 53.25 -25.38
N THR C 158 13.68 52.18 -25.08
CA THR C 158 12.20 52.19 -24.93
C THR C 158 11.85 51.62 -23.56
N ALA C 159 10.57 51.61 -23.23
CA ALA C 159 10.07 50.93 -22.01
C ALA C 159 10.59 49.49 -22.00
N GLN C 160 10.77 48.87 -23.16
CA GLN C 160 11.28 47.47 -23.25
C GLN C 160 12.71 47.43 -22.68
N SER C 161 13.41 48.56 -22.66
CA SER C 161 14.79 48.63 -22.11
C SER C 161 14.82 48.42 -20.59
N GLN C 162 13.67 48.53 -19.89
CA GLN C 162 13.57 48.30 -18.43
C GLN C 162 13.43 46.81 -18.11
N VAL C 163 13.21 46.01 -19.14
CA VAL C 163 13.27 44.51 -19.09
C VAL C 163 14.30 44.11 -20.15
N MET C 164 14.08 43.08 -20.96
CA MET C 164 15.07 42.66 -21.99
C MET C 164 14.69 43.21 -23.36
N ASN C 165 15.56 44.05 -23.92
CA ASN C 165 15.51 44.59 -25.30
C ASN C 165 16.80 44.16 -26.01
N THR C 166 16.74 43.20 -26.92
CA THR C 166 17.95 42.59 -27.52
C THR C 166 18.71 43.60 -28.38
N ASP C 167 18.18 44.80 -28.62
CA ASP C 167 18.90 45.83 -29.41
C ASP C 167 20.13 46.35 -28.67
N HIS C 168 20.15 46.28 -27.33
CA HIS C 168 21.24 46.91 -26.51
C HIS C 168 22.40 45.93 -26.37
N LYS C 169 23.20 45.77 -27.42
CA LYS C 169 24.44 44.93 -27.41
C LYS C 169 25.65 45.87 -27.41
N ALA C 170 26.68 45.59 -26.63
CA ALA C 170 27.92 46.40 -26.67
C ALA C 170 29.14 45.54 -26.39
N TYR C 171 30.29 45.97 -26.90
CA TYR C 171 31.64 45.48 -26.53
C TYR C 171 32.19 46.37 -25.42
N LEU C 172 32.65 45.78 -24.32
CA LEU C 172 33.38 46.55 -23.28
C LEU C 172 34.76 46.90 -23.87
N ASP C 173 34.77 47.91 -24.71
CA ASP C 173 35.92 48.26 -25.59
C ASP C 173 36.51 49.62 -25.17
N LYS C 174 36.07 50.18 -24.06
CA LYS C 174 36.64 51.45 -23.54
C LYS C 174 36.53 51.50 -22.01
N ASN C 175 37.64 51.83 -21.38
CA ASN C 175 37.73 52.02 -19.92
C ASN C 175 36.97 53.30 -19.53
N ASN C 176 36.32 53.30 -18.36
CA ASN C 176 35.66 54.48 -17.76
C ASN C 176 34.62 55.07 -18.73
N ALA C 177 33.80 54.23 -19.34
CA ALA C 177 32.83 54.66 -20.38
C ALA C 177 31.46 54.00 -20.19
N TYR C 178 31.40 52.71 -19.89
CA TYR C 178 30.13 51.95 -19.79
C TYR C 178 29.67 51.96 -18.34
N PRO C 179 28.62 52.73 -17.98
CA PRO C 179 28.17 52.78 -16.59
C PRO C 179 27.75 51.37 -16.15
N VAL C 180 28.19 50.98 -14.96
CA VAL C 180 27.82 49.66 -14.37
C VAL C 180 26.29 49.55 -14.36
N GLU C 181 25.60 50.65 -14.09
CA GLU C 181 24.12 50.62 -13.87
C GLU C 181 23.36 50.31 -15.16
N CYS C 182 23.98 50.40 -16.34
CA CYS C 182 23.27 50.25 -17.63
C CYS C 182 23.58 48.92 -18.31
N TRP C 183 24.63 48.20 -17.89
CA TRP C 183 25.18 47.05 -18.65
C TRP C 183 25.40 45.84 -17.76
N VAL C 184 25.14 44.65 -18.28
CA VAL C 184 25.52 43.38 -17.62
C VAL C 184 26.24 42.52 -18.66
N PRO C 185 27.07 41.54 -18.22
CA PRO C 185 27.63 40.57 -19.14
C PRO C 185 26.46 39.88 -19.88
N ASP C 186 26.60 39.69 -21.19
CA ASP C 186 25.55 39.07 -22.04
C ASP C 186 25.75 37.56 -22.04
N PRO C 187 24.88 36.78 -21.35
CA PRO C 187 25.04 35.31 -21.36
C PRO C 187 24.65 34.66 -22.70
N SER C 188 24.03 35.41 -23.61
CA SER C 188 23.68 34.92 -24.97
C SER C 188 24.89 35.02 -25.91
N ARG C 189 26.03 35.53 -25.45
CA ARG C 189 27.28 35.66 -26.26
C ARG C 189 28.49 35.27 -25.38
N ASN C 190 29.64 35.92 -25.54
CA ASN C 190 30.86 35.63 -24.73
C ASN C 190 31.29 34.17 -24.88
N GLU C 191 31.22 33.61 -26.09
CA GLU C 191 31.79 32.27 -26.43
C GLU C 191 33.28 32.22 -26.06
N ASN C 192 33.98 33.35 -26.13
CA ASN C 192 35.45 33.40 -25.92
C ASN C 192 35.83 34.23 -24.70
N THR C 193 34.97 34.26 -23.68
CA THR C 193 35.21 34.96 -22.39
C THR C 193 34.60 34.15 -21.27
N ARG C 194 35.24 34.10 -20.11
CA ARG C 194 34.63 33.63 -18.84
C ARG C 194 34.36 34.83 -17.95
N TYR C 195 33.15 34.95 -17.42
CA TYR C 195 32.81 36.05 -16.49
C TYR C 195 32.17 35.48 -15.23
N PHE C 196 32.26 36.27 -14.15
CA PHE C 196 31.75 35.95 -12.79
C PHE C 196 31.40 37.27 -12.11
N GLY C 197 30.20 37.33 -11.56
CA GLY C 197 29.71 38.55 -10.89
C GLY C 197 28.74 38.24 -9.79
N THR C 198 28.77 39.03 -8.73
CA THR C 198 27.77 38.98 -7.63
C THR C 198 27.29 40.40 -7.31
N PHE C 199 25.98 40.57 -7.31
CA PHE C 199 25.31 41.81 -6.87
C PHE C 199 24.64 41.53 -5.52
N THR C 200 24.92 42.37 -4.54
CA THR C 200 24.26 42.34 -3.21
C THR C 200 23.69 43.72 -2.93
N GLY C 201 22.37 43.88 -2.90
CA GLY C 201 21.73 45.21 -2.79
C GLY C 201 21.17 45.41 -1.40
N GLY C 202 21.14 46.65 -0.93
CA GLY C 202 20.52 47.02 0.37
C GLY C 202 21.27 48.13 1.08
N GLU C 203 20.58 48.90 1.92
CA GLU C 203 21.17 50.01 2.72
C GLU C 203 22.35 49.50 3.55
N ASN C 204 22.18 48.38 4.25
CA ASN C 204 23.12 47.97 5.33
C ASN C 204 23.85 46.66 4.98
N VAL C 205 23.95 46.33 3.70
CA VAL C 205 24.72 45.13 3.30
C VAL C 205 26.16 45.29 3.78
N PRO C 206 26.67 44.37 4.63
CA PRO C 206 28.09 44.38 4.96
C PRO C 206 28.93 43.87 3.79
N PRO C 207 29.99 44.60 3.37
CA PRO C 207 30.93 44.08 2.38
C PRO C 207 31.69 42.89 2.98
N VAL C 208 31.82 41.81 2.22
CA VAL C 208 32.54 40.57 2.65
C VAL C 208 33.54 40.23 1.55
N LEU C 209 34.84 40.41 1.82
CA LEU C 209 35.88 40.20 0.80
C LEU C 209 36.97 39.28 1.33
N HIS C 210 37.36 38.29 0.53
CA HIS C 210 38.40 37.29 0.90
C HIS C 210 39.66 37.56 0.07
N VAL C 211 40.83 37.39 0.68
CA VAL C 211 42.13 37.35 -0.05
C VAL C 211 42.82 36.03 0.27
N THR C 212 43.45 35.44 -0.73
CA THR C 212 44.37 34.29 -0.58
C THR C 212 45.13 34.11 -1.90
N ASN C 213 46.41 33.79 -1.82
CA ASN C 213 47.25 33.49 -3.00
C ASN C 213 47.24 31.97 -3.24
N THR C 214 46.29 31.22 -2.66
CA THR C 214 46.19 29.74 -2.82
C THR C 214 45.03 29.36 -3.77
N ALA C 215 44.13 30.29 -4.10
CA ALA C 215 42.93 29.99 -4.92
C ALA C 215 43.20 30.28 -6.40
N THR C 216 42.74 29.38 -7.28
CA THR C 216 42.84 29.55 -8.75
C THR C 216 41.48 29.23 -9.40
N THR C 217 41.13 29.92 -10.48
CA THR C 217 39.90 29.61 -11.26
C THR C 217 40.29 29.06 -12.63
N VAL C 218 39.85 27.85 -12.95
CA VAL C 218 40.11 27.23 -14.28
C VAL C 218 39.22 27.96 -15.30
N LEU C 219 39.77 28.27 -16.48
CA LEU C 219 39.02 28.99 -17.54
C LEU C 219 38.60 28.02 -18.66
N LEU C 220 39.04 26.76 -18.63
CA LEU C 220 38.68 25.75 -19.65
C LEU C 220 37.16 25.55 -19.65
N ASP C 221 36.59 25.28 -20.82
CA ASP C 221 35.14 25.01 -21.02
C ASP C 221 34.89 23.49 -20.95
N GLU C 222 33.66 23.05 -21.28
CA GLU C 222 33.25 21.63 -21.20
C GLU C 222 34.15 20.79 -22.12
N GLN C 223 34.66 21.35 -23.22
CA GLN C 223 35.54 20.66 -24.19
C GLN C 223 37.03 20.83 -23.80
N GLY C 224 37.34 21.47 -22.67
CA GLY C 224 38.73 21.65 -22.19
C GLY C 224 39.46 22.77 -22.95
N VAL C 225 38.72 23.75 -23.46
CA VAL C 225 39.30 24.90 -24.24
C VAL C 225 39.06 26.21 -23.49
N GLY C 226 40.15 26.89 -23.15
CA GLY C 226 40.09 28.23 -22.55
C GLY C 226 39.88 29.31 -23.61
N PRO C 227 39.65 30.57 -23.19
CA PRO C 227 39.62 31.70 -24.12
C PRO C 227 40.85 31.69 -25.05
N LEU C 228 40.62 31.88 -26.34
CA LEU C 228 41.70 31.94 -27.38
C LEU C 228 41.90 33.40 -27.77
N CYS C 229 43.12 33.89 -27.62
CA CYS C 229 43.42 35.34 -27.66
C CYS C 229 43.59 35.81 -29.11
N LYS C 230 42.55 36.45 -29.66
CA LYS C 230 42.53 37.06 -31.02
C LYS C 230 43.54 38.21 -31.04
N ALA C 231 44.45 38.22 -32.02
CA ALA C 231 45.49 39.26 -32.24
C ALA C 231 46.43 39.32 -31.03
N ASP C 232 46.78 38.17 -30.47
CA ASP C 232 47.68 38.05 -29.28
C ASP C 232 47.31 39.14 -28.26
N SER C 233 45.99 39.24 -27.96
CA SER C 233 45.43 40.23 -26.99
C SER C 233 44.58 39.49 -25.96
N LEU C 234 44.87 39.74 -24.70
CA LEU C 234 44.06 39.24 -23.56
C LEU C 234 43.23 40.41 -23.02
N TYR C 235 41.95 40.20 -22.81
CA TYR C 235 41.05 41.25 -22.24
C TYR C 235 40.71 40.89 -20.80
N VAL C 236 40.91 41.85 -19.90
CA VAL C 236 40.47 41.75 -18.48
C VAL C 236 39.48 42.89 -18.21
N SER C 237 38.43 42.58 -17.48
CA SER C 237 37.30 43.48 -17.18
C SER C 237 36.91 43.29 -15.70
N ALA C 238 36.46 44.35 -15.05
CA ALA C 238 36.11 44.26 -13.61
C ALA C 238 35.20 45.41 -13.22
N ALA C 239 34.36 45.16 -12.24
CA ALA C 239 33.65 46.19 -11.47
C ALA C 239 33.70 45.74 -10.01
N ASP C 240 34.26 46.57 -9.13
CA ASP C 240 34.29 46.28 -7.67
C ASP C 240 33.80 47.50 -6.91
N ILE C 241 32.50 47.74 -6.96
CA ILE C 241 31.82 48.71 -6.06
C ILE C 241 31.69 48.03 -4.70
N CYS C 242 32.33 48.57 -3.66
CA CYS C 242 32.40 47.94 -2.32
C CYS C 242 31.24 48.39 -1.43
N GLY C 243 30.55 49.47 -1.78
CA GLY C 243 29.45 50.05 -0.99
C GLY C 243 29.47 51.56 -0.94
N LEU C 244 28.65 52.15 -0.08
CA LEU C 244 28.54 53.62 0.02
C LEU C 244 29.34 54.10 1.22
N PHE C 245 30.04 55.21 1.03
CA PHE C 245 30.77 55.96 2.09
C PHE C 245 29.85 57.12 2.48
N THR C 246 29.53 57.23 3.76
CA THR C 246 28.66 58.32 4.28
C THR C 246 29.52 59.41 4.90
N ASN C 247 29.52 60.62 4.32
CA ASN C 247 30.22 61.81 4.88
C ASN C 247 29.48 62.31 6.13
N SER C 248 30.16 63.13 6.93
CA SER C 248 29.60 63.84 8.11
C SER C 248 28.28 64.52 7.73
N SER C 249 28.22 65.16 6.56
CA SER C 249 27.01 65.87 6.03
C SER C 249 25.82 64.92 5.92
N GLY C 250 26.06 63.62 5.68
CA GLY C 250 25.02 62.61 5.40
C GLY C 250 24.99 62.25 3.92
N THR C 251 25.80 62.93 3.10
CA THR C 251 25.91 62.60 1.65
C THR C 251 26.61 61.25 1.51
N GLN C 252 26.37 60.58 0.40
CA GLN C 252 26.86 59.20 0.17
C GLN C 252 27.60 59.13 -1.16
N GLN C 253 28.70 58.37 -1.18
CA GLN C 253 29.55 58.20 -2.38
C GLN C 253 29.85 56.72 -2.53
N TRP C 254 29.92 56.24 -3.76
CA TRP C 254 30.40 54.86 -4.00
C TRP C 254 31.89 54.81 -3.66
N ARG C 255 32.36 53.69 -3.14
CA ARG C 255 33.79 53.41 -2.94
C ARG C 255 34.14 52.13 -3.71
N GLY C 256 35.20 52.19 -4.50
CA GLY C 256 35.71 51.07 -5.30
C GLY C 256 37.14 50.70 -4.94
N LEU C 257 37.54 49.50 -5.31
CA LEU C 257 38.92 49.01 -5.15
C LEU C 257 39.36 48.38 -6.46
N ALA C 258 40.67 48.40 -6.69
CA ALA C 258 41.32 47.81 -7.87
C ALA C 258 41.20 46.29 -7.78
N ARG C 259 41.39 45.62 -8.90
CA ARG C 259 41.41 44.15 -8.95
C ARG C 259 42.71 43.68 -9.61
N TYR C 260 43.36 42.68 -9.01
CA TYR C 260 44.60 42.07 -9.54
C TYR C 260 44.23 40.81 -10.34
N PHE C 261 44.88 40.62 -11.48
CA PHE C 261 44.75 39.39 -12.31
C PHE C 261 46.14 38.79 -12.51
N LYS C 262 46.25 37.48 -12.33
CA LYS C 262 47.40 36.68 -12.84
C LYS C 262 46.83 35.55 -13.70
N ILE C 263 47.16 35.57 -15.00
CA ILE C 263 46.53 34.65 -15.99
C ILE C 263 47.62 33.76 -16.60
N ARG C 264 47.44 32.45 -16.49
CA ARG C 264 48.35 31.43 -17.09
C ARG C 264 47.81 31.08 -18.47
N LEU C 265 48.64 31.23 -19.50
CA LEU C 265 48.28 30.91 -20.90
C LEU C 265 49.20 29.83 -21.44
N ARG C 266 48.72 29.07 -22.42
CA ARG C 266 49.53 28.06 -23.14
C ARG C 266 49.30 28.24 -24.64
N LYS C 267 50.25 27.76 -25.44
CA LYS C 267 50.17 27.79 -26.92
C LYS C 267 49.18 26.71 -27.36
N ARG C 268 48.26 27.05 -28.26
CA ARG C 268 47.21 26.14 -28.79
C ARG C 268 47.22 26.24 -30.31
N SER C 269 47.22 25.10 -30.99
CA SER C 269 47.14 25.01 -32.47
C SER C 269 45.69 25.13 -32.92
N VAL C 270 45.47 25.84 -34.02
CA VAL C 270 44.13 26.05 -34.64
C VAL C 270 44.30 26.03 -36.17
N LYS C 271 43.26 25.76 -36.95
CA LYS C 271 43.35 25.68 -38.44
C LYS C 271 42.96 27.02 -39.08
N ASN C 272 43.70 27.41 -40.14
CA ASN C 272 43.50 28.60 -41.02
C ASN C 272 43.32 29.86 -40.16
N GLU D 8 65.05 25.85 -6.74
CA GLU D 8 65.83 24.74 -7.36
C GLU D 8 65.55 23.45 -6.54
N VAL D 9 64.33 22.92 -6.62
CA VAL D 9 63.80 21.97 -5.61
C VAL D 9 63.92 20.54 -6.15
N LEU D 10 64.42 19.62 -5.32
CA LEU D 10 64.54 18.16 -5.63
C LEU D 10 63.42 17.36 -4.92
N GLU D 11 63.68 16.10 -4.57
CA GLU D 11 62.72 15.20 -3.88
C GLU D 11 62.70 15.50 -2.37
N VAL D 12 61.62 15.06 -1.70
CA VAL D 12 61.41 15.18 -0.24
C VAL D 12 62.42 14.29 0.49
N LYS D 13 63.09 14.78 1.54
CA LYS D 13 63.90 13.91 2.43
C LYS D 13 62.98 13.36 3.54
N ALA D 18 63.32 13.97 10.12
CA ALA D 18 62.64 14.24 8.82
C ALA D 18 61.56 15.32 9.02
N ILE D 19 60.72 15.19 10.04
CA ILE D 19 59.53 16.09 10.26
C ILE D 19 59.66 16.77 11.62
N THR D 20 59.12 17.98 11.72
CA THR D 20 59.17 18.81 12.94
C THR D 20 57.87 19.62 13.01
N GLU D 21 57.44 19.93 14.22
CA GLU D 21 56.34 20.86 14.49
C GLU D 21 56.93 22.10 15.14
N VAL D 22 56.37 23.26 14.83
CA VAL D 22 56.61 24.53 15.56
C VAL D 22 55.26 25.04 15.99
N GLU D 23 55.12 25.36 17.27
CA GLU D 23 53.87 25.83 17.92
C GLU D 23 54.17 27.24 18.36
N CYS D 24 53.24 28.17 18.17
CA CYS D 24 53.53 29.56 18.52
C CYS D 24 52.23 30.36 18.57
N PHE D 25 52.26 31.43 19.32
CA PHE D 25 51.11 32.34 19.25
C PHE D 25 51.67 33.71 19.04
N LEU D 26 50.87 34.45 18.28
CA LEU D 26 51.14 35.88 18.00
C LEU D 26 50.11 36.67 18.77
N ASN D 27 50.51 37.44 19.77
CA ASN D 27 49.61 38.40 20.45
C ASN D 27 49.25 39.56 19.51
N PRO D 28 48.00 40.10 19.62
CA PRO D 28 47.52 41.12 18.70
C PRO D 28 48.11 42.49 19.06
N GLU D 29 48.12 43.38 18.08
CA GLU D 29 48.64 44.76 18.20
C GLU D 29 47.50 45.69 17.78
N MET D 30 46.58 45.94 18.69
CA MET D 30 45.36 46.73 18.43
C MET D 30 45.61 48.19 18.78
N GLY D 31 46.76 48.52 19.40
CA GLY D 31 47.13 49.89 19.78
C GLY D 31 47.58 49.98 21.24
N ASP D 32 46.89 49.28 22.16
CA ASP D 32 47.31 49.16 23.59
C ASP D 32 47.40 50.58 24.17
N PRO D 33 46.27 51.30 24.32
CA PRO D 33 46.30 52.69 24.78
C PRO D 33 46.88 52.88 26.19
N ASP D 34 46.77 51.85 27.02
CA ASP D 34 47.39 51.79 28.36
C ASP D 34 47.51 50.30 28.68
N GLU D 35 48.24 49.94 29.73
CA GLU D 35 48.43 48.53 30.10
C GLU D 35 47.08 47.87 30.34
N ASN D 36 46.19 48.49 31.10
CA ASN D 36 44.95 47.81 31.49
C ASN D 36 44.03 47.64 30.26
N LEU D 37 44.35 48.28 29.15
CA LEU D 37 43.57 48.11 27.90
C LEU D 37 44.41 47.39 26.85
N ARG D 38 45.09 46.32 27.25
CA ARG D 38 45.86 45.44 26.34
C ARG D 38 44.87 44.58 25.55
N GLY D 39 44.97 44.59 24.23
CA GLY D 39 44.03 43.89 23.35
C GLY D 39 43.04 44.86 22.79
N PHE D 40 43.18 46.13 23.15
CA PHE D 40 42.21 47.16 22.74
C PHE D 40 42.93 48.28 22.03
N SER D 41 42.23 49.02 21.18
CA SER D 41 42.77 50.27 20.59
C SER D 41 42.35 51.43 21.48
N LEU D 42 43.00 52.57 21.32
CA LEU D 42 42.48 53.87 21.81
C LEU D 42 41.08 54.10 21.21
N LYS D 43 40.25 54.86 21.90
CA LYS D 43 38.91 55.24 21.40
C LYS D 43 39.07 55.87 20.00
N LEU D 44 38.16 55.52 19.08
CA LEU D 44 38.19 56.02 17.69
C LEU D 44 37.74 57.49 17.64
N SER D 45 38.50 58.34 16.96
CA SER D 45 38.06 59.70 16.55
C SER D 45 37.08 59.57 15.36
N ALA D 46 36.40 60.64 14.96
CA ALA D 46 35.53 60.61 13.76
C ALA D 46 35.34 61.99 13.15
N GLU D 47 35.08 62.02 11.84
CA GLU D 47 34.60 63.20 11.08
C GLU D 47 35.77 64.19 10.86
N ASN D 48 37.01 63.76 11.04
CA ASN D 48 38.17 64.59 10.59
C ASN D 48 38.10 64.78 9.08
N ASP D 49 38.55 65.92 8.60
CA ASP D 49 38.61 66.16 7.15
C ASP D 49 39.83 65.40 6.62
N PHE D 50 39.76 64.96 5.37
CA PHE D 50 40.85 64.22 4.72
C PHE D 50 42.10 65.10 4.70
N SER D 51 41.92 66.42 4.80
CA SER D 51 43.01 67.43 4.79
C SER D 51 43.76 67.44 6.12
N SER D 52 43.08 67.18 7.23
CA SER D 52 43.68 67.28 8.59
C SER D 52 43.35 66.03 9.39
N ASP D 53 43.98 64.89 9.05
CA ASP D 53 43.71 63.62 9.78
C ASP D 53 45.04 63.07 10.33
N SER D 54 45.29 63.32 11.61
CA SER D 54 46.46 62.79 12.32
C SER D 54 45.96 61.80 13.35
N PRO D 55 45.78 60.51 13.01
CA PRO D 55 45.40 59.52 14.03
C PRO D 55 46.51 59.29 15.07
N GLU D 56 46.13 59.22 16.34
CA GLU D 56 47.00 58.77 17.46
C GLU D 56 47.48 57.36 17.09
N ARG D 57 48.77 57.07 17.23
CA ARG D 57 49.35 55.73 16.94
C ARG D 57 48.56 54.62 17.63
N LYS D 58 48.15 54.82 18.88
CA LYS D 58 47.42 53.81 19.70
C LYS D 58 45.97 53.64 19.19
N MET D 59 45.53 54.42 18.20
CA MET D 59 44.20 54.28 17.58
C MET D 59 44.24 53.20 16.49
N LEU D 60 45.42 52.79 16.02
CA LEU D 60 45.56 52.06 14.72
C LEU D 60 46.04 50.64 14.97
N PRO D 61 45.20 49.61 14.77
CA PRO D 61 45.70 48.25 14.77
C PRO D 61 46.80 48.06 13.72
N CYS D 62 47.78 47.21 14.05
CA CYS D 62 48.90 46.81 13.16
C CYS D 62 48.96 45.30 13.01
N TYR D 63 49.61 44.85 11.94
CA TYR D 63 49.85 43.41 11.70
C TYR D 63 50.82 42.90 12.78
N SER D 64 50.55 41.70 13.27
CA SER D 64 51.47 40.94 14.15
C SER D 64 52.36 40.07 13.27
N THR D 65 53.65 39.98 13.58
CA THR D 65 54.57 39.08 12.85
C THR D 65 55.70 38.62 13.76
N ALA D 66 56.33 37.49 13.42
CA ALA D 66 57.54 37.01 14.09
C ALA D 66 58.26 36.01 13.17
N ARG D 67 59.58 35.97 13.35
CA ARG D 67 60.49 35.06 12.62
C ARG D 67 60.96 33.96 13.58
N ILE D 68 60.56 32.72 13.34
CA ILE D 68 60.92 31.54 14.20
C ILE D 68 62.20 30.91 13.64
N PRO D 69 63.31 30.86 14.42
CA PRO D 69 64.52 30.16 13.99
C PRO D 69 64.32 28.63 13.97
N LEU D 70 64.83 27.98 12.94
CA LEU D 70 64.69 26.51 12.75
C LEU D 70 66.06 25.85 12.92
N PRO D 71 66.11 24.52 13.16
CA PRO D 71 67.37 23.78 13.18
C PRO D 71 68.23 24.03 11.93
N ASN D 72 69.52 24.25 12.17
CA ASN D 72 70.52 24.69 11.16
C ASN D 72 70.61 23.75 9.93
N LEU D 73 70.33 22.43 10.01
CA LEU D 73 70.46 21.47 8.87
C LEU D 73 71.88 21.52 8.27
N LEU D 82 71.82 20.63 -0.82
CA LEU D 82 71.50 21.21 0.52
C LEU D 82 70.08 20.83 0.92
N LEU D 83 69.77 20.85 2.22
CA LEU D 83 68.40 20.67 2.77
C LEU D 83 67.78 22.01 3.15
N MET D 84 66.46 22.13 3.02
CA MET D 84 65.69 23.29 3.54
C MET D 84 64.42 22.78 4.24
N TRP D 85 63.98 23.52 5.25
CA TRP D 85 62.68 23.25 5.92
C TRP D 85 61.56 23.66 4.98
N GLU D 86 60.65 22.73 4.72
CA GLU D 86 59.44 22.95 3.90
C GLU D 86 58.21 22.88 4.82
N ALA D 87 57.47 23.98 4.96
CA ALA D 87 56.21 24.05 5.73
C ALA D 87 55.12 23.32 4.94
N VAL D 88 54.49 22.32 5.53
CA VAL D 88 53.55 21.41 4.79
C VAL D 88 52.10 21.66 5.22
N THR D 89 51.85 21.86 6.50
CA THR D 89 50.48 22.15 7.00
C THR D 89 50.53 23.20 8.11
N VAL D 90 49.40 23.83 8.36
CA VAL D 90 49.23 24.75 9.52
C VAL D 90 47.87 24.45 10.16
N GLN D 91 47.85 24.43 11.49
CA GLN D 91 46.61 24.51 12.31
C GLN D 91 46.63 25.86 12.99
N THR D 92 45.56 26.61 12.91
CA THR D 92 45.50 27.96 13.49
C THR D 92 44.12 28.18 14.05
N GLU D 93 44.02 28.83 15.20
CA GLU D 93 42.74 29.45 15.62
C GLU D 93 42.98 30.71 16.42
N VAL D 94 41.92 31.52 16.51
CA VAL D 94 41.89 32.75 17.32
C VAL D 94 41.61 32.35 18.77
N ILE D 95 42.31 32.96 19.71
CA ILE D 95 42.34 32.50 21.15
C ILE D 95 41.57 33.50 22.00
N GLY D 96 40.63 33.01 22.81
CA GLY D 96 39.82 33.80 23.75
C GLY D 96 38.52 34.30 23.15
N ILE D 97 37.95 33.59 22.18
CA ILE D 97 36.70 34.05 21.49
C ILE D 97 35.58 34.20 22.53
N THR D 98 35.57 33.36 23.56
CA THR D 98 34.49 33.39 24.57
C THR D 98 34.59 34.63 25.46
N SER D 99 35.72 35.35 25.45
CA SER D 99 35.93 36.49 26.37
C SER D 99 34.89 37.59 26.04
N MET D 100 34.24 37.51 24.88
CA MET D 100 33.24 38.52 24.43
C MET D 100 31.87 38.28 25.11
N LEU D 101 31.73 37.23 25.90
CA LEU D 101 30.49 36.94 26.70
C LEU D 101 30.49 37.75 28.01
N ASN D 102 31.53 38.55 28.26
CA ASN D 102 31.50 39.54 29.36
C ASN D 102 30.74 40.77 28.86
N LEU D 103 29.46 40.88 29.21
CA LEU D 103 28.62 42.07 28.89
C LEU D 103 28.36 42.87 30.16
N HIS D 104 29.02 42.52 31.27
CA HIS D 104 28.73 43.14 32.59
C HIS D 104 29.67 44.34 32.86
N ALA D 105 30.83 44.43 32.20
CA ALA D 105 31.83 45.48 32.47
C ALA D 105 32.12 46.31 31.22
N GLY D 106 32.13 47.65 31.37
CA GLY D 106 32.63 48.62 30.39
C GLY D 106 31.67 48.88 29.24
N SER D 107 30.93 47.88 28.75
CA SER D 107 30.03 48.02 27.57
C SER D 107 28.79 48.86 27.95
N GLN D 108 28.40 49.76 27.03
CA GLN D 108 27.15 50.55 27.12
C GLN D 108 25.96 49.60 27.08
N LYS D 109 24.98 49.82 27.97
CA LYS D 109 23.73 49.01 28.05
C LYS D 109 22.99 49.13 26.71
N VAL D 110 22.51 48.01 26.18
CA VAL D 110 21.72 47.98 24.91
C VAL D 110 20.43 48.80 25.06
N HIS D 111 19.89 48.87 26.27
CA HIS D 111 18.68 49.68 26.63
C HIS D 111 18.57 49.73 28.15
N GLU D 112 17.59 50.48 28.69
CA GLU D 112 17.46 50.65 30.16
C GLU D 112 17.26 49.28 30.78
N HIS D 113 17.99 49.00 31.87
CA HIS D 113 17.94 47.75 32.68
C HIS D 113 18.57 46.58 31.92
N GLY D 114 19.06 46.79 30.70
CA GLY D 114 19.57 45.71 29.83
C GLY D 114 21.03 45.43 30.09
N GLY D 115 21.56 44.36 29.47
CA GLY D 115 23.00 44.02 29.53
C GLY D 115 23.81 44.92 28.62
N GLY D 116 25.13 44.80 28.71
CA GLY D 116 26.07 45.57 27.87
C GLY D 116 25.98 45.16 26.41
N LYS D 117 26.42 46.06 25.52
CA LYS D 117 26.44 45.80 24.06
C LYS D 117 27.57 44.84 23.73
N PRO D 118 27.30 43.71 23.04
CA PRO D 118 28.37 42.86 22.54
C PRO D 118 29.30 43.65 21.59
N ILE D 119 30.56 43.26 21.58
CA ILE D 119 31.52 43.69 20.53
C ILE D 119 30.94 43.29 19.19
N GLN D 120 30.91 44.23 18.25
CA GLN D 120 30.40 43.97 16.88
C GLN D 120 30.94 45.04 15.94
N GLY D 121 30.76 44.84 14.65
CA GLY D 121 31.17 45.81 13.63
C GLY D 121 32.29 45.25 12.78
N SER D 122 32.86 46.12 11.95
CA SER D 122 33.88 45.73 10.95
C SER D 122 34.88 44.79 11.63
N ASN D 123 35.29 43.72 10.96
CA ASN D 123 36.38 42.86 11.48
C ASN D 123 37.23 42.37 10.32
N PHE D 124 38.42 41.87 10.67
CA PHE D 124 39.44 41.40 9.70
C PHE D 124 40.18 40.24 10.37
N HIS D 125 40.23 39.11 9.70
CA HIS D 125 40.88 37.88 10.21
C HIS D 125 41.84 37.41 9.13
N PHE D 126 43.14 37.41 9.44
CA PHE D 126 44.19 37.17 8.46
C PHE D 126 45.33 36.42 9.12
N PHE D 127 45.94 35.51 8.39
CA PHE D 127 47.21 34.88 8.82
C PHE D 127 48.01 34.50 7.59
N ALA D 128 49.31 34.33 7.76
CA ALA D 128 50.24 33.90 6.70
C ALA D 128 51.38 33.08 7.30
N VAL D 129 51.86 32.12 6.51
CA VAL D 129 53.07 31.28 6.79
C VAL D 129 53.96 31.36 5.56
N GLY D 130 55.25 31.62 5.73
CA GLY D 130 56.16 31.74 4.59
C GLY D 130 57.59 31.48 4.98
N GLY D 131 58.41 31.18 3.99
CA GLY D 131 59.87 31.09 4.14
C GLY D 131 60.53 32.44 4.02
N ASP D 132 59.76 33.52 3.84
CA ASP D 132 60.28 34.92 3.80
C ASP D 132 59.26 35.85 4.42
N PRO D 133 59.66 37.10 4.75
CA PRO D 133 58.71 38.09 5.25
C PRO D 133 57.53 38.22 4.28
N LEU D 134 56.30 38.25 4.82
CA LEU D 134 55.10 38.50 4.02
C LEU D 134 55.33 39.77 3.22
N GLU D 135 55.03 39.72 1.92
CA GLU D 135 55.11 40.88 1.01
C GLU D 135 53.75 41.57 0.91
N MET D 136 53.75 42.90 1.06
CA MET D 136 52.50 43.68 1.21
C MET D 136 52.45 44.83 0.22
N GLN D 137 51.20 45.19 -0.12
CA GLN D 137 50.89 46.30 -1.05
C GLN D 137 50.12 47.37 -0.27
N GLY D 138 50.45 48.64 -0.50
CA GLY D 138 49.82 49.77 0.19
C GLY D 138 48.59 50.26 -0.53
N VAL D 139 47.51 50.51 0.20
CA VAL D 139 46.28 51.16 -0.34
C VAL D 139 45.66 51.94 0.81
N LEU D 140 45.28 53.20 0.56
CA LEU D 140 44.77 54.11 1.61
C LEU D 140 43.34 54.53 1.29
N MET D 141 42.49 54.62 2.30
CA MET D 141 41.18 55.32 2.22
C MET D 141 41.45 56.77 1.81
N ASN D 142 42.46 57.40 2.38
CA ASN D 142 42.76 58.84 2.25
C ASN D 142 44.28 59.03 2.19
N TYR D 143 44.82 59.35 1.02
CA TYR D 143 46.28 59.40 0.78
C TYR D 143 46.88 60.53 1.62
N ARG D 144 46.06 61.51 2.02
CA ARG D 144 46.55 62.70 2.74
C ARG D 144 46.58 62.44 4.25
N THR D 145 46.17 61.24 4.69
CA THR D 145 46.22 60.88 6.13
C THR D 145 47.63 61.06 6.66
N LYS D 146 47.77 61.77 7.77
CA LYS D 146 49.11 62.01 8.40
C LYS D 146 49.33 60.88 9.41
N TYR D 147 50.05 59.84 9.01
CA TYR D 147 50.28 58.65 9.87
C TYR D 147 51.32 58.97 10.93
N PRO D 148 51.17 58.42 12.15
CA PRO D 148 52.04 58.78 13.28
C PRO D 148 53.45 58.15 13.28
N ASP D 149 54.42 58.91 13.77
CA ASP D 149 55.83 58.47 13.92
C ASP D 149 55.80 57.18 14.73
N GLY D 150 56.58 56.18 14.28
CA GLY D 150 56.60 54.83 14.87
C GLY D 150 55.93 53.83 13.95
N THR D 151 55.06 54.28 13.05
CA THR D 151 54.36 53.38 12.09
C THR D 151 55.06 53.46 10.74
N ILE D 152 54.90 52.43 9.93
CA ILE D 152 55.49 52.36 8.57
C ILE D 152 54.33 52.30 7.58
N THR D 153 54.12 53.37 6.82
CA THR D 153 52.95 53.51 5.92
C THR D 153 53.46 53.84 4.53
N PRO D 154 52.63 53.69 3.47
CA PRO D 154 53.04 54.07 2.12
C PRO D 154 53.82 55.40 2.04
N LYS D 155 54.93 55.41 1.29
CA LYS D 155 55.86 56.56 1.22
C LYS D 155 55.56 57.39 -0.02
N ASN D 156 55.58 58.73 0.15
CA ASN D 156 55.20 59.72 -0.89
C ASN D 156 53.93 59.24 -1.59
N PRO D 157 52.82 59.06 -0.82
CA PRO D 157 51.55 58.67 -1.41
C PRO D 157 50.94 59.78 -2.24
N THR D 158 50.18 59.39 -3.26
CA THR D 158 49.43 60.29 -4.16
C THR D 158 47.97 59.85 -4.18
N ALA D 159 47.12 60.58 -4.90
CA ALA D 159 45.72 60.16 -5.12
C ALA D 159 45.71 58.74 -5.67
N GLN D 160 46.74 58.33 -6.44
CA GLN D 160 46.85 56.96 -7.00
C GLN D 160 46.90 55.95 -5.84
N SER D 161 47.34 56.38 -4.66
CA SER D 161 47.45 55.50 -3.47
C SER D 161 46.08 55.07 -2.95
N GLN D 162 44.99 55.76 -3.34
CA GLN D 162 43.59 55.43 -2.92
C GLN D 162 43.02 54.32 -3.80
N VAL D 163 43.73 53.99 -4.89
CA VAL D 163 43.46 52.81 -5.75
C VAL D 163 44.78 52.01 -5.77
N MET D 164 45.24 51.48 -6.90
CA MET D 164 46.52 50.72 -6.94
C MET D 164 47.67 51.60 -7.43
N ASN D 165 48.67 51.80 -6.56
CA ASN D 165 49.95 52.47 -6.84
C ASN D 165 51.07 51.46 -6.57
N THR D 166 51.70 50.90 -7.60
CA THR D 166 52.69 49.79 -7.45
C THR D 166 53.96 50.23 -6.71
N ASP D 167 54.12 51.53 -6.41
CA ASP D 167 55.29 52.00 -5.63
C ASP D 167 55.22 51.50 -4.18
N HIS D 168 54.03 51.24 -3.63
CA HIS D 168 53.86 50.92 -2.18
C HIS D 168 54.07 49.42 -1.93
N LYS D 169 55.31 48.95 -1.97
CA LYS D 169 55.71 47.56 -1.64
C LYS D 169 56.40 47.57 -0.28
N ALA D 170 56.08 46.61 0.58
CA ALA D 170 56.77 46.48 1.89
C ALA D 170 56.93 45.01 2.28
N TYR D 171 57.94 44.72 3.09
CA TYR D 171 58.11 43.45 3.83
C TYR D 171 57.50 43.63 5.23
N LEU D 172 56.63 42.69 5.63
CA LEU D 172 56.11 42.68 7.02
C LEU D 172 57.27 42.22 7.90
N ASP D 173 58.18 43.13 8.21
CA ASP D 173 59.50 42.83 8.81
C ASP D 173 59.59 43.45 10.19
N LYS D 174 58.48 43.99 10.72
CA LYS D 174 58.47 44.53 12.11
C LYS D 174 57.10 44.41 12.75
N ASN D 175 57.08 43.87 13.97
CA ASN D 175 55.85 43.72 14.81
C ASN D 175 55.37 45.10 15.25
N ASN D 176 54.04 45.30 15.30
CA ASN D 176 53.39 46.52 15.85
C ASN D 176 53.90 47.76 15.11
N ALA D 177 53.97 47.72 13.78
CA ALA D 177 54.55 48.83 12.97
C ALA D 177 53.71 49.13 11.72
N TYR D 178 53.21 48.11 11.02
CA TYR D 178 52.46 48.29 9.75
C TYR D 178 50.97 48.36 10.07
N PRO D 179 50.32 49.54 10.00
CA PRO D 179 48.90 49.64 10.30
C PRO D 179 48.11 48.73 9.37
N VAL D 180 47.18 47.98 9.93
CA VAL D 180 46.27 47.09 9.14
C VAL D 180 45.59 47.93 8.05
N GLU D 181 45.23 49.19 8.36
CA GLU D 181 44.39 50.01 7.46
C GLU D 181 45.18 50.43 6.22
N CYS D 182 46.51 50.31 6.19
CA CYS D 182 47.33 50.85 5.08
C CYS D 182 47.86 49.74 4.16
N TRP D 183 47.83 48.48 4.61
CA TRP D 183 48.57 47.38 3.93
C TRP D 183 47.68 46.17 3.71
N VAL D 184 47.84 45.53 2.57
CA VAL D 184 47.22 44.19 2.30
C VAL D 184 48.30 43.25 1.80
N PRO D 185 48.12 41.92 1.94
CA PRO D 185 49.03 40.97 1.32
C PRO D 185 49.06 41.28 -0.18
N ASP D 186 50.23 41.23 -0.78
CA ASP D 186 50.44 41.54 -2.22
C ASP D 186 50.30 40.26 -3.03
N PRO D 187 49.19 40.08 -3.77
CA PRO D 187 49.01 38.84 -4.55
C PRO D 187 49.93 38.78 -5.78
N SER D 188 50.60 39.88 -6.15
CA SER D 188 51.56 39.93 -7.28
C SER D 188 52.94 39.39 -6.84
N ARG D 189 53.12 39.03 -5.57
CA ARG D 189 54.39 38.50 -5.01
C ARG D 189 54.07 37.33 -4.07
N ASN D 190 54.84 37.12 -3.00
CA ASN D 190 54.60 36.04 -2.00
C ASN D 190 54.64 34.66 -2.67
N GLU D 191 55.61 34.46 -3.56
CA GLU D 191 55.92 33.13 -4.19
C GLU D 191 56.16 32.08 -3.11
N ASN D 192 56.72 32.48 -1.96
CA ASN D 192 57.18 31.55 -0.90
C ASN D 192 56.41 31.79 0.41
N THR D 193 55.16 32.24 0.30
CA THR D 193 54.25 32.47 1.45
C THR D 193 52.83 32.06 1.04
N ARG D 194 52.08 31.46 1.95
CA ARG D 194 50.61 31.27 1.81
C ARG D 194 49.92 32.25 2.77
N TYR D 195 48.93 33.00 2.28
CA TYR D 195 48.15 33.91 3.14
C TYR D 195 46.66 33.69 2.91
N PHE D 196 45.89 34.03 3.95
CA PHE D 196 44.41 33.88 3.99
C PHE D 196 43.86 35.02 4.85
N GLY D 197 42.87 35.73 4.32
CA GLY D 197 42.25 36.83 5.03
C GLY D 197 40.80 36.98 4.65
N THR D 198 39.99 37.38 5.61
CA THR D 198 38.59 37.81 5.38
C THR D 198 38.33 39.15 6.05
N PHE D 199 37.80 40.10 5.28
CA PHE D 199 37.32 41.41 5.78
C PHE D 199 35.80 41.38 5.72
N THR D 200 35.16 41.70 6.85
CA THR D 200 33.69 41.89 6.92
C THR D 200 33.41 43.27 7.50
N GLY D 201 32.87 44.19 6.70
CA GLY D 201 32.67 45.59 7.11
C GLY D 201 31.21 45.86 7.46
N GLY D 202 30.96 46.76 8.41
CA GLY D 202 29.61 47.22 8.74
C GLY D 202 29.47 47.55 10.21
N GLU D 203 28.58 48.49 10.56
CA GLU D 203 28.29 48.89 11.97
C GLU D 203 27.93 47.67 12.82
N ASN D 204 27.05 46.80 12.32
CA ASN D 204 26.40 45.76 13.15
C ASN D 204 26.84 44.35 12.74
N VAL D 205 27.98 44.20 12.07
CA VAL D 205 28.47 42.86 11.66
C VAL D 205 28.65 42.05 12.93
N PRO D 206 27.96 40.90 13.06
CA PRO D 206 28.25 39.98 14.15
C PRO D 206 29.56 39.26 13.89
N PRO D 207 30.50 39.22 14.87
CA PRO D 207 31.69 38.38 14.76
C PRO D 207 31.28 36.91 14.77
N VAL D 208 31.82 36.12 13.86
CA VAL D 208 31.57 34.65 13.78
C VAL D 208 32.93 33.95 13.78
N LEU D 209 33.25 33.24 14.85
CA LEU D 209 34.55 32.55 14.99
C LEU D 209 34.30 31.09 15.38
N HIS D 210 35.02 30.20 14.71
CA HIS D 210 34.96 28.74 14.91
C HIS D 210 36.27 28.30 15.56
N VAL D 211 36.21 27.38 16.49
CA VAL D 211 37.42 26.70 17.05
C VAL D 211 37.23 25.19 16.88
N THR D 212 38.29 24.48 16.54
CA THR D 212 38.36 23.01 16.49
C THR D 212 39.82 22.60 16.33
N ASN D 213 40.22 21.51 16.98
CA ASN D 213 41.59 20.95 16.83
C ASN D 213 41.55 19.85 15.75
N THR D 214 40.52 19.81 14.89
CA THR D 214 40.38 18.79 13.82
C THR D 214 40.69 19.38 12.44
N ALA D 215 40.79 20.71 12.30
CA ALA D 215 41.00 21.38 10.99
C ALA D 215 42.50 21.60 10.74
N THR D 216 42.94 21.35 9.52
CA THR D 216 44.34 21.59 9.06
C THR D 216 44.30 22.27 7.69
N THR D 217 45.23 23.17 7.41
CA THR D 217 45.35 23.83 6.09
C THR D 217 46.65 23.36 5.42
N VAL D 218 46.54 22.75 4.25
CA VAL D 218 47.73 22.28 3.49
C VAL D 218 48.40 23.52 2.89
N LEU D 219 49.72 23.61 2.95
CA LEU D 219 50.48 24.77 2.44
C LEU D 219 51.15 24.43 1.10
N LEU D 220 51.09 23.19 0.65
CA LEU D 220 51.68 22.76 -0.65
C LEU D 220 50.99 23.52 -1.79
N ASP D 221 51.75 23.85 -2.83
CA ASP D 221 51.28 24.57 -4.05
C ASP D 221 50.86 23.54 -5.11
N GLU D 222 50.56 24.00 -6.34
CA GLU D 222 50.08 23.15 -7.46
C GLU D 222 51.14 22.08 -7.77
N GLN D 223 52.43 22.38 -7.56
CA GLN D 223 53.57 21.43 -7.80
C GLN D 223 53.87 20.59 -6.55
N GLY D 224 53.09 20.71 -5.46
CA GLY D 224 53.29 19.94 -4.22
C GLY D 224 54.44 20.45 -3.36
N VAL D 225 54.75 21.74 -3.45
CA VAL D 225 55.88 22.38 -2.70
C VAL D 225 55.32 23.42 -1.75
N GLY D 226 55.61 23.26 -0.46
CA GLY D 226 55.25 24.25 0.57
C GLY D 226 56.28 25.37 0.63
N PRO D 227 56.04 26.42 1.42
CA PRO D 227 57.05 27.43 1.69
C PRO D 227 58.40 26.81 2.08
N LEU D 228 59.49 27.28 1.47
CA LEU D 228 60.87 26.82 1.76
C LEU D 228 61.56 27.87 2.61
N CYS D 229 61.95 27.50 3.80
CA CYS D 229 62.43 28.46 4.82
C CYS D 229 63.86 28.91 4.52
N LYS D 230 64.00 30.16 4.09
CA LYS D 230 65.30 30.75 3.74
C LYS D 230 65.95 31.22 5.04
N ALA D 231 67.28 31.09 5.15
CA ALA D 231 68.02 31.41 6.38
C ALA D 231 67.42 30.61 7.54
N ASP D 232 67.03 29.36 7.28
CA ASP D 232 66.40 28.48 8.29
C ASP D 232 65.45 29.33 9.13
N SER D 233 64.51 30.02 8.48
CA SER D 233 63.62 30.96 9.21
C SER D 233 62.18 30.79 8.76
N LEU D 234 61.27 30.60 9.71
CA LEU D 234 59.82 30.51 9.43
C LEU D 234 59.22 31.85 9.81
N TYR D 235 58.41 32.44 8.92
CA TYR D 235 57.70 33.71 9.21
C TYR D 235 56.22 33.42 9.42
N VAL D 236 55.66 33.90 10.54
CA VAL D 236 54.19 33.89 10.79
C VAL D 236 53.72 35.33 10.97
N SER D 237 52.54 35.61 10.43
CA SER D 237 51.90 36.95 10.41
C SER D 237 50.40 36.80 10.68
N ALA D 238 49.77 37.80 11.29
CA ALA D 238 48.33 37.72 11.61
C ALA D 238 47.77 39.10 11.90
N ALA D 239 46.50 39.28 11.62
CA ALA D 239 45.68 40.39 12.13
C ALA D 239 44.31 39.80 12.48
N ASP D 240 43.87 39.96 13.73
CA ASP D 240 42.53 39.48 14.17
C ASP D 240 41.81 40.60 14.91
N ILE D 241 41.34 41.60 14.17
CA ILE D 241 40.41 42.64 14.70
C ILE D 241 39.02 42.00 14.79
N CYS D 242 38.46 41.88 15.99
CA CYS D 242 37.19 41.14 16.20
C CYS D 242 35.98 42.06 16.05
N GLY D 243 36.17 43.38 16.13
CA GLY D 243 35.08 44.38 16.05
C GLY D 243 35.27 45.49 17.05
N LEU D 244 34.26 46.35 17.21
CA LEU D 244 34.34 47.52 18.09
C LEU D 244 33.66 47.23 19.42
N PHE D 245 34.28 47.68 20.50
CA PHE D 245 33.76 47.66 21.88
C PHE D 245 33.20 49.05 22.15
N THR D 246 31.92 49.15 22.53
CA THR D 246 31.27 50.45 22.82
C THR D 246 31.22 50.65 24.33
N ASN D 247 31.94 51.67 24.83
CA ASN D 247 31.92 52.08 26.26
C ASN D 247 30.56 52.73 26.59
N SER D 248 30.26 52.82 27.88
CA SER D 248 29.09 53.55 28.45
C SER D 248 28.98 54.94 27.82
N SER D 249 30.10 55.65 27.66
CA SER D 249 30.19 57.02 27.07
C SER D 249 29.65 57.04 25.63
N GLY D 250 29.74 55.92 24.91
CA GLY D 250 29.42 55.83 23.47
C GLY D 250 30.68 55.78 22.62
N THR D 251 31.86 55.94 23.22
CA THR D 251 33.15 55.82 22.50
C THR D 251 33.38 54.36 22.09
N GLN D 252 34.17 54.16 21.04
CA GLN D 252 34.35 52.82 20.44
C GLN D 252 35.84 52.50 20.32
N GLN D 253 36.19 51.26 20.63
CA GLN D 253 37.60 50.80 20.58
C GLN D 253 37.64 49.46 19.82
N TRP D 254 38.69 49.25 19.05
CA TRP D 254 38.92 47.93 18.43
C TRP D 254 39.24 46.94 19.53
N ARG D 255 38.81 45.70 19.37
CA ARG D 255 39.18 44.57 20.24
C ARG D 255 39.83 43.51 19.36
N GLY D 256 40.98 43.01 19.78
CA GLY D 256 41.71 41.95 19.07
C GLY D 256 41.96 40.75 19.95
N LEU D 257 42.30 39.64 19.32
CA LEU D 257 42.65 38.38 20.01
C LEU D 257 43.90 37.81 19.36
N ALA D 258 44.66 37.05 20.14
CA ALA D 258 45.90 36.38 19.70
C ALA D 258 45.54 35.27 18.71
N ARG D 259 46.52 34.83 17.91
CA ARG D 259 46.34 33.69 17.01
C ARG D 259 47.41 32.63 17.31
N TYR D 260 46.99 31.38 17.43
CA TYR D 260 47.87 30.21 17.67
C TYR D 260 48.18 29.56 16.32
N PHE D 261 49.41 29.13 16.13
CA PHE D 261 49.86 28.40 14.94
C PHE D 261 50.53 27.10 15.40
N LYS D 262 50.20 25.98 14.75
CA LYS D 262 51.02 24.75 14.77
C LYS D 262 51.40 24.39 13.34
N ILE D 263 52.68 24.42 13.01
CA ILE D 263 53.16 24.28 11.60
C ILE D 263 54.05 23.02 11.50
N ARG D 264 53.68 22.11 10.63
CA ARG D 264 54.44 20.87 10.35
C ARG D 264 55.39 21.17 9.20
N LEU D 265 56.68 20.94 9.43
CA LEU D 265 57.74 21.12 8.41
C LEU D 265 58.44 19.78 8.14
N ARG D 266 58.96 19.64 6.92
CA ARG D 266 59.78 18.47 6.54
C ARG D 266 61.06 18.98 5.86
N LYS D 267 62.08 18.12 5.88
CA LYS D 267 63.38 18.36 5.20
C LYS D 267 63.14 18.16 3.70
N ARG D 268 63.61 19.11 2.89
CA ARG D 268 63.46 19.09 1.42
C ARG D 268 64.85 19.35 0.82
N SER D 269 65.24 18.53 -0.16
CA SER D 269 66.54 18.66 -0.87
C SER D 269 66.42 19.69 -1.99
N VAL D 270 67.45 20.51 -2.16
CA VAL D 270 67.49 21.61 -3.16
C VAL D 270 68.93 21.73 -3.70
N LYS D 271 69.10 22.30 -4.89
CA LYS D 271 70.43 22.37 -5.58
C LYS D 271 71.20 23.62 -5.15
N ASN D 272 72.54 23.49 -5.04
CA ASN D 272 73.59 24.50 -4.70
C ASN D 272 74.47 23.93 -3.59
N ALA E 18 33.62 -6.19 21.35
CA ALA E 18 34.32 -5.34 20.33
C ALA E 18 33.90 -3.87 20.48
N ILE E 19 32.62 -3.57 20.25
CA ILE E 19 32.11 -2.18 20.08
C ILE E 19 31.02 -1.90 21.11
N THR E 20 30.88 -0.64 21.52
CA THR E 20 29.90 -0.19 22.54
C THR E 20 29.43 1.22 22.18
N GLU E 21 28.21 1.55 22.57
CA GLU E 21 27.66 2.93 22.52
C GLU E 21 27.52 3.41 23.96
N VAL E 22 27.82 4.67 24.22
CA VAL E 22 27.41 5.35 25.48
C VAL E 22 26.62 6.59 25.08
N GLU E 23 25.54 6.83 25.81
CA GLU E 23 24.57 7.93 25.60
C GLU E 23 24.69 8.83 26.82
N CYS E 24 24.47 10.12 26.64
CA CYS E 24 24.47 11.07 27.77
C CYS E 24 23.71 12.32 27.36
N PHE E 25 22.88 12.86 28.24
CA PHE E 25 22.38 14.26 28.18
C PHE E 25 23.11 15.10 29.22
N LEU E 26 23.79 16.17 28.82
CA LEU E 26 24.60 17.03 29.70
C LEU E 26 23.81 18.33 29.89
N ASN E 27 23.31 18.58 31.10
CA ASN E 27 22.46 19.78 31.37
C ASN E 27 23.32 21.03 31.37
N PRO E 28 22.78 22.20 30.94
CA PRO E 28 23.56 23.43 30.90
C PRO E 28 23.71 24.05 32.30
N GLU E 29 24.72 24.90 32.42
CA GLU E 29 25.04 25.62 33.69
C GLU E 29 25.09 27.12 33.37
N MET E 30 23.92 27.71 33.27
CA MET E 30 23.77 29.12 32.82
C MET E 30 23.78 30.06 34.03
N GLY E 31 23.76 29.52 35.25
CA GLY E 31 23.77 30.30 36.51
C GLY E 31 22.68 29.87 37.47
N ASP E 32 21.47 29.61 36.97
CA ASP E 32 20.34 29.06 37.76
C ASP E 32 20.07 30.01 38.93
N PRO E 33 19.56 31.24 38.68
CA PRO E 33 19.37 32.23 39.72
C PRO E 33 18.36 31.80 40.80
N ASP E 34 17.50 30.83 40.49
CA ASP E 34 16.60 30.17 41.47
C ASP E 34 16.03 28.93 40.76
N GLU E 35 15.39 28.02 41.50
CA GLU E 35 14.86 26.77 40.92
C GLU E 35 13.99 27.07 39.69
N ASN E 36 13.07 28.02 39.80
CA ASN E 36 12.05 28.30 38.75
C ASN E 36 12.67 28.91 37.47
N LEU E 37 13.92 29.36 37.52
CA LEU E 37 14.60 29.91 36.34
C LEU E 37 15.86 29.08 36.04
N ARG E 38 15.74 27.76 36.13
CA ARG E 38 16.80 26.82 35.73
C ARG E 38 16.91 26.79 34.20
N GLY E 39 18.12 26.88 33.67
CA GLY E 39 18.34 27.00 32.23
C GLY E 39 18.67 28.42 31.89
N PHE E 40 18.53 29.30 32.87
CA PHE E 40 18.73 30.74 32.67
C PHE E 40 19.81 31.26 33.60
N SER E 41 20.37 32.43 33.27
CA SER E 41 21.31 33.14 34.15
C SER E 41 20.52 34.17 34.94
N LEU E 42 21.13 34.68 36.00
CA LEU E 42 20.67 35.91 36.67
C LEU E 42 20.66 37.03 35.65
N LYS E 43 19.87 38.07 35.93
CA LYS E 43 19.84 39.27 35.07
C LYS E 43 21.26 39.82 34.95
N LEU E 44 21.55 40.38 33.80
CA LEU E 44 22.91 40.87 33.49
C LEU E 44 23.09 42.31 33.96
N SER E 45 24.28 42.62 34.45
CA SER E 45 24.69 43.99 34.83
C SER E 45 25.18 44.71 33.60
N ALA E 46 25.45 46.02 33.72
CA ALA E 46 26.07 46.78 32.60
C ALA E 46 26.73 48.05 33.13
N GLU E 47 27.67 48.57 32.33
CA GLU E 47 28.32 49.89 32.57
C GLU E 47 29.17 49.84 33.86
N ASN E 48 29.52 48.64 34.35
CA ASN E 48 30.44 48.52 35.51
C ASN E 48 31.85 48.86 35.03
N ASP E 49 32.58 49.66 35.79
CA ASP E 49 33.96 50.04 35.41
C ASP E 49 34.84 48.79 35.50
N PHE E 50 35.78 48.64 34.58
CA PHE E 50 36.71 47.50 34.60
C PHE E 50 37.31 47.38 36.00
N SER E 51 37.51 48.52 36.67
CA SER E 51 38.21 48.58 37.98
C SER E 51 37.32 48.10 39.14
N SER E 52 35.99 48.03 39.00
CA SER E 52 35.08 47.55 40.08
C SER E 52 33.95 46.69 39.51
N ASP E 53 34.31 45.49 39.07
CA ASP E 53 33.35 44.53 38.47
C ASP E 53 33.42 43.25 39.27
N SER E 54 32.43 43.05 40.13
CA SER E 54 32.28 41.76 40.83
C SER E 54 30.99 41.12 40.34
N PRO E 55 31.00 40.36 39.23
CA PRO E 55 29.81 39.65 38.77
C PRO E 55 29.30 38.60 39.77
N GLU E 56 27.98 38.48 39.88
CA GLU E 56 27.36 37.43 40.72
C GLU E 56 27.58 36.09 40.03
N ARG E 57 27.76 35.02 40.82
CA ARG E 57 28.02 33.67 40.27
C ARG E 57 26.88 33.22 39.37
N LYS E 58 25.63 33.56 39.72
CA LYS E 58 24.44 33.09 38.98
C LYS E 58 24.28 33.87 37.66
N MET E 59 25.02 34.95 37.45
CA MET E 59 25.02 35.75 36.19
C MET E 59 25.95 35.13 35.17
N LEU E 60 26.79 34.18 35.60
CA LEU E 60 27.86 33.69 34.69
C LEU E 60 27.59 32.25 34.24
N PRO E 61 27.40 32.02 32.92
CA PRO E 61 27.40 30.65 32.40
C PRO E 61 28.79 29.99 32.56
N CYS E 62 28.76 28.69 32.84
CA CYS E 62 29.96 27.83 32.97
C CYS E 62 29.88 26.65 32.01
N TYR E 63 31.04 26.07 31.71
CA TYR E 63 31.15 24.84 30.90
C TYR E 63 30.50 23.70 31.68
N SER E 64 29.77 22.85 30.97
CA SER E 64 29.24 21.57 31.48
C SER E 64 30.26 20.48 31.18
N THR E 65 30.49 19.58 32.13
CA THR E 65 31.33 18.38 31.86
C THR E 65 30.82 17.21 32.67
N ALA E 66 31.13 16.01 32.20
CA ALA E 66 30.87 14.76 32.95
C ALA E 66 31.88 13.72 32.50
N ARG E 67 32.23 12.84 33.43
CA ARG E 67 33.13 11.70 33.22
C ARG E 67 32.26 10.44 33.21
N ILE E 68 32.13 9.77 32.05
CA ILE E 68 31.33 8.53 31.91
C ILE E 68 32.23 7.34 32.17
N PRO E 69 31.97 6.50 33.20
CA PRO E 69 32.73 5.28 33.41
C PRO E 69 32.44 4.25 32.30
N LEU E 70 33.48 3.59 31.82
CA LEU E 70 33.34 2.65 30.69
C LEU E 70 33.61 1.24 31.22
N PRO E 71 33.15 0.18 30.50
CA PRO E 71 33.40 -1.20 30.89
C PRO E 71 34.86 -1.50 31.24
N ASN E 72 35.13 -1.76 32.52
CA ASN E 72 36.50 -2.07 33.02
C ASN E 72 37.01 -3.28 32.23
N LEU E 73 38.10 -3.09 31.49
CA LEU E 73 38.73 -4.21 30.75
C LEU E 73 39.99 -4.61 31.51
N ASN E 74 40.73 -5.61 31.02
CA ASN E 74 42.04 -6.01 31.63
C ASN E 74 41.78 -6.53 33.05
N ASN E 81 49.42 -4.77 24.38
CA ASN E 81 48.81 -6.01 24.94
C ASN E 81 47.62 -5.66 25.84
N LEU E 82 47.72 -4.58 26.60
CA LEU E 82 46.54 -3.99 27.30
C LEU E 82 45.56 -3.46 26.25
N LEU E 83 44.26 -3.46 26.60
CA LEU E 83 43.16 -2.93 25.76
C LEU E 83 42.71 -1.57 26.30
N MET E 84 42.33 -0.67 25.42
CA MET E 84 41.74 0.65 25.79
C MET E 84 40.54 0.96 24.91
N TRP E 85 39.56 1.64 25.50
CA TRP E 85 38.38 2.12 24.75
C TRP E 85 38.81 3.26 23.83
N GLU E 86 38.52 3.12 22.53
CA GLU E 86 38.81 4.15 21.51
C GLU E 86 37.47 4.72 21.00
N ALA E 87 37.23 6.01 21.26
CA ALA E 87 36.03 6.73 20.79
C ALA E 87 36.16 6.97 19.29
N VAL E 88 35.22 6.51 18.48
CA VAL E 88 35.37 6.48 17.00
C VAL E 88 34.42 7.50 16.35
N THR E 89 33.19 7.62 16.85
CA THR E 89 32.23 8.63 16.32
C THR E 89 31.44 9.25 17.47
N VAL E 90 30.83 10.39 17.20
CA VAL E 90 29.88 11.06 18.15
C VAL E 90 28.70 11.58 17.35
N GLN E 91 27.50 11.38 17.88
CA GLN E 91 26.26 12.10 17.44
C GLN E 91 25.91 13.05 18.57
N THR E 92 25.67 14.31 18.26
CA THR E 92 25.34 15.30 19.31
C THR E 92 24.34 16.30 18.74
N GLU E 93 23.36 16.68 19.54
CA GLU E 93 22.52 17.86 19.20
C GLU E 93 22.06 18.54 20.48
N VAL E 94 21.63 19.78 20.31
CA VAL E 94 21.06 20.63 21.39
C VAL E 94 19.59 20.23 21.55
N ILE E 95 19.14 20.12 22.80
CA ILE E 95 17.82 19.52 23.14
C ILE E 95 16.88 20.64 23.64
N GLY E 96 15.70 20.72 23.06
CA GLY E 96 14.64 21.69 23.44
C GLY E 96 14.71 22.97 22.62
N ILE E 97 15.24 22.92 21.40
CA ILE E 97 15.39 24.15 20.56
C ILE E 97 14.01 24.79 20.36
N THR E 98 12.95 23.99 20.24
CA THR E 98 11.59 24.52 19.98
C THR E 98 11.04 25.27 21.20
N SER E 99 11.66 25.15 22.38
CA SER E 99 11.12 25.79 23.61
C SER E 99 11.15 27.32 23.46
N MET E 100 11.88 27.84 22.48
CA MET E 100 12.00 29.29 22.21
C MET E 100 10.77 29.82 21.45
N LEU E 101 9.83 28.95 21.05
CA LEU E 101 8.57 29.37 20.37
C LEU E 101 7.52 29.79 21.39
N ASN E 102 7.85 29.72 22.68
CA ASN E 102 7.02 30.33 23.75
C ASN E 102 7.34 31.82 23.81
N LEU E 103 6.51 32.66 23.17
CA LEU E 103 6.62 34.14 23.22
C LEU E 103 5.49 34.71 24.07
N HIS E 104 4.75 33.86 24.80
CA HIS E 104 3.54 34.31 25.54
C HIS E 104 3.88 34.59 27.01
N ALA E 105 4.99 34.07 27.53
CA ALA E 105 5.37 34.23 28.96
C ALA E 105 6.73 34.91 29.11
N GLY E 106 6.81 35.89 30.02
CA GLY E 106 8.05 36.51 30.53
C GLY E 106 8.69 37.50 29.58
N SER E 107 8.68 37.27 28.25
CA SER E 107 9.37 38.13 27.25
C SER E 107 8.64 39.48 27.11
N GLN E 108 9.41 40.56 27.02
CA GLN E 108 8.92 41.93 26.67
C GLN E 108 8.29 41.90 25.27
N LYS E 109 7.11 42.52 25.13
CA LYS E 109 6.37 42.65 23.84
C LYS E 109 7.28 43.38 22.85
N VAL E 110 7.33 42.89 21.61
CA VAL E 110 8.13 43.52 20.50
C VAL E 110 7.60 44.92 20.19
N HIS E 111 6.30 45.14 20.40
CA HIS E 111 5.62 46.46 20.24
C HIS E 111 4.21 46.36 20.86
N GLU E 112 3.45 47.46 20.89
CA GLU E 112 2.11 47.45 21.53
C GLU E 112 1.23 46.42 20.78
N HIS E 113 0.52 45.60 21.55
CA HIS E 113 -0.42 44.54 21.10
C HIS E 113 0.36 43.35 20.49
N GLY E 114 1.69 43.39 20.49
CA GLY E 114 2.51 42.37 19.82
C GLY E 114 2.81 41.22 20.75
N GLY E 115 3.39 40.13 20.22
CA GLY E 115 3.93 38.99 20.98
C GLY E 115 5.24 39.33 21.66
N GLY E 116 5.71 38.42 22.51
CA GLY E 116 6.99 38.57 23.24
C GLY E 116 8.20 38.55 22.31
N LYS E 117 9.32 39.13 22.75
CA LYS E 117 10.58 39.15 21.96
C LYS E 117 11.21 37.76 21.99
N PRO E 118 11.53 37.16 20.82
CA PRO E 118 12.31 35.92 20.80
C PRO E 118 13.68 36.10 21.47
N ILE E 119 14.17 35.04 22.08
CA ILE E 119 15.58 34.92 22.54
C ILE E 119 16.47 35.19 21.33
N GLN E 120 17.43 36.07 21.51
CA GLN E 120 18.39 36.41 20.43
C GLN E 120 19.63 37.05 21.06
N GLY E 121 20.67 37.20 20.24
CA GLY E 121 21.92 37.85 20.68
C GLY E 121 23.07 36.86 20.74
N SER E 122 24.17 37.31 21.30
CA SER E 122 25.44 36.54 21.35
C SER E 122 25.13 35.10 21.74
N ASN E 123 25.74 34.14 21.07
CA ASN E 123 25.60 32.71 21.47
C ASN E 123 26.92 31.98 21.24
N PHE E 124 27.04 30.83 21.88
CA PHE E 124 28.25 29.99 21.86
C PHE E 124 27.77 28.55 21.94
N HIS E 125 28.20 27.73 21.00
CA HIS E 125 27.83 26.31 20.90
C HIS E 125 29.14 25.53 20.80
N PHE E 126 29.36 24.67 21.78
CA PHE E 126 30.66 23.96 21.90
C PHE E 126 30.41 22.57 22.48
N PHE E 127 31.17 21.60 21.99
CA PHE E 127 31.21 20.27 22.63
C PHE E 127 32.58 19.67 22.40
N ALA E 128 32.93 18.71 23.25
CA ALA E 128 34.20 17.95 23.16
C ALA E 128 34.00 16.52 23.69
N VAL E 129 34.75 15.61 23.09
CA VAL E 129 34.86 14.19 23.52
C VAL E 129 36.36 13.89 23.65
N GLY E 130 36.75 13.23 24.74
CA GLY E 130 38.18 12.93 24.96
C GLY E 130 38.36 11.81 25.94
N GLY E 131 39.55 11.21 25.90
CA GLY E 131 39.98 10.22 26.89
C GLY E 131 40.57 10.88 28.14
N ASP E 132 40.57 12.21 28.19
CA ASP E 132 41.02 12.97 29.40
C ASP E 132 40.20 14.24 29.52
N PRO E 133 40.24 14.92 30.69
CA PRO E 133 39.56 16.20 30.85
C PRO E 133 39.99 17.15 29.73
N LEU E 134 39.02 17.85 29.15
CA LEU E 134 39.27 18.94 28.20
C LEU E 134 40.30 19.91 28.79
N GLU E 135 41.32 20.25 28.00
CA GLU E 135 42.37 21.22 28.38
C GLU E 135 41.99 22.61 27.84
N MET E 136 42.09 23.61 28.71
CA MET E 136 41.56 24.96 28.41
C MET E 136 42.63 26.03 28.66
N GLN E 137 42.48 27.13 27.92
CA GLN E 137 43.35 28.33 27.99
C GLN E 137 42.50 29.51 28.47
N GLY E 138 43.06 30.31 29.38
CA GLY E 138 42.38 31.47 29.96
C GLY E 138 42.61 32.73 29.14
N VAL E 139 41.53 33.48 28.90
CA VAL E 139 41.60 34.82 28.25
C VAL E 139 40.43 35.63 28.81
N LEU E 140 40.69 36.88 29.20
CA LEU E 140 39.66 37.73 29.85
C LEU E 140 39.42 38.98 29.01
N MET E 141 38.17 39.42 28.94
CA MET E 141 37.82 40.77 28.45
C MET E 141 38.53 41.79 29.35
N ASN E 142 38.52 41.54 30.66
CA ASN E 142 38.97 42.51 31.69
C ASN E 142 39.70 41.74 32.79
N TYR E 143 41.02 41.84 32.85
CA TYR E 143 41.87 41.03 33.77
C TYR E 143 41.55 41.42 35.21
N ARG E 144 40.98 42.62 35.43
CA ARG E 144 40.74 43.15 36.78
C ARG E 144 39.38 42.69 37.28
N THR E 145 38.62 41.98 36.46
CA THR E 145 37.31 41.43 36.91
C THR E 145 37.51 40.63 38.19
N LYS E 146 36.68 40.90 39.17
CA LYS E 146 36.71 40.13 40.44
C LYS E 146 35.72 38.97 40.32
N TYR E 147 36.22 37.78 39.99
CA TYR E 147 35.35 36.60 39.78
C TYR E 147 34.91 36.03 41.12
N PRO E 148 33.67 35.50 41.21
CA PRO E 148 33.10 35.06 42.48
C PRO E 148 33.64 33.73 43.01
N ASP E 149 33.76 33.63 44.33
CA ASP E 149 34.18 32.39 45.02
C ASP E 149 33.21 31.29 44.61
N GLY E 150 33.76 30.12 44.31
CA GLY E 150 33.00 28.98 43.76
C GLY E 150 33.31 28.77 42.29
N THR E 151 33.79 29.80 41.60
CA THR E 151 34.25 29.68 40.20
C THR E 151 35.75 29.51 40.16
N ILE E 152 36.25 28.95 39.08
CA ILE E 152 37.71 28.74 38.85
C ILE E 152 38.08 29.56 37.62
N THR E 153 38.84 30.62 37.81
CA THR E 153 39.19 31.60 36.75
C THR E 153 40.69 31.75 36.72
N PRO E 154 41.27 32.35 35.64
CA PRO E 154 42.70 32.64 35.60
C PRO E 154 43.31 33.18 36.91
N LYS E 155 44.43 32.63 37.32
CA LYS E 155 45.07 32.92 38.63
C LYS E 155 46.18 33.96 38.45
N ASN E 156 46.20 34.93 39.36
CA ASN E 156 47.08 36.12 39.33
C ASN E 156 47.13 36.67 37.92
N PRO E 157 45.96 37.06 37.35
CA PRO E 157 45.90 37.57 35.99
C PRO E 157 46.53 38.96 35.87
N THR E 158 47.08 39.25 34.70
CA THR E 158 47.73 40.53 34.35
C THR E 158 47.07 41.08 33.08
N ALA E 159 47.48 42.27 32.64
CA ALA E 159 47.02 42.82 31.35
C ALA E 159 47.30 41.80 30.25
N GLN E 160 48.33 40.96 30.40
CA GLN E 160 48.66 39.92 29.38
C GLN E 160 47.50 38.91 29.31
N SER E 161 46.69 38.83 30.36
CA SER E 161 45.53 37.91 30.42
C SER E 161 44.43 38.36 29.45
N GLN E 162 44.44 39.62 28.96
CA GLN E 162 43.44 40.15 27.98
C GLN E 162 43.84 39.75 26.55
N VAL E 163 45.04 39.22 26.37
CA VAL E 163 45.50 38.56 25.11
C VAL E 163 45.91 37.14 25.50
N MET E 164 46.99 36.57 24.96
CA MET E 164 47.39 35.21 25.38
C MET E 164 48.51 35.23 26.42
N ASN E 165 48.24 34.69 27.60
CA ASN E 165 49.17 34.46 28.72
C ASN E 165 49.22 32.95 28.98
N THR E 166 50.28 32.24 28.61
CA THR E 166 50.32 30.76 28.63
C THR E 166 50.26 30.23 30.07
N ASP E 167 50.30 31.08 31.09
CA ASP E 167 50.20 30.62 32.50
C ASP E 167 48.80 30.10 32.80
N HIS E 168 47.76 30.58 32.09
CA HIS E 168 46.35 30.24 32.36
C HIS E 168 45.98 28.93 31.65
N LYS E 169 46.41 27.80 32.20
CA LYS E 169 46.04 26.43 31.76
C LYS E 169 45.07 25.85 32.79
N ALA E 170 44.04 25.13 32.35
CA ALA E 170 43.14 24.43 33.28
C ALA E 170 42.62 23.14 32.64
N TYR E 171 42.30 22.16 33.50
CA TYR E 171 41.53 20.94 33.15
C TYR E 171 40.06 21.23 33.44
N LEU E 172 39.18 20.99 32.47
CA LEU E 172 37.71 21.06 32.71
C LEU E 172 37.34 19.85 33.56
N ASP E 173 37.63 19.96 34.86
CA ASP E 173 37.61 18.83 35.82
C ASP E 173 36.51 19.05 36.87
N LYS E 174 35.65 20.04 36.67
CA LYS E 174 34.48 20.25 37.57
C LYS E 174 33.34 20.93 36.81
N ASN E 175 32.15 20.36 36.94
CA ASN E 175 30.91 20.91 36.37
C ASN E 175 30.53 22.21 37.09
N ASN E 176 29.94 23.18 36.38
CA ASN E 176 29.38 24.44 36.94
C ASN E 176 30.45 25.20 37.73
N ALA E 177 31.66 25.33 37.19
CA ALA E 177 32.82 25.93 37.91
C ALA E 177 33.60 26.90 37.02
N TYR E 178 33.87 26.53 35.76
CA TYR E 178 34.72 27.31 34.84
C TYR E 178 33.83 28.22 34.01
N PRO E 179 33.81 29.55 34.28
CA PRO E 179 32.94 30.45 33.52
C PRO E 179 33.31 30.41 32.03
N VAL E 180 32.30 30.30 31.17
CA VAL E 180 32.50 30.27 29.70
C VAL E 180 33.32 31.50 29.31
N GLU E 181 33.09 32.63 29.97
CA GLU E 181 33.65 33.94 29.56
C GLU E 181 35.17 33.99 29.83
N CYS E 182 35.74 33.06 30.60
CA CYS E 182 37.16 33.12 31.01
C CYS E 182 38.01 32.08 30.29
N TRP E 183 37.39 31.07 29.69
CA TRP E 183 38.12 29.87 29.20
C TRP E 183 37.76 29.55 27.75
N VAL E 184 38.73 29.11 26.98
CA VAL E 184 38.50 28.48 25.64
C VAL E 184 39.21 27.15 25.59
N PRO E 185 38.79 26.20 24.73
CA PRO E 185 39.57 24.99 24.49
C PRO E 185 40.99 25.42 24.07
N ASP E 186 42.00 24.73 24.58
CA ASP E 186 43.43 25.05 24.31
C ASP E 186 43.87 24.27 23.08
N PRO E 187 44.08 24.92 21.91
CA PRO E 187 44.53 24.19 20.72
C PRO E 187 45.99 23.73 20.80
N SER E 188 46.75 24.21 21.80
CA SER E 188 48.17 23.83 22.00
C SER E 188 48.25 22.53 22.81
N ARG E 189 47.11 21.97 23.22
CA ARG E 189 47.05 20.70 24.00
C ARG E 189 45.90 19.85 23.45
N ASN E 190 45.21 19.08 24.28
CA ASN E 190 44.09 18.21 23.85
C ASN E 190 44.54 17.19 22.79
N GLU E 191 45.71 16.59 22.95
CA GLU E 191 46.22 15.45 22.12
C GLU E 191 45.17 14.31 22.07
N ASN E 192 44.42 14.12 23.16
CA ASN E 192 43.50 12.97 23.32
C ASN E 192 42.05 13.42 23.43
N THR E 193 41.71 14.57 22.82
CA THR E 193 40.34 15.15 22.83
C THR E 193 40.08 15.78 21.46
N ARG E 194 38.85 15.63 20.94
CA ARG E 194 38.37 16.42 19.80
C ARG E 194 37.35 17.45 20.30
N TYR E 195 37.51 18.72 19.91
CA TYR E 195 36.56 19.77 20.31
C TYR E 195 36.11 20.54 19.06
N PHE E 196 34.94 21.16 19.18
CA PHE E 196 34.29 21.98 18.13
C PHE E 196 33.45 23.05 18.81
N GLY E 197 33.65 24.30 18.39
CA GLY E 197 32.90 25.43 18.95
C GLY E 197 32.67 26.51 17.93
N THR E 198 31.52 27.18 18.04
CA THR E 198 31.22 28.40 17.27
C THR E 198 30.71 29.50 18.20
N PHE E 199 31.32 30.66 18.10
CA PHE E 199 30.86 31.89 18.79
C PHE E 199 30.26 32.81 17.73
N THR E 200 29.05 33.30 17.98
CA THR E 200 28.38 34.32 17.15
C THR E 200 27.96 35.46 18.07
N GLY E 201 28.58 36.63 17.93
CA GLY E 201 28.32 37.77 18.83
C GLY E 201 27.43 38.83 18.18
N GLY E 202 26.63 39.53 18.97
CA GLY E 202 25.85 40.68 18.50
C GLY E 202 24.51 40.78 19.22
N GLU E 203 23.93 41.98 19.29
CA GLU E 203 22.62 42.24 19.92
C GLU E 203 21.53 41.35 19.29
N ASN E 204 21.48 41.27 17.97
CA ASN E 204 20.29 40.72 17.25
C ASN E 204 20.61 39.41 16.55
N VAL E 205 21.71 38.74 16.90
CA VAL E 205 22.08 37.46 16.24
C VAL E 205 20.92 36.49 16.41
N PRO E 206 20.30 36.00 15.32
CA PRO E 206 19.30 34.94 15.44
C PRO E 206 19.98 33.61 15.76
N PRO E 207 19.51 32.87 16.80
CA PRO E 207 19.98 31.51 17.04
C PRO E 207 19.58 30.63 15.86
N VAL E 208 20.52 29.82 15.36
CA VAL E 208 20.28 28.86 14.26
C VAL E 208 20.73 27.47 14.74
N LEU E 209 19.79 26.55 14.97
CA LEU E 209 20.12 25.20 15.50
C LEU E 209 19.50 24.12 14.64
N HIS E 210 20.29 23.10 14.33
CA HIS E 210 19.91 21.96 13.47
C HIS E 210 19.75 20.71 14.33
N VAL E 211 18.73 19.90 14.05
CA VAL E 211 18.61 18.53 14.61
C VAL E 211 18.50 17.53 13.46
N THR E 212 19.14 16.38 13.60
CA THR E 212 18.95 15.18 12.75
C THR E 212 19.63 13.99 13.41
N ASN E 213 19.02 12.82 13.35
CA ASN E 213 19.65 11.58 13.89
C ASN E 213 20.42 10.86 12.78
N THR E 214 20.70 11.54 11.66
CA THR E 214 21.41 10.95 10.49
C THR E 214 22.86 11.43 10.43
N ALA E 215 23.23 12.47 11.18
CA ALA E 215 24.59 13.06 11.13
C ALA E 215 25.48 12.43 12.21
N THR E 216 26.73 12.14 11.84
CA THR E 216 27.78 11.62 12.76
C THR E 216 29.08 12.40 12.57
N THR E 217 29.85 12.59 13.63
CA THR E 217 31.20 13.21 13.55
C THR E 217 32.27 12.16 13.86
N VAL E 218 33.17 11.93 12.92
CA VAL E 218 34.28 10.94 13.09
C VAL E 218 35.28 11.58 14.06
N LEU E 219 35.79 10.81 15.02
CA LEU E 219 36.76 11.32 16.03
C LEU E 219 38.18 10.85 15.71
N LEU E 220 38.36 9.98 14.71
CA LEU E 220 39.70 9.48 14.32
C LEU E 220 40.56 10.67 13.85
N ASP E 221 41.86 10.58 14.12
CA ASP E 221 42.85 11.62 13.71
C ASP E 221 43.47 11.22 12.36
N GLU E 222 44.49 11.95 11.89
CA GLU E 222 45.10 11.72 10.56
C GLU E 222 45.78 10.34 10.55
N GLN E 223 46.16 9.74 11.70
CA GLN E 223 46.69 8.34 11.76
C GLN E 223 45.56 7.33 11.98
N GLY E 224 44.30 7.73 11.98
CA GLY E 224 43.15 6.81 12.16
C GLY E 224 42.95 6.38 13.61
N VAL E 225 43.36 7.20 14.59
CA VAL E 225 43.23 6.89 16.04
C VAL E 225 42.30 7.90 16.71
N GLY E 226 41.25 7.40 17.32
CA GLY E 226 40.32 8.23 18.12
C GLY E 226 40.86 8.45 19.53
N PRO E 227 40.20 9.31 20.34
CA PRO E 227 40.54 9.45 21.74
C PRO E 227 40.64 8.08 22.43
N LEU E 228 41.69 7.86 23.21
CA LEU E 228 41.90 6.62 23.98
C LEU E 228 41.58 6.90 25.45
N CYS E 229 40.65 6.14 26.02
CA CYS E 229 40.05 6.46 27.33
C CYS E 229 40.94 5.95 28.46
N LYS E 230 41.69 6.87 29.08
CA LYS E 230 42.57 6.58 30.23
C LYS E 230 41.66 6.28 31.44
N ALA E 231 41.95 5.19 32.14
CA ALA E 231 41.20 4.72 33.35
C ALA E 231 39.75 4.41 32.97
N ASP E 232 39.52 3.82 31.80
CA ASP E 232 38.17 3.46 31.29
C ASP E 232 37.21 4.61 31.60
N SER E 233 37.60 5.84 31.28
CA SER E 233 36.81 7.08 31.50
C SER E 233 36.67 7.85 30.18
N LEU E 234 35.44 8.18 29.82
CA LEU E 234 35.11 9.05 28.65
C LEU E 234 34.70 10.41 29.21
N TYR E 235 35.28 11.47 28.67
CA TYR E 235 34.93 12.86 29.09
C TYR E 235 34.10 13.52 27.99
N VAL E 236 32.96 14.08 28.39
CA VAL E 236 32.11 14.95 27.50
C VAL E 236 32.03 16.33 28.15
N SER E 237 32.08 17.34 27.31
CA SER E 237 32.07 18.77 27.72
C SER E 237 31.20 19.54 26.74
N ALA E 238 30.55 20.60 27.20
CA ALA E 238 29.65 21.38 26.34
C ALA E 238 29.42 22.76 26.94
N ALA E 239 29.13 23.72 26.07
CA ALA E 239 28.53 25.03 26.43
C ALA E 239 27.54 25.34 25.31
N ASP E 240 26.27 25.56 25.65
CA ASP E 240 25.24 25.94 24.66
C ASP E 240 24.44 27.12 25.19
N ILE E 241 25.07 28.29 25.15
CA ILE E 241 24.37 29.58 25.39
C ILE E 241 23.61 29.92 24.11
N CYS E 242 22.28 29.98 24.16
CA CYS E 242 21.43 30.15 22.96
C CYS E 242 21.19 31.63 22.65
N GLY E 243 21.42 32.53 23.60
CA GLY E 243 21.18 33.97 23.46
C GLY E 243 20.55 34.57 24.70
N LEU E 244 20.11 35.82 24.62
CA LEU E 244 19.55 36.54 25.78
C LEU E 244 18.03 36.51 25.71
N PHE E 245 17.42 36.33 26.86
CA PHE E 245 15.95 36.45 27.08
C PHE E 245 15.70 37.83 27.68
N THR E 246 14.84 38.62 27.05
CA THR E 246 14.50 39.98 27.53
C THR E 246 13.16 39.95 28.28
N ASN E 247 13.18 40.22 29.59
CA ASN E 247 11.95 40.34 30.42
C ASN E 247 11.19 41.63 30.07
N SER E 248 9.91 41.69 30.47
CA SER E 248 9.03 42.88 30.34
C SER E 248 9.76 44.13 30.85
N SER E 249 10.48 44.01 31.97
CA SER E 249 11.24 45.10 32.62
C SER E 249 12.31 45.66 31.67
N GLY E 250 12.83 44.84 30.76
CA GLY E 250 13.95 45.19 29.87
C GLY E 250 15.24 44.51 30.32
N THR E 251 15.23 43.82 31.47
CA THR E 251 16.41 43.06 31.95
C THR E 251 16.65 41.86 31.02
N GLN E 252 17.88 41.38 30.97
CA GLN E 252 18.29 40.31 30.04
C GLN E 252 18.96 39.17 30.78
N GLN E 253 18.68 37.94 30.38
CA GLN E 253 19.22 36.73 31.01
C GLN E 253 19.72 35.79 29.91
N TRP E 254 20.80 35.08 30.16
CA TRP E 254 21.26 34.03 29.22
C TRP E 254 20.25 32.89 29.31
N ARG E 255 20.02 32.22 28.18
CA ARG E 255 19.22 30.97 28.13
C ARG E 255 20.10 29.89 27.51
N GLY E 256 20.16 28.75 28.17
CA GLY E 256 20.92 27.57 27.73
C GLY E 256 20.04 26.36 27.52
N LEU E 257 20.54 25.40 26.77
CA LEU E 257 19.87 24.10 26.55
C LEU E 257 20.90 22.99 26.75
N ALA E 258 20.40 21.82 27.11
CA ALA E 258 21.20 20.60 27.31
C ALA E 258 21.74 20.13 25.98
N ARG E 259 22.77 19.29 26.02
CA ARG E 259 23.34 18.66 24.81
C ARG E 259 23.33 17.14 24.99
N TYR E 260 22.90 16.43 23.96
CA TYR E 260 22.89 14.94 23.92
C TYR E 260 24.15 14.45 23.21
N PHE E 261 24.76 13.40 23.75
CA PHE E 261 25.92 12.72 23.13
C PHE E 261 25.60 11.25 22.99
N LYS E 262 25.87 10.68 21.82
CA LYS E 262 25.96 9.22 21.63
C LYS E 262 27.35 8.92 21.04
N ILE E 263 28.17 8.17 21.76
CA ILE E 263 29.58 7.93 21.37
C ILE E 263 29.77 6.43 21.11
N ARG E 264 30.21 6.08 19.91
CA ARG E 264 30.55 4.68 19.56
C ARG E 264 32.01 4.43 19.90
N LEU E 265 32.28 3.45 20.76
CA LEU E 265 33.67 3.14 21.20
C LEU E 265 34.05 1.72 20.76
N ARG E 266 35.33 1.50 20.44
CA ARG E 266 35.84 0.15 20.09
C ARG E 266 37.04 -0.18 20.96
N LYS E 267 37.31 -1.48 21.17
CA LYS E 267 38.49 -1.92 21.95
C LYS E 267 39.72 -1.77 21.06
N ARG E 268 40.82 -1.24 21.63
CA ARG E 268 42.08 -1.04 20.87
C ARG E 268 43.24 -1.64 21.65
N SER E 269 44.15 -2.32 20.97
CA SER E 269 45.38 -2.87 21.62
C SER E 269 46.42 -1.77 21.67
N VAL E 270 47.06 -1.55 22.81
CA VAL E 270 47.97 -0.37 22.92
C VAL E 270 49.38 -0.83 23.32
N LYS E 271 50.38 0.03 23.10
CA LYS E 271 51.83 -0.24 23.39
C LYS E 271 52.25 -1.53 22.67
N VAL F 7 14.34 -6.97 15.48
CA VAL F 7 14.16 -7.78 14.25
C VAL F 7 15.51 -7.94 13.56
N GLU F 8 15.88 -9.18 13.18
CA GLU F 8 17.08 -9.48 12.37
C GLU F 8 16.76 -9.22 10.90
N VAL F 9 17.57 -8.40 10.22
CA VAL F 9 17.29 -7.93 8.84
C VAL F 9 18.08 -8.79 7.85
N LEU F 10 17.41 -9.38 6.86
CA LEU F 10 18.01 -10.28 5.82
C LEU F 10 18.20 -9.51 4.50
N GLU F 11 18.13 -10.22 3.37
CA GLU F 11 18.38 -9.67 2.01
C GLU F 11 17.20 -8.77 1.57
N VAL F 12 17.46 -7.85 0.65
CA VAL F 12 16.40 -7.07 -0.08
C VAL F 12 15.65 -8.03 -1.01
N LYS F 13 14.31 -7.98 -1.01
CA LYS F 13 13.48 -8.57 -2.09
C LYS F 13 13.69 -7.75 -3.38
N THR F 14 14.34 -8.40 -4.36
CA THR F 14 14.55 -7.89 -5.74
C THR F 14 13.38 -8.36 -6.60
N GLY F 15 13.47 -8.21 -7.91
CA GLY F 15 12.28 -8.22 -8.78
C GLY F 15 11.84 -6.80 -9.05
N VAL F 16 10.87 -6.60 -9.95
CA VAL F 16 10.52 -5.25 -10.48
C VAL F 16 9.13 -4.86 -9.97
N ASP F 17 8.56 -5.63 -9.04
CA ASP F 17 7.34 -5.25 -8.29
C ASP F 17 7.70 -5.06 -6.82
N ALA F 18 9.00 -4.94 -6.54
CA ALA F 18 9.52 -4.81 -5.15
C ALA F 18 9.77 -3.33 -4.80
N ILE F 19 9.43 -2.33 -5.63
CA ILE F 19 9.54 -0.90 -5.25
C ILE F 19 8.16 -0.23 -5.32
N THR F 20 7.90 0.74 -4.46
CA THR F 20 6.65 1.52 -4.48
C THR F 20 6.95 2.95 -4.04
N GLU F 21 6.12 3.89 -4.51
CA GLU F 21 6.13 5.30 -4.06
C GLU F 21 4.86 5.54 -3.28
N VAL F 22 4.93 6.32 -2.21
CA VAL F 22 3.72 6.91 -1.56
C VAL F 22 3.94 8.42 -1.49
N GLU F 23 2.85 9.15 -1.75
CA GLU F 23 2.78 10.63 -1.80
C GLU F 23 1.89 11.05 -0.64
N CYS F 24 2.12 12.23 -0.09
CA CYS F 24 1.22 12.82 0.90
C CYS F 24 1.48 14.33 1.00
N PHE F 25 0.44 15.14 1.12
CA PHE F 25 0.51 16.54 1.62
C PHE F 25 -0.03 16.58 3.04
N LEU F 26 0.77 17.03 4.02
CA LEU F 26 0.43 17.06 5.46
C LEU F 26 0.14 18.52 5.81
N ASN F 27 -1.11 18.84 6.13
CA ASN F 27 -1.53 20.24 6.41
C ASN F 27 -0.96 20.65 7.77
N PRO F 28 -0.65 21.95 7.95
CA PRO F 28 -0.09 22.41 9.22
C PRO F 28 -1.21 22.56 10.27
N GLU F 29 -0.76 22.58 11.52
CA GLU F 29 -1.62 22.76 12.72
C GLU F 29 -1.06 23.94 13.50
N MET F 30 -1.40 25.15 13.06
CA MET F 30 -0.84 26.39 13.63
C MET F 30 -1.76 26.91 14.73
N GLY F 31 -2.94 26.31 14.91
CA GLY F 31 -3.94 26.73 15.93
C GLY F 31 -5.33 26.91 15.33
N ASP F 32 -5.44 27.50 14.14
CA ASP F 32 -6.73 27.62 13.38
C ASP F 32 -7.75 28.33 14.26
N PRO F 33 -7.55 29.63 14.58
CA PRO F 33 -8.43 30.33 15.51
C PRO F 33 -9.88 30.43 15.05
N ASP F 34 -10.12 30.31 13.75
CA ASP F 34 -11.46 30.11 13.14
C ASP F 34 -11.25 29.64 11.70
N GLU F 35 -12.30 29.18 11.03
CA GLU F 35 -12.20 28.67 9.64
C GLU F 35 -11.47 29.68 8.76
N ASN F 36 -11.86 30.96 8.80
CA ASN F 36 -11.29 32.00 7.88
C ASN F 36 -9.77 32.18 8.06
N LEU F 37 -9.22 31.78 9.21
CA LEU F 37 -7.77 31.93 9.50
C LEU F 37 -7.13 30.55 9.57
N ARG F 38 -7.56 29.64 8.70
CA ARG F 38 -6.91 28.31 8.65
C ARG F 38 -5.46 28.48 8.17
N GLY F 39 -4.50 27.87 8.88
CA GLY F 39 -3.07 27.99 8.59
C GLY F 39 -2.41 29.06 9.44
N PHE F 40 -3.18 29.77 10.26
CA PHE F 40 -2.68 30.82 11.19
C PHE F 40 -2.91 30.35 12.63
N SER F 41 -2.20 30.95 13.57
CA SER F 41 -2.47 30.79 15.01
C SER F 41 -3.38 31.95 15.45
N LEU F 42 -3.98 31.81 16.62
CA LEU F 42 -4.59 32.95 17.35
C LEU F 42 -3.48 33.97 17.61
N LYS F 43 -3.86 35.24 17.73
CA LYS F 43 -2.94 36.34 18.05
C LYS F 43 -2.17 35.96 19.33
N LEU F 44 -0.87 36.23 19.36
CA LEU F 44 0.01 35.91 20.51
C LEU F 44 -0.27 36.85 21.67
N SER F 45 -0.43 36.31 22.87
CA SER F 45 -0.42 37.09 24.14
C SER F 45 1.04 37.45 24.46
N ALA F 46 1.29 38.32 25.44
CA ALA F 46 2.68 38.62 25.84
C ALA F 46 2.76 39.08 27.30
N GLU F 47 3.92 38.82 27.91
CA GLU F 47 4.34 39.42 29.22
C GLU F 47 3.59 38.75 30.37
N ASN F 48 2.97 37.59 30.15
CA ASN F 48 2.38 36.81 31.27
C ASN F 48 3.53 36.44 32.22
N ASP F 49 3.28 36.48 33.51
CA ASP F 49 4.26 35.94 34.49
C ASP F 49 4.34 34.41 34.30
N PHE F 50 5.54 33.85 34.47
CA PHE F 50 5.74 32.39 34.40
C PHE F 50 4.72 31.69 35.30
N SER F 51 4.34 32.32 36.41
CA SER F 51 3.46 31.71 37.44
C SER F 51 1.98 31.68 37.01
N SER F 52 1.53 32.43 35.99
CA SER F 52 0.10 32.47 35.56
C SER F 52 0.01 32.66 34.06
N ASP F 53 0.43 31.64 33.32
CA ASP F 53 0.43 31.61 31.83
C ASP F 53 -0.43 30.44 31.40
N SER F 54 -1.69 30.70 31.06
CA SER F 54 -2.61 29.74 30.44
C SER F 54 -2.82 30.11 28.97
N PRO F 55 -1.95 29.66 28.03
CA PRO F 55 -2.15 29.97 26.62
C PRO F 55 -3.44 29.32 26.10
N GLU F 56 -4.14 30.06 25.23
CA GLU F 56 -5.29 29.47 24.50
C GLU F 56 -4.73 28.37 23.60
N ARG F 57 -5.43 27.26 23.51
CA ARG F 57 -5.03 26.13 22.64
C ARG F 57 -4.75 26.62 21.20
N LYS F 58 -5.58 27.52 20.68
CA LYS F 58 -5.47 28.04 19.29
C LYS F 58 -4.26 28.99 19.15
N MET F 59 -3.56 29.30 20.25
CA MET F 59 -2.33 30.13 20.20
C MET F 59 -1.09 29.28 19.89
N LEU F 60 -1.19 27.95 20.00
CA LEU F 60 0.00 27.07 20.06
C LEU F 60 0.08 26.18 18.83
N PRO F 61 1.05 26.40 17.92
CA PRO F 61 1.29 25.43 16.86
C PRO F 61 1.61 24.05 17.45
N CYS F 62 1.18 23.01 16.74
CA CYS F 62 1.44 21.60 17.09
C CYS F 62 2.11 20.89 15.91
N TYR F 63 2.75 19.77 16.20
CA TYR F 63 3.32 18.88 15.18
C TYR F 63 2.17 18.29 14.37
N SER F 64 2.37 18.21 13.06
CA SER F 64 1.49 17.46 12.14
C SER F 64 2.02 16.03 12.04
N THR F 65 1.12 15.05 12.03
CA THR F 65 1.52 13.66 11.76
C THR F 65 0.40 12.94 11.03
N ALA F 66 0.77 11.90 10.30
CA ALA F 66 -0.20 11.04 9.58
C ALA F 66 0.46 9.70 9.28
N ARG F 67 -0.39 8.71 9.04
CA ARG F 67 0.03 7.34 8.71
C ARG F 67 -0.32 7.12 7.22
N ILE F 68 0.71 7.00 6.38
CA ILE F 68 0.57 6.72 4.93
C ILE F 68 0.40 5.21 4.73
N PRO F 69 -0.75 4.77 4.14
CA PRO F 69 -0.99 3.35 3.94
C PRO F 69 -0.05 2.80 2.87
N LEU F 70 0.47 1.61 3.10
CA LEU F 70 1.36 0.92 2.14
C LEU F 70 0.62 -0.27 1.56
N PRO F 71 1.02 -0.77 0.37
CA PRO F 71 0.46 -2.02 -0.14
C PRO F 71 0.55 -3.17 0.87
N ASN F 72 -0.51 -3.95 0.96
CA ASN F 72 -0.51 -5.11 1.87
C ASN F 72 0.54 -6.10 1.33
N LEU F 73 1.47 -6.52 2.19
CA LEU F 73 2.52 -7.51 1.84
C LEU F 73 2.05 -8.93 2.10
N ASN F 74 2.25 -9.81 1.13
CA ASN F 74 1.69 -11.19 1.16
C ASN F 74 2.81 -12.01 1.79
N GLU F 75 2.64 -12.42 3.05
CA GLU F 75 3.71 -13.03 3.88
C GLU F 75 3.77 -14.52 3.61
N ASP F 76 4.96 -15.01 3.22
CA ASP F 76 5.34 -16.43 3.08
C ASP F 76 5.72 -16.95 4.47
N LEU F 77 4.73 -17.31 5.26
CA LEU F 77 4.92 -17.70 6.69
C LEU F 77 5.80 -18.96 6.83
N THR F 78 5.56 -19.99 6.00
CA THR F 78 6.16 -21.34 6.07
C THR F 78 7.70 -21.24 6.06
N CYS F 79 8.21 -20.17 5.44
CA CYS F 79 9.65 -19.98 5.16
C CYS F 79 10.37 -19.28 6.34
N GLY F 80 9.63 -18.84 7.35
CA GLY F 80 10.19 -18.36 8.62
C GLY F 80 10.73 -16.95 8.51
N ASN F 81 10.45 -16.29 7.38
CA ASN F 81 10.79 -14.86 7.16
C ASN F 81 9.51 -14.04 6.98
N LEU F 82 9.55 -12.77 7.35
CA LEU F 82 8.54 -11.76 6.96
C LEU F 82 9.17 -10.76 6.01
N LEU F 83 8.35 -10.15 5.15
CA LEU F 83 8.73 -8.99 4.28
C LEU F 83 8.19 -7.70 4.91
N MET F 84 8.97 -6.63 4.80
CA MET F 84 8.58 -5.29 5.31
C MET F 84 8.95 -4.23 4.27
N TRP F 85 8.14 -3.19 4.20
CA TRP F 85 8.46 -1.99 3.39
C TRP F 85 9.63 -1.25 4.06
N GLU F 86 10.70 -1.05 3.30
CA GLU F 86 11.89 -0.29 3.76
C GLU F 86 11.95 1.05 3.01
N ALA F 87 11.80 2.16 3.72
CA ALA F 87 11.84 3.52 3.15
C ALA F 87 13.29 3.85 2.77
N VAL F 88 13.54 4.16 1.50
CA VAL F 88 14.93 4.31 0.96
C VAL F 88 15.22 5.79 0.68
N THR F 89 14.27 6.55 0.14
CA THR F 89 14.45 8.00 -0.13
C THR F 89 13.18 8.78 0.19
N VAL F 90 13.34 10.08 0.38
CA VAL F 90 12.21 11.02 0.55
C VAL F 90 12.49 12.28 -0.26
N GLN F 91 11.46 12.77 -0.97
CA GLN F 91 11.42 14.12 -1.55
C GLN F 91 10.37 14.88 -0.75
N THR F 92 10.72 16.08 -0.29
CA THR F 92 9.82 16.87 0.56
C THR F 92 10.05 18.34 0.26
N GLU F 93 8.98 19.12 0.17
CA GLU F 93 9.10 20.58 0.20
C GLU F 93 7.88 21.21 0.85
N VAL F 94 8.05 22.45 1.25
CA VAL F 94 6.99 23.30 1.84
C VAL F 94 6.16 23.86 0.69
N ILE F 95 4.84 23.85 0.85
CA ILE F 95 3.87 24.15 -0.25
C ILE F 95 3.23 25.49 0.03
N GLY F 96 3.25 26.38 -0.96
CA GLY F 96 2.61 27.71 -0.88
C GLY F 96 3.58 28.79 -0.42
N ILE F 97 4.88 28.62 -0.61
CA ILE F 97 5.87 29.62 -0.13
C ILE F 97 5.56 30.98 -0.80
N THR F 98 5.09 31.01 -2.06
CA THR F 98 4.83 32.29 -2.75
C THR F 98 3.63 33.01 -2.13
N SER F 99 2.83 32.35 -1.29
CA SER F 99 1.58 32.96 -0.79
C SER F 99 1.92 34.15 0.09
N MET F 100 3.17 34.25 0.53
CA MET F 100 3.66 35.33 1.42
C MET F 100 3.91 36.62 0.64
N LEU F 101 3.78 36.61 -0.69
CA LEU F 101 3.91 37.80 -1.58
C LEU F 101 2.58 38.57 -1.64
N ASN F 102 1.58 38.11 -0.88
CA ASN F 102 0.35 38.92 -0.61
C ASN F 102 0.67 39.87 0.53
N LEU F 103 1.01 41.12 0.21
CA LEU F 103 1.21 42.20 1.20
C LEU F 103 0.01 43.18 1.16
N HIS F 104 -1.05 42.86 0.41
CA HIS F 104 -2.17 43.81 0.16
C HIS F 104 -3.32 43.60 1.16
N ALA F 105 -3.39 42.45 1.83
CA ALA F 105 -4.48 42.15 2.80
C ALA F 105 -3.91 41.86 4.19
N GLY F 106 -4.54 42.45 5.22
CA GLY F 106 -4.41 42.06 6.65
C GLY F 106 -3.14 42.55 7.33
N SER F 107 -2.00 42.58 6.64
CA SER F 107 -0.70 43.00 7.20
C SER F 107 -0.70 44.53 7.42
N GLN F 108 -0.11 44.92 8.56
CA GLN F 108 0.20 46.32 8.92
C GLN F 108 1.18 46.89 7.89
N LYS F 109 0.91 48.10 7.40
CA LYS F 109 1.79 48.84 6.45
C LYS F 109 3.17 49.01 7.11
N VAL F 110 4.24 48.72 6.38
CA VAL F 110 5.64 48.84 6.88
C VAL F 110 5.94 50.31 7.20
N HIS F 111 5.26 51.22 6.52
CA HIS F 111 5.37 52.69 6.77
C HIS F 111 4.21 53.36 6.06
N GLU F 112 4.04 54.66 6.25
CA GLU F 112 2.89 55.39 5.66
C GLU F 112 2.99 55.36 4.13
N HIS F 113 1.86 55.11 3.46
CA HIS F 113 1.75 55.05 1.98
C HIS F 113 2.34 53.73 1.47
N GLY F 114 2.91 52.92 2.36
CA GLY F 114 3.66 51.72 1.93
C GLY F 114 2.79 50.49 1.89
N GLY F 115 3.41 49.36 1.60
CA GLY F 115 2.71 48.06 1.50
C GLY F 115 2.74 47.34 2.83
N GLY F 116 2.06 46.19 2.90
CA GLY F 116 1.95 45.41 4.14
C GLY F 116 3.29 44.79 4.55
N LYS F 117 3.43 44.47 5.83
CA LYS F 117 4.64 43.85 6.36
C LYS F 117 4.70 42.38 5.95
N PRO F 118 5.82 41.94 5.34
CA PRO F 118 6.01 40.51 5.09
C PRO F 118 5.98 39.70 6.38
N ILE F 119 5.48 38.48 6.28
CA ILE F 119 5.68 37.46 7.36
C ILE F 119 7.18 37.30 7.59
N GLN F 120 7.58 37.39 8.85
CA GLN F 120 9.00 37.26 9.24
C GLN F 120 9.06 36.95 10.74
N GLY F 121 10.24 36.55 11.19
CA GLY F 121 10.47 36.21 12.61
C GLY F 121 10.76 34.73 12.79
N SER F 122 10.80 34.31 14.05
CA SER F 122 11.18 32.95 14.48
C SER F 122 10.48 31.95 13.54
N ASN F 123 11.20 30.95 13.08
CA ASN F 123 10.56 29.85 12.33
C ASN F 123 11.22 28.52 12.69
N PHE F 124 10.52 27.45 12.33
CA PHE F 124 10.95 26.07 12.61
C PHE F 124 10.46 25.23 11.44
N HIS F 125 11.38 24.49 10.82
CA HIS F 125 11.11 23.62 9.65
C HIS F 125 11.63 22.24 10.01
N PHE F 126 10.72 21.27 10.05
CA PHE F 126 11.03 19.91 10.56
C PHE F 126 10.20 18.90 9.78
N PHE F 127 10.79 17.76 9.49
CA PHE F 127 10.04 16.60 8.96
C PHE F 127 10.74 15.34 9.42
N ALA F 128 9.98 14.25 9.42
CA ALA F 128 10.46 12.89 9.78
C ALA F 128 9.68 11.86 9.00
N VAL F 129 10.39 10.78 8.68
CA VAL F 129 9.85 9.55 8.03
C VAL F 129 10.29 8.37 8.89
N GLY F 130 9.39 7.45 9.18
CA GLY F 130 9.71 6.33 10.08
C GLY F 130 8.73 5.21 9.91
N GLY F 131 9.15 4.01 10.31
CA GLY F 131 8.29 2.83 10.42
C GLY F 131 7.50 2.82 11.73
N ASP F 132 7.69 3.81 12.59
CA ASP F 132 6.95 3.96 13.87
C ASP F 132 6.68 5.42 14.17
N PRO F 133 5.78 5.72 15.12
CA PRO F 133 5.55 7.10 15.52
C PRO F 133 6.88 7.74 15.92
N LEU F 134 7.10 8.96 15.45
CA LEU F 134 8.24 9.79 15.90
C LEU F 134 8.30 9.80 17.42
N GLU F 135 9.47 9.54 17.99
CA GLU F 135 9.73 9.57 19.44
C GLU F 135 10.26 10.95 19.82
N MET F 136 9.68 11.54 20.86
CA MET F 136 9.92 12.95 21.22
C MET F 136 10.32 13.08 22.69
N GLN F 137 11.09 14.12 22.97
CA GLN F 137 11.58 14.51 24.31
C GLN F 137 10.97 15.87 24.66
N GLY F 138 10.51 16.01 25.91
CA GLY F 138 9.89 17.25 26.41
C GLY F 138 10.91 18.22 26.95
N VAL F 139 10.82 19.49 26.59
CA VAL F 139 11.62 20.59 27.21
C VAL F 139 10.75 21.85 27.17
N LEU F 140 10.67 22.57 28.28
CA LEU F 140 9.79 23.74 28.40
C LEU F 140 10.61 25.01 28.65
N MET F 141 10.18 26.13 28.07
CA MET F 141 10.68 27.47 28.43
C MET F 141 10.35 27.68 29.91
N ASN F 142 9.14 27.30 30.31
CA ASN F 142 8.57 27.60 31.64
C ASN F 142 7.78 26.39 32.11
N TYR F 143 8.30 25.64 33.08
CA TYR F 143 7.71 24.35 33.51
C TYR F 143 6.34 24.62 34.13
N ARG F 144 6.08 25.83 34.59
CA ARG F 144 4.85 26.20 35.31
C ARG F 144 3.76 26.61 34.31
N THR F 145 4.07 26.63 33.02
CA THR F 145 3.05 26.95 31.99
C THR F 145 1.83 26.04 32.13
N LYS F 146 0.64 26.63 32.17
CA LYS F 146 -0.62 25.83 32.26
C LYS F 146 -1.11 25.56 30.84
N TYR F 147 -0.78 24.39 30.31
CA TYR F 147 -1.11 24.02 28.91
C TYR F 147 -2.59 23.66 28.84
N PRO F 148 -3.25 23.96 27.70
CA PRO F 148 -4.70 23.75 27.58
C PRO F 148 -5.15 22.29 27.38
N ASP F 149 -6.30 21.95 27.95
CA ASP F 149 -6.98 20.66 27.74
C ASP F 149 -7.14 20.46 26.25
N GLY F 150 -6.80 19.25 25.79
CA GLY F 150 -6.80 18.90 24.36
C GLY F 150 -5.39 18.76 23.84
N THR F 151 -4.40 19.36 24.51
CA THR F 151 -2.97 19.23 24.12
C THR F 151 -2.31 18.20 25.02
N ILE F 152 -1.21 17.63 24.54
CA ILE F 152 -0.44 16.60 25.31
C ILE F 152 0.94 17.21 25.53
N THR F 153 1.24 17.55 26.79
CA THR F 153 2.48 18.27 27.16
C THR F 153 3.17 17.48 28.26
N PRO F 154 4.47 17.73 28.54
CA PRO F 154 5.16 17.05 29.63
C PRO F 154 4.34 16.89 30.91
N LYS F 155 4.35 15.68 31.48
CA LYS F 155 3.51 15.34 32.67
C LYS F 155 4.33 15.48 33.94
N ASN F 156 3.72 16.07 34.97
CA ASN F 156 4.32 16.42 36.28
C ASN F 156 5.69 17.05 36.01
N PRO F 157 5.71 18.17 35.26
CA PRO F 157 6.98 18.86 34.99
C PRO F 157 7.54 19.53 36.25
N THR F 158 8.86 19.65 36.30
CA THR F 158 9.63 20.29 37.39
C THR F 158 10.55 21.31 36.75
N ALA F 159 11.27 22.06 37.59
CA ALA F 159 12.32 22.98 37.09
C ALA F 159 13.29 22.21 36.19
N GLN F 160 13.50 20.92 36.43
CA GLN F 160 14.41 20.07 35.59
C GLN F 160 13.83 20.03 34.16
N SER F 161 12.52 20.26 33.99
CA SER F 161 11.86 20.24 32.66
C SER F 161 12.32 21.42 31.80
N GLN F 162 12.92 22.47 32.36
CA GLN F 162 13.43 23.65 31.60
C GLN F 162 14.82 23.34 31.02
N VAL F 163 15.43 22.23 31.45
CA VAL F 163 16.66 21.66 30.85
C VAL F 163 16.31 20.23 30.46
N MET F 164 17.15 19.21 30.67
CA MET F 164 16.80 17.84 30.26
C MET F 164 16.25 17.02 31.45
N ASN F 165 14.99 16.59 31.33
CA ASN F 165 14.29 15.68 32.27
C ASN F 165 13.87 14.44 31.49
N THR F 166 14.56 13.30 31.66
CA THR F 166 14.36 12.10 30.81
C THR F 166 12.97 11.47 31.04
N ASP F 167 12.18 11.97 31.99
CA ASP F 167 10.81 11.45 32.20
C ASP F 167 9.89 11.84 31.05
N HIS F 168 10.16 12.94 30.33
CA HIS F 168 9.24 13.49 29.29
C HIS F 168 9.50 12.81 27.95
N LYS F 169 8.98 11.60 27.81
CA LYS F 169 9.10 10.82 26.57
C LYS F 169 7.69 10.73 25.99
N ALA F 170 7.54 10.94 24.69
CA ALA F 170 6.22 10.80 24.05
C ALA F 170 6.33 10.20 22.65
N TYR F 171 5.21 9.72 22.13
CA TYR F 171 5.09 9.27 20.73
C TYR F 171 4.23 10.28 19.99
N LEU F 172 4.63 10.77 18.82
CA LEU F 172 3.76 11.65 18.00
C LEU F 172 2.64 10.77 17.46
N ASP F 173 1.59 10.57 18.25
CA ASP F 173 0.51 9.62 17.91
C ASP F 173 -0.80 10.35 17.65
N LYS F 174 -0.84 11.67 17.80
CA LYS F 174 -2.05 12.44 17.49
C LYS F 174 -1.66 13.76 16.82
N ASN F 175 -2.43 14.14 15.81
CA ASN F 175 -2.26 15.41 15.06
C ASN F 175 -2.97 16.52 15.83
N ASN F 176 -2.47 17.76 15.74
CA ASN F 176 -3.02 18.95 16.47
C ASN F 176 -3.05 18.65 17.97
N ALA F 177 -2.05 17.98 18.49
CA ALA F 177 -2.09 17.60 19.92
C ALA F 177 -0.79 17.98 20.65
N TYR F 178 0.38 17.75 20.06
CA TYR F 178 1.68 17.98 20.72
C TYR F 178 2.18 19.37 20.35
N PRO F 179 2.14 20.37 21.27
CA PRO F 179 2.57 21.72 20.93
C PRO F 179 4.06 21.72 20.55
N VAL F 180 4.38 22.38 19.45
CA VAL F 180 5.78 22.45 18.94
C VAL F 180 6.66 22.95 20.09
N GLU F 181 6.14 23.88 20.91
CA GLU F 181 6.96 24.60 21.91
C GLU F 181 7.38 23.67 23.06
N CYS F 182 6.78 22.50 23.20
CA CYS F 182 7.02 21.59 24.36
C CYS F 182 7.86 20.38 23.98
N TRP F 183 8.00 20.07 22.69
CA TRP F 183 8.54 18.75 22.25
C TRP F 183 9.62 18.93 21.19
N VAL F 184 10.64 18.08 21.24
CA VAL F 184 11.67 17.96 20.15
C VAL F 184 11.83 16.49 19.82
N PRO F 185 12.29 16.16 18.59
CA PRO F 185 12.64 14.78 18.29
C PRO F 185 13.67 14.31 19.33
N ASP F 186 13.57 13.07 19.79
CA ASP F 186 14.50 12.46 20.79
C ASP F 186 15.64 11.73 20.11
N PRO F 187 16.89 12.26 20.20
CA PRO F 187 18.06 11.62 19.60
C PRO F 187 18.53 10.35 20.34
N SER F 188 18.01 10.09 21.54
CA SER F 188 18.32 8.87 22.34
C SER F 188 17.47 7.72 21.84
N ARG F 189 16.58 7.98 20.89
CA ARG F 189 15.66 6.95 20.33
C ARG F 189 15.55 7.12 18.81
N ASN F 190 14.39 6.81 18.23
CA ASN F 190 14.08 6.98 16.78
C ASN F 190 15.03 6.11 15.95
N GLU F 191 15.15 4.83 16.28
CA GLU F 191 15.99 3.86 15.54
C GLU F 191 15.33 3.51 14.21
N ASN F 192 14.01 3.59 14.12
CA ASN F 192 13.29 3.32 12.86
C ASN F 192 12.70 4.61 12.30
N THR F 193 13.33 5.75 12.59
CA THR F 193 12.85 7.03 12.01
C THR F 193 14.06 7.87 11.64
N ARG F 194 14.01 8.58 10.53
CA ARG F 194 15.06 9.56 10.23
C ARG F 194 14.39 10.94 10.33
N TYR F 195 14.92 11.83 11.15
CA TYR F 195 14.32 13.17 11.35
C TYR F 195 15.31 14.26 10.97
N PHE F 196 14.80 15.44 10.57
CA PHE F 196 15.60 16.62 10.16
C PHE F 196 14.83 17.89 10.50
N GLY F 197 15.44 18.81 11.22
CA GLY F 197 14.79 20.08 11.59
C GLY F 197 15.77 21.23 11.75
N THR F 198 15.29 22.46 11.53
CA THR F 198 16.10 23.68 11.72
C THR F 198 15.25 24.75 12.41
N PHE F 199 15.77 25.36 13.48
CA PHE F 199 15.08 26.47 14.20
C PHE F 199 15.85 27.76 13.95
N THR F 200 15.18 28.75 13.37
CA THR F 200 15.79 30.09 13.19
C THR F 200 14.96 31.05 14.03
N GLY F 201 15.55 31.61 15.08
CA GLY F 201 14.83 32.46 16.03
C GLY F 201 15.19 33.92 15.89
N GLY F 202 14.21 34.80 15.98
CA GLY F 202 14.47 36.24 15.92
C GLY F 202 13.23 36.96 15.50
N GLU F 203 13.17 38.28 15.69
CA GLU F 203 11.98 39.09 15.33
C GLU F 203 12.01 39.37 13.82
N ASN F 204 13.18 39.55 13.22
CA ASN F 204 13.22 39.97 11.80
C ASN F 204 13.94 38.90 11.00
N VAL F 205 13.87 37.66 11.44
CA VAL F 205 14.47 36.53 10.69
C VAL F 205 13.72 36.40 9.37
N PRO F 206 14.46 36.42 8.26
CA PRO F 206 13.87 36.23 6.93
C PRO F 206 13.57 34.77 6.65
N PRO F 207 12.31 34.45 6.33
CA PRO F 207 11.94 33.11 5.89
C PRO F 207 12.75 32.82 4.61
N VAL F 208 13.55 31.77 4.61
CA VAL F 208 14.29 31.36 3.37
C VAL F 208 13.88 29.92 3.06
N LEU F 209 13.05 29.75 2.06
CA LEU F 209 12.53 28.41 1.68
C LEU F 209 12.87 28.12 0.22
N HIS F 210 13.36 26.91 -0.04
CA HIS F 210 13.80 26.52 -1.40
C HIS F 210 12.89 25.42 -1.92
N VAL F 211 12.65 25.37 -3.22
CA VAL F 211 11.81 24.31 -3.85
C VAL F 211 12.57 23.71 -5.05
N THR F 212 12.45 22.40 -5.25
CA THR F 212 13.02 21.68 -6.43
C THR F 212 12.53 20.22 -6.46
N ASN F 213 12.27 19.69 -7.65
CA ASN F 213 11.86 18.28 -7.83
C ASN F 213 13.10 17.44 -8.21
N THR F 214 14.30 17.98 -7.97
CA THR F 214 15.58 17.36 -8.39
C THR F 214 16.30 16.81 -7.16
N ALA F 215 15.86 17.15 -5.96
CA ALA F 215 16.52 16.77 -4.71
C ALA F 215 15.77 15.64 -4.01
N THR F 216 16.49 14.60 -3.60
CA THR F 216 15.97 13.45 -2.83
C THR F 216 16.83 13.32 -1.57
N THR F 217 16.27 12.85 -0.46
CA THR F 217 17.06 12.62 0.79
C THR F 217 17.10 11.11 1.10
N VAL F 218 18.29 10.51 1.08
CA VAL F 218 18.48 9.05 1.40
C VAL F 218 18.14 8.83 2.87
N LEU F 219 17.45 7.74 3.17
CA LEU F 219 16.98 7.43 4.55
C LEU F 219 17.71 6.20 5.04
N LEU F 220 18.63 5.67 4.24
CA LEU F 220 19.41 4.48 4.65
C LEU F 220 20.41 4.89 5.72
N ASP F 221 20.78 3.94 6.54
CA ASP F 221 21.72 4.18 7.66
C ASP F 221 23.10 3.65 7.30
N GLU F 222 24.01 3.64 8.25
CA GLU F 222 25.42 3.20 8.05
C GLU F 222 25.43 1.72 7.65
N GLN F 223 24.38 0.97 7.98
CA GLN F 223 24.29 -0.47 7.63
C GLN F 223 23.57 -0.65 6.28
N GLY F 224 23.09 0.42 5.65
CA GLY F 224 22.32 0.33 4.39
C GLY F 224 20.86 0.00 4.64
N VAL F 225 20.39 0.15 5.87
CA VAL F 225 18.99 -0.19 6.23
C VAL F 225 18.20 1.08 6.53
N GLY F 226 17.04 1.22 5.91
CA GLY F 226 16.21 2.42 6.09
C GLY F 226 15.05 2.10 7.00
N PRO F 227 14.21 3.11 7.31
CA PRO F 227 13.04 2.87 8.14
C PRO F 227 12.29 1.60 7.69
N LEU F 228 12.03 0.67 8.60
CA LEU F 228 11.36 -0.60 8.30
C LEU F 228 9.90 -0.50 8.75
N CYS F 229 8.95 -0.63 7.83
CA CYS F 229 7.55 -0.30 8.20
C CYS F 229 6.84 -1.55 8.73
N LYS F 230 6.65 -1.59 10.05
CA LYS F 230 6.17 -2.79 10.79
C LYS F 230 4.72 -3.11 10.43
N ALA F 231 4.14 -2.37 9.48
CA ALA F 231 2.78 -2.61 8.98
C ALA F 231 2.72 -2.07 7.57
N ASP F 232 1.52 -1.69 7.14
CA ASP F 232 1.34 -0.92 5.90
C ASP F 232 1.30 0.51 6.35
N SER F 233 2.06 0.83 7.40
CA SER F 233 1.98 2.15 8.04
C SER F 233 3.33 2.86 8.03
N LEU F 234 3.49 3.79 7.11
CA LEU F 234 4.64 4.71 7.10
C LEU F 234 4.17 5.90 7.89
N TYR F 235 5.02 6.45 8.74
CA TYR F 235 4.66 7.62 9.57
C TYR F 235 5.38 8.85 9.04
N VAL F 236 4.63 9.92 8.75
CA VAL F 236 5.22 11.22 8.35
C VAL F 236 4.81 12.25 9.39
N SER F 237 5.76 13.12 9.72
CA SER F 237 5.62 14.15 10.77
C SER F 237 6.26 15.44 10.24
N ALA F 238 5.74 16.58 10.65
CA ALA F 238 6.24 17.87 10.15
C ALA F 238 5.80 19.00 11.07
N ALA F 239 6.60 20.03 11.10
CA ALA F 239 6.24 21.35 11.65
C ALA F 239 6.89 22.39 10.73
N ASP F 240 6.08 23.25 10.14
CA ASP F 240 6.60 24.34 9.27
C ASP F 240 5.95 25.65 9.69
N ILE F 241 6.41 26.19 10.81
CA ILE F 241 6.09 27.58 11.24
C ILE F 241 6.97 28.50 10.41
N CYS F 242 6.38 29.36 9.57
CA CYS F 242 7.13 30.19 8.60
C CYS F 242 7.53 31.53 9.21
N GLY F 243 6.90 31.94 10.32
CA GLY F 243 7.14 33.25 10.94
C GLY F 243 5.85 33.89 11.43
N LEU F 244 5.93 35.14 11.85
CA LEU F 244 4.75 35.86 12.39
C LEU F 244 4.16 36.75 11.32
N PHE F 245 2.84 36.80 11.29
CA PHE F 245 2.05 37.74 10.47
C PHE F 245 1.62 38.87 11.39
N THR F 246 1.91 40.12 11.03
CA THR F 246 1.54 41.30 11.86
C THR F 246 0.30 41.97 11.26
N ASN F 247 -0.82 41.96 11.99
CA ASN F 247 -2.08 42.66 11.59
C ASN F 247 -1.89 44.18 11.71
N SER F 248 -2.78 44.94 11.08
CA SER F 248 -2.89 46.43 11.16
C SER F 248 -2.83 46.86 12.62
N SER F 249 -3.55 46.16 13.51
CA SER F 249 -3.62 46.43 14.98
C SER F 249 -2.23 46.38 15.62
N GLY F 250 -1.31 45.58 15.06
CA GLY F 250 0.01 45.30 15.66
C GLY F 250 0.06 43.93 16.29
N THR F 251 -1.07 43.21 16.34
CA THR F 251 -1.12 41.83 16.87
C THR F 251 -0.37 40.90 15.92
N GLN F 252 0.12 39.77 16.43
CA GLN F 252 0.98 38.84 15.66
C GLN F 252 0.42 37.43 15.73
N GLN F 253 0.46 36.73 14.60
CA GLN F 253 -0.04 35.34 14.49
C GLN F 253 1.01 34.51 13.78
N TRP F 254 1.15 33.25 14.18
CA TRP F 254 2.03 32.31 13.46
C TRP F 254 1.37 32.04 12.11
N ARG F 255 2.18 31.85 11.07
CA ARG F 255 1.71 31.38 9.75
C ARG F 255 2.46 30.09 9.43
N GLY F 256 1.72 29.06 9.04
CA GLY F 256 2.26 27.74 8.65
C GLY F 256 1.89 27.36 7.24
N LEU F 257 2.64 26.43 6.69
CA LEU F 257 2.39 25.88 5.37
C LEU F 257 2.47 24.36 5.46
N ALA F 258 1.75 23.72 4.55
CA ALA F 258 1.72 22.26 4.42
C ALA F 258 3.08 21.78 3.93
N ARG F 259 3.35 20.48 4.13
CA ARG F 259 4.56 19.84 3.61
C ARG F 259 4.17 18.64 2.76
N TYR F 260 4.80 18.52 1.58
CA TYR F 260 4.59 17.37 0.65
C TYR F 260 5.69 16.32 0.92
N PHE F 261 5.31 15.05 0.89
CA PHE F 261 6.26 13.92 1.00
C PHE F 261 6.03 12.98 -0.17
N LYS F 262 7.12 12.55 -0.82
CA LYS F 262 7.11 11.40 -1.73
C LYS F 262 8.21 10.43 -1.25
N ILE F 263 7.79 9.23 -0.85
CA ILE F 263 8.71 8.25 -0.20
C ILE F 263 8.80 7.00 -1.07
N ARG F 264 10.01 6.63 -1.46
CA ARG F 264 10.30 5.40 -2.23
C ARG F 264 10.63 4.30 -1.21
N LEU F 265 9.89 3.20 -1.30
CA LEU F 265 10.09 2.03 -0.43
C LEU F 265 10.46 0.83 -1.30
N ARG F 266 11.19 -0.12 -0.71
CA ARG F 266 11.49 -1.43 -1.32
C ARG F 266 11.17 -2.54 -0.32
N LYS F 267 10.93 -3.74 -0.83
CA LYS F 267 10.61 -4.94 -0.01
C LYS F 267 11.91 -5.39 0.64
N ARG F 268 11.85 -5.68 1.94
CA ARG F 268 13.02 -6.14 2.72
C ARG F 268 12.59 -7.37 3.51
N SER F 269 13.39 -8.43 3.43
CA SER F 269 13.17 -9.67 4.22
C SER F 269 13.80 -9.48 5.61
N VAL F 270 13.11 -9.99 6.63
CA VAL F 270 13.56 -9.98 8.05
C VAL F 270 13.23 -11.36 8.63
N LYS F 271 13.93 -11.84 9.66
CA LYS F 271 13.67 -13.19 10.22
C LYS F 271 12.42 -13.11 11.09
N ASN F 272 11.49 -14.04 10.88
CA ASN F 272 10.27 -14.12 11.71
C ASN F 272 10.75 -14.40 13.13
N PRO F 273 10.32 -13.62 14.15
CA PRO F 273 10.51 -14.05 15.55
C PRO F 273 9.77 -15.38 15.82
N TYR F 274 9.96 -15.96 17.00
CA TYR F 274 9.29 -17.23 17.40
C TYR F 274 9.99 -18.43 16.72
N VAL G 7 -10.63 -13.09 28.98
CA VAL G 7 -10.65 -11.68 29.44
C VAL G 7 -12.08 -11.15 29.43
N GLU G 8 -12.27 -9.89 29.79
CA GLU G 8 -13.61 -9.24 29.77
C GLU G 8 -13.62 -8.23 28.62
N VAL G 9 -14.42 -8.46 27.60
CA VAL G 9 -14.46 -7.60 26.39
C VAL G 9 -15.28 -6.35 26.71
N LEU G 10 -14.87 -5.18 26.21
CA LEU G 10 -15.55 -3.91 26.56
C LEU G 10 -15.66 -3.02 25.32
N GLU G 11 -16.40 -3.42 24.29
CA GLU G 11 -16.65 -2.57 23.10
C GLU G 11 -15.30 -2.21 22.42
N ALA G 18 -7.20 2.09 13.23
CA ALA G 18 -8.27 1.26 13.85
C ALA G 18 -8.31 -0.16 13.27
N ILE G 19 -8.52 -0.29 11.96
CA ILE G 19 -8.72 -1.61 11.30
C ILE G 19 -7.47 -1.99 10.52
N THR G 20 -7.01 -3.23 10.67
CA THR G 20 -5.77 -3.65 9.98
C THR G 20 -6.07 -4.92 9.17
N GLU G 21 -5.37 -5.09 8.07
CA GLU G 21 -5.53 -6.26 7.19
C GLU G 21 -4.21 -7.02 7.23
N VAL G 22 -4.25 -8.35 7.26
CA VAL G 22 -3.04 -9.22 7.27
C VAL G 22 -3.15 -10.28 6.17
N GLU G 23 -2.28 -10.20 5.17
CA GLU G 23 -2.28 -11.11 4.01
C GLU G 23 -1.15 -12.11 4.23
N CYS G 24 -1.38 -13.38 3.93
CA CYS G 24 -0.36 -14.41 4.21
C CYS G 24 -0.72 -15.68 3.46
N PHE G 25 0.29 -16.47 3.19
CA PHE G 25 -0.01 -17.78 2.60
C PHE G 25 0.80 -18.77 3.39
N LEU G 26 0.17 -19.90 3.49
CA LEU G 26 0.79 -21.08 4.15
C LEU G 26 1.07 -22.08 3.02
N ASN G 27 2.33 -22.37 2.75
CA ASN G 27 2.69 -23.48 1.83
C ASN G 27 2.35 -24.83 2.48
N PRO G 28 1.94 -25.84 1.68
CA PRO G 28 1.51 -27.12 2.22
C PRO G 28 2.72 -27.96 2.64
N GLU G 29 2.47 -28.92 3.53
CA GLU G 29 3.50 -29.86 4.03
C GLU G 29 2.97 -31.28 3.73
N MET G 30 3.18 -31.73 2.49
CA MET G 30 2.67 -33.01 2.02
C MET G 30 3.73 -34.10 2.21
N GLY G 31 4.96 -33.74 2.61
CA GLY G 31 6.05 -34.70 2.85
C GLY G 31 7.34 -34.31 2.12
N ASP G 32 7.25 -33.82 0.88
CA ASP G 32 8.41 -33.27 0.13
C ASP G 32 9.49 -34.35 0.03
N PRO G 33 9.26 -35.45 -0.72
CA PRO G 33 10.20 -36.56 -0.78
C PRO G 33 11.56 -36.19 -1.39
N ASP G 34 11.62 -35.12 -2.17
CA ASP G 34 12.88 -34.47 -2.62
C ASP G 34 12.52 -33.09 -3.20
N GLU G 35 13.50 -32.23 -3.45
CA GLU G 35 13.24 -30.84 -3.92
C GLU G 35 12.31 -30.87 -5.13
N ASN G 36 12.59 -31.68 -6.15
CA ASN G 36 11.80 -31.65 -7.40
C ASN G 36 10.35 -32.10 -7.14
N LEU G 37 10.08 -32.73 -6.01
CA LEU G 37 8.72 -33.25 -5.70
C LEU G 37 8.12 -32.49 -4.53
N ARG G 38 8.25 -31.16 -4.55
CA ARG G 38 7.67 -30.22 -3.57
C ARG G 38 6.17 -30.07 -3.84
N GLY G 39 5.34 -30.24 -2.81
CA GLY G 39 3.88 -30.17 -2.94
C GLY G 39 3.35 -31.57 -3.05
N PHE G 40 4.23 -32.56 -2.94
CA PHE G 40 3.85 -33.97 -3.10
C PHE G 40 4.36 -34.77 -1.92
N SER G 41 3.73 -35.90 -1.63
CA SER G 41 4.22 -36.84 -0.61
C SER G 41 5.11 -37.87 -1.30
N LEU G 42 5.90 -38.60 -0.52
CA LEU G 42 6.50 -39.87 -0.98
C LEU G 42 5.39 -40.82 -1.43
N LYS G 43 5.70 -41.72 -2.35
CA LYS G 43 4.81 -42.80 -2.81
C LYS G 43 4.23 -43.52 -1.59
N LEU G 44 2.93 -43.82 -1.62
CA LEU G 44 2.22 -44.51 -0.51
C LEU G 44 2.58 -45.99 -0.51
N SER G 45 2.94 -46.53 0.67
CA SER G 45 3.00 -47.98 0.99
C SER G 45 1.56 -48.55 1.02
N ALA G 46 1.39 -49.87 1.08
CA ALA G 46 0.05 -50.46 1.33
C ALA G 46 0.16 -51.87 1.94
N GLU G 47 -0.86 -52.25 2.70
CA GLU G 47 -1.10 -53.66 3.13
C GLU G 47 -0.16 -54.05 4.27
N ASN G 48 0.51 -53.07 4.91
CA ASN G 48 1.28 -53.33 6.16
C ASN G 48 0.29 -53.85 7.22
N ASP G 49 0.69 -54.84 7.99
CA ASP G 49 -0.10 -55.29 9.17
C ASP G 49 -0.13 -54.14 10.19
N PHE G 50 -1.24 -53.96 10.87
CA PHE G 50 -1.38 -52.93 11.94
C PHE G 50 -0.24 -53.10 12.95
N SER G 51 0.25 -54.32 13.13
CA SER G 51 1.29 -54.63 14.15
C SER G 51 2.69 -54.17 13.71
N SER G 52 2.97 -53.91 12.43
CA SER G 52 4.32 -53.47 11.97
C SER G 52 4.18 -52.47 10.82
N ASP G 53 3.74 -51.27 11.17
CA ASP G 53 3.53 -50.17 10.21
C ASP G 53 4.40 -48.99 10.65
N SER G 54 5.57 -48.84 10.03
CA SER G 54 6.46 -47.68 10.19
C SER G 54 6.41 -46.84 8.92
N PRO G 55 5.48 -45.87 8.81
CA PRO G 55 5.49 -44.97 7.65
C PRO G 55 6.73 -44.09 7.60
N GLU G 56 7.34 -43.98 6.43
CA GLU G 56 8.38 -42.96 6.13
C GLU G 56 7.77 -41.58 6.47
N ARG G 57 8.50 -40.73 7.19
CA ARG G 57 8.04 -39.34 7.51
C ARG G 57 7.57 -38.60 6.25
N LYS G 58 8.27 -38.74 5.12
CA LYS G 58 7.95 -38.05 3.84
C LYS G 58 6.68 -38.63 3.20
N MET G 59 6.09 -39.68 3.78
CA MET G 59 4.83 -40.27 3.28
C MET G 59 3.62 -39.52 3.86
N LEU G 60 3.80 -38.72 4.92
CA LEU G 60 2.68 -38.28 5.79
C LEU G 60 2.50 -36.77 5.67
N PRO G 61 1.41 -36.29 5.05
CA PRO G 61 1.05 -34.89 5.13
C PRO G 61 0.89 -34.43 6.58
N CYS G 62 1.30 -33.19 6.85
CA CYS G 62 1.17 -32.51 8.16
C CYS G 62 0.41 -31.20 8.02
N TYR G 63 -0.13 -30.72 9.13
CA TYR G 63 -0.80 -29.40 9.20
C TYR G 63 0.26 -28.32 9.01
N SER G 64 -0.15 -27.23 8.37
CA SER G 64 0.71 -26.05 8.17
C SER G 64 0.27 -25.00 9.19
N THR G 65 1.19 -24.30 9.83
CA THR G 65 0.83 -23.31 10.87
C THR G 65 1.87 -22.19 10.93
N ALA G 66 1.46 -21.00 11.36
CA ALA G 66 2.41 -19.90 11.60
C ALA G 66 1.83 -18.85 12.55
N ARG G 67 2.69 -18.27 13.38
CA ARG G 67 2.31 -17.19 14.33
C ARG G 67 2.75 -15.86 13.72
N ILE G 68 1.83 -14.94 13.49
CA ILE G 68 2.11 -13.61 12.85
C ILE G 68 2.22 -12.54 13.93
N PRO G 69 3.34 -11.80 14.02
CA PRO G 69 3.48 -10.69 14.95
C PRO G 69 2.58 -9.50 14.54
N LEU G 70 1.77 -9.01 15.47
CA LEU G 70 0.89 -7.84 15.22
C LEU G 70 1.47 -6.60 15.90
N PRO G 71 1.07 -5.38 15.49
CA PRO G 71 1.47 -4.15 16.16
C PRO G 71 1.25 -4.21 17.70
N ASN G 72 2.29 -3.78 18.40
CA ASN G 72 2.48 -3.89 19.87
C ASN G 72 1.29 -3.32 20.66
N LEU G 73 0.49 -2.38 20.13
CA LEU G 73 -0.74 -1.87 20.82
C LEU G 73 -0.44 -1.62 22.30
N ASN G 81 -9.41 -0.88 29.74
CA ASN G 81 -8.03 -0.62 30.24
C ASN G 81 -6.96 -0.96 29.18
N LEU G 82 -6.98 -2.14 28.56
CA LEU G 82 -5.97 -2.55 27.53
C LEU G 82 -6.68 -2.75 26.19
N LEU G 83 -5.93 -2.64 25.07
CA LEU G 83 -6.43 -2.95 23.71
C LEU G 83 -5.91 -4.32 23.26
N MET G 84 -6.69 -5.05 22.46
CA MET G 84 -6.25 -6.32 21.79
C MET G 84 -6.74 -6.33 20.35
N TRP G 85 -5.98 -6.98 19.47
CA TRP G 85 -6.39 -7.20 18.07
C TRP G 85 -7.52 -8.25 18.05
N GLU G 86 -8.65 -7.89 17.43
CA GLU G 86 -9.80 -8.80 17.24
C GLU G 86 -9.94 -9.11 15.74
N ALA G 87 -9.75 -10.38 15.37
CA ALA G 87 -9.94 -10.85 13.98
C ALA G 87 -11.43 -10.86 13.65
N VAL G 88 -11.87 -10.15 12.60
CA VAL G 88 -13.33 -9.93 12.34
C VAL G 88 -13.78 -10.72 11.10
N THR G 89 -12.96 -10.77 10.06
CA THR G 89 -13.27 -11.54 8.83
C THR G 89 -12.02 -12.21 8.28
N VAL G 90 -12.21 -13.22 7.43
CA VAL G 90 -11.11 -13.88 6.68
C VAL G 90 -11.60 -14.13 5.26
N GLN G 91 -10.74 -13.86 4.28
CA GLN G 91 -10.87 -14.34 2.89
C GLN G 91 -9.78 -15.37 2.67
N THR G 92 -10.12 -16.52 2.16
CA THR G 92 -9.14 -17.62 2.00
C THR G 92 -9.47 -18.37 0.73
N GLU G 93 -8.44 -18.74 -0.04
CA GLU G 93 -8.62 -19.75 -1.09
C GLU G 93 -7.36 -20.57 -1.28
N VAL G 94 -7.56 -21.71 -1.92
CA VAL G 94 -6.48 -22.66 -2.29
C VAL G 94 -5.86 -22.13 -3.59
N ILE G 95 -4.52 -22.16 -3.66
CA ILE G 95 -3.76 -21.48 -4.74
C ILE G 95 -3.17 -22.54 -5.66
N GLY G 96 -3.39 -22.39 -6.97
CA GLY G 96 -2.84 -23.27 -8.01
C GLY G 96 -3.79 -24.40 -8.37
N ILE G 97 -5.10 -24.22 -8.19
CA ILE G 97 -6.07 -25.31 -8.48
C ILE G 97 -5.95 -25.74 -9.94
N THR G 98 -5.63 -24.83 -10.84
CA THR G 98 -5.57 -25.14 -12.30
C THR G 98 -4.34 -26.01 -12.60
N SER G 99 -3.39 -26.16 -11.67
CA SER G 99 -2.13 -26.88 -11.98
C SER G 99 -2.45 -28.36 -12.23
N MET G 100 -3.66 -28.80 -11.88
CA MET G 100 -4.09 -30.20 -12.05
C MET G 100 -4.56 -30.47 -13.49
N LEU G 101 -4.56 -29.45 -14.36
CA LEU G 101 -4.88 -29.60 -15.81
C LEU G 101 -3.66 -30.09 -16.59
N ASN G 102 -2.51 -30.26 -15.92
CA ASN G 102 -1.32 -30.91 -16.53
C ASN G 102 -1.53 -32.43 -16.44
N LEU G 103 -1.98 -33.04 -17.53
CA LEU G 103 -2.12 -34.52 -17.65
C LEU G 103 -1.04 -35.07 -18.58
N HIS G 104 -0.07 -34.26 -18.99
CA HIS G 104 0.94 -34.66 -20.01
C HIS G 104 2.23 -35.19 -19.34
N ALA G 105 2.46 -34.90 -18.06
CA ALA G 105 3.73 -35.29 -17.36
C ALA G 105 3.44 -36.14 -16.13
N GLY G 106 4.17 -37.25 -15.97
CA GLY G 106 4.21 -38.05 -14.73
C GLY G 106 3.01 -38.96 -14.51
N SER G 107 1.78 -38.53 -14.84
CA SER G 107 0.54 -39.30 -14.58
C SER G 107 0.45 -40.50 -15.52
N GLN G 108 0.02 -41.64 -14.97
CA GLN G 108 -0.29 -42.88 -15.73
C GLN G 108 -1.44 -42.61 -16.70
N LYS G 109 -1.31 -43.05 -17.95
CA LYS G 109 -2.35 -42.90 -19.01
C LYS G 109 -3.63 -43.60 -18.53
N VAL G 110 -4.78 -42.96 -18.70
CA VAL G 110 -6.10 -43.52 -18.31
C VAL G 110 -6.39 -44.80 -19.13
N HIS G 111 -5.87 -44.88 -20.35
CA HIS G 111 -5.96 -46.07 -21.24
C HIS G 111 -5.01 -45.86 -22.41
N GLU G 112 -4.87 -46.85 -23.29
CA GLU G 112 -3.89 -46.80 -24.41
C GLU G 112 -4.21 -45.57 -25.28
N HIS G 113 -3.18 -44.80 -25.61
CA HIS G 113 -3.24 -43.56 -26.45
C HIS G 113 -3.93 -42.40 -25.71
N GLY G 114 -4.36 -42.60 -24.48
CA GLY G 114 -5.12 -41.59 -23.71
C GLY G 114 -4.21 -40.65 -22.97
N GLY G 115 -4.78 -39.61 -22.38
CA GLY G 115 -4.05 -38.65 -21.53
C GLY G 115 -3.79 -39.22 -20.15
N GLY G 116 -3.00 -38.52 -19.35
CA GLY G 116 -2.68 -38.91 -17.96
C GLY G 116 -3.89 -38.88 -17.06
N LYS G 117 -3.82 -39.63 -15.96
CA LYS G 117 -4.92 -39.70 -14.97
C LYS G 117 -4.93 -38.42 -14.14
N PRO G 118 -6.08 -37.71 -14.07
CA PRO G 118 -6.20 -36.58 -13.15
C PRO G 118 -5.95 -37.01 -11.69
N ILE G 119 -5.39 -36.10 -10.91
CA ILE G 119 -5.36 -36.24 -9.43
C ILE G 119 -6.80 -36.43 -8.97
N GLN G 120 -7.03 -37.44 -8.14
CA GLN G 120 -8.35 -37.69 -7.55
C GLN G 120 -8.19 -38.57 -6.30
N GLY G 121 -9.25 -38.72 -5.54
CA GLY G 121 -9.26 -39.56 -4.33
C GLY G 121 -9.44 -38.74 -3.08
N SER G 122 -9.27 -39.38 -1.93
CA SER G 122 -9.53 -38.78 -0.61
C SER G 122 -8.91 -37.38 -0.60
N ASN G 123 -9.61 -36.41 -0.05
CA ASN G 123 -9.03 -35.06 0.14
C ASN G 123 -9.54 -34.47 1.45
N PHE G 124 -8.82 -33.45 1.91
CA PHE G 124 -9.11 -32.76 3.19
C PHE G 124 -8.76 -31.29 2.98
N HIS G 125 -9.70 -30.39 3.27
CA HIS G 125 -9.52 -28.93 3.12
C HIS G 125 -9.92 -28.31 4.44
N PHE G 126 -8.97 -27.64 5.08
CA PHE G 126 -9.13 -27.16 6.47
C PHE G 126 -8.36 -25.87 6.62
N PHE G 127 -8.91 -24.94 7.39
CA PHE G 127 -8.19 -23.73 7.80
C PHE G 127 -8.75 -23.27 9.13
N ALA G 128 -7.95 -22.47 9.83
CA ALA G 128 -8.33 -21.89 11.13
C ALA G 128 -7.61 -20.55 11.32
N VAL G 129 -8.30 -19.65 12.01
CA VAL G 129 -7.77 -18.34 12.49
C VAL G 129 -8.05 -18.26 13.99
N GLY G 130 -7.06 -17.87 14.78
CA GLY G 130 -7.23 -17.81 16.24
C GLY G 130 -6.25 -16.85 16.86
N GLY G 131 -6.60 -16.41 18.07
CA GLY G 131 -5.69 -15.64 18.94
C GLY G 131 -4.75 -16.55 19.73
N ASP G 132 -4.84 -17.87 19.53
CA ASP G 132 -3.93 -18.85 20.17
C ASP G 132 -3.69 -20.01 19.22
N PRO G 133 -2.66 -20.85 19.49
CA PRO G 133 -2.44 -22.04 18.68
C PRO G 133 -3.72 -22.87 18.62
N LEU G 134 -4.05 -23.34 17.42
CA LEU G 134 -5.18 -24.27 17.21
C LEU G 134 -5.01 -25.42 18.19
N GLU G 135 -6.08 -25.77 18.90
CA GLU G 135 -6.12 -26.91 19.84
C GLU G 135 -6.66 -28.15 19.12
N MET G 136 -5.96 -29.27 19.28
CA MET G 136 -6.22 -30.49 18.50
C MET G 136 -6.41 -31.70 19.40
N GLN G 137 -7.18 -32.66 18.87
CA GLN G 137 -7.52 -33.94 19.51
C GLN G 137 -6.94 -35.05 18.64
N GLY G 138 -6.32 -36.06 19.28
CA GLY G 138 -5.70 -37.19 18.57
C GLY G 138 -6.69 -38.32 18.34
N VAL G 139 -6.71 -38.88 17.14
CA VAL G 139 -7.49 -40.10 16.81
C VAL G 139 -6.73 -40.87 15.73
N LEU G 140 -6.56 -42.18 15.91
CA LEU G 140 -5.72 -43.01 15.01
C LEU G 140 -6.57 -44.08 14.35
N MET G 141 -6.33 -44.34 13.07
CA MET G 141 -6.83 -45.54 12.38
C MET G 141 -6.32 -46.78 13.13
N ASN G 142 -5.03 -46.73 13.51
CA ASN G 142 -4.29 -47.87 14.09
C ASN G 142 -3.36 -47.35 15.19
N TYR G 143 -3.70 -47.62 16.44
CA TYR G 143 -2.98 -47.07 17.61
C TYR G 143 -1.56 -47.62 17.61
N ARG G 144 -1.32 -48.74 16.93
CA ARG G 144 -0.02 -49.47 16.98
C ARG G 144 0.88 -48.98 15.84
N THR G 145 0.44 -47.95 15.13
CA THR G 145 1.28 -47.36 14.05
C THR G 145 2.54 -46.74 14.65
N LYS G 146 3.70 -47.11 14.12
CA LYS G 146 5.00 -46.59 14.61
C LYS G 146 5.31 -45.30 13.82
N TYR G 147 4.96 -44.15 14.37
CA TYR G 147 5.14 -42.84 13.70
C TYR G 147 6.60 -42.44 13.73
N PRO G 148 7.10 -41.77 12.67
CA PRO G 148 8.53 -41.48 12.54
C PRO G 148 9.03 -40.31 13.40
N ASP G 149 10.29 -40.44 13.84
CA ASP G 149 11.03 -39.37 14.56
C ASP G 149 10.93 -38.11 13.73
N GLY G 150 10.63 -36.99 14.38
CA GLY G 150 10.44 -35.69 13.74
C GLY G 150 8.98 -35.29 13.75
N THR G 151 8.07 -36.25 13.89
CA THR G 151 6.61 -35.96 13.91
C THR G 151 6.14 -35.98 15.36
N ILE G 152 5.02 -35.33 15.62
CA ILE G 152 4.41 -35.26 16.96
C ILE G 152 3.04 -35.94 16.86
N THR G 153 2.90 -37.11 17.46
CA THR G 153 1.68 -37.95 17.34
C THR G 153 1.20 -38.29 18.74
N PRO G 154 -0.07 -38.74 18.92
CA PRO G 154 -0.57 -39.15 20.22
C PRO G 154 0.44 -39.96 21.05
N LYS G 155 0.57 -39.62 22.34
CA LYS G 155 1.59 -40.22 23.25
C LYS G 155 0.95 -41.32 24.10
N ASN G 156 1.69 -42.42 24.24
CA ASN G 156 1.25 -43.69 24.90
C ASN G 156 -0.18 -43.98 24.45
N PRO G 157 -0.40 -44.16 23.13
CA PRO G 157 -1.71 -44.50 22.61
C PRO G 157 -2.14 -45.90 23.02
N THR G 158 -3.45 -46.09 23.14
CA THR G 158 -4.10 -47.40 23.45
C THR G 158 -5.15 -47.68 22.38
N ALA G 159 -5.79 -48.83 22.45
CA ALA G 159 -6.95 -49.15 21.59
C ALA G 159 -7.97 -48.00 21.70
N GLN G 160 -8.08 -47.36 22.86
CA GLN G 160 -9.04 -46.23 23.06
C GLN G 160 -8.67 -45.09 22.09
N SER G 161 -7.42 -45.03 21.62
CA SER G 161 -6.97 -43.99 20.69
C SER G 161 -7.61 -44.15 19.30
N GLN G 162 -8.18 -45.30 18.99
CA GLN G 162 -8.87 -45.59 17.67
C GLN G 162 -10.30 -45.03 17.70
N VAL G 163 -10.77 -44.65 18.88
CA VAL G 163 -12.04 -43.90 19.09
C VAL G 163 -11.66 -42.62 19.85
N MET G 164 -12.39 -42.17 20.86
CA MET G 164 -12.01 -40.93 21.59
C MET G 164 -11.27 -41.26 22.89
N ASN G 165 -10.01 -40.80 22.98
CA ASN G 165 -9.16 -40.87 24.18
C ASN G 165 -8.76 -39.43 24.54
N THR G 166 -9.33 -38.86 25.61
CA THR G 166 -9.16 -37.43 25.95
C THR G 166 -7.71 -37.11 26.36
N ASP G 167 -6.84 -38.11 26.50
CA ASP G 167 -5.41 -37.85 26.83
C ASP G 167 -4.69 -37.18 25.65
N HIS G 168 -5.15 -37.35 24.41
CA HIS G 168 -4.41 -36.87 23.20
C HIS G 168 -4.82 -35.42 22.88
N LYS G 169 -4.31 -34.46 23.67
CA LYS G 169 -4.52 -33.01 23.45
C LYS G 169 -3.21 -32.42 22.94
N ALA G 170 -3.25 -31.54 21.94
CA ALA G 170 -2.03 -30.87 21.44
C ALA G 170 -2.35 -29.44 21.01
N TYR G 171 -1.33 -28.57 21.07
CA TYR G 171 -1.31 -27.25 20.40
C TYR G 171 -0.65 -27.41 19.02
N LEU G 172 -1.29 -26.92 17.97
CA LEU G 172 -0.66 -26.87 16.63
C LEU G 172 0.39 -25.77 16.69
N ASP G 173 1.55 -26.10 17.27
CA ASP G 173 2.59 -25.12 17.69
C ASP G 173 3.86 -25.36 16.87
N LYS G 174 3.82 -26.21 15.86
CA LYS G 174 4.99 -26.42 14.97
C LYS G 174 4.55 -26.80 13.55
N ASN G 175 5.13 -26.10 12.57
CA ASN G 175 4.90 -26.37 11.14
C ASN G 175 5.54 -27.71 10.77
N ASN G 176 4.89 -28.46 9.86
CA ASN G 176 5.47 -29.71 9.26
C ASN G 176 5.83 -30.71 10.37
N ALA G 177 4.95 -30.91 11.35
CA ALA G 177 5.24 -31.76 12.53
C ALA G 177 4.05 -32.66 12.88
N TYR G 178 2.82 -32.13 12.84
CA TYR G 178 1.60 -32.86 13.29
C TYR G 178 0.99 -33.53 12.06
N PRO G 179 1.10 -34.87 11.91
CA PRO G 179 0.54 -35.52 10.74
C PRO G 179 -0.97 -35.25 10.70
N VAL G 180 -1.47 -34.93 9.52
CA VAL G 180 -2.94 -34.74 9.29
C VAL G 180 -3.66 -36.00 9.77
N GLU G 181 -3.08 -37.18 9.57
CA GLU G 181 -3.80 -38.46 9.78
C GLU G 181 -4.04 -38.69 11.28
N CYS G 182 -3.32 -38.00 12.17
CA CYS G 182 -3.37 -38.32 13.62
C CYS G 182 -4.19 -37.30 14.41
N TRP G 183 -4.47 -36.13 13.83
CA TRP G 183 -5.00 -34.98 14.61
C TRP G 183 -6.21 -34.36 13.92
N VAL G 184 -7.17 -33.92 14.73
CA VAL G 184 -8.31 -33.08 14.23
C VAL G 184 -8.42 -31.87 15.14
N PRO G 185 -9.05 -30.77 14.66
CA PRO G 185 -9.41 -29.68 15.55
C PRO G 185 -10.26 -30.24 16.70
N ASP G 186 -9.98 -29.80 17.92
CA ASP G 186 -10.70 -30.24 19.14
C ASP G 186 -11.91 -29.35 19.38
N PRO G 187 -13.15 -29.81 19.11
CA PRO G 187 -14.33 -28.98 19.32
C PRO G 187 -14.67 -28.75 20.80
N SER G 188 -14.02 -29.48 21.72
CA SER G 188 -14.20 -29.30 23.19
C SER G 188 -13.34 -28.13 23.70
N ARG G 189 -12.55 -27.47 22.83
CA ARG G 189 -11.66 -26.32 23.18
C ARG G 189 -11.75 -25.28 22.05
N ASN G 190 -10.68 -24.56 21.75
CA ASN G 190 -10.64 -23.53 20.67
C ASN G 190 -11.70 -22.44 20.93
N GLU G 191 -11.82 -22.00 22.18
CA GLU G 191 -12.65 -20.83 22.61
C GLU G 191 -12.26 -19.59 21.77
N ASN G 192 -10.98 -19.45 21.43
CA ASN G 192 -10.44 -18.23 20.79
C ASN G 192 -9.91 -18.53 19.38
N THR G 193 -10.50 -19.52 18.70
CA THR G 193 -10.16 -19.89 17.31
C THR G 193 -11.44 -20.24 16.58
N ARG G 194 -11.53 -19.86 15.31
CA ARG G 194 -12.57 -20.41 14.39
C ARG G 194 -11.90 -21.39 13.42
N TYR G 195 -12.47 -22.57 13.25
CA TYR G 195 -11.92 -23.56 12.29
C TYR G 195 -13.03 -24.07 11.39
N PHE G 196 -12.62 -24.54 10.21
CA PHE G 196 -13.51 -25.08 9.16
C PHE G 196 -12.75 -26.17 8.41
N GLY G 197 -13.35 -27.34 8.27
CA GLY G 197 -12.72 -28.44 7.54
C GLY G 197 -13.76 -29.29 6.84
N THR G 198 -13.38 -29.81 5.68
CA THR G 198 -14.16 -30.85 4.97
C THR G 198 -13.25 -32.01 4.58
N PHE G 199 -13.65 -33.21 4.96
CA PHE G 199 -13.00 -34.47 4.55
C PHE G 199 -13.94 -35.14 3.56
N THR G 200 -13.41 -35.52 2.41
CA THR G 200 -14.12 -36.31 1.38
C THR G 200 -13.24 -37.54 1.09
N GLY G 201 -13.69 -38.72 1.46
CA GLY G 201 -12.90 -39.96 1.30
C GLY G 201 -13.38 -40.77 0.10
N GLY G 202 -12.48 -41.48 -0.56
CA GLY G 202 -12.83 -42.43 -1.63
C GLY G 202 -11.75 -42.50 -2.69
N GLU G 203 -11.56 -43.64 -3.33
CA GLU G 203 -10.62 -43.85 -4.47
C GLU G 203 -10.84 -42.78 -5.56
N ASN G 204 -12.10 -42.52 -5.94
CA ASN G 204 -12.42 -41.77 -7.19
C ASN G 204 -13.06 -40.42 -6.90
N VAL G 205 -12.93 -39.91 -5.69
CA VAL G 205 -13.53 -38.59 -5.34
C VAL G 205 -12.92 -37.55 -6.28
N PRO G 206 -13.75 -36.85 -7.07
CA PRO G 206 -13.27 -35.72 -7.83
C PRO G 206 -13.02 -34.53 -6.92
N PRO G 207 -11.83 -33.89 -6.98
CA PRO G 207 -11.60 -32.65 -6.26
C PRO G 207 -12.51 -31.56 -6.84
N VAL G 208 -13.18 -30.80 -5.98
CA VAL G 208 -14.07 -29.66 -6.39
C VAL G 208 -13.63 -28.43 -5.62
N LEU G 209 -13.03 -27.46 -6.30
CA LEU G 209 -12.45 -26.26 -5.67
C LEU G 209 -12.99 -25.03 -6.39
N HIS G 210 -13.43 -24.07 -5.60
CA HIS G 210 -13.97 -22.78 -6.05
C HIS G 210 -12.95 -21.69 -5.69
N VAL G 211 -12.78 -20.71 -6.55
CA VAL G 211 -12.03 -19.47 -6.24
C VAL G 211 -12.96 -18.28 -6.54
N THR G 212 -12.86 -17.25 -5.73
CA THR G 212 -13.55 -15.95 -5.93
C THR G 212 -13.00 -14.95 -4.92
N ASN G 213 -12.80 -13.71 -5.33
CA ASN G 213 -12.37 -12.61 -4.43
C ASN G 213 -13.61 -11.88 -3.89
N THR G 214 -14.81 -12.48 -3.98
CA THR G 214 -16.07 -11.85 -3.50
C THR G 214 -16.56 -12.50 -2.19
N ALA G 215 -15.99 -13.64 -1.76
CA ALA G 215 -16.46 -14.38 -0.56
C ALA G 215 -15.64 -13.95 0.68
N THR G 216 -16.32 -13.76 1.80
CA THR G 216 -15.70 -13.44 3.10
C THR G 216 -16.34 -14.30 4.19
N THR G 217 -15.58 -14.72 5.19
CA THR G 217 -16.09 -15.49 6.35
C THR G 217 -16.02 -14.63 7.60
N VAL G 218 -17.15 -14.40 8.25
CA VAL G 218 -17.20 -13.60 9.51
C VAL G 218 -16.63 -14.50 10.61
N LEU G 219 -15.78 -13.95 11.47
CA LEU G 219 -15.15 -14.71 12.58
C LEU G 219 -15.82 -14.38 13.92
N LEU G 220 -16.73 -13.38 13.95
CA LEU G 220 -17.47 -13.00 15.18
C LEU G 220 -18.29 -14.19 15.67
N ASP G 221 -18.41 -14.34 17.00
CA ASP G 221 -19.21 -15.40 17.67
C ASP G 221 -20.63 -14.88 17.94
N GLU G 222 -21.44 -15.65 18.69
CA GLU G 222 -22.87 -15.32 18.96
C GLU G 222 -22.95 -13.98 19.71
N GLN G 223 -21.92 -13.60 20.49
CA GLN G 223 -21.88 -12.30 21.23
C GLN G 223 -21.22 -11.21 20.38
N GLY G 224 -20.87 -11.47 19.11
CA GLY G 224 -20.25 -10.48 18.22
C GLY G 224 -18.76 -10.25 18.50
N VAL G 225 -18.07 -11.26 19.05
CA VAL G 225 -16.62 -11.17 19.40
C VAL G 225 -15.81 -12.15 18.57
N GLY G 226 -14.84 -11.63 17.81
CA GLY G 226 -13.89 -12.46 17.05
C GLY G 226 -12.74 -12.94 17.92
N PRO G 227 -11.87 -13.82 17.39
CA PRO G 227 -10.64 -14.20 18.08
C PRO G 227 -9.88 -12.98 18.59
N LEU G 228 -9.45 -13.01 19.85
CA LEU G 228 -8.66 -11.93 20.48
C LEU G 228 -7.20 -12.38 20.56
N CYS G 229 -6.29 -11.59 19.99
CA CYS G 229 -4.91 -12.03 19.72
C CYS G 229 -4.04 -11.83 20.97
N LYS G 230 -3.80 -12.92 21.69
CA LYS G 230 -2.95 -12.96 22.90
C LYS G 230 -1.50 -12.80 22.47
N ALA G 231 -0.79 -11.90 23.15
CA ALA G 231 0.62 -11.55 22.88
C ALA G 231 0.77 -10.98 21.47
N ASP G 232 -0.21 -10.16 21.04
CA ASP G 232 -0.23 -9.52 19.69
C ASP G 232 0.22 -10.56 18.67
N SER G 233 -0.40 -11.74 18.69
CA SER G 233 -0.03 -12.86 17.80
C SER G 233 -1.28 -13.47 17.16
N LEU G 234 -1.32 -13.50 15.82
CA LEU G 234 -2.40 -14.12 15.02
C LEU G 234 -1.90 -15.49 14.59
N TYR G 235 -2.67 -16.54 14.80
CA TYR G 235 -2.33 -17.91 14.35
C TYR G 235 -3.20 -18.26 13.13
N VAL G 236 -2.55 -18.71 12.06
CA VAL G 236 -3.23 -19.34 10.90
C VAL G 236 -2.75 -20.79 10.75
N SER G 237 -3.67 -21.67 10.41
CA SER G 237 -3.45 -23.12 10.26
C SER G 237 -4.20 -23.61 9.01
N ALA G 238 -3.70 -24.65 8.36
CA ALA G 238 -4.33 -25.16 7.13
C ALA G 238 -3.83 -26.56 6.81
N ALA G 239 -4.68 -27.34 6.17
CA ALA G 239 -4.31 -28.58 5.47
C ALA G 239 -5.15 -28.61 4.18
N ASP G 240 -4.50 -28.72 3.02
CA ASP G 240 -5.19 -28.83 1.72
C ASP G 240 -4.58 -29.97 0.92
N ILE G 241 -4.90 -31.20 1.33
CA ILE G 241 -4.62 -32.41 0.52
C ILE G 241 -5.66 -32.45 -0.60
N CYS G 242 -5.23 -32.36 -1.86
CA CYS G 242 -6.16 -32.27 -3.02
C CYS G 242 -6.55 -33.64 -3.56
N GLY G 243 -5.79 -34.70 -3.23
CA GLY G 243 -6.02 -36.06 -3.73
C GLY G 243 -4.72 -36.77 -4.07
N LEU G 244 -4.80 -37.95 -4.69
CA LEU G 244 -3.61 -38.76 -5.03
C LEU G 244 -3.25 -38.54 -6.50
N PHE G 245 -1.95 -38.45 -6.75
CA PHE G 245 -1.32 -38.42 -8.08
C PHE G 245 -0.83 -39.83 -8.38
N THR G 246 -1.25 -40.41 -9.50
CA THR G 246 -0.84 -41.77 -9.89
C THR G 246 0.23 -41.67 -10.97
N ASN G 247 1.46 -42.12 -10.65
CA ASN G 247 2.60 -42.19 -11.61
C ASN G 247 2.34 -43.31 -12.62
N SER G 248 3.09 -43.27 -13.74
CA SER G 248 3.11 -44.33 -14.78
C SER G 248 3.27 -45.71 -14.14
N SER G 249 4.15 -45.84 -13.14
CA SER G 249 4.45 -47.09 -12.39
C SER G 249 3.18 -47.64 -11.72
N GLY G 250 2.23 -46.77 -11.37
CA GLY G 250 1.02 -47.12 -10.60
C GLY G 250 1.13 -46.69 -9.14
N THR G 251 2.31 -46.17 -8.73
CA THR G 251 2.50 -45.62 -7.37
C THR G 251 1.68 -44.34 -7.22
N GLN G 252 1.33 -44.02 -5.98
CA GLN G 252 0.41 -42.89 -5.68
C GLN G 252 1.04 -41.96 -4.66
N GLN G 253 0.88 -40.66 -4.86
CA GLN G 253 1.45 -39.63 -3.97
C GLN G 253 0.36 -38.62 -3.65
N TRP G 254 0.36 -38.10 -2.43
CA TRP G 254 -0.55 -36.98 -2.09
C TRP G 254 -0.06 -35.76 -2.85
N ARG G 255 -0.99 -34.90 -3.27
CA ARG G 255 -0.68 -33.58 -3.86
C ARG G 255 -1.39 -32.54 -3.01
N GLY G 256 -0.66 -31.51 -2.63
CA GLY G 256 -1.20 -30.38 -1.84
C GLY G 256 -1.01 -29.06 -2.52
N LEU G 257 -1.78 -28.07 -2.07
CA LEU G 257 -1.67 -26.68 -2.57
C LEU G 257 -1.66 -25.75 -1.37
N ALA G 258 -1.02 -24.59 -1.55
CA ALA G 258 -0.89 -23.54 -0.53
C ALA G 258 -2.27 -22.93 -0.29
N ARG G 259 -2.44 -22.26 0.85
CA ARG G 259 -3.67 -21.52 1.15
C ARG G 259 -3.33 -20.06 1.47
N TYR G 260 -4.06 -19.15 0.84
CA TYR G 260 -3.91 -17.68 1.05
C TYR G 260 -4.94 -17.24 2.08
N PHE G 261 -4.54 -16.34 2.98
CA PHE G 261 -5.45 -15.73 3.97
C PHE G 261 -5.33 -14.22 3.87
N LYS G 262 -6.47 -13.53 3.89
CA LYS G 262 -6.53 -12.07 4.17
C LYS G 262 -7.45 -11.85 5.38
N ILE G 263 -6.91 -11.36 6.49
CA ILE G 263 -7.65 -11.29 7.78
C ILE G 263 -7.76 -9.82 8.18
N ARG G 264 -9.00 -9.36 8.39
CA ARG G 264 -9.31 -7.99 8.86
C ARG G 264 -9.41 -8.04 10.37
N LEU G 265 -8.61 -7.21 11.04
CA LEU G 265 -8.60 -7.09 12.52
C LEU G 265 -8.99 -5.67 12.92
N ARG G 266 -9.56 -5.55 14.12
CA ARG G 266 -9.85 -4.23 14.73
C ARG G 266 -9.32 -4.21 16.16
N LYS G 267 -9.07 -3.00 16.68
CA LYS G 267 -8.66 -2.78 18.08
C LYS G 267 -9.90 -2.98 18.95
N ARG G 268 -9.78 -3.76 20.02
CA ARG G 268 -10.88 -4.08 20.96
C ARG G 268 -10.38 -3.80 22.38
N SER G 269 -11.19 -3.10 23.19
CA SER G 269 -10.83 -2.81 24.61
C SER G 269 -11.24 -3.98 25.50
N VAL G 270 -10.39 -4.29 26.47
CA VAL G 270 -10.60 -5.41 27.44
C VAL G 270 -10.07 -4.98 28.81
N LYS G 271 -10.51 -5.64 29.89
CA LYS G 271 -9.90 -5.54 31.24
C LYS G 271 -8.90 -6.69 31.42
N GLU H 8 -10.34 7.77 -4.63
CA GLU H 8 -10.92 9.13 -4.89
C GLU H 8 -12.45 9.03 -5.17
N VAL H 9 -13.11 7.93 -4.79
CA VAL H 9 -14.46 7.54 -5.30
C VAL H 9 -15.55 8.37 -4.61
N LEU H 10 -16.51 8.92 -5.39
CA LEU H 10 -17.65 9.71 -4.85
C LEU H 10 -18.96 9.05 -5.31
N ALA H 18 -26.11 8.29 -18.29
CA ALA H 18 -26.09 7.66 -16.95
C ALA H 18 -25.63 6.20 -17.04
N ILE H 19 -26.37 5.36 -17.76
CA ILE H 19 -26.29 3.87 -17.77
C ILE H 19 -25.88 3.39 -19.16
N THR H 20 -25.18 2.27 -19.25
CA THR H 20 -24.82 1.62 -20.53
C THR H 20 -24.75 0.12 -20.32
N GLU H 21 -25.05 -0.65 -21.36
CA GLU H 21 -24.79 -2.11 -21.41
C GLU H 21 -23.69 -2.33 -22.44
N VAL H 22 -22.76 -3.25 -22.19
CA VAL H 22 -21.83 -3.75 -23.23
C VAL H 22 -21.97 -5.28 -23.24
N GLU H 23 -22.02 -5.83 -24.44
CA GLU H 23 -22.21 -7.27 -24.74
C GLU H 23 -20.92 -7.77 -25.35
N CYS H 24 -20.58 -9.02 -25.13
CA CYS H 24 -19.38 -9.63 -25.73
C CYS H 24 -19.52 -11.15 -25.69
N PHE H 25 -19.16 -11.82 -26.77
CA PHE H 25 -18.87 -13.29 -26.79
C PHE H 25 -17.35 -13.48 -26.88
N LEU H 26 -16.73 -14.17 -25.93
CA LEU H 26 -15.27 -14.37 -25.84
C LEU H 26 -15.00 -15.81 -26.25
N ASN H 27 -14.36 -16.03 -27.41
CA ASN H 27 -14.13 -17.40 -27.93
C ASN H 27 -13.06 -18.10 -27.10
N PRO H 28 -13.13 -19.44 -26.95
CA PRO H 28 -12.15 -20.17 -26.13
C PRO H 28 -10.84 -20.38 -26.89
N GLU H 29 -9.78 -20.62 -26.14
CA GLU H 29 -8.42 -20.88 -26.69
C GLU H 29 -7.94 -22.22 -26.15
N MET H 30 -8.42 -23.30 -26.76
CA MET H 30 -8.16 -24.67 -26.27
C MET H 30 -6.91 -25.24 -26.93
N GLY H 31 -6.33 -24.54 -27.92
CA GLY H 31 -5.12 -24.97 -28.64
C GLY H 31 -5.28 -24.93 -30.15
N ASP H 32 -6.44 -25.36 -30.66
CA ASP H 32 -6.81 -25.24 -32.10
C ASP H 32 -5.74 -25.96 -32.92
N PRO H 33 -5.64 -27.30 -32.83
CA PRO H 33 -4.61 -28.07 -33.51
C PRO H 33 -4.64 -27.94 -35.04
N ASP H 34 -5.78 -27.53 -35.60
CA ASP H 34 -5.98 -27.27 -37.04
C ASP H 34 -7.33 -26.55 -37.17
N GLU H 35 -7.61 -25.93 -38.31
CA GLU H 35 -8.85 -25.13 -38.50
C GLU H 35 -10.06 -26.00 -38.18
N ASN H 36 -10.12 -27.23 -38.69
CA ASN H 36 -11.29 -28.12 -38.56
C ASN H 36 -11.56 -28.50 -37.10
N LEU H 37 -10.57 -28.37 -36.22
CA LEU H 37 -10.69 -28.71 -34.79
C LEU H 37 -10.65 -27.44 -33.95
N ARG H 38 -11.23 -26.35 -34.44
CA ARG H 38 -11.34 -25.10 -33.65
C ARG H 38 -12.25 -25.38 -32.44
N GLY H 39 -11.79 -25.00 -31.26
CA GLY H 39 -12.48 -25.25 -29.98
C GLY H 39 -11.99 -26.51 -29.29
N PHE H 40 -11.07 -27.25 -29.90
CA PHE H 40 -10.43 -28.46 -29.34
C PHE H 40 -8.95 -28.20 -29.10
N SER H 41 -8.33 -29.01 -28.25
CA SER H 41 -6.85 -29.02 -28.08
C SER H 41 -6.30 -30.12 -28.96
N LEU H 42 -5.00 -30.07 -29.21
CA LEU H 42 -4.25 -31.23 -29.76
C LEU H 42 -4.43 -32.40 -28.80
N LYS H 43 -4.35 -33.63 -29.31
CA LYS H 43 -4.43 -34.86 -28.49
C LYS H 43 -3.40 -34.75 -27.36
N LEU H 44 -3.78 -35.17 -26.16
CA LEU H 44 -2.91 -35.11 -24.96
C LEU H 44 -1.83 -36.21 -25.05
N SER H 45 -0.58 -35.83 -24.78
CA SER H 45 0.53 -36.77 -24.48
C SER H 45 0.36 -37.30 -23.06
N ALA H 46 1.11 -38.33 -22.67
CA ALA H 46 1.03 -38.89 -21.30
C ALA H 46 2.33 -39.62 -20.92
N GLU H 47 2.62 -39.65 -19.62
CA GLU H 47 3.66 -40.51 -19.00
C GLU H 47 5.05 -39.92 -19.27
N ASN H 48 5.15 -38.67 -19.74
CA ASN H 48 6.46 -37.97 -19.85
C ASN H 48 7.06 -37.91 -18.44
N ASP H 49 8.37 -38.12 -18.32
CA ASP H 49 9.07 -37.83 -17.05
C ASP H 49 9.04 -36.31 -16.81
N PHE H 50 8.91 -35.89 -15.55
CA PHE H 50 8.95 -34.46 -15.17
C PHE H 50 10.19 -33.81 -15.79
N SER H 51 11.27 -34.58 -15.93
CA SER H 51 12.58 -34.06 -16.39
C SER H 51 12.62 -33.81 -17.91
N SER H 52 11.70 -34.34 -18.72
CA SER H 52 11.70 -34.15 -20.19
C SER H 52 10.26 -34.07 -20.71
N ASP H 53 9.57 -32.98 -20.38
CA ASP H 53 8.15 -32.74 -20.76
C ASP H 53 8.10 -31.42 -21.52
N SER H 54 8.10 -31.49 -22.85
CA SER H 54 7.91 -30.33 -23.74
C SER H 54 6.53 -30.43 -24.41
N PRO H 55 5.44 -29.95 -23.78
CA PRO H 55 4.13 -29.97 -24.42
C PRO H 55 4.08 -29.10 -25.67
N GLU H 56 3.41 -29.62 -26.69
CA GLU H 56 3.16 -28.83 -27.92
C GLU H 56 2.23 -27.69 -27.51
N ARG H 57 2.48 -26.49 -28.02
CA ARG H 57 1.66 -25.29 -27.71
C ARG H 57 0.16 -25.56 -27.92
N LYS H 58 -0.19 -26.28 -28.99
CA LYS H 58 -1.61 -26.59 -29.35
C LYS H 58 -2.21 -27.62 -28.37
N MET H 59 -1.42 -28.16 -27.44
CA MET H 59 -1.91 -29.14 -26.42
C MET H 59 -2.49 -28.39 -25.23
N LEU H 60 -2.20 -27.09 -25.10
CA LEU H 60 -2.40 -26.36 -23.82
C LEU H 60 -3.51 -25.33 -23.98
N PRO H 61 -4.66 -25.52 -23.33
CA PRO H 61 -5.63 -24.43 -23.22
C PRO H 61 -5.02 -23.20 -22.54
N CYS H 62 -5.43 -22.03 -23.00
CA CYS H 62 -5.03 -20.71 -22.43
C CYS H 62 -6.27 -19.91 -22.03
N TYR H 63 -6.07 -18.94 -21.14
CA TYR H 63 -7.14 -18.00 -20.74
C TYR H 63 -7.49 -17.15 -21.96
N SER H 64 -8.78 -16.89 -22.11
CA SER H 64 -9.32 -15.89 -23.07
C SER H 64 -9.43 -14.54 -22.36
N THR H 65 -9.08 -13.47 -23.05
CA THR H 65 -9.32 -12.11 -22.53
C THR H 65 -9.59 -11.15 -23.68
N ALA H 66 -10.27 -10.06 -23.38
CA ALA H 66 -10.49 -8.96 -24.33
C ALA H 66 -10.73 -7.68 -23.55
N ARG H 67 -10.29 -6.57 -24.14
CA ARG H 67 -10.44 -5.21 -23.60
C ARG H 67 -11.52 -4.49 -24.42
N ILE H 68 -12.68 -4.21 -23.82
CA ILE H 68 -13.80 -3.50 -24.51
C ILE H 68 -13.64 -2.00 -24.30
N PRO H 69 -13.48 -1.20 -25.37
CA PRO H 69 -13.43 0.25 -25.24
C PRO H 69 -14.81 0.80 -24.86
N LEU H 70 -14.83 1.76 -23.94
CA LEU H 70 -16.09 2.39 -23.46
C LEU H 70 -16.16 3.82 -23.99
N PRO H 71 -17.37 4.44 -24.02
CA PRO H 71 -17.51 5.85 -24.39
C PRO H 71 -16.53 6.74 -23.62
N ASN H 72 -15.83 7.62 -24.34
CA ASN H 72 -14.90 8.59 -23.71
C ASN H 72 -15.73 9.48 -22.81
N LEU H 73 -15.43 9.50 -21.50
CA LEU H 73 -16.14 10.41 -20.58
C LEU H 73 -15.35 11.72 -20.57
N ASN H 74 -15.88 12.76 -19.91
CA ASN H 74 -15.22 14.09 -19.83
C ASN H 74 -15.42 14.80 -21.20
N ASN H 81 -12.62 15.31 -9.68
CA ASN H 81 -14.03 15.68 -9.97
C ASN H 81 -14.43 15.18 -11.36
N LEU H 82 -13.83 14.07 -11.82
CA LEU H 82 -14.08 13.53 -13.18
C LEU H 82 -15.04 12.34 -13.08
N LEU H 83 -15.37 11.74 -14.22
CA LEU H 83 -16.32 10.58 -14.29
C LEU H 83 -15.56 9.32 -14.72
N MET H 84 -15.95 8.17 -14.16
CA MET H 84 -15.44 6.85 -14.59
C MET H 84 -16.60 5.88 -14.73
N TRP H 85 -16.48 4.97 -15.69
CA TRP H 85 -17.44 3.86 -15.88
C TRP H 85 -17.28 2.88 -14.71
N GLU H 86 -18.39 2.61 -14.01
CA GLU H 86 -18.45 1.64 -12.89
C GLU H 86 -19.31 0.45 -13.33
N ALA H 87 -18.69 -0.73 -13.43
CA ALA H 87 -19.39 -1.99 -13.78
C ALA H 87 -20.23 -2.42 -12.56
N VAL H 88 -21.52 -2.60 -12.72
CA VAL H 88 -22.47 -2.80 -11.58
C VAL H 88 -23.00 -4.23 -11.58
N THR H 89 -23.32 -4.80 -12.74
CA THR H 89 -23.77 -6.21 -12.84
C THR H 89 -23.18 -6.88 -14.07
N VAL H 90 -23.18 -8.21 -14.06
CA VAL H 90 -22.78 -9.02 -15.23
C VAL H 90 -23.77 -10.17 -15.37
N GLN H 91 -24.20 -10.45 -16.60
CA GLN H 91 -24.88 -11.71 -16.98
C GLN H 91 -23.90 -12.48 -17.85
N THR H 92 -23.66 -13.73 -17.54
CA THR H 92 -22.68 -14.55 -18.30
C THR H 92 -23.19 -15.97 -18.39
N GLU H 93 -23.04 -16.60 -19.55
CA GLU H 93 -23.21 -18.06 -19.64
C GLU H 93 -22.29 -18.62 -20.71
N VAL H 94 -22.09 -19.93 -20.62
CA VAL H 94 -21.31 -20.72 -21.61
C VAL H 94 -22.22 -21.00 -22.79
N ILE H 95 -21.70 -20.86 -24.00
CA ILE H 95 -22.51 -20.89 -25.25
C ILE H 95 -22.19 -22.18 -26.02
N GLY H 96 -23.23 -22.92 -26.38
CA GLY H 96 -23.13 -24.15 -27.18
C GLY H 96 -23.07 -25.39 -26.31
N ILE H 97 -23.63 -25.35 -25.10
CA ILE H 97 -23.55 -26.51 -24.17
C ILE H 97 -24.21 -27.71 -24.84
N THR H 98 -25.26 -27.51 -25.64
CA THR H 98 -26.00 -28.63 -26.26
C THR H 98 -25.15 -29.30 -27.35
N SER H 99 -24.05 -28.69 -27.79
CA SER H 99 -23.25 -29.23 -28.91
C SER H 99 -22.67 -30.60 -28.51
N MET H 100 -22.65 -30.90 -27.21
CA MET H 100 -22.07 -32.15 -26.67
C MET H 100 -23.06 -33.32 -26.84
N LEU H 101 -24.27 -33.07 -27.35
CA LEU H 101 -25.28 -34.14 -27.64
C LEU H 101 -24.99 -34.78 -29.00
N ASN H 102 -23.95 -34.34 -29.71
CA ASN H 102 -23.44 -35.04 -30.92
C ASN H 102 -22.54 -36.19 -30.46
N LEU H 103 -23.09 -37.41 -30.42
CA LEU H 103 -22.32 -38.64 -30.08
C LEU H 103 -22.12 -39.47 -31.34
N HIS H 104 -22.45 -38.94 -32.52
CA HIS H 104 -22.44 -39.72 -33.78
C HIS H 104 -21.11 -39.56 -34.52
N ALA H 105 -20.34 -38.50 -34.25
CA ALA H 105 -19.08 -38.22 -34.98
C ALA H 105 -17.88 -38.17 -34.03
N GLY H 106 -16.78 -38.84 -34.42
CA GLY H 106 -15.43 -38.70 -33.83
C GLY H 106 -15.23 -39.43 -32.50
N SER H 107 -16.24 -39.47 -31.64
CA SER H 107 -16.13 -40.09 -30.28
C SER H 107 -16.06 -41.61 -30.42
N GLN H 108 -15.19 -42.23 -29.61
CA GLN H 108 -15.09 -43.69 -29.41
C GLN H 108 -16.42 -44.23 -28.87
N LYS H 109 -16.91 -45.32 -29.45
CA LYS H 109 -18.16 -46.02 -29.01
C LYS H 109 -17.97 -46.44 -27.55
N VAL H 110 -18.99 -46.22 -26.72
CA VAL H 110 -18.96 -46.61 -25.27
C VAL H 110 -18.83 -48.13 -25.13
N HIS H 111 -19.36 -48.88 -26.11
CA HIS H 111 -19.26 -50.37 -26.19
C HIS H 111 -19.72 -50.79 -27.59
N GLU H 112 -19.65 -52.09 -27.92
CA GLU H 112 -19.99 -52.57 -29.28
C GLU H 112 -21.46 -52.22 -29.57
N HIS H 113 -21.72 -51.67 -30.76
CA HIS H 113 -23.05 -51.26 -31.28
C HIS H 113 -23.54 -49.99 -30.58
N GLY H 114 -22.76 -49.43 -29.66
CA GLY H 114 -23.21 -48.31 -28.81
C GLY H 114 -22.95 -46.97 -29.46
N GLY H 115 -23.46 -45.90 -28.87
CA GLY H 115 -23.19 -44.51 -29.29
C GLY H 115 -21.81 -44.07 -28.86
N GLY H 116 -21.38 -42.90 -29.34
CA GLY H 116 -20.07 -42.32 -28.98
C GLY H 116 -20.00 -41.92 -27.51
N LYS H 117 -18.79 -41.83 -26.97
CA LYS H 117 -18.58 -41.42 -25.56
C LYS H 117 -18.83 -39.92 -25.42
N PRO H 118 -19.71 -39.49 -24.49
CA PRO H 118 -19.84 -38.07 -24.17
C PRO H 118 -18.50 -37.47 -23.70
N ILE H 119 -18.31 -36.20 -24.02
CA ILE H 119 -17.23 -35.38 -23.40
C ILE H 119 -17.41 -35.46 -21.90
N GLN H 120 -16.34 -35.76 -21.19
CA GLN H 120 -16.37 -35.82 -19.71
C GLN H 120 -14.94 -35.70 -19.18
N GLY H 121 -14.81 -35.52 -17.88
CA GLY H 121 -13.51 -35.45 -17.21
C GLY H 121 -13.24 -34.06 -16.67
N SER H 122 -12.01 -33.84 -16.24
CA SER H 122 -11.57 -32.61 -15.55
C SER H 122 -12.13 -31.41 -16.32
N ASN H 123 -12.67 -30.43 -15.62
CA ASN H 123 -13.12 -29.19 -16.27
C ASN H 123 -12.83 -27.99 -15.36
N PHE H 124 -12.86 -26.82 -15.96
CA PHE H 124 -12.57 -25.53 -15.28
C PHE H 124 -13.44 -24.48 -15.93
N HIS H 125 -14.21 -23.76 -15.11
CA HIS H 125 -15.15 -22.71 -15.59
C HIS H 125 -14.84 -21.46 -14.77
N PHE H 126 -14.42 -20.42 -15.47
CA PHE H 126 -13.89 -19.20 -14.84
C PHE H 126 -14.28 -18.00 -15.68
N PHE H 127 -14.61 -16.91 -15.02
CA PHE H 127 -14.75 -15.60 -15.69
C PHE H 127 -14.38 -14.50 -14.70
N ALA H 128 -14.03 -13.34 -15.26
CA ALA H 128 -13.74 -12.13 -14.50
C ALA H 128 -14.16 -10.88 -15.29
N VAL H 129 -14.56 -9.86 -14.55
CA VAL H 129 -14.84 -8.50 -15.04
C VAL H 129 -14.02 -7.53 -14.18
N GLY H 130 -13.34 -6.58 -14.81
CA GLY H 130 -12.53 -5.63 -14.06
C GLY H 130 -12.27 -4.37 -14.87
N GLY H 131 -11.88 -3.33 -14.15
CA GLY H 131 -11.38 -2.07 -14.73
C GLY H 131 -9.91 -2.15 -15.10
N ASP H 132 -9.26 -3.29 -14.89
CA ASP H 132 -7.84 -3.53 -15.28
C ASP H 132 -7.66 -4.97 -15.69
N PRO H 133 -6.53 -5.31 -16.37
CA PRO H 133 -6.24 -6.70 -16.69
C PRO H 133 -6.31 -7.54 -15.42
N LEU H 134 -6.95 -8.71 -15.54
CA LEU H 134 -6.95 -9.73 -14.47
C LEU H 134 -5.51 -9.98 -14.01
N GLU H 135 -5.29 -9.96 -12.69
CA GLU H 135 -3.99 -10.25 -12.05
C GLU H 135 -3.94 -11.74 -11.66
N MET H 136 -2.84 -12.41 -12.00
CA MET H 136 -2.72 -13.88 -11.89
C MET H 136 -1.46 -14.28 -11.14
N GLN H 137 -1.53 -15.45 -10.49
CA GLN H 137 -0.44 -16.07 -9.71
C GLN H 137 -0.07 -17.39 -10.38
N GLY H 138 1.23 -17.66 -10.48
CA GLY H 138 1.76 -18.86 -11.14
C GLY H 138 1.89 -20.01 -10.16
N VAL H 139 1.43 -21.20 -10.56
CA VAL H 139 1.68 -22.46 -9.80
C VAL H 139 1.77 -23.58 -10.82
N LEU H 140 2.77 -24.46 -10.69
CA LEU H 140 3.01 -25.53 -11.68
C LEU H 140 2.86 -26.90 -11.03
N MET H 141 2.29 -27.86 -11.75
CA MET H 141 2.37 -29.28 -11.36
C MET H 141 3.85 -29.67 -11.33
N ASN H 142 4.61 -29.21 -12.32
CA ASN H 142 6.02 -29.66 -12.56
C ASN H 142 6.83 -28.43 -13.01
N TYR H 143 7.69 -27.91 -12.13
CA TYR H 143 8.41 -26.63 -12.38
C TYR H 143 9.37 -26.84 -13.54
N ARG H 144 9.74 -28.10 -13.85
CA ARG H 144 10.75 -28.40 -14.89
C ARG H 144 10.09 -28.52 -16.24
N THR H 145 8.79 -28.35 -16.32
CA THR H 145 8.05 -28.43 -17.60
C THR H 145 8.66 -27.43 -18.58
N LYS H 146 8.95 -27.90 -19.77
CA LYS H 146 9.50 -26.99 -20.80
C LYS H 146 8.33 -26.42 -21.60
N TYR H 147 7.86 -25.22 -21.26
CA TYR H 147 6.68 -24.60 -21.92
C TYR H 147 7.09 -24.04 -23.28
N PRO H 148 6.18 -24.11 -24.28
CA PRO H 148 6.49 -23.75 -25.66
C PRO H 148 6.57 -22.25 -25.94
N ASP H 149 7.49 -21.87 -26.82
CA ASP H 149 7.62 -20.46 -27.29
C ASP H 149 6.27 -20.03 -27.85
N GLY H 150 5.85 -18.82 -27.49
CA GLY H 150 4.53 -18.25 -27.81
C GLY H 150 3.63 -18.21 -26.59
N THR H 151 3.92 -19.01 -25.55
CA THR H 151 3.16 -19.00 -24.28
C THR H 151 3.95 -18.19 -23.26
N ILE H 152 3.25 -17.68 -22.25
CA ILE H 152 3.84 -16.88 -21.16
C ILE H 152 3.59 -17.65 -19.88
N THR H 153 4.65 -18.20 -19.28
CA THR H 153 4.56 -19.11 -18.11
C THR H 153 5.48 -18.55 -17.03
N PRO H 154 5.35 -19.01 -15.77
CA PRO H 154 6.27 -18.59 -14.71
C PRO H 154 7.75 -18.54 -15.13
N LYS H 155 8.44 -17.46 -14.77
CA LYS H 155 9.84 -17.17 -15.22
C LYS H 155 10.84 -17.61 -14.13
N ASN H 156 11.91 -18.26 -14.58
CA ASN H 156 12.94 -18.91 -13.72
C ASN H 156 12.25 -19.65 -12.58
N PRO H 157 11.39 -20.63 -12.90
CA PRO H 157 10.67 -21.39 -11.89
C PRO H 157 11.59 -22.34 -11.12
N THR H 158 11.24 -22.58 -9.87
CA THR H 158 11.97 -23.47 -8.92
C THR H 158 10.99 -24.50 -8.36
N ALA H 159 11.48 -25.44 -7.56
CA ALA H 159 10.59 -26.38 -6.85
C ALA H 159 9.53 -25.57 -6.07
N GLN H 160 9.85 -24.36 -5.61
CA GLN H 160 8.89 -23.49 -4.87
C GLN H 160 7.72 -23.12 -5.79
N SER H 161 7.91 -23.22 -7.12
CA SER H 161 6.86 -22.94 -8.10
C SER H 161 5.77 -24.02 -8.08
N GLN H 162 6.01 -25.20 -7.50
CA GLN H 162 5.00 -26.29 -7.37
C GLN H 162 4.12 -26.07 -6.15
N VAL H 163 4.46 -25.10 -5.30
CA VAL H 163 3.57 -24.58 -4.23
C VAL H 163 3.41 -23.08 -4.50
N MET H 164 3.40 -22.20 -3.50
CA MET H 164 3.26 -20.74 -3.74
C MET H 164 4.63 -20.06 -3.72
N ASN H 165 4.99 -19.47 -4.86
CA ASN H 165 6.19 -18.63 -5.07
C ASN H 165 5.71 -17.23 -5.52
N THR H 166 5.73 -16.21 -4.65
CA THR H 166 5.08 -14.91 -4.94
C THR H 166 5.78 -14.19 -6.11
N ASP H 167 6.88 -14.70 -6.63
CA ASP H 167 7.59 -14.06 -7.77
C ASP H 167 6.76 -14.21 -9.05
N HIS H 168 5.91 -15.22 -9.17
CA HIS H 168 5.12 -15.52 -10.39
C HIS H 168 3.83 -14.70 -10.40
N LYS H 169 3.94 -13.42 -10.73
CA LYS H 169 2.80 -12.48 -10.94
C LYS H 169 2.67 -12.21 -12.43
N ALA H 170 1.46 -12.13 -12.96
CA ALA H 170 1.24 -11.75 -14.36
C ALA H 170 -0.08 -10.99 -14.50
N TYR H 171 -0.15 -10.11 -15.51
CA TYR H 171 -1.38 -9.48 -16.03
C TYR H 171 -1.88 -10.34 -17.19
N LEU H 172 -3.15 -10.71 -17.16
CA LEU H 172 -3.79 -11.40 -18.30
C LEU H 172 -3.98 -10.35 -19.39
N ASP H 173 -2.90 -10.06 -20.11
CA ASP H 173 -2.77 -8.88 -21.02
C ASP H 173 -2.61 -9.36 -22.45
N LYS H 174 -2.77 -10.67 -22.71
CA LYS H 174 -2.73 -11.21 -24.08
C LYS H 174 -3.59 -12.46 -24.18
N ASN H 175 -4.46 -12.47 -25.20
CA ASN H 175 -5.33 -13.62 -25.54
C ASN H 175 -4.45 -14.76 -26.06
N ASN H 176 -4.84 -16.00 -25.75
CA ASN H 176 -4.22 -17.25 -26.29
C ASN H 176 -2.72 -17.28 -25.99
N ALA H 177 -2.32 -16.95 -24.76
CA ALA H 177 -0.90 -16.82 -24.37
C ALA H 177 -0.62 -17.46 -23.02
N TYR H 178 -1.48 -17.27 -22.02
CA TYR H 178 -1.26 -17.73 -20.64
C TYR H 178 -1.92 -19.09 -20.46
N PRO H 179 -1.16 -20.20 -20.40
CA PRO H 179 -1.75 -21.52 -20.27
C PRO H 179 -2.59 -21.59 -18.99
N VAL H 180 -3.81 -22.09 -19.09
CA VAL H 180 -4.69 -22.29 -17.92
C VAL H 180 -3.91 -23.09 -16.85
N GLU H 181 -3.10 -24.05 -17.26
CA GLU H 181 -2.46 -25.02 -16.32
C GLU H 181 -1.39 -24.32 -15.46
N CYS H 182 -0.96 -23.11 -15.81
CA CYS H 182 0.18 -22.45 -15.13
C CYS H 182 -0.27 -21.31 -14.24
N TRP H 183 -1.51 -20.82 -14.43
CA TRP H 183 -1.95 -19.54 -13.83
C TRP H 183 -3.29 -19.69 -13.11
N VAL H 184 -3.44 -19.01 -11.99
CA VAL H 184 -4.76 -18.85 -11.32
C VAL H 184 -5.00 -17.37 -11.04
N PRO H 185 -6.27 -16.92 -10.93
CA PRO H 185 -6.52 -15.56 -10.47
C PRO H 185 -5.84 -15.37 -9.11
N ASP H 186 -5.20 -14.22 -8.92
CA ASP H 186 -4.41 -13.92 -7.69
C ASP H 186 -5.32 -13.28 -6.66
N PRO H 187 -5.69 -13.98 -5.58
CA PRO H 187 -6.56 -13.39 -4.56
C PRO H 187 -5.87 -12.31 -3.71
N SER H 188 -4.53 -12.21 -3.80
CA SER H 188 -3.73 -11.20 -3.06
C SER H 188 -3.74 -9.88 -3.83
N ARG H 189 -4.42 -9.83 -4.98
CA ARG H 189 -4.49 -8.61 -5.84
C ARG H 189 -5.92 -8.46 -6.39
N ASN H 190 -6.09 -7.91 -7.59
CA ASN H 190 -7.41 -7.75 -8.24
C ASN H 190 -8.33 -6.87 -7.38
N GLU H 191 -7.83 -5.77 -6.82
CA GLU H 191 -8.65 -4.75 -6.10
C GLU H 191 -9.78 -4.24 -7.00
N ASN H 192 -9.54 -4.19 -8.31
CA ASN H 192 -10.49 -3.58 -9.29
C ASN H 192 -11.02 -4.63 -10.28
N THR H 193 -11.09 -5.89 -9.86
CA THR H 193 -11.67 -7.01 -10.67
C THR H 193 -12.48 -7.93 -9.75
N ARG H 194 -13.61 -8.46 -10.24
CA ARG H 194 -14.31 -9.59 -9.58
C ARG H 194 -14.09 -10.83 -10.42
N TYR H 195 -13.68 -11.94 -9.79
CA TYR H 195 -13.47 -13.21 -10.51
C TYR H 195 -14.21 -14.34 -9.78
N PHE H 196 -14.53 -15.37 -10.56
CA PHE H 196 -15.25 -16.58 -10.10
C PHE H 196 -14.79 -17.76 -10.93
N GLY H 197 -14.40 -18.84 -10.26
CA GLY H 197 -13.90 -20.05 -10.93
C GLY H 197 -14.27 -21.30 -10.16
N THR H 198 -14.53 -22.37 -10.89
CA THR H 198 -14.70 -23.73 -10.32
C THR H 198 -13.86 -24.73 -11.13
N PHE H 199 -13.04 -25.49 -10.42
CA PHE H 199 -12.28 -26.63 -10.98
C PHE H 199 -12.92 -27.91 -10.45
N THR H 200 -13.24 -28.83 -11.35
CA THR H 200 -13.75 -30.17 -11.02
C THR H 200 -12.84 -31.19 -11.73
N GLY H 201 -12.06 -31.96 -10.99
CA GLY H 201 -11.07 -32.89 -11.56
C GLY H 201 -11.55 -34.32 -11.51
N GLY H 202 -11.16 -35.15 -12.47
CA GLY H 202 -11.43 -36.60 -12.46
C GLY H 202 -11.66 -37.13 -13.86
N GLU H 203 -11.36 -38.41 -14.09
CA GLU H 203 -11.61 -39.11 -15.37
C GLU H 203 -13.07 -38.94 -15.82
N ASN H 204 -14.04 -39.17 -14.94
CA ASN H 204 -15.45 -39.36 -15.34
C ASN H 204 -16.35 -38.23 -14.83
N VAL H 205 -15.78 -37.08 -14.49
CA VAL H 205 -16.60 -35.92 -14.02
C VAL H 205 -17.59 -35.57 -15.13
N PRO H 206 -18.91 -35.61 -14.86
CA PRO H 206 -19.89 -35.10 -15.81
C PRO H 206 -19.84 -33.58 -15.85
N PRO H 207 -19.76 -32.95 -17.04
CA PRO H 207 -19.95 -31.52 -17.16
C PRO H 207 -21.38 -31.17 -16.76
N VAL H 208 -21.54 -30.14 -15.92
CA VAL H 208 -22.86 -29.62 -15.51
C VAL H 208 -22.90 -28.12 -15.80
N LEU H 209 -23.69 -27.70 -16.78
CA LEU H 209 -23.76 -26.29 -17.22
C LEU H 209 -25.21 -25.80 -17.24
N HIS H 210 -25.43 -24.60 -16.69
CA HIS H 210 -26.76 -23.96 -16.57
C HIS H 210 -26.83 -22.76 -17.51
N VAL H 211 -27.97 -22.54 -18.14
CA VAL H 211 -28.26 -21.29 -18.89
C VAL H 211 -29.56 -20.71 -18.35
N THR H 212 -29.62 -19.38 -18.25
CA THR H 212 -30.87 -18.60 -18.02
C THR H 212 -30.58 -17.13 -18.24
N ASN H 213 -31.50 -16.40 -18.84
CA ASN H 213 -31.35 -14.93 -19.06
C ASN H 213 -32.00 -14.18 -17.89
N THR H 214 -32.30 -14.86 -16.77
CA THR H 214 -32.93 -14.25 -15.57
C THR H 214 -31.90 -14.02 -14.46
N ALA H 215 -30.71 -14.61 -14.54
CA ALA H 215 -29.68 -14.53 -13.47
C ALA H 215 -28.71 -13.37 -13.76
N THR H 216 -28.36 -12.65 -12.70
CA THR H 216 -27.40 -11.53 -12.73
C THR H 216 -26.41 -11.66 -11.57
N THR H 217 -25.16 -11.28 -11.76
CA THR H 217 -24.15 -11.21 -10.67
C THR H 217 -23.80 -9.76 -10.37
N VAL H 218 -24.03 -9.33 -9.12
CA VAL H 218 -23.71 -7.94 -8.73
C VAL H 218 -22.19 -7.86 -8.60
N LEU H 219 -21.59 -6.76 -9.07
CA LEU H 219 -20.11 -6.57 -9.04
C LEU H 219 -19.72 -5.59 -7.93
N LEU H 220 -20.69 -4.94 -7.29
CA LEU H 220 -20.41 -3.98 -6.17
C LEU H 220 -19.70 -4.73 -5.03
N ASP H 221 -18.78 -4.05 -4.35
CA ASP H 221 -18.01 -4.57 -3.20
C ASP H 221 -18.74 -4.22 -1.90
N GLU H 222 -18.13 -4.49 -0.73
CA GLU H 222 -18.74 -4.26 0.60
C GLU H 222 -19.06 -2.77 0.77
N GLN H 223 -18.33 -1.85 0.13
CA GLN H 223 -18.60 -0.39 0.17
C GLN H 223 -19.56 0.05 -0.95
N GLY H 224 -20.12 -0.88 -1.74
CA GLY H 224 -21.07 -0.57 -2.83
C GLY H 224 -20.40 0.00 -4.08
N VAL H 225 -19.14 -0.34 -4.31
CA VAL H 225 -18.36 0.17 -5.49
C VAL H 225 -17.98 -1.00 -6.40
N GLY H 226 -18.41 -0.91 -7.66
CA GLY H 226 -18.04 -1.89 -8.70
C GLY H 226 -16.66 -1.57 -9.28
N PRO H 227 -16.11 -2.46 -10.13
CA PRO H 227 -14.89 -2.16 -10.87
C PRO H 227 -15.00 -0.78 -11.55
N LEU H 228 -13.95 0.03 -11.42
CA LEU H 228 -13.86 1.36 -12.07
C LEU H 228 -12.93 1.26 -13.27
N CYS H 229 -13.43 1.61 -14.46
CA CYS H 229 -12.75 1.30 -15.73
C CYS H 229 -11.70 2.37 -16.03
N LYS H 230 -10.42 2.02 -15.78
CA LYS H 230 -9.24 2.88 -16.06
C LYS H 230 -9.09 2.96 -17.58
N ALA H 231 -8.94 4.18 -18.09
CA ALA H 231 -8.78 4.50 -19.54
C ALA H 231 -10.02 4.05 -20.33
N ASP H 232 -11.21 4.25 -19.77
CA ASP H 232 -12.50 3.86 -20.40
C ASP H 232 -12.33 2.48 -21.05
N SER H 233 -11.77 1.52 -20.31
CA SER H 233 -11.52 0.12 -20.77
C SER H 233 -12.14 -0.87 -19.79
N LEU H 234 -12.97 -1.77 -20.30
CA LEU H 234 -13.56 -2.89 -19.53
C LEU H 234 -12.81 -4.15 -19.94
N TYR H 235 -12.34 -4.93 -18.97
CA TYR H 235 -11.64 -6.21 -19.22
C TYR H 235 -12.57 -7.38 -18.88
N VAL H 236 -12.71 -8.31 -19.81
CA VAL H 236 -13.39 -9.61 -19.59
C VAL H 236 -12.37 -10.74 -19.85
N SER H 237 -12.43 -11.76 -19.01
CA SER H 237 -11.50 -12.90 -19.03
C SER H 237 -12.31 -14.16 -18.76
N ALA H 238 -11.89 -15.29 -19.31
CA ALA H 238 -12.63 -16.55 -19.15
C ALA H 238 -11.74 -17.73 -19.46
N ALA H 239 -12.06 -18.86 -18.86
CA ALA H 239 -11.58 -20.19 -19.27
C ALA H 239 -12.76 -21.14 -19.08
N ASP H 240 -13.16 -21.84 -20.15
CA ASP H 240 -14.27 -22.82 -20.07
C ASP H 240 -13.82 -24.11 -20.76
N ILE H 241 -12.94 -24.85 -20.10
CA ILE H 241 -12.60 -26.25 -20.49
C ILE H 241 -13.77 -27.13 -20.02
N CYS H 242 -14.48 -27.78 -20.95
CA CYS H 242 -15.71 -28.54 -20.63
C CYS H 242 -15.39 -30.00 -20.29
N GLY H 243 -14.20 -30.47 -20.66
CA GLY H 243 -13.79 -31.87 -20.44
C GLY H 243 -13.02 -32.42 -21.62
N LEU H 244 -12.78 -33.73 -21.62
CA LEU H 244 -11.98 -34.38 -22.68
C LEU H 244 -12.93 -35.05 -23.66
N PHE H 245 -12.59 -34.94 -24.93
CA PHE H 245 -13.22 -35.67 -26.05
C PHE H 245 -12.33 -36.87 -26.37
N THR H 246 -12.90 -38.07 -26.34
CA THR H 246 -12.16 -39.33 -26.63
C THR H 246 -12.43 -39.75 -28.08
N ASN H 247 -11.41 -39.74 -28.94
CA ASN H 247 -11.49 -40.24 -30.34
C ASN H 247 -11.60 -41.77 -30.34
N SER H 248 -12.02 -42.33 -31.46
CA SER H 248 -12.09 -43.79 -31.73
C SER H 248 -10.77 -44.44 -31.36
N SER H 249 -9.62 -43.82 -31.69
CA SER H 249 -8.25 -44.30 -31.39
C SER H 249 -8.04 -44.48 -29.89
N GLY H 250 -8.75 -43.71 -29.05
CA GLY H 250 -8.56 -43.66 -27.58
C GLY H 250 -7.80 -42.41 -27.17
N THR H 251 -7.33 -41.61 -28.12
CA THR H 251 -6.66 -40.31 -27.80
C THR H 251 -7.70 -39.34 -27.23
N GLN H 252 -7.23 -38.38 -26.45
CA GLN H 252 -8.12 -37.43 -25.75
C GLN H 252 -7.73 -35.99 -26.07
N GLN H 253 -8.73 -35.13 -26.21
CA GLN H 253 -8.53 -33.69 -26.53
C GLN H 253 -9.42 -32.86 -25.63
N TRP H 254 -8.96 -31.71 -25.21
CA TRP H 254 -9.81 -30.78 -24.44
C TRP H 254 -10.87 -30.22 -25.40
N ARG H 255 -12.06 -29.95 -24.88
CA ARG H 255 -13.15 -29.26 -25.62
C ARG H 255 -13.54 -28.03 -24.81
N GLY H 256 -13.57 -26.87 -25.47
CA GLY H 256 -13.94 -25.59 -24.87
C GLY H 256 -15.14 -24.96 -25.53
N LEU H 257 -15.79 -24.04 -24.83
CA LEU H 257 -16.93 -23.27 -25.38
C LEU H 257 -16.69 -21.80 -25.06
N ALA H 258 -17.27 -20.95 -25.88
CA ALA H 258 -17.21 -19.48 -25.73
C ALA H 258 -18.03 -19.08 -24.50
N ARG H 259 -17.78 -17.88 -24.01
CA ARG H 259 -18.56 -17.31 -22.89
C ARG H 259 -19.13 -15.96 -23.31
N TYR H 260 -20.41 -15.73 -23.03
CA TYR H 260 -21.11 -14.46 -23.30
C TYR H 260 -21.08 -13.59 -22.04
N PHE H 261 -20.84 -12.29 -22.21
CA PHE H 261 -20.89 -11.29 -21.12
C PHE H 261 -21.86 -10.19 -21.51
N LYS H 262 -22.75 -9.79 -20.61
CA LYS H 262 -23.51 -8.52 -20.71
C LYS H 262 -23.26 -7.75 -19.42
N ILE H 263 -22.62 -6.59 -19.52
CA ILE H 263 -22.18 -5.82 -18.33
C ILE H 263 -22.92 -4.47 -18.30
N ARG H 264 -23.61 -4.20 -17.21
CA ARG H 264 -24.27 -2.90 -16.96
C ARG H 264 -23.28 -1.99 -16.23
N LEU H 265 -23.04 -0.81 -16.81
CA LEU H 265 -22.10 0.17 -16.25
C LEU H 265 -22.84 1.47 -15.95
N ARG H 266 -22.42 2.17 -14.90
CA ARG H 266 -23.01 3.49 -14.54
C ARG H 266 -21.88 4.50 -14.47
N LYS H 267 -22.21 5.79 -14.58
CA LYS H 267 -21.20 6.88 -14.44
C LYS H 267 -20.97 7.09 -12.95
N ARG H 268 -19.72 7.33 -12.55
CA ARG H 268 -19.37 7.53 -11.11
C ARG H 268 -18.50 8.79 -11.01
N SER H 269 -18.80 9.65 -10.04
CA SER H 269 -17.98 10.84 -9.78
C SER H 269 -16.75 10.39 -8.99
N VAL H 270 -15.55 10.81 -9.40
CA VAL H 270 -14.30 10.38 -8.72
C VAL H 270 -13.43 11.62 -8.51
N VAL I 7 -41.84 -0.67 -27.51
CA VAL I 7 -43.12 -0.34 -26.86
C VAL I 7 -42.85 0.27 -25.48
N GLU I 8 -43.46 1.44 -25.18
CA GLU I 8 -43.46 2.04 -23.82
C GLU I 8 -44.51 1.33 -22.96
N VAL I 9 -44.11 0.81 -21.81
CA VAL I 9 -44.98 0.02 -20.90
C VAL I 9 -45.55 0.95 -19.83
N LEU I 10 -46.88 0.96 -19.67
CA LEU I 10 -47.63 1.77 -18.66
C LEU I 10 -48.01 0.90 -17.45
N GLU I 11 -49.07 1.25 -16.73
CA GLU I 11 -49.46 0.54 -15.48
C GLU I 11 -50.27 -0.71 -15.81
N VAL I 12 -50.32 -1.64 -14.86
CA VAL I 12 -51.08 -2.93 -14.94
C VAL I 12 -52.58 -2.62 -14.91
N LYS I 13 -53.36 -3.21 -15.81
CA LYS I 13 -54.84 -3.21 -15.73
C LYS I 13 -55.25 -4.01 -14.48
N THR I 14 -55.96 -3.32 -13.57
CA THR I 14 -56.50 -3.85 -12.29
C THR I 14 -57.93 -4.36 -12.56
N GLY I 15 -58.68 -4.70 -11.52
CA GLY I 15 -59.99 -5.36 -11.61
C GLY I 15 -59.84 -6.88 -11.67
N VAL I 16 -60.95 -7.61 -11.70
CA VAL I 16 -60.94 -9.07 -12.05
C VAL I 16 -61.41 -9.21 -13.50
N ASP I 17 -61.17 -10.39 -14.07
CA ASP I 17 -61.09 -10.60 -15.54
C ASP I 17 -59.75 -10.04 -16.04
N ALA I 18 -58.95 -9.45 -15.16
CA ALA I 18 -57.58 -8.94 -15.47
C ALA I 18 -56.51 -10.03 -15.32
N ILE I 19 -56.79 -11.22 -14.79
CA ILE I 19 -55.80 -12.34 -14.69
C ILE I 19 -56.36 -13.57 -15.41
N THR I 20 -55.48 -14.37 -15.99
CA THR I 20 -55.85 -15.61 -16.73
C THR I 20 -54.74 -16.64 -16.54
N GLU I 21 -55.11 -17.91 -16.58
CA GLU I 21 -54.16 -19.06 -16.64
C GLU I 21 -54.28 -19.68 -18.03
N VAL I 22 -53.15 -20.11 -18.59
CA VAL I 22 -53.16 -21.03 -19.76
C VAL I 22 -52.31 -22.24 -19.36
N GLU I 23 -52.78 -23.41 -19.76
CA GLU I 23 -52.20 -24.75 -19.49
C GLU I 23 -51.74 -25.30 -20.83
N CYS I 24 -50.69 -26.11 -20.84
CA CYS I 24 -50.28 -26.84 -22.05
C CYS I 24 -49.38 -28.00 -21.65
N PHE I 25 -49.54 -29.15 -22.30
CA PHE I 25 -48.53 -30.24 -22.34
C PHE I 25 -47.83 -30.23 -23.70
N LEU I 26 -46.51 -30.09 -23.75
CA LEU I 26 -45.71 -29.99 -25.00
C LEU I 26 -45.00 -31.33 -25.15
N ASN I 27 -45.35 -32.11 -26.19
CA ASN I 27 -44.73 -33.46 -26.41
C ASN I 27 -43.31 -33.30 -26.90
N PRO I 28 -42.40 -34.25 -26.56
CA PRO I 28 -41.02 -34.17 -26.99
C PRO I 28 -40.87 -34.61 -28.46
N GLU I 29 -39.77 -34.19 -29.06
CA GLU I 29 -39.37 -34.52 -30.45
C GLU I 29 -37.98 -35.13 -30.39
N MET I 30 -37.92 -36.42 -30.05
CA MET I 30 -36.63 -37.13 -29.85
C MET I 30 -36.17 -37.79 -31.14
N GLY I 31 -37.01 -37.79 -32.19
CA GLY I 31 -36.70 -38.38 -33.50
C GLY I 31 -37.83 -39.28 -34.00
N ASP I 32 -38.43 -40.08 -33.12
CA ASP I 32 -39.64 -40.89 -33.42
C ASP I 32 -39.30 -41.81 -34.61
N PRO I 33 -38.38 -42.80 -34.44
CA PRO I 33 -37.95 -43.64 -35.55
C PRO I 33 -39.08 -44.46 -36.19
N ASP I 34 -40.16 -44.68 -35.46
CA ASP I 34 -41.43 -45.26 -35.97
C ASP I 34 -42.49 -45.02 -34.89
N GLU I 35 -43.76 -45.22 -35.21
CA GLU I 35 -44.89 -44.98 -34.27
C GLU I 35 -44.60 -45.67 -32.94
N ASN I 36 -44.24 -46.96 -32.95
CA ASN I 36 -44.07 -47.77 -31.70
C ASN I 36 -42.99 -47.21 -30.77
N LEU I 37 -42.07 -46.41 -31.29
CA LEU I 37 -40.96 -45.85 -30.50
C LEU I 37 -41.14 -44.34 -30.41
N ARG I 38 -42.38 -43.87 -30.34
CA ARG I 38 -42.61 -42.43 -30.09
C ARG I 38 -42.01 -42.04 -28.74
N GLY I 39 -41.27 -40.93 -28.70
CA GLY I 39 -40.58 -40.45 -27.49
C GLY I 39 -39.15 -40.94 -27.42
N PHE I 40 -38.73 -41.77 -28.38
CA PHE I 40 -37.34 -42.29 -28.50
C PHE I 40 -36.71 -41.71 -29.77
N SER I 41 -35.39 -41.73 -29.83
CA SER I 41 -34.64 -41.45 -31.08
C SER I 41 -34.35 -42.78 -31.77
N LEU I 42 -33.98 -42.70 -33.04
CA LEU I 42 -33.31 -43.82 -33.74
C LEU I 42 -32.03 -44.17 -32.97
N LYS I 43 -31.61 -45.44 -33.07
CA LYS I 43 -30.35 -45.91 -32.45
C LYS I 43 -29.20 -45.01 -32.92
N LEU I 44 -28.30 -44.65 -32.01
CA LEU I 44 -27.16 -43.73 -32.29
C LEU I 44 -26.10 -44.46 -33.12
N SER I 45 -25.63 -43.83 -34.19
CA SER I 45 -24.39 -44.22 -34.90
C SER I 45 -23.18 -43.78 -34.07
N ALA I 46 -21.96 -44.23 -34.41
CA ALA I 46 -20.74 -43.81 -33.70
C ALA I 46 -19.49 -43.93 -34.58
N GLU I 47 -18.50 -43.10 -34.27
CA GLU I 47 -17.11 -43.17 -34.84
C GLU I 47 -17.08 -42.65 -36.29
N ASN I 48 -18.13 -42.00 -36.79
CA ASN I 48 -18.05 -41.36 -38.13
C ASN I 48 -16.95 -40.30 -38.09
N ASP I 49 -16.18 -40.20 -39.16
CA ASP I 49 -15.19 -39.09 -39.28
C ASP I 49 -15.96 -37.77 -39.39
N PHE I 50 -15.44 -36.70 -38.79
CA PHE I 50 -16.02 -35.35 -38.89
C PHE I 50 -16.31 -35.02 -40.37
N SER I 51 -15.49 -35.53 -41.29
CA SER I 51 -15.55 -35.20 -42.73
C SER I 51 -16.73 -35.90 -43.45
N SER I 52 -17.33 -36.97 -42.90
CA SER I 52 -18.43 -37.73 -43.57
C SER I 52 -19.43 -38.23 -42.53
N ASP I 53 -20.15 -37.31 -41.91
CA ASP I 53 -21.14 -37.59 -40.85
C ASP I 53 -22.49 -37.05 -41.34
N SER I 54 -23.32 -37.92 -41.90
CA SER I 54 -24.73 -37.61 -42.26
C SER I 54 -25.65 -38.31 -41.28
N PRO I 55 -25.99 -37.71 -40.11
CA PRO I 55 -26.94 -38.33 -39.20
C PRO I 55 -28.33 -38.43 -39.83
N GLU I 56 -28.97 -39.59 -39.67
CA GLU I 56 -30.40 -39.79 -39.99
C GLU I 56 -31.20 -38.75 -39.19
N ARG I 57 -32.17 -38.09 -39.82
CA ARG I 57 -33.04 -37.08 -39.14
C ARG I 57 -33.64 -37.66 -37.84
N LYS I 58 -34.07 -38.92 -37.84
CA LYS I 58 -34.72 -39.58 -36.68
C LYS I 58 -33.68 -39.88 -35.59
N MET I 59 -32.41 -39.60 -35.82
CA MET I 59 -31.35 -39.79 -34.80
C MET I 59 -31.26 -38.54 -33.89
N LEU I 60 -31.85 -37.42 -34.30
CA LEU I 60 -31.50 -36.10 -33.71
C LEU I 60 -32.70 -35.52 -32.96
N PRO I 61 -32.64 -35.45 -31.62
CA PRO I 61 -33.65 -34.71 -30.89
C PRO I 61 -33.70 -33.24 -31.36
N CYS I 62 -34.91 -32.68 -31.35
CA CYS I 62 -35.16 -31.26 -31.69
C CYS I 62 -35.89 -30.57 -30.55
N TYR I 63 -35.83 -29.25 -30.55
CA TYR I 63 -36.60 -28.42 -29.59
C TYR I 63 -38.07 -28.58 -29.91
N SER I 64 -38.88 -28.67 -28.86
CA SER I 64 -40.35 -28.57 -28.95
C SER I 64 -40.75 -27.12 -28.80
N THR I 65 -41.71 -26.67 -29.58
CA THR I 65 -42.32 -25.34 -29.38
C THR I 65 -43.79 -25.39 -29.76
N ALA I 66 -44.56 -24.47 -29.19
CA ALA I 66 -45.99 -24.32 -29.51
C ALA I 66 -46.43 -22.92 -29.10
N ARG I 67 -47.45 -22.45 -29.80
CA ARG I 67 -48.03 -21.11 -29.64
C ARG I 67 -49.39 -21.28 -28.94
N ILE I 68 -49.50 -20.81 -27.70
CA ILE I 68 -50.75 -20.88 -26.89
C ILE I 68 -51.61 -19.65 -27.17
N PRO I 69 -52.86 -19.82 -27.67
CA PRO I 69 -53.75 -18.69 -27.92
C PRO I 69 -54.17 -18.09 -26.57
N LEU I 70 -54.21 -16.75 -26.51
CA LEU I 70 -54.70 -16.06 -25.31
C LEU I 70 -56.07 -15.44 -25.62
N PRO I 71 -56.89 -15.10 -24.61
CA PRO I 71 -58.11 -14.35 -24.84
C PRO I 71 -57.87 -13.08 -25.69
N ASN I 72 -58.71 -12.88 -26.69
CA ASN I 72 -58.72 -11.64 -27.50
C ASN I 72 -58.89 -10.48 -26.54
N LEU I 73 -57.99 -9.50 -26.60
CA LEU I 73 -58.13 -8.28 -25.76
C LEU I 73 -58.80 -7.19 -26.58
N ASN I 74 -59.83 -6.53 -26.03
CA ASN I 74 -60.63 -5.55 -26.80
C ASN I 74 -59.92 -4.22 -26.62
N GLU I 75 -59.27 -3.73 -27.68
CA GLU I 75 -58.39 -2.54 -27.63
C GLU I 75 -59.24 -1.27 -27.71
N ASP I 76 -59.11 -0.43 -26.66
CA ASP I 76 -59.67 0.94 -26.52
C ASP I 76 -58.78 1.88 -27.32
N LEU I 77 -58.96 1.92 -28.63
CA LEU I 77 -58.03 2.61 -29.56
C LEU I 77 -57.98 4.12 -29.28
N THR I 78 -59.13 4.80 -29.06
CA THR I 78 -59.13 6.30 -29.12
C THR I 78 -58.39 6.83 -27.90
N CYS I 79 -58.11 5.97 -26.91
CA CYS I 79 -57.37 6.36 -25.68
C CYS I 79 -55.85 6.36 -25.90
N GLY I 80 -55.40 5.86 -27.05
CA GLY I 80 -53.98 5.94 -27.47
C GLY I 80 -53.16 4.84 -26.84
N ASN I 81 -53.79 3.91 -26.11
CA ASN I 81 -53.10 2.78 -25.44
C ASN I 81 -53.60 1.45 -25.96
N LEU I 82 -52.72 0.44 -25.96
CA LEU I 82 -53.08 -0.97 -26.16
C LEU I 82 -52.92 -1.74 -24.85
N LEU I 83 -53.69 -2.82 -24.70
CA LEU I 83 -53.51 -3.82 -23.62
C LEU I 83 -52.75 -5.04 -24.17
N MET I 84 -51.89 -5.61 -23.34
CA MET I 84 -51.14 -6.83 -23.69
C MET I 84 -51.18 -7.81 -22.53
N TRP I 85 -51.25 -9.10 -22.84
CA TRP I 85 -51.07 -10.15 -21.82
C TRP I 85 -49.62 -10.14 -21.35
N GLU I 86 -49.42 -9.99 -20.04
CA GLU I 86 -48.08 -10.04 -19.41
C GLU I 86 -47.97 -11.32 -18.58
N ALA I 87 -47.06 -12.22 -18.96
CA ALA I 87 -46.80 -13.50 -18.27
C ALA I 87 -46.07 -13.19 -16.96
N VAL I 88 -46.63 -13.60 -15.83
CA VAL I 88 -46.11 -13.21 -14.49
C VAL I 88 -45.47 -14.42 -13.79
N THR I 89 -46.05 -15.62 -13.90
CA THR I 89 -45.48 -16.84 -13.31
C THR I 89 -45.66 -18.04 -14.24
N VAL I 90 -44.85 -19.06 -14.01
CA VAL I 90 -44.96 -20.36 -14.73
C VAL I 90 -44.75 -21.49 -13.72
N GLN I 91 -45.60 -22.51 -13.80
CA GLN I 91 -45.39 -23.82 -13.16
C GLN I 91 -45.11 -24.81 -14.30
N THR I 92 -44.05 -25.58 -14.17
CA THR I 92 -43.66 -26.55 -15.22
C THR I 92 -43.07 -27.77 -14.57
N GLU I 93 -43.41 -28.94 -15.08
CA GLU I 93 -42.64 -30.17 -14.72
C GLU I 93 -42.61 -31.12 -15.89
N VAL I 94 -41.67 -32.04 -15.80
CA VAL I 94 -41.51 -33.16 -16.77
C VAL I 94 -42.53 -34.23 -16.41
N ILE I 95 -43.18 -34.80 -17.42
CA ILE I 95 -44.35 -35.70 -17.24
C ILE I 95 -43.90 -37.11 -17.61
N GLY I 96 -44.17 -38.08 -16.75
CA GLY I 96 -43.89 -39.50 -16.98
C GLY I 96 -42.55 -39.94 -16.43
N ILE I 97 -42.02 -39.24 -15.43
CA ILE I 97 -40.65 -39.55 -14.92
C ILE I 97 -40.64 -41.00 -14.42
N THR I 98 -41.76 -41.47 -13.85
CA THR I 98 -41.79 -42.84 -13.25
C THR I 98 -41.73 -43.91 -14.34
N SER I 99 -41.93 -43.56 -15.61
CA SER I 99 -41.99 -44.58 -16.70
C SER I 99 -40.63 -45.29 -16.82
N MET I 100 -39.59 -44.71 -16.24
CA MET I 100 -38.20 -45.26 -16.32
C MET I 100 -38.01 -46.40 -15.32
N LEU I 101 -39.01 -46.70 -14.49
CA LEU I 101 -39.02 -47.84 -13.53
C LEU I 101 -39.42 -49.14 -14.24
N ASN I 102 -39.73 -49.06 -15.54
CA ASN I 102 -39.89 -50.26 -16.39
C ASN I 102 -38.49 -50.73 -16.81
N LEU I 103 -37.94 -51.72 -16.10
CA LEU I 103 -36.66 -52.36 -16.47
C LEU I 103 -36.91 -53.75 -17.06
N HIS I 104 -38.16 -54.12 -17.32
CA HIS I 104 -38.54 -55.50 -17.72
C HIS I 104 -38.63 -55.63 -19.25
N ALA I 105 -38.76 -54.52 -20.00
CA ALA I 105 -38.90 -54.54 -21.48
C ALA I 105 -37.78 -53.77 -22.16
N GLY I 106 -37.18 -54.37 -23.20
CA GLY I 106 -36.31 -53.69 -24.18
C GLY I 106 -34.88 -53.43 -23.69
N SER I 107 -34.67 -53.06 -22.42
CA SER I 107 -33.34 -52.73 -21.87
C SER I 107 -32.48 -53.99 -21.72
N GLN I 108 -31.20 -53.85 -22.06
CA GLN I 108 -30.14 -54.87 -21.83
C GLN I 108 -30.00 -55.14 -20.32
N LYS I 109 -29.93 -56.40 -19.93
CA LYS I 109 -29.71 -56.84 -18.54
C LYS I 109 -28.39 -56.26 -18.03
N VAL I 110 -28.38 -55.70 -16.82
CA VAL I 110 -27.16 -55.10 -16.19
C VAL I 110 -26.07 -56.16 -15.98
N HIS I 111 -26.48 -57.42 -15.81
CA HIS I 111 -25.59 -58.61 -15.71
C HIS I 111 -26.47 -59.87 -15.80
N GLU I 112 -25.86 -61.06 -15.82
CA GLU I 112 -26.61 -62.33 -16.00
C GLU I 112 -27.64 -62.45 -14.86
N HIS I 113 -28.87 -62.79 -15.23
CA HIS I 113 -30.05 -62.99 -14.32
C HIS I 113 -30.56 -61.65 -13.79
N GLY I 114 -29.97 -60.53 -14.18
CA GLY I 114 -30.28 -59.21 -13.58
C GLY I 114 -31.43 -58.54 -14.29
N GLY I 115 -31.86 -57.40 -13.75
CA GLY I 115 -32.89 -56.54 -14.38
C GLY I 115 -32.30 -55.74 -15.53
N GLY I 116 -33.17 -55.08 -16.30
CA GLY I 116 -32.75 -54.21 -17.42
C GLY I 116 -31.98 -52.99 -16.94
N LYS I 117 -31.18 -52.40 -17.83
CA LYS I 117 -30.38 -51.20 -17.51
C LYS I 117 -31.30 -49.99 -17.46
N PRO I 118 -31.27 -49.21 -16.36
CA PRO I 118 -31.98 -47.93 -16.34
C PRO I 118 -31.50 -47.00 -17.46
N ILE I 119 -32.42 -46.18 -17.96
CA ILE I 119 -32.04 -45.01 -18.79
C ILE I 119 -31.07 -44.15 -17.98
N GLN I 120 -29.96 -43.78 -18.59
CA GLN I 120 -28.94 -42.95 -17.94
C GLN I 120 -28.05 -42.35 -19.01
N GLY I 121 -27.22 -41.38 -18.62
CA GLY I 121 -26.29 -40.72 -19.55
C GLY I 121 -26.66 -39.27 -19.76
N SER I 122 -25.98 -38.63 -20.71
CA SER I 122 -26.11 -37.19 -21.00
C SER I 122 -27.60 -36.82 -21.00
N ASN I 123 -27.94 -35.71 -20.39
CA ASN I 123 -29.33 -35.21 -20.48
C ASN I 123 -29.32 -33.68 -20.57
N PHE I 124 -30.44 -33.15 -21.01
CA PHE I 124 -30.65 -31.70 -21.20
C PHE I 124 -32.11 -31.41 -20.86
N HIS I 125 -32.32 -30.47 -19.95
CA HIS I 125 -33.67 -30.08 -19.47
C HIS I 125 -33.77 -28.57 -19.62
N PHE I 126 -34.69 -28.14 -20.46
CA PHE I 126 -34.80 -26.72 -20.87
C PHE I 126 -36.26 -26.36 -21.07
N PHE I 127 -36.62 -25.15 -20.71
CA PHE I 127 -37.94 -24.59 -21.07
C PHE I 127 -37.79 -23.07 -21.17
N ALA I 128 -38.73 -22.48 -21.90
CA ALA I 128 -38.82 -21.01 -22.08
C ALA I 128 -40.28 -20.61 -22.24
N VAL I 129 -40.58 -19.41 -21.78
CA VAL I 129 -41.88 -18.71 -21.91
C VAL I 129 -41.59 -17.32 -22.47
N GLY I 130 -42.32 -16.88 -23.48
CA GLY I 130 -42.04 -15.59 -24.10
C GLY I 130 -43.24 -15.06 -24.86
N GLY I 131 -43.27 -13.75 -25.09
CA GLY I 131 -44.23 -13.09 -25.98
C GLY I 131 -43.80 -13.16 -27.43
N ASP I 132 -42.66 -13.80 -27.73
CA ASP I 132 -42.16 -14.00 -29.11
C ASP I 132 -41.46 -15.35 -29.21
N PRO I 133 -41.22 -15.87 -30.44
CA PRO I 133 -40.46 -17.09 -30.61
C PRO I 133 -39.12 -16.97 -29.86
N LEU I 134 -38.74 -18.03 -29.14
CA LEU I 134 -37.40 -18.13 -28.51
C LEU I 134 -36.34 -17.83 -29.57
N GLU I 135 -35.39 -16.95 -29.22
CA GLU I 135 -34.25 -16.59 -30.09
C GLU I 135 -33.06 -17.47 -29.72
N MET I 136 -32.42 -18.05 -30.74
CA MET I 136 -31.39 -19.10 -30.55
C MET I 136 -30.11 -18.74 -31.31
N GLN I 137 -28.99 -19.25 -30.79
CA GLN I 137 -27.62 -19.11 -31.34
C GLN I 137 -27.13 -20.50 -31.73
N GLY I 138 -26.47 -20.59 -32.88
CA GLY I 138 -25.94 -21.86 -33.42
C GLY I 138 -24.54 -22.14 -32.92
N VAL I 139 -24.27 -23.35 -32.47
CA VAL I 139 -22.89 -23.83 -32.14
C VAL I 139 -22.83 -25.32 -32.44
N LEU I 140 -21.79 -25.76 -33.15
CA LEU I 140 -21.68 -27.16 -33.60
C LEU I 140 -20.45 -27.82 -32.99
N MET I 141 -20.59 -29.10 -32.63
CA MET I 141 -19.44 -29.97 -32.29
C MET I 141 -18.55 -30.02 -33.53
N ASN I 142 -19.16 -30.17 -34.70
CA ASN I 142 -18.43 -30.42 -35.97
C ASN I 142 -19.14 -29.64 -37.09
N TYR I 143 -18.51 -28.56 -37.57
CA TYR I 143 -19.15 -27.63 -38.53
C TYR I 143 -19.39 -28.38 -39.85
N ARG I 144 -18.67 -29.47 -40.09
CA ARG I 144 -18.74 -30.21 -41.37
C ARG I 144 -19.86 -31.25 -41.32
N THR I 145 -20.57 -31.36 -40.21
CA THR I 145 -21.66 -32.33 -40.08
C THR I 145 -22.70 -32.06 -41.18
N LYS I 146 -23.07 -33.10 -41.92
CA LYS I 146 -24.10 -32.97 -42.99
C LYS I 146 -25.48 -33.21 -42.36
N TYR I 147 -26.18 -32.14 -42.00
CA TYR I 147 -27.50 -32.24 -41.32
C TYR I 147 -28.56 -32.61 -42.33
N PRO I 148 -29.57 -33.40 -41.93
CA PRO I 148 -30.58 -33.90 -42.86
C PRO I 148 -31.66 -32.88 -43.30
N ASP I 149 -32.09 -33.00 -44.56
CA ASP I 149 -33.24 -32.25 -45.12
C ASP I 149 -34.42 -32.45 -44.18
N GLY I 150 -35.10 -31.35 -43.87
CA GLY I 150 -36.22 -31.31 -42.92
C GLY I 150 -35.83 -30.62 -41.63
N THR I 151 -34.52 -30.55 -41.33
CA THR I 151 -34.04 -29.86 -40.11
C THR I 151 -33.51 -28.49 -40.50
N ILE I 152 -33.46 -27.58 -39.55
CA ILE I 152 -32.96 -26.20 -39.76
C ILE I 152 -31.73 -26.04 -38.87
N THR I 153 -30.55 -25.95 -39.48
CA THR I 153 -29.26 -25.93 -38.77
C THR I 153 -28.48 -24.71 -39.23
N PRO I 154 -27.43 -24.29 -38.51
CA PRO I 154 -26.60 -23.17 -38.94
C PRO I 154 -26.28 -23.15 -40.44
N LYS I 155 -26.42 -22.00 -41.09
CA LYS I 155 -26.26 -21.89 -42.57
C LYS I 155 -24.84 -21.38 -42.90
N ASN I 156 -24.24 -21.97 -43.92
CA ASN I 156 -22.83 -21.71 -44.36
C ASN I 156 -21.95 -21.71 -43.12
N PRO I 157 -21.92 -22.82 -42.37
CA PRO I 157 -21.05 -22.91 -41.19
C PRO I 157 -19.58 -22.99 -41.57
N THR I 158 -18.73 -22.49 -40.68
CA THR I 158 -17.25 -22.50 -40.80
C THR I 158 -16.67 -23.10 -39.52
N ALA I 159 -15.36 -23.26 -39.47
CA ALA I 159 -14.68 -23.77 -38.25
C ALA I 159 -15.04 -22.89 -37.04
N GLN I 160 -15.37 -21.63 -37.29
CA GLN I 160 -15.73 -20.67 -36.22
C GLN I 160 -17.09 -21.06 -35.62
N SER I 161 -17.87 -21.86 -36.32
CA SER I 161 -19.18 -22.32 -35.84
C SER I 161 -18.99 -23.37 -34.74
N GLN I 162 -17.77 -23.88 -34.56
CA GLN I 162 -17.44 -24.81 -33.44
C GLN I 162 -17.18 -24.02 -32.14
N VAL I 163 -17.04 -22.71 -32.27
CA VAL I 163 -16.99 -21.76 -31.13
C VAL I 163 -18.12 -20.76 -31.38
N MET I 164 -17.96 -19.46 -31.16
CA MET I 164 -19.06 -18.49 -31.38
C MET I 164 -18.93 -17.80 -32.75
N ASN I 165 -19.92 -18.01 -33.61
CA ASN I 165 -20.10 -17.36 -34.93
C ASN I 165 -21.45 -16.62 -34.91
N THR I 166 -21.46 -15.28 -34.78
CA THR I 166 -22.70 -14.50 -34.55
C THR I 166 -23.61 -14.54 -35.78
N ASP I 167 -23.21 -15.14 -36.90
CA ASP I 167 -24.10 -15.28 -38.07
C ASP I 167 -25.25 -16.25 -37.78
N HIS I 168 -25.08 -17.23 -36.88
CA HIS I 168 -26.06 -18.33 -36.66
C HIS I 168 -27.15 -17.88 -35.67
N LYS I 169 -28.07 -17.04 -36.13
CA LYS I 169 -29.25 -16.57 -35.36
C LYS I 169 -30.48 -17.27 -35.90
N ALA I 170 -31.39 -17.75 -35.04
CA ALA I 170 -32.66 -18.33 -35.51
C ALA I 170 -33.78 -18.05 -34.50
N TYR I 171 -35.02 -18.05 -35.00
CA TYR I 171 -36.27 -18.08 -34.20
C TYR I 171 -36.71 -19.54 -34.08
N LEU I 172 -36.99 -19.99 -32.86
CA LEU I 172 -37.60 -21.33 -32.65
C LEU I 172 -39.07 -21.23 -33.11
N ASP I 173 -39.26 -21.28 -34.41
CA ASP I 173 -40.53 -20.93 -35.10
C ASP I 173 -41.12 -22.18 -35.76
N LYS I 174 -40.56 -23.35 -35.50
CA LYS I 174 -41.15 -24.61 -36.01
C LYS I 174 -40.79 -25.77 -35.09
N ASN I 175 -41.82 -26.55 -34.74
CA ASN I 175 -41.70 -27.78 -33.91
C ASN I 175 -40.99 -28.86 -34.71
N ASN I 176 -40.18 -29.66 -34.05
CA ASN I 176 -39.50 -30.87 -34.63
C ASN I 176 -38.65 -30.48 -35.84
N ALA I 177 -37.89 -29.40 -35.73
CA ALA I 177 -37.10 -28.84 -36.87
C ALA I 177 -35.68 -28.43 -36.43
N TYR I 178 -35.51 -27.82 -35.28
CA TYR I 178 -34.21 -27.29 -34.81
C TYR I 178 -33.54 -28.35 -33.94
N PRO I 179 -32.48 -29.05 -34.42
CA PRO I 179 -31.85 -30.11 -33.63
C PRO I 179 -31.27 -29.51 -32.34
N VAL I 180 -31.51 -30.18 -31.21
CA VAL I 180 -31.01 -29.70 -29.89
C VAL I 180 -29.48 -29.52 -30.00
N GLU I 181 -28.82 -30.41 -30.74
CA GLU I 181 -27.33 -30.45 -30.79
C GLU I 181 -26.75 -29.24 -31.53
N CYS I 182 -27.54 -28.46 -32.26
CA CYS I 182 -27.02 -27.32 -33.08
C CYS I 182 -27.34 -25.96 -32.49
N TRP I 183 -28.28 -25.87 -31.54
CA TRP I 183 -28.86 -24.57 -31.11
C TRP I 183 -28.88 -24.43 -29.59
N VAL I 184 -28.64 -23.23 -29.10
CA VAL I 184 -28.84 -22.88 -27.66
C VAL I 184 -29.63 -21.59 -27.59
N PRO I 185 -30.35 -21.32 -26.48
CA PRO I 185 -30.97 -20.02 -26.30
C PRO I 185 -29.88 -18.95 -26.42
N ASP I 186 -30.20 -17.85 -27.11
CA ASP I 186 -29.24 -16.74 -27.35
C ASP I 186 -29.36 -15.74 -26.20
N PRO I 187 -28.37 -15.67 -25.28
CA PRO I 187 -28.45 -14.70 -24.17
C PRO I 187 -28.27 -13.24 -24.61
N SER I 188 -27.81 -13.00 -25.85
CA SER I 188 -27.63 -11.63 -26.40
C SER I 188 -28.97 -11.08 -26.94
N ARG I 189 -30.05 -11.87 -26.89
CA ARG I 189 -31.41 -11.46 -27.37
C ARG I 189 -32.45 -11.94 -26.35
N ASN I 190 -33.65 -12.32 -26.77
CA ASN I 190 -34.73 -12.81 -25.86
C ASN I 190 -35.08 -11.74 -24.82
N GLU I 191 -35.16 -10.48 -25.22
CA GLU I 191 -35.70 -9.33 -24.43
C GLU I 191 -37.10 -9.68 -23.86
N ASN I 192 -37.89 -10.44 -24.60
CA ASN I 192 -39.31 -10.71 -24.27
C ASN I 192 -39.54 -12.21 -24.03
N THR I 193 -38.53 -12.92 -23.54
CA THR I 193 -38.62 -14.37 -23.19
C THR I 193 -37.77 -14.64 -21.95
N ARG I 194 -38.23 -15.50 -21.05
CA ARG I 194 -37.38 -16.08 -19.98
C ARG I 194 -37.06 -17.53 -20.33
N TYR I 195 -35.79 -17.94 -20.25
CA TYR I 195 -35.40 -19.34 -20.49
C TYR I 195 -34.55 -19.87 -19.32
N PHE I 196 -34.55 -21.20 -19.19
CA PHE I 196 -33.82 -21.96 -18.14
C PHE I 196 -33.46 -23.33 -18.70
N GLY I 197 -32.19 -23.70 -18.59
CA GLY I 197 -31.70 -24.98 -19.10
C GLY I 197 -30.56 -25.53 -18.28
N THR I 198 -30.51 -26.85 -18.14
CA THR I 198 -29.36 -27.55 -17.53
C THR I 198 -28.92 -28.70 -18.43
N PHE I 199 -27.63 -28.73 -18.74
CA PHE I 199 -26.98 -29.84 -19.46
C PHE I 199 -26.11 -30.60 -18.48
N THR I 200 -26.31 -31.92 -18.40
CA THR I 200 -25.48 -32.84 -17.59
C THR I 200 -24.95 -33.93 -18.51
N GLY I 201 -23.65 -33.96 -18.79
CA GLY I 201 -23.06 -34.88 -19.78
C GLY I 201 -22.33 -36.01 -19.11
N GLY I 202 -22.32 -37.20 -19.72
CA GLY I 202 -21.53 -38.35 -19.24
C GLY I 202 -22.24 -39.66 -19.51
N GLU I 203 -21.49 -40.74 -19.67
CA GLU I 203 -22.01 -42.13 -19.89
C GLU I 203 -23.02 -42.52 -18.79
N ASN I 204 -22.70 -42.26 -17.52
CA ASN I 204 -23.42 -42.86 -16.37
C ASN I 204 -24.13 -41.77 -15.55
N VAL I 205 -24.41 -40.62 -16.14
CA VAL I 205 -25.14 -39.56 -15.40
C VAL I 205 -26.50 -40.11 -15.01
N PRO I 206 -26.82 -40.16 -13.70
CA PRO I 206 -28.17 -40.50 -13.28
C PRO I 206 -29.12 -39.34 -13.59
N PRO I 207 -30.29 -39.60 -14.24
CA PRO I 207 -31.34 -38.59 -14.35
C PRO I 207 -31.89 -38.29 -12.96
N VAL I 208 -32.06 -37.01 -12.65
CA VAL I 208 -32.64 -36.55 -11.36
C VAL I 208 -33.75 -35.57 -11.69
N LEU I 209 -35.00 -35.94 -11.46
CA LEU I 209 -36.17 -35.10 -11.80
C LEU I 209 -37.08 -34.99 -10.58
N HIS I 210 -37.50 -33.76 -10.30
CA HIS I 210 -38.38 -33.42 -9.16
C HIS I 210 -39.74 -33.04 -9.71
N VAL I 211 -40.81 -33.43 -9.02
CA VAL I 211 -42.19 -32.96 -9.30
C VAL I 211 -42.75 -32.37 -8.01
N THR I 212 -43.54 -31.30 -8.14
CA THR I 212 -44.39 -30.73 -7.07
C THR I 212 -45.33 -29.69 -7.69
N ASN I 213 -46.57 -29.64 -7.22
CA ASN I 213 -47.54 -28.61 -7.68
C ASN I 213 -47.48 -27.40 -6.73
N THR I 214 -46.44 -27.26 -5.92
CA THR I 214 -46.28 -26.13 -4.96
C THR I 214 -45.26 -25.10 -5.46
N ALA I 215 -44.44 -25.42 -6.45
CA ALA I 215 -43.32 -24.55 -6.91
C ALA I 215 -43.78 -23.70 -8.10
N THR I 216 -43.35 -22.45 -8.12
CA THR I 216 -43.66 -21.46 -9.17
C THR I 216 -42.39 -20.71 -9.55
N THR I 217 -42.26 -20.31 -10.81
CA THR I 217 -41.14 -19.44 -11.28
C THR I 217 -41.68 -18.06 -11.69
N VAL I 218 -41.19 -17.00 -11.05
CA VAL I 218 -41.56 -15.61 -11.38
C VAL I 218 -40.92 -15.28 -12.72
N LEU I 219 -41.66 -14.63 -13.63
CA LEU I 219 -41.15 -14.28 -14.98
C LEU I 219 -40.84 -12.78 -15.06
N LEU I 220 -41.20 -12.01 -14.02
CA LEU I 220 -40.94 -10.54 -13.99
C LEU I 220 -39.43 -10.31 -14.08
N ASP I 221 -39.02 -9.22 -14.73
CA ASP I 221 -37.61 -8.79 -14.85
C ASP I 221 -37.26 -7.81 -13.71
N GLU I 222 -36.06 -7.22 -13.75
CA GLU I 222 -35.56 -6.32 -12.67
C GLU I 222 -36.50 -5.10 -12.54
N GLN I 223 -37.17 -4.68 -13.63
CA GLN I 223 -38.15 -3.55 -13.60
C GLN I 223 -39.58 -4.04 -13.29
N GLY I 224 -39.78 -5.33 -12.98
CA GLY I 224 -41.10 -5.89 -12.62
C GLY I 224 -42.00 -6.12 -13.81
N VAL I 225 -41.41 -6.35 -15.00
CA VAL I 225 -42.17 -6.58 -16.26
C VAL I 225 -41.91 -8.00 -16.79
N GLY I 226 -42.98 -8.77 -16.94
CA GLY I 226 -42.92 -10.11 -17.54
C GLY I 226 -42.95 -10.03 -19.06
N PRO I 227 -42.74 -11.18 -19.75
CA PRO I 227 -42.95 -11.22 -21.20
C PRO I 227 -44.31 -10.61 -21.61
N LEU I 228 -44.33 -9.77 -22.63
CA LEU I 228 -45.56 -9.15 -23.19
C LEU I 228 -45.94 -9.84 -24.49
N CYS I 229 -47.15 -10.39 -24.54
CA CYS I 229 -47.57 -11.32 -25.62
C CYS I 229 -48.14 -10.50 -26.78
N LYS I 230 -47.36 -10.32 -27.84
CA LYS I 230 -47.68 -9.31 -28.90
C LYS I 230 -48.92 -9.69 -29.74
N ALA I 231 -49.14 -10.97 -30.12
CA ALA I 231 -50.28 -11.38 -31.00
C ALA I 231 -51.37 -12.02 -30.15
N ASP I 232 -51.48 -11.68 -28.86
CA ASP I 232 -52.22 -12.52 -27.86
C ASP I 232 -51.94 -14.02 -28.17
N SER I 233 -50.64 -14.26 -28.32
CA SER I 233 -49.97 -15.55 -28.56
C SER I 233 -48.82 -15.61 -27.57
N LEU I 234 -48.81 -16.67 -26.79
CA LEU I 234 -47.74 -17.03 -25.83
C LEU I 234 -46.94 -18.16 -26.47
N TYR I 235 -45.61 -18.08 -26.39
CA TYR I 235 -44.73 -19.13 -26.94
C TYR I 235 -44.15 -19.94 -25.77
N VAL I 236 -44.27 -21.27 -25.86
CA VAL I 236 -43.60 -22.21 -24.92
C VAL I 236 -42.66 -23.10 -25.74
N SER I 237 -41.50 -23.35 -25.17
CA SER I 237 -40.39 -24.11 -25.83
C SER I 237 -39.77 -25.03 -24.77
N ALA I 238 -39.28 -26.18 -25.19
CA ALA I 238 -38.74 -27.17 -24.24
C ALA I 238 -37.87 -28.16 -24.97
N ALA I 239 -36.89 -28.69 -24.25
CA ALA I 239 -36.16 -29.91 -24.62
C ALA I 239 -35.95 -30.69 -23.32
N ASP I 240 -36.43 -31.94 -23.29
CA ASP I 240 -36.23 -32.82 -22.11
C ASP I 240 -35.71 -34.17 -22.60
N ILE I 241 -34.45 -34.20 -22.98
CA ILE I 241 -33.72 -35.48 -23.22
C ILE I 241 -33.35 -36.03 -21.84
N CYS I 242 -33.86 -37.21 -21.48
CA CYS I 242 -33.71 -37.79 -20.12
C CYS I 242 -32.45 -38.65 -20.02
N GLY I 243 -31.89 -39.07 -21.16
CA GLY I 243 -30.72 -39.98 -21.20
C GLY I 243 -30.86 -41.03 -22.28
N LEU I 244 -29.95 -42.00 -22.29
CA LEU I 244 -29.93 -43.05 -23.33
C LEU I 244 -30.59 -44.31 -22.79
N PHE I 245 -31.36 -44.96 -23.65
CA PHE I 245 -31.94 -46.30 -23.44
C PHE I 245 -31.04 -47.30 -24.16
N THR I 246 -30.54 -48.30 -23.46
CA THR I 246 -29.66 -49.35 -24.04
C THR I 246 -30.49 -50.60 -24.30
N ASN I 247 -30.65 -50.98 -25.58
CA ASN I 247 -31.34 -52.22 -26.00
C ASN I 247 -30.46 -53.44 -25.64
N SER I 248 -31.07 -54.63 -25.64
CA SER I 248 -30.37 -55.95 -25.46
C SER I 248 -29.17 -56.05 -26.39
N SER I 249 -29.31 -55.59 -27.64
CA SER I 249 -28.25 -55.57 -28.69
C SER I 249 -27.03 -54.77 -28.23
N GLY I 250 -27.24 -53.76 -27.39
CA GLY I 250 -26.19 -52.80 -26.98
C GLY I 250 -26.34 -51.47 -27.69
N THR I 251 -27.30 -51.36 -28.62
CA THR I 251 -27.59 -50.08 -29.30
C THR I 251 -28.22 -49.11 -28.29
N GLN I 252 -28.09 -47.81 -28.57
CA GLN I 252 -28.54 -46.76 -27.63
C GLN I 252 -29.48 -45.79 -28.33
N GLN I 253 -30.54 -45.38 -27.64
CA GLN I 253 -31.52 -44.40 -28.15
C GLN I 253 -31.75 -43.32 -27.11
N TRP I 254 -31.97 -42.08 -27.54
CA TRP I 254 -32.39 -41.01 -26.62
C TRP I 254 -33.82 -41.33 -26.17
N ARG I 255 -34.13 -40.99 -24.93
CA ARG I 255 -35.50 -41.07 -24.39
C ARG I 255 -35.90 -39.67 -23.92
N GLY I 256 -37.08 -39.20 -24.31
CA GLY I 256 -37.60 -37.88 -23.93
C GLY I 256 -38.97 -37.97 -23.28
N LEU I 257 -39.31 -36.92 -22.56
CA LEU I 257 -40.61 -36.80 -21.88
C LEU I 257 -41.18 -35.42 -22.19
N ALA I 258 -42.51 -35.37 -22.16
CA ALA I 258 -43.30 -34.14 -22.38
C ALA I 258 -43.08 -33.20 -21.21
N ARG I 259 -43.41 -31.93 -21.42
CA ARG I 259 -43.31 -30.91 -20.35
C ARG I 259 -44.66 -30.20 -20.23
N TYR I 260 -45.14 -30.02 -19.01
CA TYR I 260 -46.41 -29.32 -18.72
C TYR I 260 -46.09 -27.86 -18.36
N PHE I 261 -46.89 -26.93 -18.86
CA PHE I 261 -46.77 -25.49 -18.52
C PHE I 261 -48.13 -25.00 -18.00
N LYS I 262 -48.12 -24.27 -16.90
CA LYS I 262 -49.27 -23.45 -16.46
C LYS I 262 -48.76 -22.01 -16.25
N ILE I 263 -49.27 -21.07 -17.05
CA ILE I 263 -48.74 -19.69 -17.08
C ILE I 263 -49.85 -18.73 -16.63
N ARG I 264 -49.57 -17.94 -15.60
CA ARG I 264 -50.48 -16.87 -15.11
C ARG I 264 -50.09 -15.57 -15.83
N LEU I 265 -51.09 -14.97 -16.48
CA LEU I 265 -50.93 -13.69 -17.20
C LEU I 265 -51.85 -12.64 -16.58
N ARG I 266 -51.45 -11.38 -16.70
CA ARG I 266 -52.30 -10.23 -16.31
C ARG I 266 -52.32 -9.22 -17.46
N LYS I 267 -53.35 -8.39 -17.49
CA LYS I 267 -53.52 -7.32 -18.52
C LYS I 267 -52.54 -6.20 -18.18
N ARG I 268 -51.78 -5.73 -19.16
CA ARG I 268 -50.80 -4.66 -19.00
C ARG I 268 -51.05 -3.61 -20.09
N SER I 269 -51.11 -2.33 -19.69
CA SER I 269 -51.29 -1.20 -20.63
C SER I 269 -49.91 -0.82 -21.19
N VAL I 270 -49.87 -0.48 -22.48
CA VAL I 270 -48.65 -0.01 -23.19
C VAL I 270 -49.10 1.14 -24.12
N LYS I 271 -48.23 2.07 -24.48
CA LYS I 271 -48.62 3.25 -25.31
C LYS I 271 -48.69 2.81 -26.78
N ASN I 272 -49.78 3.14 -27.47
CA ASN I 272 -49.96 2.74 -28.89
C ASN I 272 -48.77 3.32 -29.65
N PRO I 273 -47.94 2.50 -30.34
CA PRO I 273 -46.74 2.99 -31.02
C PRO I 273 -47.02 3.97 -32.19
N TYR I 274 -48.28 4.18 -32.57
CA TYR I 274 -48.62 4.95 -33.79
C TYR I 274 -49.34 6.21 -33.39
N PRO I 275 -48.79 7.40 -33.76
CA PRO I 275 -49.42 8.68 -33.44
C PRO I 275 -50.94 8.66 -33.68
N LEU J 10 -64.47 -19.04 3.40
CA LEU J 10 -64.67 -17.87 4.31
C LEU J 10 -63.53 -17.82 5.35
N GLU J 11 -63.81 -17.26 6.54
CA GLU J 11 -62.80 -17.06 7.61
C GLU J 11 -62.42 -18.39 8.27
N VAL J 12 -61.22 -18.44 8.86
CA VAL J 12 -60.73 -19.60 9.66
C VAL J 12 -61.52 -19.66 10.98
N LYS J 13 -62.02 -20.84 11.38
CA LYS J 13 -62.72 -21.02 12.68
C LYS J 13 -61.67 -21.39 13.73
N ALA J 18 -61.12 -24.94 16.02
CA ALA J 18 -60.22 -25.87 16.76
C ALA J 18 -59.29 -26.63 15.80
N ILE J 19 -58.28 -27.27 16.39
CA ILE J 19 -57.14 -27.94 15.65
C ILE J 19 -57.12 -29.44 15.99
N THR J 20 -56.59 -30.25 15.09
CA THR J 20 -56.46 -31.72 15.26
C THR J 20 -55.19 -32.16 14.56
N GLU J 21 -54.58 -33.23 15.06
CA GLU J 21 -53.48 -33.96 14.40
C GLU J 21 -54.02 -35.32 13.99
N VAL J 22 -53.64 -35.80 12.82
CA VAL J 22 -53.84 -37.24 12.46
C VAL J 22 -52.46 -37.79 12.08
N GLU J 23 -52.17 -38.98 12.57
CA GLU J 23 -50.89 -39.70 12.38
C GLU J 23 -51.19 -40.93 11.56
N CYS J 24 -50.25 -41.37 10.74
CA CYS J 24 -50.48 -42.53 9.88
C CYS J 24 -49.13 -43.06 9.41
N PHE J 25 -48.94 -44.38 9.45
CA PHE J 25 -47.88 -45.09 8.70
C PHE J 25 -48.52 -45.76 7.48
N LEU J 26 -48.04 -45.49 6.28
CA LEU J 26 -48.55 -46.05 5.01
C LEU J 26 -47.54 -47.08 4.54
N ASN J 27 -47.90 -48.37 4.54
CA ASN J 27 -46.95 -49.45 4.16
C ASN J 27 -46.72 -49.44 2.65
N PRO J 28 -45.53 -49.84 2.17
CA PRO J 28 -45.26 -49.86 0.74
C PRO J 28 -45.90 -51.04 0.03
N GLU J 29 -46.08 -50.90 -1.27
CA GLU J 29 -46.65 -51.97 -2.15
C GLU J 29 -45.65 -52.22 -3.28
N MET J 30 -44.62 -53.00 -2.98
CA MET J 30 -43.48 -53.23 -3.89
C MET J 30 -43.75 -54.48 -4.73
N GLY J 31 -44.80 -55.24 -4.42
CA GLY J 31 -45.18 -56.46 -5.16
C GLY J 31 -45.44 -57.63 -4.24
N ASP J 32 -44.59 -57.81 -3.20
CA ASP J 32 -44.81 -58.81 -2.11
C ASP J 32 -44.91 -60.18 -2.77
N PRO J 33 -43.80 -60.70 -3.35
CA PRO J 33 -43.84 -61.95 -4.08
C PRO J 33 -44.24 -63.16 -3.22
N ASP J 34 -44.09 -63.05 -1.89
CA ASP J 34 -44.63 -64.00 -0.90
C ASP J 34 -44.51 -63.34 0.48
N GLU J 35 -45.15 -63.89 1.49
CA GLU J 35 -45.16 -63.28 2.84
C GLU J 35 -43.72 -62.96 3.28
N ASN J 36 -42.80 -63.91 3.17
CA ASN J 36 -41.40 -63.75 3.68
C ASN J 36 -40.66 -62.60 3.00
N LEU J 37 -41.09 -62.18 1.80
CA LEU J 37 -40.44 -61.06 1.08
C LEU J 37 -41.36 -59.85 1.04
N ARG J 38 -42.12 -59.62 2.10
CA ARG J 38 -42.93 -58.39 2.17
C ARG J 38 -42.00 -57.17 2.18
N GLY J 39 -42.32 -56.17 1.35
CA GLY J 39 -41.52 -54.95 1.17
C GLY J 39 -40.57 -55.06 0.00
N PHE J 40 -40.53 -56.23 -0.65
CA PHE J 40 -39.72 -56.50 -1.87
C PHE J 40 -40.64 -56.74 -3.05
N SER J 41 -40.11 -56.60 -4.25
CA SER J 41 -40.82 -57.02 -5.48
C SER J 41 -40.35 -58.43 -5.83
N LEU J 42 -41.08 -59.09 -6.71
CA LEU J 42 -40.58 -60.29 -7.42
C LEU J 42 -39.32 -59.90 -8.18
N LYS J 43 -38.45 -60.89 -8.43
CA LYS J 43 -37.22 -60.66 -9.21
C LYS J 43 -37.59 -60.04 -10.55
N LEU J 44 -36.80 -59.07 -11.02
CA LEU J 44 -37.06 -58.35 -12.30
C LEU J 44 -36.72 -59.25 -13.48
N SER J 45 -37.62 -59.34 -14.46
CA SER J 45 -37.35 -59.95 -15.79
C SER J 45 -36.57 -58.93 -16.62
N ALA J 46 -36.01 -59.30 -17.76
CA ALA J 46 -35.26 -58.35 -18.62
C ALA J 46 -35.27 -58.77 -20.08
N GLU J 47 -35.16 -57.79 -20.98
CA GLU J 47 -34.90 -57.98 -22.44
C GLU J 47 -36.15 -58.47 -23.16
N ASN J 48 -37.34 -58.40 -22.56
CA ASN J 48 -38.59 -58.68 -23.29
C ASN J 48 -38.71 -57.71 -24.48
N ASP J 49 -39.16 -58.20 -25.63
CA ASP J 49 -39.52 -57.29 -26.73
C ASP J 49 -40.73 -56.46 -26.30
N PHE J 50 -40.78 -55.21 -26.73
CA PHE J 50 -41.93 -54.31 -26.45
C PHE J 50 -43.22 -55.00 -26.88
N SER J 51 -43.16 -55.84 -27.91
CA SER J 51 -44.37 -56.48 -28.49
C SER J 51 -44.89 -57.64 -27.64
N SER J 52 -44.11 -58.21 -26.71
CA SER J 52 -44.55 -59.35 -25.86
C SER J 52 -43.98 -59.24 -24.45
N ASP J 53 -44.46 -58.24 -23.71
CA ASP J 53 -44.01 -57.93 -22.33
C ASP J 53 -45.24 -58.03 -21.42
N SER J 54 -45.41 -59.17 -20.76
CA SER J 54 -46.46 -59.38 -19.72
C SER J 54 -45.79 -59.47 -18.35
N PRO J 55 -45.52 -58.33 -17.65
CA PRO J 55 -44.92 -58.38 -16.32
C PRO J 55 -45.85 -59.08 -15.32
N GLU J 56 -45.30 -59.96 -14.51
CA GLU J 56 -45.97 -60.54 -13.32
C GLU J 56 -46.41 -59.36 -12.43
N ARG J 57 -47.64 -59.38 -11.93
CA ARG J 57 -48.17 -58.32 -11.04
C ARG J 57 -47.22 -58.04 -9.87
N LYS J 58 -46.64 -59.09 -9.28
CA LYS J 58 -45.74 -59.01 -8.10
C LYS J 58 -44.38 -58.41 -8.51
N MET J 59 -44.16 -58.15 -9.80
CA MET J 59 -42.92 -57.49 -10.27
C MET J 59 -43.03 -55.97 -10.18
N LEU J 60 -44.24 -55.43 -10.01
CA LEU J 60 -44.50 -53.99 -10.27
C LEU J 60 -44.87 -53.29 -8.99
N PRO J 61 -44.00 -52.40 -8.47
CA PRO J 61 -44.40 -51.52 -7.38
C PRO J 61 -45.63 -50.68 -7.78
N CYS J 62 -46.50 -50.44 -6.79
CA CYS J 62 -47.70 -49.58 -6.93
C CYS J 62 -47.69 -48.46 -5.89
N TYR J 63 -48.49 -47.42 -6.17
CA TYR J 63 -48.68 -46.29 -5.23
C TYR J 63 -49.41 -46.85 -4.01
N SER J 64 -48.99 -46.38 -2.84
CA SER J 64 -49.72 -46.57 -1.57
C SER J 64 -50.70 -45.42 -1.39
N THR J 65 -51.91 -45.69 -0.94
CA THR J 65 -52.85 -44.62 -0.57
C THR J 65 -53.75 -45.08 0.57
N ALA J 66 -54.27 -44.12 1.32
CA ALA J 66 -55.27 -44.37 2.38
C ALA J 66 -56.12 -43.12 2.54
N ARG J 67 -57.39 -43.35 2.87
CA ARG J 67 -58.38 -42.29 3.16
C ARG J 67 -58.61 -42.31 4.67
N ILE J 68 -58.18 -41.27 5.37
CA ILE J 68 -58.32 -41.18 6.86
C ILE J 68 -59.62 -40.45 7.19
N PRO J 69 -60.58 -41.11 7.89
CA PRO J 69 -61.81 -40.44 8.29
C PRO J 69 -61.54 -39.39 9.38
N LEU J 70 -62.19 -38.24 9.27
CA LEU J 70 -61.99 -37.11 10.22
C LEU J 70 -63.26 -36.95 11.05
N PRO J 71 -63.19 -36.26 12.21
CA PRO J 71 -64.39 -35.95 12.98
C PRO J 71 -65.48 -35.29 12.12
N ASN J 72 -66.73 -35.79 12.23
CA ASN J 72 -67.89 -35.18 11.52
C ASN J 72 -68.02 -33.74 12.01
N LEU J 73 -67.89 -32.77 11.11
CA LEU J 73 -68.20 -31.35 11.42
C LEU J 73 -69.71 -31.22 11.18
N ASN J 74 -70.39 -30.25 11.81
CA ASN J 74 -71.85 -30.05 11.58
C ASN J 74 -72.56 -31.22 12.29
N LEU J 82 -71.08 -23.59 6.65
CA LEU J 82 -70.58 -25.00 6.88
C LEU J 82 -69.10 -24.94 7.25
N LEU J 83 -68.64 -25.91 8.06
CA LEU J 83 -67.21 -26.05 8.48
C LEU J 83 -66.57 -27.20 7.69
N MET J 84 -65.28 -27.07 7.36
CA MET J 84 -64.49 -28.14 6.71
C MET J 84 -63.12 -28.24 7.40
N TRP J 85 -62.57 -29.46 7.44
CA TRP J 85 -61.17 -29.67 7.90
C TRP J 85 -60.21 -29.11 6.85
N GLU J 86 -59.31 -28.22 7.27
CA GLU J 86 -58.25 -27.65 6.40
C GLU J 86 -56.89 -28.14 6.87
N ALA J 87 -56.19 -28.93 6.03
CA ALA J 87 -54.84 -29.46 6.32
C ALA J 87 -53.85 -28.30 6.22
N VAL J 88 -53.08 -28.03 7.27
CA VAL J 88 -52.23 -26.81 7.34
C VAL J 88 -50.75 -27.20 7.22
N THR J 89 -50.32 -28.30 7.84
CA THR J 89 -48.91 -28.75 7.76
C THR J 89 -48.86 -30.27 7.69
N VAL J 90 -47.73 -30.79 7.25
CA VAL J 90 -47.43 -32.24 7.27
C VAL J 90 -45.98 -32.44 7.72
N GLN J 91 -45.76 -33.42 8.59
CA GLN J 91 -44.43 -34.00 8.87
C GLN J 91 -44.43 -35.41 8.29
N THR J 92 -43.42 -35.75 7.52
CA THR J 92 -43.35 -37.08 6.88
C THR J 92 -41.90 -37.53 6.85
N GLU J 93 -41.66 -38.81 7.10
CA GLU J 93 -40.34 -39.39 6.75
C GLU J 93 -40.51 -40.86 6.38
N VAL J 94 -39.49 -41.39 5.72
CA VAL J 94 -39.39 -42.83 5.34
C VAL J 94 -38.90 -43.60 6.57
N ILE J 95 -39.51 -44.76 6.82
CA ILE J 95 -39.30 -45.53 8.07
C ILE J 95 -38.48 -46.78 7.77
N GLY J 96 -37.40 -47.01 8.51
CA GLY J 96 -36.55 -48.20 8.39
C GLY J 96 -35.36 -47.98 7.48
N ILE J 97 -34.88 -46.74 7.33
CA ILE J 97 -33.76 -46.47 6.39
C ILE J 97 -32.52 -47.28 6.83
N THR J 98 -32.33 -47.51 8.12
CA THR J 98 -31.12 -48.20 8.63
C THR J 98 -31.19 -49.69 8.29
N SER J 99 -32.35 -50.21 7.88
CA SER J 99 -32.49 -51.67 7.65
C SER J 99 -31.59 -52.10 6.48
N MET J 100 -31.12 -51.15 5.68
CA MET J 100 -30.24 -51.41 4.52
C MET J 100 -28.78 -51.65 4.95
N LEU J 101 -28.45 -51.54 6.25
CA LEU J 101 -27.09 -51.85 6.78
C LEU J 101 -26.94 -53.35 7.04
N ASN J 102 -27.98 -54.12 6.76
CA ASN J 102 -27.90 -55.61 6.76
C ASN J 102 -27.32 -56.03 5.41
N LEU J 103 -26.01 -56.30 5.38
CA LEU J 103 -25.30 -56.81 4.19
C LEU J 103 -24.93 -58.29 4.41
N HIS J 104 -25.47 -58.93 5.45
CA HIS J 104 -25.05 -60.30 5.85
C HIS J 104 -26.01 -61.33 5.28
N ALA J 105 -27.23 -60.95 4.89
CA ALA J 105 -28.27 -61.90 4.43
C ALA J 105 -28.74 -61.58 3.01
N GLY J 106 -28.81 -62.60 2.16
CA GLY J 106 -29.44 -62.55 0.82
C GLY J 106 -28.64 -61.83 -0.25
N SER J 107 -27.92 -60.74 0.07
CA SER J 107 -27.21 -59.91 -0.94
C SER J 107 -25.99 -60.67 -1.47
N GLN J 108 -25.76 -60.56 -2.78
CA GLN J 108 -24.54 -61.04 -3.48
C GLN J 108 -23.31 -60.32 -2.92
N LYS J 109 -22.25 -61.07 -2.61
CA LYS J 109 -20.96 -60.51 -2.12
C LYS J 109 -20.42 -59.55 -3.20
N VAL J 110 -19.95 -58.38 -2.79
CA VAL J 110 -19.36 -57.37 -3.73
C VAL J 110 -18.12 -57.94 -4.41
N HIS J 111 -17.40 -58.86 -3.75
CA HIS J 111 -16.22 -59.59 -4.29
C HIS J 111 -15.88 -60.75 -3.35
N GLU J 112 -14.89 -61.58 -3.68
CA GLU J 112 -14.56 -62.79 -2.86
C GLU J 112 -14.15 -62.30 -1.47
N HIS J 113 -14.68 -62.95 -0.43
CA HIS J 113 -14.45 -62.69 1.01
C HIS J 113 -15.13 -61.38 1.45
N GLY J 114 -15.87 -60.70 0.57
CA GLY J 114 -16.43 -59.37 0.87
C GLY J 114 -17.80 -59.48 1.51
N GLY J 115 -18.33 -58.36 1.99
CA GLY J 115 -19.73 -58.24 2.45
C GLY J 115 -20.71 -58.21 1.30
N GLY J 116 -22.01 -58.30 1.61
CA GLY J 116 -23.11 -58.24 0.62
C GLY J 116 -23.21 -56.88 -0.05
N LYS J 117 -23.80 -56.85 -1.24
CA LYS J 117 -23.99 -55.59 -2.01
C LYS J 117 -25.08 -54.75 -1.37
N PRO J 118 -24.81 -53.48 -1.04
CA PRO J 118 -25.86 -52.57 -0.60
C PRO J 118 -26.97 -52.44 -1.65
N ILE J 119 -28.20 -52.23 -1.16
CA ILE J 119 -29.31 -51.80 -2.04
C ILE J 119 -28.89 -50.49 -2.70
N GLN J 120 -29.05 -50.41 -4.02
CA GLN J 120 -28.73 -49.19 -4.79
C GLN J 120 -29.44 -49.26 -6.14
N GLY J 121 -29.43 -48.17 -6.87
CA GLY J 121 -30.05 -48.09 -8.19
C GLY J 121 -31.25 -47.15 -8.21
N SER J 122 -31.98 -47.17 -9.31
CA SER J 122 -33.12 -46.25 -9.56
C SER J 122 -33.99 -46.19 -8.30
N ASN J 123 -34.41 -44.99 -7.90
CA ASN J 123 -35.35 -44.87 -6.78
C ASN J 123 -36.33 -43.72 -7.05
N PHE J 124 -37.42 -43.73 -6.32
CA PHE J 124 -38.54 -42.76 -6.46
C PHE J 124 -39.11 -42.55 -5.05
N HIS J 125 -39.20 -41.29 -4.64
CA HIS J 125 -39.68 -40.89 -3.30
C HIS J 125 -40.74 -39.83 -3.50
N PHE J 126 -41.97 -40.14 -3.11
CA PHE J 126 -43.15 -39.30 -3.41
C PHE J 126 -44.14 -39.38 -2.26
N PHE J 127 -44.79 -38.28 -1.96
CA PHE J 127 -45.96 -38.28 -1.04
C PHE J 127 -46.89 -37.15 -1.45
N ALA J 128 -48.15 -37.27 -1.03
CA ALA J 128 -49.17 -36.24 -1.24
C ALA J 128 -50.15 -36.25 -0.08
N VAL J 129 -50.68 -35.07 0.22
CA VAL J 129 -51.79 -34.82 1.17
C VAL J 129 -52.87 -34.01 0.45
N GLY J 130 -54.14 -34.38 0.60
CA GLY J 130 -55.22 -33.72 -0.14
C GLY J 130 -56.56 -33.97 0.50
N GLY J 131 -57.52 -33.12 0.17
CA GLY J 131 -58.92 -33.28 0.55
C GLY J 131 -59.67 -34.15 -0.44
N ASP J 132 -58.99 -34.67 -1.47
CA ASP J 132 -59.60 -35.60 -2.45
C ASP J 132 -58.55 -36.58 -2.91
N PRO J 133 -58.95 -37.68 -3.58
CA PRO J 133 -57.97 -38.62 -4.12
C PRO J 133 -56.98 -37.86 -5.00
N LEU J 134 -55.69 -38.17 -4.83
CA LEU J 134 -54.61 -37.70 -5.74
C LEU J 134 -55.04 -37.95 -7.17
N GLU J 135 -54.93 -36.93 -8.01
CA GLU J 135 -55.21 -37.00 -9.47
C GLU J 135 -53.90 -37.31 -10.22
N MET J 136 -53.95 -38.27 -11.13
CA MET J 136 -52.75 -38.82 -11.78
C MET J 136 -52.90 -38.84 -13.30
N GLN J 137 -51.76 -38.74 -13.98
CA GLN J 137 -51.64 -38.75 -15.46
C GLN J 137 -50.85 -40.00 -15.85
N GLY J 138 -51.27 -40.67 -16.92
CA GLY J 138 -50.63 -41.90 -17.40
C GLY J 138 -49.56 -41.59 -18.41
N VAL J 139 -48.40 -42.25 -18.29
CA VAL J 139 -47.32 -42.23 -19.30
C VAL J 139 -46.63 -43.58 -19.25
N LEU J 140 -46.37 -44.20 -20.40
CA LEU J 140 -45.78 -45.57 -20.47
C LEU J 140 -44.44 -45.54 -21.20
N MET J 141 -43.48 -46.31 -20.71
CA MET J 141 -42.22 -46.63 -21.43
C MET J 141 -42.62 -47.33 -22.74
N ASN J 142 -43.59 -48.23 -22.66
CA ASN J 142 -43.99 -49.09 -23.81
C ASN J 142 -45.51 -49.26 -23.80
N TYR J 143 -46.21 -48.59 -24.72
CA TYR J 143 -47.70 -48.54 -24.73
C TYR J 143 -48.23 -49.95 -24.93
N ARG J 144 -47.43 -50.84 -25.52
CA ARG J 144 -47.89 -52.20 -25.89
C ARG J 144 -47.68 -53.16 -24.71
N THR J 145 -47.17 -52.66 -23.59
CA THR J 145 -46.99 -53.51 -22.40
C THR J 145 -48.31 -54.13 -21.98
N LYS J 146 -48.32 -55.44 -21.79
CA LYS J 146 -49.54 -56.13 -21.30
C LYS J 146 -49.52 -56.14 -19.77
N TYR J 147 -50.21 -55.19 -19.15
CA TYR J 147 -50.25 -55.04 -17.67
C TYR J 147 -51.18 -56.10 -17.09
N PRO J 148 -50.85 -56.63 -15.89
CA PRO J 148 -51.58 -57.76 -15.30
C PRO J 148 -52.95 -57.40 -14.68
N ASP J 149 -53.90 -58.31 -14.82
CA ASP J 149 -55.25 -58.20 -14.19
C ASP J 149 -55.03 -57.98 -12.70
N GLY J 150 -55.78 -57.04 -12.12
CA GLY J 150 -55.65 -56.60 -10.72
C GLY J 150 -55.01 -55.22 -10.64
N THR J 151 -54.28 -54.81 -11.67
CA THR J 151 -53.68 -53.46 -11.72
C THR J 151 -54.57 -52.57 -12.59
N ILE J 152 -54.48 -51.26 -12.39
CA ILE J 152 -55.26 -50.24 -13.17
C ILE J 152 -54.23 -49.40 -13.91
N THR J 153 -54.18 -49.52 -15.23
CA THR J 153 -53.15 -48.87 -16.08
C THR J 153 -53.89 -48.08 -17.16
N PRO J 154 -53.22 -47.14 -17.85
CA PRO J 154 -53.84 -46.41 -18.97
C PRO J 154 -54.71 -47.26 -19.89
N LYS J 155 -55.92 -46.78 -20.21
CA LYS J 155 -56.91 -47.55 -21.00
C LYS J 155 -56.86 -47.14 -22.48
N ASN J 156 -56.92 -48.15 -23.35
CA ASN J 156 -56.76 -48.03 -24.83
C ASN J 156 -55.58 -47.11 -25.09
N PRO J 157 -54.37 -47.51 -24.62
CA PRO J 157 -53.17 -46.72 -24.89
C PRO J 157 -52.78 -46.81 -26.37
N THR J 158 -52.14 -45.73 -26.84
CA THR J 158 -51.57 -45.60 -28.20
C THR J 158 -50.10 -45.24 -28.07
N ALA J 159 -49.41 -45.13 -29.19
CA ALA J 159 -48.03 -44.60 -29.22
C ALA J 159 -47.99 -43.25 -28.48
N GLN J 160 -49.06 -42.47 -28.53
CA GLN J 160 -49.13 -41.15 -27.89
C GLN J 160 -49.00 -41.36 -26.36
N SER J 161 -49.30 -42.56 -25.86
CA SER J 161 -49.19 -42.87 -24.42
C SER J 161 -47.72 -42.90 -23.96
N GLN J 162 -46.73 -43.00 -24.87
CA GLN J 162 -45.27 -43.00 -24.54
C GLN J 162 -44.77 -41.56 -24.35
N VAL J 163 -45.59 -40.59 -24.73
CA VAL J 163 -45.37 -39.15 -24.44
C VAL J 163 -46.62 -38.68 -23.70
N MET J 164 -47.19 -37.50 -23.98
CA MET J 164 -48.41 -37.04 -23.25
C MET J 164 -49.67 -37.32 -24.07
N ASN J 165 -50.56 -38.15 -23.50
CA ASN J 165 -51.92 -38.46 -24.00
C ASN J 165 -52.92 -38.07 -22.90
N THR J 166 -53.65 -36.96 -23.05
CA THR J 166 -54.49 -36.40 -21.99
C THR J 166 -55.68 -37.31 -21.67
N ASP J 167 -55.90 -38.39 -22.43
CA ASP J 167 -56.97 -39.36 -22.10
C ASP J 167 -56.67 -40.13 -20.80
N HIS J 168 -55.41 -40.29 -20.41
CA HIS J 168 -55.01 -41.15 -19.26
C HIS J 168 -55.08 -40.36 -17.95
N LYS J 169 -56.31 -40.13 -17.45
CA LYS J 169 -56.55 -39.47 -16.14
C LYS J 169 -57.04 -40.53 -15.17
N ALA J 170 -56.55 -40.53 -13.92
CA ALA J 170 -57.06 -41.45 -12.88
C ALA J 170 -57.04 -40.78 -11.52
N TYR J 171 -57.92 -41.27 -10.64
CA TYR J 171 -57.90 -41.01 -9.19
C TYR J 171 -57.09 -42.14 -8.50
N LEU J 172 -56.16 -41.78 -7.63
CA LEU J 172 -55.50 -42.79 -6.78
C LEU J 172 -56.52 -43.20 -5.73
N ASP J 173 -57.39 -44.16 -6.07
CA ASP J 173 -58.57 -44.49 -5.23
C ASP J 173 -58.52 -45.96 -4.83
N LYS J 174 -57.42 -46.65 -5.10
CA LYS J 174 -57.26 -48.06 -4.66
C LYS J 174 -55.78 -48.28 -4.32
N ASN J 175 -55.52 -48.85 -3.16
CA ASN J 175 -54.15 -49.17 -2.74
C ASN J 175 -53.68 -50.44 -3.46
N ASN J 176 -52.39 -50.53 -3.74
CA ASN J 176 -51.76 -51.71 -4.39
C ASN J 176 -52.44 -52.01 -5.72
N ALA J 177 -52.70 -50.98 -6.53
CA ALA J 177 -53.47 -51.12 -7.79
C ALA J 177 -52.82 -50.34 -8.94
N TYR J 178 -52.35 -49.13 -8.69
CA TYR J 178 -51.80 -48.23 -9.75
C TYR J 178 -50.29 -48.43 -9.80
N PRO J 179 -49.74 -49.12 -10.83
CA PRO J 179 -48.30 -49.33 -10.89
C PRO J 179 -47.57 -47.97 -10.94
N VAL J 180 -46.52 -47.84 -10.14
CA VAL J 180 -45.72 -46.60 -10.12
C VAL J 180 -45.25 -46.30 -11.55
N GLU J 181 -44.92 -47.33 -12.34
CA GLU J 181 -44.27 -47.16 -13.65
C GLU J 181 -45.25 -46.56 -14.68
N CYS J 182 -46.55 -46.54 -14.42
CA CYS J 182 -47.56 -46.10 -15.43
C CYS J 182 -48.15 -44.72 -15.12
N TRP J 183 -47.97 -44.21 -13.89
CA TRP J 183 -48.73 -43.02 -13.39
C TRP J 183 -47.81 -42.01 -12.73
N VAL J 184 -48.10 -40.72 -12.95
CA VAL J 184 -47.42 -39.62 -12.21
C VAL J 184 -48.48 -38.68 -11.67
N PRO J 185 -48.18 -37.89 -10.62
CA PRO J 185 -49.11 -36.86 -10.19
C PRO J 185 -49.40 -35.95 -11.38
N ASP J 186 -50.67 -35.57 -11.56
CA ASP J 186 -51.11 -34.70 -12.69
C ASP J 186 -50.99 -33.25 -12.26
N PRO J 187 -49.99 -32.48 -12.76
CA PRO J 187 -49.89 -31.06 -12.41
C PRO J 187 -50.98 -30.18 -13.03
N SER J 188 -51.76 -30.71 -13.99
CA SER J 188 -52.89 -29.97 -14.62
C SER J 188 -54.15 -30.07 -13.76
N ARG J 189 -54.10 -30.78 -12.63
CA ARG J 189 -55.25 -30.94 -11.68
C ARG J 189 -54.73 -30.82 -10.24
N ASN J 190 -55.30 -31.54 -9.28
CA ASN J 190 -54.84 -31.53 -7.86
C ASN J 190 -54.94 -30.12 -7.27
N GLU J 191 -56.01 -29.38 -7.57
CA GLU J 191 -56.28 -28.04 -6.95
C GLU J 191 -56.40 -28.23 -5.42
N ASN J 192 -56.80 -29.41 -4.93
CA ASN J 192 -57.06 -29.64 -3.48
C ASN J 192 -56.11 -30.68 -2.89
N THR J 193 -54.90 -30.79 -3.46
CA THR J 193 -53.85 -31.72 -2.99
C THR J 193 -52.49 -31.03 -3.17
N ARG J 194 -51.57 -31.22 -2.22
CA ARG J 194 -50.14 -30.88 -2.41
C ARG J 194 -49.35 -32.20 -2.61
N TYR J 195 -48.52 -32.27 -3.65
CA TYR J 195 -47.66 -33.45 -3.88
C TYR J 195 -46.19 -33.02 -4.05
N PHE J 196 -45.31 -33.97 -3.76
CA PHE J 196 -43.84 -33.80 -3.85
C PHE J 196 -43.22 -35.15 -4.21
N GLY J 197 -42.37 -35.16 -5.23
CA GLY J 197 -41.70 -36.39 -5.69
C GLY J 197 -40.32 -36.11 -6.22
N THR J 198 -39.41 -37.08 -6.07
CA THR J 198 -38.10 -37.08 -6.73
C THR J 198 -37.84 -38.47 -7.33
N PHE J 199 -37.48 -38.49 -8.60
CA PHE J 199 -37.00 -39.71 -9.30
C PHE J 199 -35.50 -39.56 -9.54
N THR J 200 -34.72 -40.56 -9.15
CA THR J 200 -33.27 -40.63 -9.41
C THR J 200 -32.99 -41.98 -10.09
N GLY J 201 -32.60 -41.96 -11.36
CA GLY J 201 -32.42 -43.20 -12.15
C GLY J 201 -30.97 -43.56 -12.33
N GLY J 202 -30.64 -44.84 -12.40
CA GLY J 202 -29.28 -45.32 -12.70
C GLY J 202 -28.94 -46.61 -11.97
N GLU J 203 -28.01 -47.40 -12.51
CA GLU J 203 -27.57 -48.70 -11.93
C GLU J 203 -27.07 -48.50 -10.51
N ASN J 204 -26.25 -47.48 -10.29
CA ASN J 204 -25.40 -47.35 -9.07
C ASN J 204 -25.82 -46.13 -8.27
N VAL J 205 -27.03 -45.61 -8.47
CA VAL J 205 -27.49 -44.45 -7.67
C VAL J 205 -27.47 -44.86 -6.20
N PRO J 206 -26.70 -44.15 -5.35
CA PRO J 206 -26.77 -44.36 -3.90
C PRO J 206 -28.07 -43.78 -3.36
N PRO J 207 -28.85 -44.55 -2.55
CA PRO J 207 -30.02 -44.00 -1.88
C PRO J 207 -29.54 -42.98 -0.84
N VAL J 208 -30.19 -41.82 -0.79
CA VAL J 208 -29.88 -40.74 0.19
C VAL J 208 -31.18 -40.38 0.90
N LEU J 209 -31.31 -40.73 2.18
CA LEU J 209 -32.55 -40.49 2.95
C LEU J 209 -32.21 -39.80 4.27
N HIS J 210 -32.99 -38.77 4.58
CA HIS J 210 -32.82 -37.94 5.80
C HIS J 210 -33.98 -38.23 6.74
N VAL J 211 -33.69 -38.28 8.04
CA VAL J 211 -34.74 -38.28 9.10
C VAL J 211 -34.48 -37.09 10.02
N THR J 212 -35.55 -36.43 10.44
CA THR J 212 -35.54 -35.45 11.56
C THR J 212 -36.99 -35.16 11.96
N ASN J 213 -37.24 -35.03 13.26
CA ASN J 213 -38.59 -34.66 13.76
C ASN J 213 -38.67 -33.13 13.90
N THR J 214 -37.77 -32.37 13.28
CA THR J 214 -37.75 -30.88 13.34
C THR J 214 -38.30 -30.26 12.05
N ALA J 215 -38.46 -31.03 10.97
CA ALA J 215 -38.88 -30.52 9.65
C ALA J 215 -40.40 -30.62 9.50
N THR J 216 -41.03 -29.56 8.96
CA THR J 216 -42.48 -29.50 8.68
C THR J 216 -42.70 -28.87 7.31
N THR J 217 -43.70 -29.34 6.56
CA THR J 217 -44.07 -28.74 5.25
C THR J 217 -45.43 -28.06 5.37
N VAL J 218 -45.47 -26.76 5.09
CA VAL J 218 -46.74 -25.97 5.12
C VAL J 218 -47.52 -26.38 3.87
N LEU J 219 -48.83 -26.59 4.00
CA LEU J 219 -49.71 -27.02 2.88
C LEU J 219 -50.55 -25.85 2.34
N LEU J 220 -50.50 -24.68 2.98
CA LEU J 220 -51.26 -23.47 2.53
C LEU J 220 -50.81 -23.08 1.12
N ASP J 221 -51.73 -22.58 0.31
CA ASP J 221 -51.49 -22.09 -1.08
C ASP J 221 -51.21 -20.58 -1.06
N GLU J 222 -51.11 -19.96 -2.23
CA GLU J 222 -50.79 -18.51 -2.39
C GLU J 222 -51.84 -17.65 -1.67
N GLN J 223 -53.10 -18.12 -1.56
CA GLN J 223 -54.18 -17.41 -0.82
C GLN J 223 -54.23 -17.81 0.67
N GLY J 224 -53.29 -18.63 1.15
CA GLY J 224 -53.25 -19.08 2.56
C GLY J 224 -54.28 -20.16 2.88
N VAL J 225 -54.68 -20.96 1.89
CA VAL J 225 -55.70 -22.04 2.06
C VAL J 225 -55.06 -23.41 1.81
N GLY J 226 -55.12 -24.28 2.83
CA GLY J 226 -54.68 -25.68 2.71
C GLY J 226 -55.74 -26.55 2.04
N PRO J 227 -55.41 -27.82 1.74
CA PRO J 227 -56.41 -28.78 1.26
C PRO J 227 -57.65 -28.79 2.16
N LEU J 228 -58.84 -28.75 1.55
CA LEU J 228 -60.13 -28.78 2.27
C LEU J 228 -60.73 -30.18 2.13
N CYS J 229 -61.01 -30.83 3.25
CA CYS J 229 -61.32 -32.28 3.28
C CYS J 229 -62.80 -32.49 2.96
N LYS J 230 -63.08 -32.91 1.73
CA LYS J 230 -64.45 -33.23 1.24
C LYS J 230 -64.88 -34.53 1.93
N ALA J 231 -66.09 -34.52 2.51
CA ALA J 231 -66.70 -35.66 3.24
C ALA J 231 -65.84 -36.04 4.45
N ASP J 232 -65.29 -35.04 5.16
CA ASP J 232 -64.43 -35.25 6.35
C ASP J 232 -63.49 -36.43 6.09
N SER J 233 -62.81 -36.41 4.93
CA SER J 233 -61.84 -37.44 4.50
C SER J 233 -60.51 -36.77 4.13
N LEU J 234 -59.41 -37.25 4.70
CA LEU J 234 -58.03 -36.82 4.39
C LEU J 234 -57.38 -37.94 3.56
N TYR J 235 -56.76 -37.59 2.44
CA TYR J 235 -56.10 -38.58 1.56
C TYR J 235 -54.58 -38.43 1.68
N VAL J 236 -53.90 -39.55 1.94
CA VAL J 236 -52.41 -39.63 1.95
C VAL J 236 -52.01 -40.68 0.91
N SER J 237 -50.95 -40.36 0.18
CA SER J 237 -50.45 -41.19 -0.93
C SER J 237 -48.92 -41.18 -0.87
N ALA J 238 -48.28 -42.25 -1.32
CA ALA J 238 -46.81 -42.35 -1.25
C ALA J 238 -46.32 -43.41 -2.21
N ALA J 239 -45.09 -43.24 -2.67
CA ALA J 239 -44.26 -44.30 -3.26
C ALA J 239 -42.84 -44.08 -2.75
N ASP J 240 -42.24 -45.09 -2.13
CA ASP J 240 -40.83 -45.02 -1.66
C ASP J 240 -40.10 -46.29 -2.11
N ILE J 241 -39.79 -46.36 -3.40
CA ILE J 241 -38.86 -47.38 -3.96
C ILE J 241 -37.44 -46.92 -3.62
N CYS J 242 -36.71 -47.70 -2.83
CA CYS J 242 -35.38 -47.28 -2.30
C CYS J 242 -34.24 -47.70 -3.25
N GLY J 243 -34.51 -48.64 -4.17
CA GLY J 243 -33.49 -49.19 -5.08
C GLY J 243 -33.60 -50.69 -5.22
N LEU J 244 -32.61 -51.31 -5.87
CA LEU J 244 -32.66 -52.77 -6.17
C LEU J 244 -31.81 -53.50 -5.16
N PHE J 245 -32.30 -54.66 -4.75
CA PHE J 245 -31.59 -55.65 -3.90
C PHE J 245 -31.09 -56.73 -4.85
N THR J 246 -29.79 -57.00 -4.83
CA THR J 246 -29.19 -58.05 -5.70
C THR J 246 -28.95 -59.32 -4.88
N ASN J 247 -29.64 -60.40 -5.22
CA ASN J 247 -29.44 -61.73 -4.58
C ASN J 247 -28.10 -62.32 -5.02
N SER J 248 -27.62 -63.34 -4.29
CA SER J 248 -26.39 -64.13 -4.63
C SER J 248 -26.48 -64.60 -6.08
N SER J 249 -27.64 -65.04 -6.54
CA SER J 249 -27.91 -65.50 -7.93
C SER J 249 -27.56 -64.42 -8.96
N GLY J 250 -27.70 -63.14 -8.59
CA GLY J 250 -27.55 -61.99 -9.50
C GLY J 250 -28.91 -61.40 -9.87
N THR J 251 -30.00 -62.02 -9.45
CA THR J 251 -31.36 -61.49 -9.68
C THR J 251 -31.55 -60.23 -8.84
N GLN J 252 -32.46 -59.36 -9.28
CA GLN J 252 -32.68 -58.04 -8.64
C GLN J 252 -34.14 -57.88 -8.26
N GLN J 253 -34.39 -57.28 -7.09
CA GLN J 253 -35.75 -57.02 -6.58
C GLN J 253 -35.80 -55.58 -6.10
N TRP J 254 -36.94 -54.92 -6.28
CA TRP J 254 -37.17 -53.59 -5.69
C TRP J 254 -37.27 -53.77 -4.18
N ARG J 255 -36.79 -52.79 -3.42
CA ARG J 255 -36.99 -52.71 -1.95
C ARG J 255 -37.68 -51.38 -1.64
N GLY J 256 -38.75 -51.45 -0.86
CA GLY J 256 -39.53 -50.28 -0.42
C GLY J 256 -39.57 -50.15 1.08
N LEU J 257 -39.93 -48.96 1.54
CA LEU J 257 -40.10 -48.65 2.97
C LEU J 257 -41.40 -47.88 3.12
N ALA J 258 -41.99 -48.00 4.31
CA ALA J 258 -43.23 -47.31 4.69
C ALA J 258 -42.94 -45.82 4.83
N ARG J 259 -44.00 -45.01 4.81
CA ARG J 259 -43.87 -43.55 5.05
C ARG J 259 -44.81 -43.15 6.18
N TYR J 260 -44.32 -42.33 7.10
CA TYR J 260 -45.10 -41.80 8.24
C TYR J 260 -45.63 -40.41 7.87
N PHE J 261 -46.87 -40.13 8.23
CA PHE J 261 -47.50 -38.79 8.07
C PHE J 261 -48.03 -38.32 9.42
N LYS J 262 -47.75 -37.08 9.80
CA LYS J 262 -48.47 -36.36 10.86
C LYS J 262 -49.03 -35.07 10.27
N ILE J 263 -50.35 -34.94 10.23
CA ILE J 263 -51.02 -33.81 9.51
C ILE J 263 -51.81 -32.99 10.52
N ARG J 264 -51.52 -31.69 10.58
CA ARG J 264 -52.24 -30.72 11.44
C ARG J 264 -53.36 -30.11 10.60
N LEU J 265 -54.60 -30.23 11.10
CA LEU J 265 -55.80 -29.66 10.46
C LEU J 265 -56.46 -28.64 11.38
N ARG J 266 -57.16 -27.69 10.78
CA ARG J 266 -57.99 -26.70 11.53
C ARG J 266 -59.38 -26.63 10.89
N LYS J 267 -60.35 -26.17 11.67
CA LYS J 267 -61.73 -25.93 11.17
C LYS J 267 -61.72 -24.66 10.32
N ARG J 268 -62.34 -24.71 9.15
CA ARG J 268 -62.44 -23.58 8.17
C ARG J 268 -63.91 -23.44 7.77
N SER J 269 -64.43 -22.21 7.79
CA SER J 269 -65.80 -21.87 7.34
C SER J 269 -65.85 -21.74 5.81
N VAL J 270 -66.91 -22.24 5.16
CA VAL J 270 -66.98 -22.28 3.67
C VAL J 270 -68.37 -21.87 3.17
N VAL K 7 -46.69 -31.93 31.36
CA VAL K 7 -46.07 -30.79 32.09
C VAL K 7 -46.56 -29.49 31.43
N GLU K 8 -46.91 -28.50 32.25
CA GLU K 8 -47.32 -27.16 31.72
C GLU K 8 -46.10 -26.25 31.73
N VAL K 9 -45.52 -25.97 30.57
CA VAL K 9 -44.27 -25.16 30.46
C VAL K 9 -44.61 -23.69 30.74
N LEU K 10 -43.71 -22.95 31.39
CA LEU K 10 -43.99 -21.52 31.76
C LEU K 10 -42.70 -20.71 31.99
N GLU K 11 -42.64 -19.48 31.48
CA GLU K 11 -41.54 -18.51 31.75
C GLU K 11 -40.14 -19.12 31.56
N VAL K 12 -39.13 -18.61 32.28
CA VAL K 12 -37.70 -19.05 32.16
C VAL K 12 -36.87 -18.22 33.15
N ILE K 19 -28.21 -20.65 33.29
CA ILE K 19 -27.62 -21.23 32.04
C ILE K 19 -26.52 -22.23 32.41
N THR K 20 -26.38 -23.30 31.66
CA THR K 20 -25.29 -24.31 31.84
C THR K 20 -24.93 -24.88 30.47
N GLU K 21 -23.67 -25.28 30.30
CA GLU K 21 -23.21 -26.10 29.15
C GLU K 21 -22.84 -27.47 29.70
N VAL K 22 -23.15 -28.53 28.97
CA VAL K 22 -22.58 -29.88 29.25
C VAL K 22 -21.93 -30.36 27.97
N GLU K 23 -20.76 -30.96 28.12
CA GLU K 23 -19.88 -31.46 27.02
C GLU K 23 -19.84 -32.97 27.15
N CYS K 24 -19.71 -33.67 26.06
CA CYS K 24 -19.59 -35.14 26.08
C CYS K 24 -18.99 -35.62 24.76
N PHE K 25 -18.06 -36.57 24.81
CA PHE K 25 -17.65 -37.40 23.65
C PHE K 25 -18.28 -38.79 23.80
N LEU K 26 -19.06 -39.23 22.82
CA LEU K 26 -19.79 -40.52 22.85
C LEU K 26 -19.07 -41.46 21.89
N ASN K 27 -18.41 -42.51 22.42
CA ASN K 27 -17.59 -43.43 21.59
C ASN K 27 -18.52 -44.29 20.74
N PRO K 28 -18.09 -44.71 19.52
CA PRO K 28 -18.94 -45.54 18.69
C PRO K 28 -18.94 -47.00 19.15
N GLU K 29 -19.97 -47.74 18.73
CA GLU K 29 -20.16 -49.17 19.06
C GLU K 29 -20.31 -49.91 17.73
N MET K 30 -19.19 -50.17 17.08
CA MET K 30 -19.20 -50.77 15.72
C MET K 30 -19.11 -52.29 15.80
N GLY K 31 -18.89 -52.85 17.01
CA GLY K 31 -18.78 -54.30 17.23
C GLY K 31 -17.54 -54.66 18.04
N ASP K 32 -16.39 -54.02 17.76
CA ASP K 32 -15.15 -54.18 18.56
C ASP K 32 -14.79 -55.67 18.59
N PRO K 33 -14.37 -56.26 17.45
CA PRO K 33 -14.09 -57.69 17.41
C PRO K 33 -12.94 -58.12 18.34
N ASP K 34 -12.07 -57.19 18.71
CA ASP K 34 -11.02 -57.39 19.74
C ASP K 34 -10.49 -56.00 20.11
N GLU K 35 -9.73 -55.89 21.20
CA GLU K 35 -9.21 -54.58 21.69
C GLU K 35 -8.53 -53.83 20.55
N ASN K 36 -7.64 -54.47 19.81
CA ASN K 36 -6.79 -53.80 18.78
C ASN K 36 -7.63 -53.26 17.61
N LEU K 37 -8.85 -53.76 17.44
CA LEU K 37 -9.75 -53.26 16.37
C LEU K 37 -10.93 -52.47 16.97
N ARG K 38 -10.67 -51.72 18.03
CA ARG K 38 -11.69 -50.83 18.62
C ARG K 38 -12.10 -49.79 17.57
N GLY K 39 -13.39 -49.59 17.37
CA GLY K 39 -13.93 -48.64 16.38
C GLY K 39 -14.24 -49.32 15.06
N PHE K 40 -13.95 -50.62 14.95
CA PHE K 40 -14.24 -51.45 13.75
C PHE K 40 -15.27 -52.51 14.12
N SER K 41 -15.93 -53.06 13.10
CA SER K 41 -16.78 -54.25 13.28
C SER K 41 -15.94 -55.49 12.95
N LEU K 42 -16.43 -56.64 13.33
CA LEU K 42 -15.95 -57.93 12.78
C LEU K 42 -16.12 -57.90 11.25
N LYS K 43 -15.31 -58.68 10.54
CA LYS K 43 -15.46 -58.86 9.07
C LYS K 43 -16.92 -59.24 8.74
N LEU K 44 -17.51 -58.64 7.70
CA LEU K 44 -18.91 -58.90 7.27
C LEU K 44 -19.00 -60.27 6.59
N SER K 45 -19.95 -61.09 6.99
CA SER K 45 -20.34 -62.32 6.27
C SER K 45 -21.19 -61.91 5.04
N ALA K 46 -21.51 -62.82 4.13
CA ALA K 46 -22.39 -62.49 2.99
C ALA K 46 -23.13 -63.73 2.46
N GLU K 47 -24.30 -63.50 1.86
CA GLU K 47 -25.02 -64.50 1.01
C GLU K 47 -25.74 -65.54 1.89
N ASN K 48 -25.87 -65.31 3.20
CA ASN K 48 -26.70 -66.17 4.07
C ASN K 48 -28.12 -66.15 3.51
N ASP K 49 -28.80 -67.29 3.52
CA ASP K 49 -30.25 -67.32 3.20
C ASP K 49 -31.00 -66.57 4.30
N PHE K 50 -32.07 -65.85 3.96
CA PHE K 50 -32.94 -65.16 4.96
C PHE K 50 -33.34 -66.16 6.06
N SER K 51 -33.49 -67.45 5.70
CA SER K 51 -34.00 -68.49 6.62
C SER K 51 -32.94 -68.96 7.63
N SER K 52 -31.63 -68.71 7.42
CA SER K 52 -30.56 -69.12 8.38
C SER K 52 -29.46 -68.08 8.40
N ASP K 53 -29.77 -66.94 9.02
CA ASP K 53 -28.86 -65.79 9.19
C ASP K 53 -28.71 -65.51 10.67
N SER K 54 -27.62 -66.03 11.27
CA SER K 54 -27.25 -65.71 12.67
C SER K 54 -26.01 -64.83 12.67
N PRO K 55 -26.12 -63.49 12.56
CA PRO K 55 -24.94 -62.63 12.60
C PRO K 55 -24.20 -62.70 13.94
N GLU K 56 -22.89 -62.78 13.91
CA GLU K 56 -22.03 -62.59 15.11
C GLU K 56 -22.36 -61.21 15.70
N ARG K 57 -22.55 -61.10 17.02
CA ARG K 57 -22.82 -59.82 17.71
C ARG K 57 -21.79 -58.74 17.32
N LYS K 58 -20.50 -59.10 17.21
CA LYS K 58 -19.40 -58.17 16.87
C LYS K 58 -19.46 -57.74 15.39
N MET K 59 -20.39 -58.31 14.62
CA MET K 59 -20.57 -57.90 13.20
C MET K 59 -21.50 -56.68 13.11
N LEU K 60 -22.25 -56.37 14.17
CA LEU K 60 -23.42 -55.44 14.07
C LEU K 60 -23.15 -54.14 14.82
N PRO K 61 -22.96 -53.01 14.13
CA PRO K 61 -22.95 -51.73 14.80
C PRO K 61 -24.25 -51.50 15.59
N CYS K 62 -24.12 -50.84 16.74
CA CYS K 62 -25.24 -50.44 17.61
C CYS K 62 -25.25 -48.93 17.82
N TYR K 63 -26.40 -48.41 18.23
CA TYR K 63 -26.52 -47.00 18.63
C TYR K 63 -25.70 -46.79 19.91
N SER K 64 -25.01 -45.66 19.97
CA SER K 64 -24.37 -45.14 21.20
C SER K 64 -25.38 -44.28 21.96
N THR K 65 -25.42 -44.40 23.27
CA THR K 65 -26.22 -43.48 24.10
C THR K 65 -25.55 -43.29 25.46
N ALA K 66 -25.86 -42.17 26.09
CA ALA K 66 -25.41 -41.88 27.47
C ALA K 66 -26.37 -40.88 28.11
N ARG K 67 -26.57 -41.02 29.41
CA ARG K 67 -27.45 -40.13 30.21
C ARG K 67 -26.54 -39.24 31.06
N ILE K 68 -26.55 -37.94 30.81
CA ILE K 68 -25.65 -36.99 31.52
C ILE K 68 -26.40 -36.37 32.69
N PRO K 69 -25.91 -36.55 33.94
CA PRO K 69 -26.52 -35.93 35.11
C PRO K 69 -26.38 -34.40 35.08
N LEU K 70 -27.47 -33.69 35.36
CA LEU K 70 -27.47 -32.21 35.35
C LEU K 70 -27.61 -31.73 36.79
N PRO K 71 -27.25 -30.46 37.10
CA PRO K 71 -27.40 -29.94 38.46
C PRO K 71 -28.82 -30.15 39.01
N ASN K 72 -28.90 -30.65 40.26
CA ASN K 72 -30.20 -30.83 40.94
C ASN K 72 -30.92 -29.49 41.03
N LEU K 73 -32.10 -29.39 40.44
CA LEU K 73 -32.94 -28.17 40.59
C LEU K 73 -33.90 -28.46 41.74
N ASN K 74 -34.35 -27.43 42.48
CA ASN K 74 -35.22 -27.59 43.67
C ASN K 74 -34.33 -28.04 44.83
N GLY K 80 -46.33 -28.90 41.19
CA GLY K 80 -46.12 -27.73 42.09
C GLY K 80 -45.68 -26.52 41.26
N ASN K 81 -44.58 -25.83 41.62
CA ASN K 81 -43.97 -24.76 40.77
C ASN K 81 -42.49 -25.07 40.55
N LEU K 82 -42.25 -26.13 39.78
CA LEU K 82 -40.93 -26.81 39.69
C LEU K 82 -40.11 -26.20 38.56
N LEU K 83 -38.78 -26.30 38.67
CA LEU K 83 -37.83 -25.89 37.60
C LEU K 83 -37.32 -27.14 36.88
N MET K 84 -37.10 -27.02 35.57
CA MET K 84 -36.49 -28.11 34.76
C MET K 84 -35.42 -27.51 33.83
N TRP K 85 -34.39 -28.30 33.56
CA TRP K 85 -33.37 -27.94 32.55
C TRP K 85 -34.01 -28.05 31.16
N GLU K 86 -33.92 -26.96 30.39
CA GLU K 86 -34.41 -26.90 29.00
C GLU K 86 -33.20 -26.79 28.06
N ALA K 87 -32.98 -27.80 27.22
CA ALA K 87 -31.89 -27.82 26.21
C ALA K 87 -32.26 -26.84 25.10
N VAL K 88 -31.38 -25.88 24.82
CA VAL K 88 -31.71 -24.78 23.86
C VAL K 88 -30.91 -24.94 22.57
N THR K 89 -29.63 -25.31 22.67
CA THR K 89 -28.78 -25.50 21.47
C THR K 89 -27.87 -26.72 21.64
N VAL K 90 -27.37 -27.24 20.53
CA VAL K 90 -26.33 -28.31 20.51
C VAL K 90 -25.30 -27.98 19.44
N GLN K 91 -24.04 -28.16 19.78
CA GLN K 91 -22.90 -28.21 18.82
C GLN K 91 -22.42 -29.66 18.82
N THR K 92 -22.25 -30.23 17.65
CA THR K 92 -21.86 -31.64 17.53
C THR K 92 -21.00 -31.78 16.28
N GLU K 93 -19.95 -32.58 16.38
CA GLU K 93 -19.24 -33.04 15.17
C GLU K 93 -18.67 -34.43 15.41
N VAL K 94 -18.33 -35.08 14.32
CA VAL K 94 -17.68 -36.41 14.31
C VAL K 94 -16.19 -36.17 14.52
N ILE K 95 -15.56 -37.01 15.36
CA ILE K 95 -14.17 -36.81 15.83
C ILE K 95 -13.25 -37.84 15.15
N GLY K 96 -12.14 -37.37 14.58
CA GLY K 96 -11.10 -38.25 13.97
C GLY K 96 -11.32 -38.47 12.48
N ILE K 97 -12.01 -37.57 11.80
CA ILE K 97 -12.32 -37.75 10.36
C ILE K 97 -11.00 -37.93 9.61
N THR K 98 -9.92 -37.27 10.03
CA THR K 98 -8.64 -37.31 9.26
C THR K 98 -7.99 -38.68 9.41
N SER K 99 -8.43 -39.52 10.34
CA SER K 99 -7.77 -40.82 10.60
C SER K 99 -7.89 -41.71 9.36
N MET K 100 -8.81 -41.38 8.45
CA MET K 100 -9.04 -42.16 7.21
C MET K 100 -8.00 -41.84 6.13
N LEU K 101 -7.08 -40.92 6.39
CA LEU K 101 -5.94 -40.58 5.47
C LEU K 101 -4.77 -41.56 5.68
N ASN K 102 -4.91 -42.51 6.62
CA ASN K 102 -3.95 -43.63 6.76
C ASN K 102 -4.35 -44.69 5.73
N LEU K 103 -3.64 -44.70 4.59
CA LEU K 103 -3.82 -45.73 3.52
C LEU K 103 -2.60 -46.66 3.51
N HIS K 104 -1.75 -46.60 4.53
CA HIS K 104 -0.46 -47.36 4.54
C HIS K 104 -0.63 -48.68 5.30
N ALA K 105 -1.65 -48.80 6.16
CA ALA K 105 -1.79 -49.99 7.03
C ALA K 105 -3.13 -50.66 6.82
N GLY K 106 -3.12 -51.99 6.68
CA GLY K 106 -4.32 -52.85 6.73
C GLY K 106 -5.15 -52.83 5.45
N SER K 107 -5.31 -51.69 4.78
CA SER K 107 -6.19 -51.56 3.58
C SER K 107 -5.55 -52.28 2.40
N GLN K 108 -6.38 -52.97 1.63
CA GLN K 108 -6.03 -53.59 0.35
C GLN K 108 -5.61 -52.50 -0.64
N LYS K 109 -4.51 -52.72 -1.36
CA LYS K 109 -3.99 -51.81 -2.41
C LYS K 109 -5.09 -51.61 -3.49
N VAL K 110 -5.32 -50.37 -3.91
CA VAL K 110 -6.31 -50.03 -4.99
C VAL K 110 -5.93 -50.71 -6.30
N HIS K 111 -4.61 -50.93 -6.52
CA HIS K 111 -4.05 -51.66 -7.69
C HIS K 111 -2.56 -51.93 -7.42
N GLU K 112 -1.87 -52.64 -8.31
CA GLU K 112 -0.46 -53.04 -8.10
C GLU K 112 0.38 -51.77 -7.90
N HIS K 113 1.24 -51.78 -6.87
CA HIS K 113 2.18 -50.69 -6.50
C HIS K 113 1.43 -49.49 -5.91
N GLY K 114 0.10 -49.53 -5.80
CA GLY K 114 -0.73 -48.38 -5.38
C GLY K 114 -0.85 -48.31 -3.87
N GLY K 115 -1.43 -47.22 -3.38
CA GLY K 115 -1.79 -47.02 -1.96
C GLY K 115 -2.99 -47.85 -1.57
N GLY K 116 -3.26 -47.93 -0.26
CA GLY K 116 -4.40 -48.68 0.29
C GLY K 116 -5.74 -48.06 -0.11
N LYS K 117 -6.81 -48.85 -0.07
CA LYS K 117 -8.16 -48.37 -0.44
C LYS K 117 -8.72 -47.51 0.69
N PRO K 118 -9.18 -46.27 0.37
CA PRO K 118 -9.91 -45.48 1.36
C PRO K 118 -11.17 -46.20 1.84
N ILE K 119 -11.51 -45.99 3.10
CA ILE K 119 -12.82 -46.39 3.64
C ILE K 119 -13.89 -45.73 2.77
N GLN K 120 -14.88 -46.49 2.35
CA GLN K 120 -16.00 -45.96 1.53
C GLN K 120 -17.16 -46.94 1.61
N GLY K 121 -18.33 -46.54 1.11
CA GLY K 121 -19.52 -47.39 1.09
C GLY K 121 -20.59 -46.86 2.02
N SER K 122 -21.64 -47.67 2.22
CA SER K 122 -22.85 -47.29 2.97
C SER K 122 -22.42 -46.60 4.26
N ASN K 123 -23.06 -45.50 4.61
CA ASN K 123 -22.79 -44.86 5.91
C ASN K 123 -24.11 -44.30 6.48
N PHE K 124 -24.08 -44.01 7.77
CA PHE K 124 -25.22 -43.50 8.53
C PHE K 124 -24.66 -42.55 9.58
N HIS K 125 -25.17 -41.33 9.62
CA HIS K 125 -24.75 -40.27 10.57
C HIS K 125 -26.00 -39.76 11.27
N PHE K 126 -26.06 -39.93 12.59
CA PHE K 126 -27.28 -39.67 13.38
C PHE K 126 -26.88 -39.19 14.76
N PHE K 127 -27.64 -38.23 15.28
CA PHE K 127 -27.53 -37.84 16.70
C PHE K 127 -28.89 -37.38 17.17
N ALA K 128 -29.06 -37.40 18.48
CA ALA K 128 -30.29 -36.92 19.16
C ALA K 128 -29.92 -36.36 20.53
N VAL K 129 -30.69 -35.35 20.94
CA VAL K 129 -30.66 -34.72 22.29
C VAL K 129 -32.10 -34.73 22.81
N GLY K 130 -32.31 -35.15 24.05
CA GLY K 130 -33.66 -35.21 24.61
C GLY K 130 -33.63 -35.20 26.12
N GLY K 131 -34.78 -34.86 26.70
CA GLY K 131 -35.02 -34.99 28.14
C GLY K 131 -35.43 -36.39 28.53
N ASP K 132 -35.54 -37.30 27.57
CA ASP K 132 -35.90 -38.71 27.86
C ASP K 132 -35.16 -39.61 26.89
N PRO K 133 -35.00 -40.93 27.16
CA PRO K 133 -34.40 -41.84 26.19
C PRO K 133 -35.06 -41.65 24.82
N LEU K 134 -34.24 -41.60 23.78
CA LEU K 134 -34.70 -41.61 22.37
C LEU K 134 -35.67 -42.76 22.17
N GLU K 135 -36.81 -42.46 21.57
CA GLU K 135 -37.86 -43.46 21.23
C GLU K 135 -37.65 -43.96 19.79
N MET K 136 -37.66 -45.29 19.62
CA MET K 136 -37.26 -45.94 18.36
C MET K 136 -38.33 -46.90 17.86
N GLN K 137 -38.37 -47.07 16.55
CA GLN K 137 -39.29 -47.97 15.83
C GLN K 137 -38.45 -49.05 15.14
N GLY K 138 -38.89 -50.28 15.20
CA GLY K 138 -38.19 -51.44 14.61
C GLY K 138 -38.59 -51.66 13.17
N VAL K 139 -37.61 -51.88 12.30
CA VAL K 139 -37.86 -52.30 10.88
C VAL K 139 -36.70 -53.19 10.47
N LEU K 140 -37.00 -54.34 9.86
CA LEU K 140 -35.96 -55.34 9.52
C LEU K 140 -35.89 -55.53 8.01
N MET K 141 -34.68 -55.68 7.48
CA MET K 141 -34.46 -56.19 6.11
C MET K 141 -35.10 -57.57 6.02
N ASN K 142 -34.93 -58.40 7.05
CA ASN K 142 -35.28 -59.83 7.05
C ASN K 142 -35.80 -60.18 8.47
N TYR K 143 -37.12 -60.37 8.60
CA TYR K 143 -37.76 -60.57 9.93
C TYR K 143 -37.25 -61.87 10.54
N ARG K 144 -36.76 -62.79 9.71
CA ARG K 144 -36.35 -64.15 10.20
C ARG K 144 -34.89 -64.13 10.66
N THR K 145 -34.23 -62.98 10.59
CA THR K 145 -32.84 -62.86 11.09
C THR K 145 -32.78 -63.29 12.54
N LYS K 146 -31.84 -64.19 12.85
CA LYS K 146 -31.64 -64.64 14.26
C LYS K 146 -30.60 -63.72 14.91
N TYR K 147 -31.06 -62.71 15.64
CA TYR K 147 -30.15 -61.71 16.26
C TYR K 147 -29.51 -62.29 17.51
N PRO K 148 -28.24 -61.92 17.79
CA PRO K 148 -27.46 -62.53 18.87
C PRO K 148 -27.83 -62.08 20.28
N ASP K 149 -27.74 -63.02 21.24
CA ASP K 149 -27.88 -62.75 22.69
C ASP K 149 -26.94 -61.60 23.05
N GLY K 150 -27.45 -60.65 23.82
CA GLY K 150 -26.74 -59.42 24.20
C GLY K 150 -27.31 -58.22 23.46
N THR K 151 -28.00 -58.44 22.34
CA THR K 151 -28.57 -57.33 21.55
C THR K 151 -30.06 -57.28 21.82
N ILE K 152 -30.67 -56.13 21.58
CA ILE K 152 -32.13 -55.91 21.81
C ILE K 152 -32.72 -55.58 20.45
N THR K 153 -33.52 -56.47 19.89
CA THR K 153 -34.05 -56.35 18.51
C THR K 153 -35.55 -56.54 18.59
N PRO K 154 -36.32 -56.14 17.53
CA PRO K 154 -37.76 -56.37 17.50
C PRO K 154 -38.21 -57.73 18.04
N LYS K 155 -39.23 -57.75 18.89
CA LYS K 155 -39.70 -58.98 19.57
C LYS K 155 -40.88 -59.59 18.82
N ASN K 156 -40.86 -60.92 18.71
CA ASN K 156 -41.83 -61.74 17.95
C ASN K 156 -42.11 -61.07 16.61
N PRO K 157 -41.07 -60.84 15.78
CA PRO K 157 -41.24 -60.18 14.50
C PRO K 157 -42.00 -61.05 13.50
N THR K 158 -42.71 -60.41 12.58
CA THR K 158 -43.47 -61.06 11.48
C THR K 158 -43.03 -60.47 10.16
N ALA K 159 -43.56 -60.98 9.05
CA ALA K 159 -43.33 -60.39 7.73
C ALA K 159 -43.67 -58.89 7.78
N GLN K 160 -44.63 -58.49 8.61
CA GLN K 160 -45.03 -57.06 8.75
C GLN K 160 -43.83 -56.26 9.29
N SER K 161 -42.88 -56.93 9.95
CA SER K 161 -41.68 -56.25 10.51
C SER K 161 -40.74 -55.77 9.40
N GLN K 162 -40.89 -56.24 8.15
CA GLN K 162 -40.05 -55.82 6.99
C GLN K 162 -40.60 -54.51 6.40
N VAL K 163 -41.79 -54.12 6.83
CA VAL K 163 -42.40 -52.79 6.51
C VAL K 163 -42.72 -52.17 7.88
N MET K 164 -43.87 -51.53 8.09
CA MET K 164 -44.18 -50.91 9.41
C MET K 164 -45.07 -51.83 10.24
N ASN K 165 -44.56 -52.25 11.40
CA ASN K 165 -45.26 -53.03 12.46
C ASN K 165 -45.18 -52.20 13.73
N THR K 166 -46.28 -51.58 14.16
CA THR K 166 -46.26 -50.61 15.28
C THR K 166 -45.98 -51.33 16.62
N ASP K 167 -45.89 -52.66 16.65
CA ASP K 167 -45.52 -53.39 17.92
C ASP K 167 -44.07 -53.11 18.31
N HIS K 168 -43.18 -52.80 17.36
CA HIS K 168 -41.71 -52.68 17.62
C HIS K 168 -41.37 -51.27 18.11
N LYS K 169 -41.69 -50.97 19.37
CA LYS K 169 -41.34 -49.70 20.04
C LYS K 169 -40.23 -49.99 21.04
N ALA K 170 -39.21 -49.13 21.13
CA ALA K 170 -38.15 -49.29 22.15
C ALA K 170 -37.67 -47.92 22.63
N TYR K 171 -37.14 -47.90 23.86
CA TYR K 171 -36.31 -46.80 24.40
C TYR K 171 -34.84 -47.11 24.13
N LEU K 172 -34.11 -46.18 23.54
CA LEU K 172 -32.63 -46.30 23.46
C LEU K 172 -32.09 -46.09 24.89
N ASP K 173 -32.16 -47.13 25.70
CA ASP K 173 -31.93 -47.07 27.16
C ASP K 173 -30.69 -47.89 27.51
N LYS K 174 -29.93 -48.40 26.54
CA LYS K 174 -28.67 -49.13 26.82
C LYS K 174 -27.67 -48.94 25.69
N ASN K 175 -26.44 -48.60 26.06
CA ASN K 175 -25.31 -48.45 25.12
C ASN K 175 -24.92 -49.84 24.57
N ASN K 176 -24.51 -49.91 23.30
CA ASN K 176 -23.94 -51.12 22.67
C ASN K 176 -24.93 -52.28 22.76
N ALA K 177 -26.20 -52.04 22.48
CA ALA K 177 -27.27 -53.06 22.65
C ALA K 177 -28.22 -53.07 21.44
N TYR K 178 -28.65 -51.91 20.94
CA TYR K 178 -29.66 -51.79 19.86
C TYR K 178 -28.95 -51.72 18.52
N PRO K 179 -28.97 -52.80 17.70
CA PRO K 179 -28.26 -52.78 16.43
C PRO K 179 -28.83 -51.66 15.54
N VAL K 180 -27.95 -50.90 14.92
CA VAL K 180 -28.36 -49.82 14.00
C VAL K 180 -29.32 -50.40 12.95
N GLU K 181 -29.05 -51.62 12.50
CA GLU K 181 -29.77 -52.20 11.32
C GLU K 181 -31.22 -52.51 11.67
N CYS K 182 -31.60 -52.54 12.94
CA CYS K 182 -32.98 -52.97 13.35
C CYS K 182 -33.87 -51.80 13.78
N TRP K 183 -33.29 -50.63 14.05
CA TRP K 183 -34.01 -49.54 14.75
C TRP K 183 -33.82 -48.20 14.04
N VAL K 184 -34.89 -47.40 14.00
CA VAL K 184 -34.80 -45.98 13.54
C VAL K 184 -35.47 -45.11 14.58
N PRO K 185 -35.13 -43.80 14.65
CA PRO K 185 -35.87 -42.88 15.50
C PRO K 185 -37.34 -42.94 15.08
N ASP K 186 -38.25 -42.96 16.06
CA ASP K 186 -39.72 -43.07 15.85
C ASP K 186 -40.29 -41.66 15.70
N PRO K 187 -40.68 -41.22 14.49
CA PRO K 187 -41.24 -39.88 14.31
C PRO K 187 -42.66 -39.73 14.87
N SER K 188 -43.30 -40.84 15.23
CA SER K 188 -44.66 -40.84 15.85
C SER K 188 -44.57 -40.57 17.36
N ARG K 189 -43.36 -40.40 17.91
CA ARG K 189 -43.13 -40.13 19.35
C ARG K 189 -42.01 -39.09 19.47
N ASN K 190 -41.16 -39.16 20.50
CA ASN K 190 -40.02 -38.22 20.70
C ASN K 190 -40.55 -36.78 20.82
N GLU K 191 -41.63 -36.58 21.56
CA GLU K 191 -42.18 -35.24 21.92
C GLU K 191 -41.08 -34.43 22.62
N ASN K 192 -40.19 -35.09 23.37
CA ASN K 192 -39.19 -34.43 24.24
C ASN K 192 -37.77 -34.76 23.78
N THR K 193 -37.56 -34.99 22.50
CA THR K 193 -36.24 -35.23 21.88
C THR K 193 -36.21 -34.57 20.50
N ARG K 194 -35.04 -34.08 20.09
CA ARG K 194 -34.82 -33.64 18.68
C ARG K 194 -33.76 -34.55 18.06
N TYR K 195 -34.04 -35.19 16.93
CA TYR K 195 -33.10 -36.12 16.27
C TYR K 195 -32.88 -35.67 14.83
N PHE K 196 -31.73 -36.10 14.29
CA PHE K 196 -31.26 -35.80 12.91
C PHE K 196 -30.41 -36.96 12.43
N GLY K 197 -30.71 -37.47 11.25
CA GLY K 197 -29.99 -38.62 10.68
C GLY K 197 -29.94 -38.56 9.18
N THR K 198 -28.84 -39.03 8.59
CA THR K 198 -28.71 -39.23 7.14
C THR K 198 -28.12 -40.61 6.85
N PHE K 199 -28.81 -41.36 5.99
CA PHE K 199 -28.34 -42.67 5.46
C PHE K 199 -27.95 -42.47 4.01
N THR K 200 -26.74 -42.89 3.65
CA THR K 200 -26.24 -42.88 2.25
C THR K 200 -25.75 -44.29 1.95
N GLY K 201 -26.44 -45.01 1.06
CA GLY K 201 -26.14 -46.43 0.79
C GLY K 201 -25.42 -46.59 -0.53
N GLY K 202 -24.55 -47.59 -0.66
CA GLY K 202 -23.88 -47.94 -1.92
C GLY K 202 -22.47 -48.43 -1.70
N GLU K 203 -21.94 -49.24 -2.62
CA GLU K 203 -20.56 -49.80 -2.57
C GLU K 203 -19.52 -48.68 -2.45
N ASN K 204 -19.65 -47.63 -3.27
CA ASN K 204 -18.55 -46.65 -3.51
C ASN K 204 -18.96 -45.27 -3.01
N VAL K 205 -19.93 -45.17 -2.12
CA VAL K 205 -20.31 -43.85 -1.53
C VAL K 205 -19.08 -43.26 -0.87
N PRO K 206 -18.62 -42.07 -1.31
CA PRO K 206 -17.56 -41.37 -0.61
C PRO K 206 -18.09 -40.77 0.69
N PRO K 207 -17.43 -41.00 1.85
CA PRO K 207 -17.80 -40.33 3.08
C PRO K 207 -17.49 -38.83 2.93
N VAL K 208 -18.41 -37.98 3.35
CA VAL K 208 -18.26 -36.49 3.32
C VAL K 208 -18.57 -35.96 4.71
N LEU K 209 -17.55 -35.49 5.44
CA LEU K 209 -17.74 -35.03 6.84
C LEU K 209 -17.18 -33.61 7.00
N HIS K 210 -17.95 -32.76 7.66
CA HIS K 210 -17.61 -31.34 7.93
C HIS K 210 -17.29 -31.20 9.42
N VAL K 211 -16.30 -30.39 9.73
CA VAL K 211 -16.02 -29.91 11.12
C VAL K 211 -16.01 -28.38 11.09
N THR K 212 -16.55 -27.76 12.12
CA THR K 212 -16.41 -26.31 12.42
C THR K 212 -16.91 -26.07 13.84
N ASN K 213 -16.27 -25.19 14.58
CA ASN K 213 -16.75 -24.77 15.92
C ASN K 213 -17.63 -23.52 15.80
N THR K 214 -18.14 -23.19 14.61
CA THR K 214 -18.98 -21.99 14.37
C THR K 214 -20.45 -22.36 14.17
N ALA K 215 -20.78 -23.64 13.98
CA ALA K 215 -22.17 -24.09 13.69
C ALA K 215 -22.87 -24.50 14.99
N THR K 216 -24.13 -24.12 15.13
CA THR K 216 -25.00 -24.50 16.28
C THR K 216 -26.37 -24.95 15.78
N THR K 217 -27.00 -25.91 16.44
CA THR K 217 -28.38 -26.36 16.10
C THR K 217 -29.33 -25.95 17.23
N VAL K 218 -30.35 -25.16 16.90
CA VAL K 218 -31.38 -24.75 17.88
C VAL K 218 -32.26 -25.97 18.16
N LEU K 219 -32.59 -26.25 19.42
CA LEU K 219 -33.43 -27.40 19.82
C LEU K 219 -34.86 -26.96 20.13
N LEU K 220 -35.15 -25.65 20.18
CA LEU K 220 -36.51 -25.12 20.48
C LEU K 220 -37.49 -25.60 19.40
N ASP K 221 -38.74 -25.87 19.79
CA ASP K 221 -39.84 -26.34 18.89
C ASP K 221 -40.64 -25.13 18.39
N GLU K 222 -41.75 -25.38 17.69
CA GLU K 222 -42.61 -24.33 17.09
C GLU K 222 -43.11 -23.36 18.19
N GLN K 223 -43.29 -23.83 19.42
CA GLN K 223 -43.74 -22.98 20.56
C GLN K 223 -42.55 -22.39 21.32
N GLY K 224 -41.31 -22.59 20.85
CA GLY K 224 -40.10 -22.03 21.50
C GLY K 224 -39.67 -22.82 22.74
N VAL K 225 -39.99 -24.10 22.81
CA VAL K 225 -39.65 -24.99 23.97
C VAL K 225 -38.70 -26.09 23.53
N GLY K 226 -37.53 -26.13 24.16
CA GLY K 226 -36.55 -27.20 23.95
C GLY K 226 -36.91 -28.45 24.76
N PRO K 227 -36.16 -29.56 24.56
CA PRO K 227 -36.31 -30.73 25.42
C PRO K 227 -36.24 -30.34 26.92
N LEU K 228 -37.16 -30.87 27.72
CA LEU K 228 -37.20 -30.65 29.19
C LEU K 228 -36.68 -31.90 29.89
N CYS K 229 -35.64 -31.75 30.70
CA CYS K 229 -34.84 -32.87 31.22
C CYS K 229 -35.50 -33.47 32.48
N LYS K 230 -36.19 -34.60 32.29
CA LYS K 230 -36.84 -35.37 33.38
C LYS K 230 -35.74 -35.99 34.26
N ALA K 231 -35.88 -35.80 35.59
CA ALA K 231 -34.93 -36.29 36.62
C ALA K 231 -33.55 -35.67 36.41
N ASP K 232 -33.49 -34.40 36.04
CA ASP K 232 -32.22 -33.66 35.79
C ASP K 232 -31.27 -34.59 35.01
N SER K 233 -31.76 -35.20 33.93
CA SER K 233 -31.02 -36.13 33.05
C SER K 233 -31.13 -35.65 31.60
N LEU K 234 -30.00 -35.51 30.93
CA LEU K 234 -29.91 -35.20 29.50
C LEU K 234 -29.50 -36.49 28.79
N TYR K 235 -30.21 -36.84 27.73
CA TYR K 235 -29.87 -38.06 26.92
C TYR K 235 -29.25 -37.60 25.60
N VAL K 236 -28.08 -38.17 25.29
CA VAL K 236 -27.44 -38.02 23.95
C VAL K 236 -27.31 -39.41 23.33
N SER K 237 -27.55 -39.46 22.03
CA SER K 237 -27.58 -40.71 21.23
C SER K 237 -26.90 -40.43 19.89
N ALA K 238 -26.23 -41.43 19.31
CA ALA K 238 -25.50 -41.24 18.04
C ALA K 238 -25.23 -42.57 17.38
N ALA K 239 -25.19 -42.56 16.05
CA ALA K 239 -24.61 -43.62 15.22
C ALA K 239 -23.80 -42.93 14.13
N ASP K 240 -22.50 -43.23 14.03
CA ASP K 240 -21.64 -42.67 12.96
C ASP K 240 -20.84 -43.81 12.33
N ILE K 241 -21.52 -44.61 11.52
CA ILE K 241 -20.87 -45.59 10.61
C ILE K 241 -20.32 -44.80 9.42
N CYS K 242 -19.01 -44.77 9.23
CA CYS K 242 -18.36 -43.93 8.20
C CYS K 242 -18.23 -44.66 6.88
N GLY K 243 -18.36 -45.99 6.87
CA GLY K 243 -18.21 -46.83 5.66
C GLY K 243 -17.46 -48.10 5.94
N LEU K 244 -17.10 -48.85 4.89
CA LEU K 244 -16.41 -50.15 5.04
C LEU K 244 -14.92 -49.97 4.80
N PHE K 245 -14.14 -50.66 5.63
CA PHE K 245 -12.66 -50.78 5.51
C PHE K 245 -12.41 -52.13 4.85
N THR K 246 -11.68 -52.14 3.73
CA THR K 246 -11.31 -53.38 3.02
C THR K 246 -9.89 -53.81 3.39
N ASN K 247 -9.75 -54.96 4.04
CA ASN K 247 -8.42 -55.56 4.36
C ASN K 247 -7.77 -56.09 3.07
N SER K 248 -6.44 -56.35 3.14
CA SER K 248 -5.64 -56.98 2.06
C SER K 248 -6.36 -58.25 1.55
N SER K 249 -6.90 -59.06 2.47
CA SER K 249 -7.62 -60.31 2.17
C SER K 249 -8.84 -60.07 1.26
N GLY K 250 -9.44 -58.86 1.33
CA GLY K 250 -10.70 -58.52 0.61
C GLY K 250 -11.90 -58.52 1.56
N THR K 251 -11.69 -58.92 2.82
CA THR K 251 -12.75 -58.85 3.86
C THR K 251 -13.05 -57.39 4.17
N GLN K 252 -14.25 -57.12 4.67
CA GLN K 252 -14.73 -55.74 4.90
C GLN K 252 -15.23 -55.59 6.33
N GLN K 253 -14.95 -54.45 6.93
CA GLN K 253 -15.35 -54.14 8.31
C GLN K 253 -15.96 -52.74 8.33
N TRP K 254 -16.96 -52.53 9.16
CA TRP K 254 -17.49 -51.17 9.38
C TRP K 254 -16.42 -50.39 10.15
N ARG K 255 -16.32 -49.09 9.88
CA ARG K 255 -15.45 -48.16 10.63
C ARG K 255 -16.34 -47.04 11.17
N GLY K 256 -16.24 -46.79 12.48
CA GLY K 256 -17.00 -45.74 13.17
C GLY K 256 -16.10 -44.72 13.83
N LEU K 257 -16.68 -43.55 14.13
CA LEU K 257 -15.98 -42.48 14.84
C LEU K 257 -16.90 -41.98 15.95
N ALA K 258 -16.29 -41.44 17.00
CA ALA K 258 -16.99 -40.87 18.16
C ALA K 258 -17.69 -39.59 17.73
N ARG K 259 -18.66 -39.14 18.52
CA ARG K 259 -19.36 -37.85 18.28
C ARG K 259 -19.25 -36.98 19.55
N TYR K 260 -18.90 -35.72 19.37
CA TYR K 260 -18.83 -34.72 20.45
C TYR K 260 -20.16 -33.96 20.53
N PHE K 261 -20.63 -33.70 21.75
CA PHE K 261 -21.83 -32.87 22.00
C PHE K 261 -21.44 -31.76 22.98
N LYS K 262 -21.86 -30.53 22.68
CA LYS K 262 -21.90 -29.43 23.67
C LYS K 262 -23.32 -28.87 23.68
N ILE K 263 -24.00 -28.99 24.82
CA ILE K 263 -25.45 -28.65 24.93
C ILE K 263 -25.64 -27.50 25.91
N ARG K 264 -26.25 -26.40 25.46
CA ARG K 264 -26.60 -25.24 26.30
C ARG K 264 -28.01 -25.46 26.83
N LEU K 265 -28.15 -25.40 28.16
CA LEU K 265 -29.45 -25.55 28.86
C LEU K 265 -29.76 -24.29 29.65
N ARG K 266 -31.05 -24.02 29.86
CA ARG K 266 -31.52 -22.93 30.74
C ARG K 266 -32.58 -23.48 31.69
N LYS K 267 -32.79 -22.80 32.82
CA LYS K 267 -33.83 -23.17 33.81
C LYS K 267 -35.19 -22.73 33.25
N ARG K 268 -36.17 -23.61 33.31
CA ARG K 268 -37.56 -23.38 32.81
C ARG K 268 -38.54 -23.78 33.91
N SER K 269 -39.53 -22.93 34.17
CA SER K 269 -40.60 -23.20 35.16
C SER K 269 -41.69 -24.07 34.53
N VAL K 270 -42.23 -25.00 35.30
CA VAL K 270 -43.37 -25.87 34.89
C VAL K 270 -44.30 -26.08 36.09
N LYS K 271 -45.55 -26.50 35.85
CA LYS K 271 -46.57 -26.72 36.91
C LYS K 271 -46.53 -28.19 37.37
N GLY L 1 -28.54 35.62 -24.35
CA GLY L 1 -27.77 35.28 -23.12
C GLY L 1 -26.56 36.18 -22.94
N SER L 2 -26.79 37.51 -22.91
CA SER L 2 -25.76 38.58 -22.75
C SER L 2 -26.00 39.37 -21.45
N TYR L 3 -24.93 39.60 -20.69
CA TYR L 3 -24.98 40.01 -19.27
C TYR L 3 -25.62 41.40 -19.16
N VAL L 4 -26.37 41.65 -18.10
CA VAL L 4 -27.14 42.92 -17.91
C VAL L 4 -26.65 43.57 -16.61
N LEU L 5 -26.39 44.88 -16.67
CA LEU L 5 -26.02 45.70 -15.48
C LEU L 5 -27.11 46.76 -15.32
N THR L 6 -27.75 46.77 -14.15
CA THR L 6 -28.88 47.67 -13.80
C THR L 6 -28.39 48.81 -12.92
N GLN L 7 -28.62 50.05 -13.36
CA GLN L 7 -28.28 51.25 -12.56
C GLN L 7 -29.54 52.08 -12.38
N PRO L 8 -29.80 52.66 -11.18
CA PRO L 8 -30.89 53.61 -11.02
C PRO L 8 -30.66 54.78 -11.98
N PRO L 9 -31.68 55.23 -12.73
CA PRO L 9 -31.45 56.26 -13.75
C PRO L 9 -30.91 57.57 -13.17
N SER L 10 -31.29 57.94 -11.95
CA SER L 10 -30.86 59.23 -11.35
C SER L 10 -30.73 59.12 -9.83
N VAL L 11 -29.86 59.98 -9.27
CA VAL L 11 -29.61 60.11 -7.81
C VAL L 11 -29.42 61.60 -7.53
N SER L 12 -29.98 62.11 -6.44
CA SER L 12 -29.83 63.51 -5.96
C SER L 12 -29.15 63.52 -4.59
N VAL L 13 -28.27 64.49 -4.36
CA VAL L 13 -27.40 64.57 -3.15
C VAL L 13 -27.16 66.05 -2.81
N ALA L 14 -27.20 66.39 -1.53
CA ALA L 14 -26.85 67.74 -1.03
C ALA L 14 -25.32 67.82 -0.95
N PRO L 15 -24.71 69.02 -1.13
CA PRO L 15 -23.27 69.19 -0.94
C PRO L 15 -22.84 68.71 0.47
N GLY L 16 -21.71 68.01 0.55
CA GLY L 16 -21.16 67.48 1.80
C GLY L 16 -21.70 66.10 2.14
N LYS L 17 -22.87 65.73 1.60
CA LYS L 17 -23.51 64.42 1.88
C LYS L 17 -22.81 63.32 1.06
N THR L 18 -23.25 62.08 1.22
CA THR L 18 -22.71 60.91 0.49
C THR L 18 -23.69 60.52 -0.64
N ALA L 19 -23.15 60.23 -1.83
CA ALA L 19 -23.91 59.68 -2.97
C ALA L 19 -23.54 58.20 -3.14
N ARG L 20 -24.56 57.35 -3.27
CA ARG L 20 -24.40 55.88 -3.48
C ARG L 20 -25.09 55.49 -4.79
N ILE L 21 -24.31 54.94 -5.71
CA ILE L 21 -24.79 54.48 -7.06
C ILE L 21 -24.63 52.96 -7.11
N THR L 22 -25.74 52.24 -7.28
CA THR L 22 -25.73 50.75 -7.31
C THR L 22 -25.57 50.28 -8.76
N CYS L 23 -25.03 49.07 -8.90
CA CYS L 23 -24.87 48.34 -10.18
C CYS L 23 -25.28 46.90 -9.90
N GLY L 24 -26.49 46.55 -10.36
CA GLY L 24 -27.07 45.21 -10.17
C GLY L 24 -26.63 44.27 -11.27
N GLY L 25 -26.28 43.04 -10.90
CA GLY L 25 -25.97 41.98 -11.88
C GLY L 25 -26.05 40.62 -11.24
N ASN L 26 -26.49 39.63 -11.99
CA ASN L 26 -26.52 38.23 -11.53
C ASN L 26 -25.08 37.85 -11.12
N ASN L 27 -24.84 37.70 -9.81
CA ASN L 27 -23.53 37.28 -9.25
C ASN L 27 -22.43 38.22 -9.75
N ILE L 28 -22.67 39.52 -9.69
CA ILE L 28 -21.69 40.55 -10.16
C ILE L 28 -20.47 40.52 -9.22
N GLY L 29 -20.64 40.04 -8.00
CA GLY L 29 -19.55 39.91 -6.99
C GLY L 29 -18.44 38.98 -7.46
N SER L 30 -18.75 38.11 -8.43
CA SER L 30 -17.78 37.14 -9.00
C SER L 30 -17.07 37.75 -10.23
N ARG L 31 -17.29 39.04 -10.53
CA ARG L 31 -16.69 39.76 -11.67
C ARG L 31 -16.03 41.06 -11.21
N SER L 32 -15.05 41.54 -11.98
CA SER L 32 -14.33 42.81 -11.73
C SER L 32 -15.15 43.97 -12.33
N VAL L 33 -15.68 44.86 -11.47
CA VAL L 33 -16.50 46.02 -11.90
C VAL L 33 -15.62 47.27 -11.93
N HIS L 34 -15.65 48.00 -13.05
CA HIS L 34 -14.95 49.31 -13.18
C HIS L 34 -16.03 50.41 -13.27
N TRP L 35 -15.68 51.64 -12.90
CA TRP L 35 -16.61 52.79 -12.86
C TRP L 35 -16.04 53.95 -13.67
N TYR L 36 -16.90 54.65 -14.38
CA TYR L 36 -16.52 55.84 -15.20
C TYR L 36 -17.40 57.01 -14.79
N GLN L 37 -16.78 58.18 -14.64
CA GLN L 37 -17.45 59.49 -14.53
C GLN L 37 -17.51 60.10 -15.93
N HIS L 38 -18.65 60.63 -16.34
CA HIS L 38 -18.81 61.27 -17.67
C HIS L 38 -19.57 62.59 -17.52
N LYS L 39 -18.86 63.72 -17.70
CA LYS L 39 -19.50 65.06 -17.81
C LYS L 39 -19.79 65.37 -19.28
N PRO L 40 -20.93 66.04 -19.59
CA PRO L 40 -21.33 66.30 -20.97
C PRO L 40 -20.21 66.99 -21.78
N GLY L 41 -20.00 66.49 -23.01
CA GLY L 41 -19.00 67.02 -23.96
C GLY L 41 -17.57 66.89 -23.45
N GLN L 42 -17.30 65.91 -22.60
CA GLN L 42 -15.93 65.60 -22.08
C GLN L 42 -15.64 64.12 -22.26
N ALA L 43 -14.36 63.76 -22.31
CA ALA L 43 -13.90 62.35 -22.27
C ALA L 43 -14.32 61.73 -20.93
N PRO L 44 -14.98 60.56 -20.93
CA PRO L 44 -15.17 59.80 -19.69
C PRO L 44 -13.84 59.57 -18.97
N VAL L 45 -13.89 59.55 -17.64
CA VAL L 45 -12.70 59.30 -16.77
C VAL L 45 -12.95 58.01 -15.98
N MET L 46 -11.98 57.11 -15.95
CA MET L 46 -12.06 55.92 -15.07
C MET L 46 -11.75 56.36 -13.64
N ILE L 47 -12.66 56.07 -12.70
CA ILE L 47 -12.53 56.50 -11.28
C ILE L 47 -12.34 55.29 -10.35
N ILE L 48 -12.83 54.10 -10.73
CA ILE L 48 -12.58 52.86 -9.95
C ILE L 48 -12.27 51.72 -10.92
N SER L 49 -11.22 50.94 -10.66
CA SER L 49 -10.91 49.68 -11.40
C SER L 49 -10.92 48.49 -10.45
N TYR L 50 -11.37 47.33 -10.94
CA TYR L 50 -11.40 46.07 -10.17
C TYR L 50 -12.02 46.35 -8.79
N ASP L 51 -13.29 46.77 -8.79
CA ASP L 51 -14.21 46.84 -7.61
C ASP L 51 -13.90 48.03 -6.71
N MET L 52 -12.64 48.32 -6.39
CA MET L 52 -12.32 49.29 -5.31
C MET L 52 -11.02 50.08 -5.53
N ASN L 53 -10.29 49.85 -6.62
CA ASN L 53 -8.95 50.48 -6.81
C ASN L 53 -9.12 51.85 -7.45
N ARG L 54 -8.60 52.89 -6.79
CA ARG L 54 -8.64 54.27 -7.31
C ARG L 54 -7.42 54.52 -8.16
N PRO L 55 -7.57 54.96 -9.44
CA PRO L 55 -6.45 55.48 -10.21
C PRO L 55 -5.86 56.72 -9.53
N SER L 56 -4.56 56.92 -9.77
CA SER L 56 -3.81 58.14 -9.40
C SER L 56 -4.60 59.38 -9.88
N GLY L 57 -4.85 60.34 -8.98
CA GLY L 57 -5.58 61.58 -9.30
C GLY L 57 -7.03 61.55 -8.84
N ILE L 58 -7.56 60.38 -8.46
CA ILE L 58 -8.95 60.25 -7.95
C ILE L 58 -8.91 60.41 -6.43
N PRO L 59 -9.71 61.35 -5.86
CA PRO L 59 -9.68 61.60 -4.41
C PRO L 59 -10.22 60.43 -3.55
N GLU L 60 -9.71 60.29 -2.31
CA GLU L 60 -10.05 59.21 -1.34
C GLU L 60 -11.58 59.17 -1.07
N ARG L 61 -12.29 60.28 -1.29
CA ARG L 61 -13.78 60.38 -1.11
C ARG L 61 -14.48 59.36 -2.02
N VAL L 62 -13.87 59.03 -3.16
CA VAL L 62 -14.44 58.07 -4.13
C VAL L 62 -13.99 56.68 -3.72
N SER L 63 -14.95 55.76 -3.58
CA SER L 63 -14.75 54.41 -3.01
C SER L 63 -15.57 53.43 -3.84
N GLY L 64 -15.15 52.18 -3.90
CA GLY L 64 -15.89 51.15 -4.62
C GLY L 64 -16.09 49.91 -3.79
N SER L 65 -17.23 49.23 -3.97
CA SER L 65 -17.56 47.98 -3.27
C SER L 65 -18.25 47.02 -4.26
N ASN L 66 -18.17 45.71 -4.00
CA ASN L 66 -18.75 44.69 -4.91
C ASN L 66 -18.97 43.41 -4.12
N TYR L 67 -20.20 42.94 -4.02
CA TYR L 67 -20.55 41.74 -3.21
C TYR L 67 -21.92 41.20 -3.66
N GLY L 68 -21.99 39.87 -3.82
CA GLY L 68 -23.23 39.17 -4.23
C GLY L 68 -23.75 39.65 -5.56
N ASN L 69 -24.84 40.41 -5.56
CA ASN L 69 -25.56 40.84 -6.80
C ASN L 69 -25.47 42.35 -6.97
N THR L 70 -24.70 43.04 -6.11
CA THR L 70 -24.65 44.52 -6.17
C THR L 70 -23.20 45.02 -6.01
N ALA L 71 -22.74 45.81 -6.98
CA ALA L 71 -21.53 46.64 -6.85
C ALA L 71 -21.99 48.07 -6.53
N THR L 72 -21.21 48.80 -5.74
CA THR L 72 -21.62 50.14 -5.25
C THR L 72 -20.49 51.15 -5.39
N LEU L 73 -20.76 52.26 -6.07
CA LEU L 73 -19.89 53.46 -6.11
C LEU L 73 -20.33 54.41 -5.00
N THR L 74 -19.44 54.75 -4.08
CA THR L 74 -19.72 55.69 -2.98
C THR L 74 -18.88 56.96 -3.19
N ILE L 75 -19.54 58.12 -3.24
CA ILE L 75 -18.84 59.43 -3.25
C ILE L 75 -19.24 60.20 -1.98
N SER L 76 -18.27 60.40 -1.10
CA SER L 76 -18.43 61.12 0.19
C SER L 76 -18.06 62.59 0.02
N ARG L 77 -18.54 63.44 0.92
CA ARG L 77 -18.18 64.88 0.99
C ARG L 77 -18.38 65.45 -0.43
N VAL L 78 -19.59 65.30 -0.96
CA VAL L 78 -19.93 65.58 -2.39
C VAL L 78 -19.73 67.07 -2.70
N GLU L 79 -19.06 67.34 -3.81
CA GLU L 79 -18.83 68.71 -4.36
C GLU L 79 -19.62 68.90 -5.65
N ALA L 80 -19.74 70.15 -6.09
CA ALA L 80 -20.46 70.54 -7.34
C ALA L 80 -19.88 69.74 -8.51
N GLY L 81 -18.54 69.67 -8.58
CA GLY L 81 -17.76 68.95 -9.61
C GLY L 81 -18.12 67.48 -9.72
N ASP L 82 -18.79 66.87 -8.73
CA ASP L 82 -19.20 65.44 -8.78
C ASP L 82 -20.44 65.26 -9.64
N GLU L 83 -21.10 66.35 -10.03
CA GLU L 83 -22.35 66.22 -10.84
C GLU L 83 -21.93 65.76 -12.24
N ALA L 84 -22.36 64.55 -12.61
CA ALA L 84 -22.03 63.89 -13.89
C ALA L 84 -22.87 62.62 -14.05
N ASP L 85 -22.64 61.92 -15.17
CA ASP L 85 -23.18 60.56 -15.38
C ASP L 85 -22.15 59.55 -14.87
N TYR L 86 -22.61 58.46 -14.27
CA TYR L 86 -21.71 57.39 -13.72
C TYR L 86 -22.13 56.04 -14.29
N TYR L 87 -21.17 55.32 -14.86
CA TYR L 87 -21.39 53.99 -15.47
C TYR L 87 -20.51 52.94 -14.79
N CYS L 88 -21.11 51.80 -14.44
CA CYS L 88 -20.36 50.55 -14.12
C CYS L 88 -20.12 49.79 -15.42
N GLN L 89 -19.19 48.84 -15.37
CA GLN L 89 -18.79 48.07 -16.57
C GLN L 89 -18.08 46.77 -16.15
N VAL L 90 -18.36 45.68 -16.85
CA VAL L 90 -17.66 44.39 -16.63
C VAL L 90 -17.14 43.89 -17.98
N TRP L 91 -16.30 42.85 -17.90
CA TRP L 91 -15.69 42.21 -19.09
C TRP L 91 -15.68 40.71 -18.87
N ASP L 92 -16.27 39.97 -19.81
CA ASP L 92 -16.30 38.49 -19.82
C ASP L 92 -15.54 38.00 -21.06
N SER L 93 -14.28 37.59 -20.88
CA SER L 93 -13.36 37.13 -21.95
C SER L 93 -14.05 36.11 -22.88
N ARG L 94 -14.80 35.15 -22.31
CA ARG L 94 -15.45 34.05 -23.06
C ARG L 94 -16.92 34.32 -23.36
N SER L 95 -17.22 35.41 -24.04
CA SER L 95 -18.63 35.82 -24.32
C SER L 95 -18.78 36.51 -25.69
N ASP L 96 -19.96 36.43 -26.30
CA ASP L 96 -20.24 37.01 -27.65
C ASP L 96 -20.15 38.55 -27.57
N HIS L 97 -20.76 39.15 -26.55
CA HIS L 97 -20.60 40.58 -26.20
C HIS L 97 -19.77 40.66 -24.92
N PRO L 98 -18.43 40.81 -25.03
CA PRO L 98 -17.52 40.72 -23.88
C PRO L 98 -17.38 41.99 -23.02
N TYR L 99 -17.75 43.17 -23.54
CA TYR L 99 -17.76 44.42 -22.76
C TYR L 99 -19.21 44.85 -22.57
N VAL L 100 -19.65 44.88 -21.32
CA VAL L 100 -21.05 45.26 -20.98
C VAL L 100 -20.98 46.53 -20.12
N PHE L 101 -21.69 47.56 -20.52
CA PHE L 101 -21.73 48.83 -19.77
C PHE L 101 -23.04 48.89 -18.99
N GLY L 102 -23.07 49.71 -17.94
CA GLY L 102 -24.31 49.93 -17.20
C GLY L 102 -25.21 50.93 -17.91
N THR L 103 -26.44 51.07 -17.45
CA THR L 103 -27.44 51.95 -18.10
C THR L 103 -27.16 53.41 -17.72
N GLY L 104 -26.35 53.67 -16.68
CA GLY L 104 -25.94 55.03 -16.33
C GLY L 104 -26.71 55.59 -15.17
N THR L 105 -26.10 56.45 -14.36
CA THR L 105 -26.81 57.16 -13.26
C THR L 105 -26.49 58.65 -13.32
N ARG L 106 -27.50 59.48 -13.61
CA ARG L 106 -27.33 60.95 -13.57
C ARG L 106 -27.30 61.38 -12.11
N VAL L 107 -26.18 61.96 -11.68
CA VAL L 107 -26.04 62.44 -10.28
C VAL L 107 -26.13 63.96 -10.27
N THR L 108 -27.17 64.50 -9.64
CA THR L 108 -27.42 65.96 -9.49
C THR L 108 -27.08 66.38 -8.06
N VAL L 109 -26.33 67.48 -7.89
CA VAL L 109 -26.03 68.08 -6.56
C VAL L 109 -27.00 69.25 -6.30
N GLU L 129 2.45 63.16 -21.84
CA GLU L 129 1.35 62.24 -21.42
C GLU L 129 0.76 61.55 -22.66
N VAL L 130 -0.28 60.77 -22.44
CA VAL L 130 -1.01 60.05 -23.53
C VAL L 130 -2.12 60.97 -24.04
N GLN L 131 -2.30 61.05 -25.37
CA GLN L 131 -3.46 61.72 -26.02
C GLN L 131 -4.13 60.77 -27.03
N LEU L 132 -5.46 60.78 -27.03
CA LEU L 132 -6.30 60.08 -28.04
C LEU L 132 -7.14 61.14 -28.76
N VAL L 133 -6.88 61.38 -30.06
CA VAL L 133 -7.61 62.42 -30.86
C VAL L 133 -8.37 61.73 -31.99
N GLU L 134 -9.69 61.76 -31.92
CA GLU L 134 -10.61 61.22 -32.97
C GLU L 134 -10.84 62.26 -34.06
N SER L 135 -11.02 61.81 -35.31
CA SER L 135 -11.44 62.64 -36.47
C SER L 135 -12.31 61.80 -37.40
N GLY L 136 -12.83 62.42 -38.45
CA GLY L 136 -13.62 61.75 -39.52
C GLY L 136 -15.12 61.79 -39.24
N GLY L 137 -15.55 62.44 -38.14
CA GLY L 137 -16.98 62.62 -37.85
C GLY L 137 -17.59 63.66 -38.77
N GLY L 138 -18.88 63.53 -39.09
CA GLY L 138 -19.62 64.51 -39.91
C GLY L 138 -21.07 64.11 -40.15
N LEU L 139 -21.65 64.61 -41.25
CA LEU L 139 -23.05 64.37 -41.66
C LEU L 139 -23.01 63.50 -42.92
N VAL L 140 -23.95 62.55 -43.04
CA VAL L 140 -23.99 61.56 -44.16
C VAL L 140 -25.45 61.15 -44.42
N LYS L 141 -25.78 60.79 -45.66
CA LYS L 141 -27.09 60.21 -46.04
C LYS L 141 -27.20 58.83 -45.40
N PRO L 142 -28.36 58.46 -44.80
CA PRO L 142 -28.60 57.07 -44.38
C PRO L 142 -28.27 56.09 -45.50
N GLY L 143 -27.59 54.98 -45.16
CA GLY L 143 -27.10 53.99 -46.13
C GLY L 143 -25.69 54.31 -46.62
N GLY L 144 -25.18 55.52 -46.35
CA GLY L 144 -23.83 55.98 -46.71
C GLY L 144 -22.72 55.36 -45.86
N SER L 145 -21.51 55.90 -45.98
CA SER L 145 -20.27 55.37 -45.37
C SER L 145 -19.44 56.51 -44.77
N LEU L 146 -18.66 56.15 -43.74
CA LEU L 146 -17.79 57.08 -43.01
C LEU L 146 -16.69 56.27 -42.30
N ARG L 147 -15.44 56.74 -42.35
CA ARG L 147 -14.30 56.11 -41.63
C ARG L 147 -13.80 57.08 -40.54
N LEU L 148 -13.86 56.64 -39.28
CA LEU L 148 -13.30 57.41 -38.14
C LEU L 148 -11.83 57.01 -37.91
N SER L 149 -11.02 57.97 -37.47
CA SER L 149 -9.61 57.73 -37.08
C SER L 149 -9.39 58.19 -35.64
N CYS L 150 -8.51 57.49 -34.93
CA CYS L 150 -7.99 57.92 -33.61
C CYS L 150 -6.47 57.96 -33.68
N ALA L 151 -5.87 59.15 -33.60
CA ALA L 151 -4.41 59.35 -33.55
C ALA L 151 -3.99 59.29 -32.07
N ALA L 152 -3.28 58.23 -31.69
CA ALA L 152 -2.79 58.06 -30.31
C ALA L 152 -1.37 58.62 -30.24
N SER L 153 -1.05 59.24 -29.11
CA SER L 153 0.20 60.02 -28.91
C SER L 153 0.79 59.65 -27.54
N GLY L 154 2.09 59.35 -27.49
CA GLY L 154 2.83 59.10 -26.23
C GLY L 154 2.74 57.66 -25.75
N ILE L 155 2.37 56.71 -26.59
CA ILE L 155 2.30 55.26 -26.23
C ILE L 155 2.79 54.45 -27.43
N THR L 156 3.36 53.28 -27.19
CA THR L 156 3.74 52.32 -28.26
C THR L 156 2.51 51.49 -28.56
N PHE L 157 1.83 51.78 -29.67
CA PHE L 157 0.40 51.43 -29.92
C PHE L 157 0.14 49.93 -29.89
N GLN L 158 1.08 49.08 -30.33
CA GLN L 158 0.80 47.62 -30.44
C GLN L 158 0.69 46.96 -29.05
N TYR L 159 0.88 47.71 -27.95
CA TYR L 159 0.81 47.16 -26.57
C TYR L 159 -0.56 47.43 -25.94
N TYR L 160 -1.54 47.88 -26.72
CA TYR L 160 -2.83 48.40 -26.19
C TYR L 160 -4.00 47.85 -27.00
N ALA L 161 -4.87 47.08 -26.37
CA ALA L 161 -6.23 46.82 -26.88
C ALA L 161 -6.96 48.17 -27.01
N MET L 162 -7.61 48.42 -28.14
CA MET L 162 -8.31 49.70 -28.40
C MET L 162 -9.77 49.39 -28.68
N ASN L 163 -10.62 50.38 -28.41
CA ASN L 163 -12.10 50.24 -28.40
C ASN L 163 -12.76 51.50 -28.96
N TRP L 164 -13.93 51.32 -29.59
CA TRP L 164 -14.88 52.41 -29.93
C TRP L 164 -16.10 52.27 -29.04
N VAL L 165 -16.46 53.37 -28.38
CA VAL L 165 -17.67 53.44 -27.50
C VAL L 165 -18.44 54.69 -27.91
N ARG L 166 -19.75 54.56 -28.11
CA ARG L 166 -20.58 55.69 -28.61
C ARG L 166 -21.64 56.05 -27.57
N GLN L 167 -22.13 57.29 -27.67
CA GLN L 167 -23.32 57.78 -26.96
C GLN L 167 -24.27 58.43 -27.96
N ALA L 168 -25.40 57.77 -28.25
CA ALA L 168 -26.54 58.35 -29.01
C ALA L 168 -27.26 59.40 -28.16
N PRO L 169 -27.94 60.39 -28.77
CA PRO L 169 -28.71 61.38 -28.02
C PRO L 169 -29.65 60.76 -26.98
N GLY L 170 -29.55 61.20 -25.72
CA GLY L 170 -30.40 60.77 -24.60
C GLY L 170 -30.31 59.29 -24.28
N LYS L 171 -29.25 58.59 -24.73
CA LYS L 171 -28.99 57.17 -24.39
C LYS L 171 -27.65 57.09 -23.67
N GLY L 172 -27.34 55.92 -23.09
CA GLY L 172 -26.10 55.72 -22.30
C GLY L 172 -24.90 55.44 -23.20
N LEU L 173 -23.71 55.35 -22.60
CA LEU L 173 -22.49 54.85 -23.26
C LEU L 173 -22.75 53.43 -23.75
N GLU L 174 -22.48 53.16 -25.03
CA GLU L 174 -22.66 51.83 -25.67
C GLU L 174 -21.33 51.40 -26.26
N TRP L 175 -20.81 50.26 -25.80
CA TRP L 175 -19.58 49.63 -26.36
C TRP L 175 -19.88 49.20 -27.80
N VAL L 176 -19.03 49.59 -28.75
CA VAL L 176 -19.28 49.35 -30.20
C VAL L 176 -18.36 48.22 -30.67
N SER L 177 -17.04 48.39 -30.52
CA SER L 177 -16.04 47.47 -31.12
C SER L 177 -14.74 47.49 -30.32
N SER L 178 -14.03 46.37 -30.36
CA SER L 178 -12.72 46.18 -29.68
C SER L 178 -11.75 45.49 -30.62
N ILE L 179 -10.46 45.84 -30.52
CA ILE L 179 -9.37 45.19 -31.28
C ILE L 179 -8.16 45.00 -30.37
N GLY L 180 -7.49 43.84 -30.48
CA GLY L 180 -6.23 43.57 -29.76
C GLY L 180 -5.09 44.43 -30.29
N GLY L 181 -4.03 44.59 -29.51
CA GLY L 181 -2.82 45.37 -29.87
C GLY L 181 -2.24 44.95 -31.21
N ARG L 182 -2.14 43.63 -31.45
CA ARG L 182 -1.58 43.04 -32.69
C ARG L 182 -2.53 43.32 -33.87
N GLY L 183 -3.80 43.65 -33.61
CA GLY L 183 -4.84 43.78 -34.64
C GLY L 183 -5.58 42.47 -34.84
N ASP L 184 -5.38 41.54 -33.93
CA ASP L 184 -5.78 40.11 -34.14
C ASP L 184 -7.10 39.76 -33.44
N THR L 185 -7.70 40.60 -32.60
CA THR L 185 -8.92 40.09 -31.92
C THR L 185 -10.04 41.10 -32.06
N THR L 186 -10.89 40.89 -33.07
CA THR L 186 -11.98 41.85 -33.40
C THR L 186 -13.23 41.43 -32.64
N TYR L 187 -13.85 42.39 -31.96
CA TYR L 187 -15.10 42.18 -31.21
C TYR L 187 -16.06 43.29 -31.64
N TYR L 188 -17.32 42.96 -31.84
CA TYR L 188 -18.35 43.96 -32.23
C TYR L 188 -19.68 43.67 -31.52
N THR L 189 -20.47 44.71 -31.28
CA THR L 189 -21.86 44.58 -30.76
C THR L 189 -22.75 44.11 -31.92
N ASP L 190 -23.76 43.29 -31.64
CA ASP L 190 -24.66 42.71 -32.67
C ASP L 190 -25.16 43.84 -33.61
N SER L 191 -25.60 44.95 -33.03
CA SER L 191 -26.12 46.16 -33.73
C SER L 191 -25.30 46.47 -35.00
N VAL L 192 -23.97 46.47 -34.91
CA VAL L 192 -23.10 46.97 -36.03
C VAL L 192 -22.42 45.82 -36.76
N LYS L 193 -22.59 44.58 -36.28
CA LYS L 193 -22.00 43.35 -36.88
C LYS L 193 -22.29 43.35 -38.38
N GLY L 194 -21.25 43.32 -39.23
CA GLY L 194 -21.37 43.19 -40.69
C GLY L 194 -21.56 44.52 -41.40
N ARG L 195 -21.55 45.64 -40.68
CA ARG L 195 -21.65 46.99 -41.29
C ARG L 195 -20.43 47.82 -40.86
N PHE L 196 -19.92 47.59 -39.64
CA PHE L 196 -18.71 48.26 -39.10
C PHE L 196 -17.51 47.31 -39.17
N THR L 197 -16.34 47.85 -39.52
CA THR L 197 -15.03 47.13 -39.42
C THR L 197 -14.05 47.97 -38.61
N ILE L 198 -13.44 47.38 -37.57
CA ILE L 198 -12.40 48.07 -36.75
C ILE L 198 -11.02 47.65 -37.29
N SER L 199 -10.06 48.56 -37.32
CA SER L 199 -8.71 48.32 -37.88
C SER L 199 -7.67 49.09 -37.08
N ARG L 200 -6.38 48.79 -37.28
CA ARG L 200 -5.32 49.60 -36.60
C ARG L 200 -4.04 49.59 -37.42
N ASP L 201 -3.36 50.73 -37.44
CA ASP L 201 -2.00 50.82 -38.06
C ASP L 201 -1.05 51.26 -36.96
N ASN L 202 -0.35 50.30 -36.33
CA ASN L 202 0.51 50.62 -35.17
C ASN L 202 1.72 51.43 -35.64
N SER L 203 2.14 51.33 -36.90
CA SER L 203 3.23 52.20 -37.43
C SER L 203 2.81 53.67 -37.26
N LYS L 204 1.54 54.01 -37.53
CA LYS L 204 1.02 55.40 -37.45
C LYS L 204 0.35 55.63 -36.10
N SER L 205 0.25 54.62 -35.24
CA SER L 205 -0.46 54.69 -33.93
C SER L 205 -1.89 55.17 -34.13
N THR L 206 -2.59 54.63 -35.13
CA THR L 206 -3.96 55.08 -35.51
C THR L 206 -4.93 53.90 -35.45
N LEU L 207 -6.09 54.14 -34.83
CA LEU L 207 -7.23 53.20 -34.78
C LEU L 207 -8.25 53.66 -35.84
N TYR L 208 -8.86 52.71 -36.55
CA TYR L 208 -9.88 53.01 -37.60
C TYR L 208 -11.21 52.34 -37.23
N LEU L 209 -12.31 53.04 -37.54
CA LEU L 209 -13.67 52.46 -37.60
C LEU L 209 -14.30 52.79 -38.95
N GLN L 210 -14.37 51.79 -39.83
CA GLN L 210 -15.06 51.85 -41.15
C GLN L 210 -16.54 51.56 -40.91
N MET L 211 -17.38 52.58 -41.03
CA MET L 211 -18.84 52.47 -40.83
C MET L 211 -19.53 52.50 -42.21
N ASN L 212 -20.00 51.33 -42.67
CA ASN L 212 -20.78 51.18 -43.93
C ASN L 212 -22.26 50.93 -43.60
N SER L 213 -23.15 51.18 -44.55
CA SER L 213 -24.61 50.89 -44.44
C SER L 213 -25.19 51.65 -43.25
N LEU L 214 -24.81 52.92 -43.11
CA LEU L 214 -25.13 53.73 -41.90
C LEU L 214 -26.65 53.82 -41.70
N ARG L 215 -27.07 53.78 -40.44
CA ARG L 215 -28.49 53.93 -40.01
C ARG L 215 -28.61 55.21 -39.19
N ALA L 216 -29.85 55.63 -38.90
CA ALA L 216 -30.14 56.81 -38.04
C ALA L 216 -29.84 56.45 -36.58
N GLU L 217 -30.03 55.18 -36.19
CA GLU L 217 -29.70 54.66 -34.84
C GLU L 217 -28.19 54.81 -34.56
N ASP L 218 -27.38 55.07 -35.59
CA ASP L 218 -25.89 55.21 -35.47
C ASP L 218 -25.49 56.66 -35.18
N THR L 219 -26.41 57.62 -35.18
CA THR L 219 -26.09 59.03 -34.83
C THR L 219 -25.64 59.02 -33.36
N ALA L 220 -24.42 59.46 -33.09
CA ALA L 220 -23.78 59.39 -31.75
C ALA L 220 -22.45 60.14 -31.77
N VAL L 221 -21.95 60.45 -30.58
CA VAL L 221 -20.52 60.82 -30.38
C VAL L 221 -19.74 59.49 -30.27
N TYR L 222 -18.67 59.36 -31.06
CA TYR L 222 -17.83 58.13 -31.08
C TYR L 222 -16.56 58.44 -30.29
N TYR L 223 -16.40 57.74 -29.17
CA TYR L 223 -15.22 57.84 -28.28
C TYR L 223 -14.26 56.69 -28.54
N CYS L 224 -12.98 57.05 -28.59
CA CYS L 224 -11.79 56.18 -28.67
C CYS L 224 -11.39 55.81 -27.24
N ALA L 225 -11.33 54.53 -26.91
CA ALA L 225 -11.02 54.07 -25.53
C ALA L 225 -9.82 53.11 -25.54
N LYS L 226 -8.76 53.55 -24.85
CA LYS L 226 -7.50 52.79 -24.59
C LYS L 226 -7.71 51.81 -23.44
N GLU L 227 -7.19 50.59 -23.57
CA GLU L 227 -7.05 49.63 -22.44
C GLU L 227 -5.65 49.80 -21.87
N PRO L 228 -5.37 49.32 -20.65
CA PRO L 228 -4.03 49.46 -20.08
C PRO L 228 -2.95 48.74 -20.90
N PHE L 229 -1.73 49.26 -20.81
CA PHE L 229 -0.49 48.61 -21.33
C PHE L 229 -0.53 47.13 -20.98
N ASP L 230 -0.23 46.28 -21.97
CA ASP L 230 -0.13 44.81 -21.84
C ASP L 230 1.03 44.36 -22.74
N SER L 231 1.91 43.48 -22.24
CA SER L 231 3.12 43.05 -22.99
C SER L 231 2.72 42.34 -24.30
N SER L 232 1.52 41.76 -24.38
CA SER L 232 0.98 41.13 -25.61
C SER L 232 -0.13 41.97 -26.27
N GLY L 233 -0.38 43.19 -25.80
CA GLY L 233 -1.55 44.00 -26.22
C GLY L 233 -2.89 43.26 -26.11
N ASP L 234 -3.05 42.35 -25.16
CA ASP L 234 -4.33 41.63 -24.92
C ASP L 234 -5.45 42.57 -24.46
N HIS L 235 -6.69 42.10 -24.60
CA HIS L 235 -7.91 42.68 -24.00
C HIS L 235 -7.80 42.50 -22.49
N ARG L 236 -8.09 43.55 -21.71
CA ARG L 236 -8.03 43.53 -20.23
C ARG L 236 -9.40 43.83 -19.61
N GLY L 237 -10.33 44.39 -20.39
CA GLY L 237 -11.69 44.74 -19.91
C GLY L 237 -11.76 46.09 -19.23
N VAL L 238 -10.74 46.93 -19.40
CA VAL L 238 -10.63 48.24 -18.68
C VAL L 238 -10.42 49.33 -19.72
N PHE L 239 -11.26 50.37 -19.69
CA PHE L 239 -11.10 51.56 -20.55
C PHE L 239 -10.40 52.63 -19.70
N ASP L 240 -9.07 52.65 -19.65
CA ASP L 240 -8.40 53.50 -18.62
C ASP L 240 -8.10 54.89 -19.18
N TYR L 241 -8.34 55.16 -20.47
CA TYR L 241 -8.19 56.52 -21.02
C TYR L 241 -9.03 56.68 -22.29
N TRP L 242 -9.67 57.83 -22.41
CA TRP L 242 -10.65 58.14 -23.50
C TRP L 242 -10.27 59.46 -24.19
N GLY L 243 -10.61 59.55 -25.48
CA GLY L 243 -10.62 60.81 -26.25
C GLY L 243 -11.90 61.60 -26.01
N GLN L 244 -11.94 62.86 -26.47
CA GLN L 244 -13.08 63.78 -26.25
C GLN L 244 -14.29 63.40 -27.13
N GLY L 245 -14.08 62.64 -28.21
CA GLY L 245 -15.14 62.11 -29.06
C GLY L 245 -15.23 62.84 -30.40
N THR L 246 -15.99 62.25 -31.33
CA THR L 246 -16.30 62.87 -32.64
C THR L 246 -17.77 62.54 -32.93
N LEU L 247 -18.55 63.52 -33.42
CA LEU L 247 -19.98 63.32 -33.69
C LEU L 247 -20.22 62.82 -35.11
N VAL L 248 -21.10 61.84 -35.27
CA VAL L 248 -21.48 61.34 -36.61
C VAL L 248 -23.00 61.50 -36.70
N THR L 249 -23.47 62.44 -37.52
CA THR L 249 -24.94 62.64 -37.72
C THR L 249 -25.33 61.93 -39.00
N VAL L 250 -26.35 61.08 -38.94
CA VAL L 250 -26.84 60.42 -40.19
C VAL L 250 -28.38 60.51 -40.26
N TYR M 3 27.80 73.09 -34.62
CA TYR M 3 26.53 73.15 -33.83
C TYR M 3 26.34 74.58 -33.31
N VAL M 4 25.08 75.05 -33.24
CA VAL M 4 24.79 76.46 -32.86
C VAL M 4 23.97 76.47 -31.56
N LEU M 5 24.38 77.30 -30.61
CA LEU M 5 23.66 77.52 -29.34
C LEU M 5 23.22 78.98 -29.31
N THR M 6 21.91 79.21 -29.20
CA THR M 6 21.25 80.55 -29.23
C THR M 6 20.88 80.97 -27.81
N GLN M 7 21.40 82.12 -27.37
CA GLN M 7 21.03 82.71 -26.06
C GLN M 7 20.46 84.10 -26.29
N PRO M 8 19.37 84.50 -25.58
CA PRO M 8 18.92 85.88 -25.59
C PRO M 8 20.06 86.78 -25.12
N PRO M 9 20.36 87.89 -25.83
CA PRO M 9 21.54 88.70 -25.49
C PRO M 9 21.52 89.26 -24.06
N SER M 10 20.34 89.59 -23.53
CA SER M 10 20.24 90.24 -22.19
C SER M 10 18.95 89.84 -21.48
N VAL M 11 18.99 89.83 -20.15
CA VAL M 11 17.83 89.56 -19.25
C VAL M 11 17.93 90.52 -18.07
N SER M 12 16.80 91.13 -17.66
CA SER M 12 16.71 92.04 -16.50
C SER M 12 15.75 91.45 -15.46
N VAL M 13 16.11 91.59 -14.18
CA VAL M 13 15.41 90.90 -13.06
C VAL M 13 15.48 91.79 -11.82
N ALA M 14 14.39 91.87 -11.06
CA ALA M 14 14.36 92.58 -9.76
C ALA M 14 14.97 91.66 -8.70
N PRO M 15 15.63 92.20 -7.65
CA PRO M 15 16.09 91.37 -6.52
C PRO M 15 14.94 90.55 -5.94
N GLY M 16 15.21 89.30 -5.60
CA GLY M 16 14.22 88.36 -5.02
C GLY M 16 13.42 87.64 -6.10
N LYS M 17 13.37 88.17 -7.34
CA LYS M 17 12.60 87.54 -8.44
C LYS M 17 13.43 86.39 -9.04
N THR M 18 12.88 85.73 -10.06
CA THR M 18 13.53 84.59 -10.75
C THR M 18 14.06 85.07 -12.11
N ALA M 19 15.28 84.67 -12.45
CA ALA M 19 15.89 84.88 -13.78
C ALA M 19 15.90 83.56 -14.55
N ARG M 20 15.44 83.58 -15.79
CA ARG M 20 15.44 82.40 -16.70
C ARG M 20 16.26 82.74 -17.95
N ILE M 21 17.32 81.96 -18.20
CA ILE M 21 18.21 82.11 -19.39
C ILE M 21 18.05 80.86 -20.25
N THR M 22 17.58 81.03 -21.49
CA THR M 22 17.38 79.90 -22.42
C THR M 22 18.66 79.66 -23.24
N CYS M 23 18.81 78.44 -23.72
CA CYS M 23 19.89 77.98 -24.62
C CYS M 23 19.25 77.09 -25.68
N GLY M 24 19.04 77.65 -26.87
CA GLY M 24 18.39 76.97 -28.01
C GLY M 24 19.40 76.14 -28.80
N GLY M 25 19.02 74.92 -29.17
CA GLY M 25 19.83 74.07 -30.05
C GLY M 25 18.98 72.99 -30.68
N ASN M 26 19.28 72.63 -31.93
CA ASN M 26 18.65 71.49 -32.62
C ASN M 26 18.83 70.24 -31.74
N ASN M 27 17.76 69.77 -31.10
CA ASN M 27 17.74 68.54 -30.26
C ASN M 27 18.85 68.65 -29.19
N ILE M 28 18.91 69.79 -28.51
CA ILE M 28 19.92 70.02 -27.44
C ILE M 28 19.63 69.07 -26.25
N GLY M 29 18.37 68.62 -26.12
CA GLY M 29 17.93 67.69 -25.07
C GLY M 29 18.66 66.36 -25.13
N SER M 30 19.25 66.04 -26.27
CA SER M 30 20.02 64.78 -26.50
C SER M 30 21.51 64.99 -26.16
N ARG M 31 21.88 66.17 -25.65
CA ARG M 31 23.29 66.54 -25.35
C ARG M 31 23.43 67.10 -23.94
N SER M 32 24.59 66.91 -23.30
CA SER M 32 24.86 67.39 -21.92
C SER M 32 25.24 68.87 -21.99
N VAL M 33 24.42 69.74 -21.40
CA VAL M 33 24.65 71.21 -21.38
C VAL M 33 25.27 71.61 -20.03
N HIS M 34 26.37 72.36 -20.09
CA HIS M 34 27.00 72.96 -18.89
C HIS M 34 26.79 74.48 -18.95
N TRP M 35 26.83 75.13 -17.79
CA TRP M 35 26.58 76.58 -17.65
C TRP M 35 27.73 77.24 -16.90
N TYR M 36 28.13 78.44 -17.33
CA TYR M 36 29.21 79.22 -16.70
C TYR M 36 28.69 80.61 -16.37
N GLN M 37 29.02 81.07 -15.16
CA GLN M 37 28.86 82.48 -14.72
C GLN M 37 30.20 83.18 -14.98
N HIS M 38 30.16 84.38 -15.59
CA HIS M 38 31.39 85.16 -15.92
C HIS M 38 31.18 86.62 -15.53
N LYS M 39 31.84 87.05 -14.46
CA LYS M 39 31.87 88.47 -14.01
C LYS M 39 33.07 89.17 -14.65
N PRO M 40 32.95 90.47 -15.00
CA PRO M 40 34.05 91.20 -15.64
C PRO M 40 35.36 91.13 -14.85
N GLY M 41 36.46 90.87 -15.56
CA GLY M 41 37.83 90.73 -15.00
C GLY M 41 37.95 89.60 -13.99
N GLN M 42 37.15 88.54 -14.12
CA GLN M 42 37.18 87.37 -13.21
C GLN M 42 37.24 86.07 -14.02
N ALA M 43 37.75 85.01 -13.42
CA ALA M 43 37.70 83.64 -13.97
C ALA M 43 36.24 83.22 -14.06
N PRO M 44 35.75 82.74 -15.23
CA PRO M 44 34.44 82.07 -15.30
C PRO M 44 34.34 80.95 -14.26
N VAL M 45 33.14 80.75 -13.73
CA VAL M 45 32.83 79.69 -12.74
C VAL M 45 31.79 78.74 -13.35
N MET M 46 32.04 77.45 -13.26
CA MET M 46 31.01 76.46 -13.66
C MET M 46 29.95 76.37 -12.56
N ILE M 47 28.68 76.55 -12.93
CA ILE M 47 27.54 76.57 -11.96
C ILE M 47 26.58 75.41 -12.21
N ILE M 48 26.50 74.88 -13.42
CA ILE M 48 25.70 73.64 -13.70
C ILE M 48 26.51 72.73 -14.64
N SER M 49 26.57 71.44 -14.33
CA SER M 49 27.17 70.40 -15.23
C SER M 49 26.12 69.34 -15.55
N TYR M 50 26.18 68.82 -16.78
CA TYR M 50 25.27 67.77 -17.28
C TYR M 50 23.82 68.15 -16.90
N ASP M 51 23.35 69.26 -17.48
CA ASP M 51 21.93 69.70 -17.53
C ASP M 51 21.45 70.27 -16.20
N MET M 52 21.73 69.64 -15.07
CA MET M 52 21.08 70.05 -13.78
C MET M 52 21.95 69.81 -12.54
N ASN M 53 23.21 69.40 -12.68
CA ASN M 53 24.04 69.06 -11.50
C ASN M 53 24.75 70.33 -11.02
N ARG M 54 24.56 70.68 -9.75
CA ARG M 54 25.28 71.83 -9.13
C ARG M 54 26.60 71.34 -8.56
N PRO M 55 27.74 71.94 -8.95
CA PRO M 55 28.99 71.75 -8.22
C PRO M 55 28.85 72.20 -6.76
N SER M 56 29.65 71.57 -5.90
CA SER M 56 29.92 71.97 -4.50
C SER M 56 30.16 73.49 -4.43
N GLY M 57 29.42 74.21 -3.57
CA GLY M 57 29.55 75.67 -3.37
C GLY M 57 28.50 76.47 -4.12
N ILE M 58 27.77 75.89 -5.08
CA ILE M 58 26.71 76.61 -5.86
C ILE M 58 25.39 76.47 -5.12
N PRO M 59 24.72 77.59 -4.78
CA PRO M 59 23.49 77.53 -3.98
C PRO M 59 22.29 76.88 -4.68
N GLU M 60 21.39 76.26 -3.90
CA GLU M 60 20.17 75.53 -4.36
C GLU M 60 19.29 76.43 -5.27
N ARG M 61 19.37 77.76 -5.13
CA ARG M 61 18.61 78.75 -5.95
C ARG M 61 18.92 78.54 -7.44
N VAL M 62 20.14 78.08 -7.74
CA VAL M 62 20.60 77.86 -9.14
C VAL M 62 20.17 76.45 -9.54
N SER M 63 19.43 76.33 -10.64
CA SER M 63 18.98 75.01 -11.14
C SER M 63 19.06 75.00 -12.67
N GLY M 64 19.15 73.81 -13.24
CA GLY M 64 19.30 73.61 -14.68
C GLY M 64 18.25 72.64 -15.21
N SER M 65 17.81 72.87 -16.44
CA SER M 65 16.82 72.02 -17.13
C SER M 65 17.24 71.88 -18.60
N ASN M 66 16.85 70.78 -19.25
CA ASN M 66 17.23 70.50 -20.66
C ASN M 66 16.22 69.52 -21.26
N TYR M 67 15.50 69.94 -22.30
CA TYR M 67 14.44 69.12 -22.94
C TYR M 67 14.17 69.64 -24.36
N GLY M 68 14.04 68.72 -25.31
CA GLY M 68 13.75 69.01 -26.72
C GLY M 68 14.80 69.92 -27.33
N ASN M 69 14.46 71.20 -27.55
CA ASN M 69 15.31 72.17 -28.29
C ASN M 69 15.79 73.28 -27.36
N THR M 70 15.50 73.18 -26.07
CA THR M 70 15.81 74.29 -25.12
C THR M 70 16.35 73.74 -23.81
N ALA M 71 17.54 74.19 -23.43
CA ALA M 71 18.10 74.08 -22.07
C ALA M 71 17.85 75.40 -21.35
N THR M 72 17.59 75.36 -20.05
CA THR M 72 17.22 76.55 -19.26
C THR M 72 18.01 76.61 -17.95
N LEU M 73 18.68 77.73 -17.72
CA LEU M 73 19.28 78.09 -16.42
C LEU M 73 18.27 78.94 -15.65
N THR M 74 17.89 78.51 -14.45
CA THR M 74 16.95 79.23 -13.57
C THR M 74 17.69 79.69 -12.31
N ILE M 75 17.66 80.99 -12.03
CA ILE M 75 18.21 81.55 -10.76
C ILE M 75 17.05 82.19 -10.00
N SER M 76 16.71 81.60 -8.84
CA SER M 76 15.62 82.06 -7.94
C SER M 76 16.20 82.95 -6.85
N ARG M 77 15.35 83.78 -6.25
CA ARG M 77 15.71 84.64 -5.10
C ARG M 77 17.00 85.39 -5.48
N VAL M 78 16.94 86.12 -6.60
CA VAL M 78 18.12 86.74 -7.27
C VAL M 78 18.75 87.79 -6.34
N GLU M 79 20.07 87.75 -6.21
CA GLU M 79 20.89 88.71 -5.43
C GLU M 79 21.73 89.57 -6.38
N ALA M 80 22.30 90.67 -5.87
CA ALA M 80 23.18 91.60 -6.62
C ALA M 80 24.34 90.80 -7.23
N GLY M 81 24.94 89.91 -6.44
CA GLY M 81 26.04 89.01 -6.81
C GLY M 81 25.75 88.14 -8.04
N ASP M 82 24.48 87.97 -8.43
CA ASP M 82 24.10 87.16 -9.62
C ASP M 82 24.33 87.94 -10.91
N GLU M 83 24.60 89.25 -10.83
CA GLU M 83 24.76 90.10 -12.05
C GLU M 83 26.06 89.67 -12.72
N ALA M 84 25.97 89.08 -13.92
CA ALA M 84 27.13 88.57 -14.69
C ALA M 84 26.69 88.17 -16.09
N ASP M 85 27.65 87.67 -16.90
CA ASP M 85 27.36 87.00 -18.19
C ASP M 85 27.16 85.50 -17.90
N TYR M 86 26.24 84.87 -18.62
CA TYR M 86 25.95 83.43 -18.47
C TYR M 86 26.03 82.74 -19.83
N TYR M 87 26.82 81.66 -19.88
CA TYR M 87 27.05 80.89 -21.12
C TYR M 87 26.63 79.44 -20.92
N CYS M 88 25.86 78.90 -21.87
CA CYS M 88 25.68 77.44 -22.04
C CYS M 88 26.83 76.90 -22.92
N GLN M 89 27.03 75.59 -22.90
CA GLN M 89 28.16 74.93 -23.61
C GLN M 89 27.87 73.43 -23.75
N VAL M 90 28.19 72.87 -24.91
CA VAL M 90 28.06 71.41 -25.18
C VAL M 90 29.40 70.91 -25.74
N TRP M 91 29.51 69.59 -25.82
CA TRP M 91 30.73 68.89 -26.31
C TRP M 91 30.29 67.70 -27.16
N ASP M 92 30.75 67.68 -28.41
CA ASP M 92 30.49 66.57 -29.36
C ASP M 92 31.84 65.95 -29.72
N SER M 93 32.19 64.83 -29.09
CA SER M 93 33.49 64.11 -29.26
C SER M 93 33.77 63.88 -30.75
N ARG M 94 32.73 63.54 -31.50
CA ARG M 94 32.79 63.11 -32.92
C ARG M 94 32.61 64.28 -33.91
N SER M 95 33.21 65.46 -33.70
CA SER M 95 32.92 66.69 -34.50
C SER M 95 34.20 67.49 -34.78
N ASP M 96 34.18 68.25 -35.88
CA ASP M 96 35.31 69.15 -36.30
C ASP M 96 35.51 70.23 -35.24
N HIS M 97 34.43 70.87 -34.77
CA HIS M 97 34.47 71.85 -33.66
C HIS M 97 33.78 71.22 -32.45
N PRO M 98 34.55 70.53 -31.57
CA PRO M 98 33.97 69.70 -30.51
C PRO M 98 33.47 70.42 -29.25
N TYR M 99 33.98 71.62 -28.96
CA TYR M 99 33.49 72.44 -27.82
C TYR M 99 32.78 73.67 -28.38
N VAL M 100 31.52 73.87 -28.02
CA VAL M 100 30.69 75.00 -28.54
C VAL M 100 30.12 75.80 -27.37
N PHE M 101 30.37 77.11 -27.33
CA PHE M 101 29.70 78.02 -26.37
C PHE M 101 28.47 78.68 -26.99
N GLY M 102 27.50 79.01 -26.15
CA GLY M 102 26.41 79.92 -26.50
C GLY M 102 26.93 81.33 -26.69
N THR M 103 26.10 82.18 -27.31
CA THR M 103 26.42 83.59 -27.63
C THR M 103 26.50 84.41 -26.34
N GLY M 104 25.92 83.93 -25.23
CA GLY M 104 26.01 84.56 -23.90
C GLY M 104 24.78 85.38 -23.55
N THR M 105 24.54 85.60 -22.26
CA THR M 105 23.39 86.40 -21.77
C THR M 105 23.89 87.32 -20.66
N ARG M 106 23.77 88.64 -20.87
CA ARG M 106 24.07 89.66 -19.84
C ARG M 106 22.86 89.74 -18.88
N VAL M 107 23.06 89.40 -17.60
CA VAL M 107 21.98 89.44 -16.58
C VAL M 107 22.19 90.65 -15.68
N THR M 108 21.27 91.61 -15.74
CA THR M 108 21.28 92.83 -14.88
C THR M 108 20.23 92.68 -13.79
N VAL M 109 20.63 92.91 -12.54
CA VAL M 109 19.71 92.96 -11.38
C VAL M 109 19.46 94.43 -11.07
N LEU M 110 18.19 94.86 -10.99
CA LEU M 110 17.83 96.30 -10.84
C LEU M 110 18.04 96.76 -9.38
N GLY M 111 19.00 97.66 -9.13
CA GLY M 111 19.39 98.11 -7.77
C GLY M 111 20.60 99.01 -7.77
N GLU M 129 44.34 73.69 -2.59
CA GLU M 129 43.37 73.87 -3.69
C GLU M 129 44.13 73.98 -5.02
N VAL M 130 43.36 74.01 -6.09
CA VAL M 130 43.88 74.12 -7.50
C VAL M 130 44.01 75.61 -7.86
N GLN M 131 45.12 75.99 -8.49
CA GLN M 131 45.29 77.31 -9.15
C GLN M 131 45.78 77.16 -10.59
N LEU M 132 45.22 77.99 -11.47
CA LEU M 132 45.66 78.13 -12.89
C LEU M 132 46.11 79.58 -13.09
N VAL M 133 47.41 79.82 -13.32
CA VAL M 133 47.97 81.19 -13.51
C VAL M 133 48.56 81.32 -14.91
N GLU M 134 47.93 82.15 -15.75
CA GLU M 134 48.39 82.44 -17.14
C GLU M 134 49.43 83.57 -17.13
N SER M 135 50.36 83.52 -18.09
CA SER M 135 51.41 84.55 -18.34
C SER M 135 51.68 84.63 -19.84
N GLY M 136 52.52 85.59 -20.25
CA GLY M 136 53.02 85.75 -21.63
C GLY M 136 52.15 86.65 -22.49
N GLY M 137 51.09 87.22 -21.91
CA GLY M 137 50.22 88.19 -22.60
C GLY M 137 50.94 89.52 -22.74
N GLY M 138 50.65 90.26 -23.82
CA GLY M 138 51.22 91.59 -24.05
C GLY M 138 50.79 92.17 -25.39
N LEU M 139 51.63 93.05 -25.93
CA LEU M 139 51.38 93.77 -27.20
C LEU M 139 52.32 93.22 -28.26
N VAL M 140 51.87 93.11 -29.51
CA VAL M 140 52.58 92.33 -30.59
C VAL M 140 52.20 92.94 -31.95
N LYS M 141 53.14 92.95 -32.89
CA LYS M 141 52.91 93.44 -34.27
C LYS M 141 51.99 92.44 -34.98
N PRO M 142 50.98 92.88 -35.75
CA PRO M 142 50.26 91.96 -36.65
C PRO M 142 51.24 91.14 -37.52
N GLY M 143 51.02 89.83 -37.61
CA GLY M 143 51.93 88.89 -38.30
C GLY M 143 53.01 88.32 -37.39
N GLY M 144 53.22 88.91 -36.20
CA GLY M 144 54.21 88.49 -35.19
C GLY M 144 53.80 87.26 -34.40
N SER M 145 54.49 87.00 -33.29
CA SER M 145 54.38 85.74 -32.52
C SER M 145 54.39 86.03 -31.02
N LEU M 146 53.75 85.12 -30.26
CA LEU M 146 53.60 85.22 -28.78
C LEU M 146 53.29 83.81 -28.24
N ARG M 147 53.92 83.45 -27.12
CA ARG M 147 53.67 82.14 -26.45
C ARG M 147 53.10 82.38 -25.05
N LEU M 148 51.89 81.87 -24.81
CA LEU M 148 51.24 81.95 -23.48
C LEU M 148 51.62 80.70 -22.65
N SER M 149 51.71 80.88 -21.33
CA SER M 149 51.91 79.78 -20.36
C SER M 149 50.76 79.77 -19.35
N CYS M 150 50.40 78.58 -18.88
CA CYS M 150 49.52 78.39 -17.70
C CYS M 150 50.24 77.49 -16.70
N ALA M 151 50.61 78.03 -15.54
CA ALA M 151 51.23 77.27 -14.43
C ALA M 151 50.09 76.74 -13.56
N ALA M 152 49.88 75.42 -13.58
CA ALA M 152 48.84 74.77 -12.75
C ALA M 152 49.50 74.35 -11.44
N SER M 153 48.73 74.45 -10.35
CA SER M 153 49.18 74.20 -8.97
C SER M 153 48.13 73.32 -8.26
N GLY M 154 48.58 72.26 -7.58
CA GLY M 154 47.74 71.42 -6.70
C GLY M 154 46.97 70.33 -7.45
N ILE M 155 47.41 69.96 -8.64
CA ILE M 155 46.86 68.83 -9.43
C ILE M 155 48.01 68.10 -10.10
N THR M 156 47.88 66.81 -10.33
CA THR M 156 48.87 66.01 -11.10
C THR M 156 48.48 66.16 -12.57
N PHE M 157 49.22 66.98 -13.30
CA PHE M 157 48.77 67.62 -14.56
C PHE M 157 48.41 66.63 -15.65
N GLN M 158 49.05 65.46 -15.74
CA GLN M 158 48.81 64.53 -16.87
C GLN M 158 47.40 63.89 -16.78
N TYR M 159 46.62 64.17 -15.74
CA TYR M 159 45.27 63.56 -15.55
C TYR M 159 44.18 64.52 -16.03
N TYR M 160 44.55 65.60 -16.73
CA TYR M 160 43.61 66.71 -17.02
C TYR M 160 43.76 67.15 -18.48
N ALA M 161 42.70 66.99 -19.26
CA ALA M 161 42.53 67.71 -20.55
C ALA M 161 42.54 69.20 -20.24
N MET M 162 43.31 69.97 -21.01
CA MET M 162 43.45 71.42 -20.78
C MET M 162 43.02 72.15 -22.05
N ASN M 163 42.58 73.39 -21.89
CA ASN M 163 41.92 74.20 -22.95
C ASN M 163 42.34 75.66 -22.86
N TRP M 164 42.36 76.33 -24.01
CA TRP M 164 42.44 77.81 -24.11
C TRP M 164 41.09 78.32 -24.62
N VAL M 165 40.51 79.27 -23.90
CA VAL M 165 39.24 79.96 -24.29
C VAL M 165 39.48 81.47 -24.22
N ARG M 166 39.09 82.19 -25.25
CA ARG M 166 39.35 83.66 -25.31
C ARG M 166 38.03 84.43 -25.36
N GLN M 167 38.11 85.69 -24.94
CA GLN M 167 37.03 86.70 -25.11
C GLN M 167 37.62 87.94 -25.77
N ALA M 168 37.28 88.17 -27.05
CA ALA M 168 37.57 89.41 -27.80
C ALA M 168 36.69 90.54 -27.26
N PRO M 169 37.11 91.81 -27.38
CA PRO M 169 36.28 92.94 -26.95
C PRO M 169 34.85 92.87 -27.49
N GLY M 170 33.86 92.97 -26.59
CA GLY M 170 32.42 93.02 -26.91
C GLY M 170 31.90 91.78 -27.61
N LYS M 171 32.63 90.65 -27.55
CA LYS M 171 32.18 89.35 -28.11
C LYS M 171 32.11 88.34 -26.96
N GLY M 172 31.52 87.16 -27.21
CA GLY M 172 31.35 86.11 -26.20
C GLY M 172 32.62 85.30 -25.98
N LEU M 173 32.58 84.39 -25.00
CA LEU M 173 33.62 83.35 -24.81
C LEU M 173 33.71 82.52 -26.08
N GLU M 174 34.92 82.34 -26.61
CA GLU M 174 35.18 81.50 -27.81
C GLU M 174 36.24 80.45 -27.44
N TRP M 175 35.88 79.18 -27.57
CA TRP M 175 36.82 78.05 -27.35
C TRP M 175 37.89 78.12 -28.45
N VAL M 176 39.17 78.03 -28.07
CA VAL M 176 40.31 78.20 -29.01
C VAL M 176 40.95 76.84 -29.31
N SER M 177 41.40 76.15 -28.26
CA SER M 177 42.20 74.91 -28.42
C SER M 177 42.06 73.99 -27.20
N SER M 178 42.22 72.69 -27.44
CA SER M 178 42.14 71.62 -26.42
C SER M 178 43.29 70.64 -26.59
N ILE M 179 43.81 70.11 -25.47
CA ILE M 179 44.86 69.06 -25.48
C ILE M 179 44.54 68.01 -24.40
N GLY M 180 44.72 66.74 -24.73
CA GLY M 180 44.62 65.62 -23.78
C GLY M 180 45.71 65.67 -22.72
N GLY M 181 45.47 65.03 -21.57
CA GLY M 181 46.43 64.95 -20.44
C GLY M 181 47.80 64.47 -20.88
N ARG M 182 47.84 63.44 -21.72
CA ARG M 182 49.08 62.80 -22.25
C ARG M 182 49.78 63.79 -23.19
N GLY M 183 49.08 64.78 -23.73
CA GLY M 183 49.58 65.69 -24.78
C GLY M 183 49.29 65.16 -26.17
N ASP M 184 48.54 64.06 -26.26
CA ASP M 184 48.46 63.20 -27.48
C ASP M 184 47.22 63.51 -28.30
N THR M 185 46.34 64.41 -27.86
CA THR M 185 45.10 64.72 -28.62
C THR M 185 44.93 66.24 -28.63
N THR M 186 44.90 66.85 -29.81
CA THR M 186 44.87 68.34 -29.96
C THR M 186 43.72 68.73 -30.89
N TYR M 187 43.00 69.78 -30.52
CA TYR M 187 41.87 70.34 -31.31
C TYR M 187 42.02 71.85 -31.36
N TYR M 188 41.73 72.41 -32.52
CA TYR M 188 41.80 73.87 -32.79
C TYR M 188 40.48 74.30 -33.42
N THR M 189 40.04 75.50 -33.10
CA THR M 189 38.97 76.19 -33.89
C THR M 189 39.57 76.54 -35.26
N ASP M 190 38.78 76.50 -36.32
CA ASP M 190 39.25 76.78 -37.69
C ASP M 190 40.03 78.10 -37.73
N SER M 191 39.47 79.14 -37.11
CA SER M 191 40.06 80.50 -37.03
C SER M 191 41.58 80.42 -36.84
N VAL M 192 42.06 79.56 -35.93
CA VAL M 192 43.50 79.55 -35.54
C VAL M 192 44.24 78.35 -36.13
N LYS M 193 43.54 77.44 -36.83
CA LYS M 193 44.18 76.19 -37.33
C LYS M 193 45.33 76.57 -38.27
N GLY M 194 46.53 76.04 -38.03
CA GLY M 194 47.72 76.31 -38.87
C GLY M 194 48.59 77.41 -38.30
N ARG M 195 48.05 78.26 -37.43
CA ARG M 195 48.81 79.41 -36.87
C ARG M 195 49.08 79.16 -35.38
N PHE M 196 48.13 78.59 -34.65
CA PHE M 196 48.27 78.39 -33.18
C PHE M 196 48.70 76.94 -32.91
N THR M 197 49.52 76.74 -31.89
CA THR M 197 49.98 75.38 -31.48
C THR M 197 49.83 75.21 -29.96
N ILE M 198 48.99 74.28 -29.53
CA ILE M 198 48.80 73.95 -28.09
C ILE M 198 49.78 72.83 -27.74
N SER M 199 50.48 72.99 -26.63
CA SER M 199 51.48 71.99 -26.12
C SER M 199 51.42 72.00 -24.59
N ARG M 200 52.20 71.13 -23.95
CA ARG M 200 52.01 70.81 -22.51
C ARG M 200 53.31 70.20 -21.99
N ASP M 201 53.78 70.66 -20.82
CA ASP M 201 54.90 70.03 -20.10
C ASP M 201 54.40 69.56 -18.72
N ASN M 202 54.03 68.29 -18.62
CA ASN M 202 53.44 67.72 -17.37
C ASN M 202 54.46 67.76 -16.22
N SER M 203 55.76 67.58 -16.47
CA SER M 203 56.80 67.67 -15.41
C SER M 203 56.75 69.04 -14.72
N LYS M 204 56.48 70.12 -15.45
CA LYS M 204 56.40 71.50 -14.90
C LYS M 204 54.94 71.89 -14.62
N SER M 205 53.97 71.03 -14.96
CA SER M 205 52.51 71.30 -14.84
C SER M 205 52.16 72.60 -15.58
N THR M 206 52.66 72.75 -16.80
CA THR M 206 52.48 73.99 -17.59
C THR M 206 51.83 73.68 -18.95
N LEU M 207 50.82 74.48 -19.31
CA LEU M 207 50.15 74.45 -20.62
C LEU M 207 50.72 75.60 -21.46
N TYR M 208 50.92 75.37 -22.75
CA TYR M 208 51.48 76.38 -23.68
C TYR M 208 50.49 76.63 -24.81
N LEU M 209 50.41 77.88 -25.26
CA LEU M 209 49.78 78.27 -26.55
C LEU M 209 50.78 79.14 -27.32
N GLN M 210 51.38 78.54 -28.36
CA GLN M 210 52.29 79.21 -29.35
C GLN M 210 51.39 79.84 -30.41
N MET M 211 51.30 81.17 -30.41
CA MET M 211 50.47 81.94 -31.37
C MET M 211 51.41 82.59 -32.40
N ASN M 212 51.42 82.04 -33.63
CA ASN M 212 52.18 82.58 -34.78
C ASN M 212 51.18 83.24 -35.76
N SER M 213 51.69 84.11 -36.65
CA SER M 213 50.91 84.76 -37.74
C SER M 213 49.74 85.56 -37.13
N LEU M 214 50.01 86.29 -36.05
CA LEU M 214 48.95 86.96 -35.25
C LEU M 214 48.14 87.94 -36.11
N ARG M 215 46.84 87.99 -35.86
CA ARG M 215 45.87 88.90 -36.53
C ARG M 215 45.30 89.86 -35.47
N ALA M 216 44.59 90.89 -35.90
CA ALA M 216 43.90 91.86 -35.01
C ALA M 216 42.66 91.20 -34.38
N GLU M 217 42.01 90.29 -35.11
CA GLU M 217 40.86 89.49 -34.61
C GLU M 217 41.29 88.60 -33.43
N ASP M 218 42.60 88.45 -33.17
CA ASP M 218 43.14 87.62 -32.05
C ASP M 218 43.30 88.44 -30.77
N THR M 219 42.98 89.73 -30.82
CA THR M 219 42.99 90.57 -29.59
C THR M 219 41.92 90.01 -28.65
N ALA M 220 42.29 89.58 -27.45
CA ALA M 220 41.37 88.93 -26.50
C ALA M 220 42.07 88.70 -25.16
N VAL M 221 41.27 88.47 -24.12
CA VAL M 221 41.78 87.84 -22.85
C VAL M 221 41.79 86.32 -23.10
N TYR M 222 42.93 85.69 -22.82
CA TYR M 222 43.11 84.23 -23.02
C TYR M 222 43.00 83.55 -21.66
N TYR M 223 41.96 82.73 -21.52
CA TYR M 223 41.68 81.95 -20.29
C TYR M 223 42.16 80.51 -20.48
N CYS M 224 42.80 80.01 -19.43
CA CYS M 224 43.24 78.61 -19.22
C CYS M 224 42.08 77.86 -18.56
N ALA M 225 41.59 76.77 -19.17
CA ALA M 225 40.42 76.02 -18.65
C ALA M 225 40.77 74.54 -18.46
N LYS M 226 40.67 74.11 -17.20
CA LYS M 226 40.88 72.71 -16.74
C LYS M 226 39.60 71.90 -16.98
N GLU M 227 39.75 70.67 -17.46
CA GLU M 227 38.65 69.67 -17.48
C GLU M 227 38.76 68.84 -16.21
N PRO M 228 37.70 68.11 -15.80
CA PRO M 228 37.77 67.31 -14.57
C PRO M 228 38.84 66.21 -14.66
N PHE M 229 39.38 65.84 -13.50
CA PHE M 229 40.29 64.68 -13.32
C PHE M 229 39.72 63.48 -14.09
N ASP M 230 40.59 62.81 -14.85
CA ASP M 230 40.27 61.59 -15.63
C ASP M 230 41.50 60.67 -15.52
N SER M 231 41.30 59.38 -15.27
CA SER M 231 42.42 58.42 -15.08
C SER M 231 43.31 58.35 -16.33
N SER M 232 42.78 58.64 -17.52
CA SER M 232 43.56 58.71 -18.79
C SER M 232 43.80 60.15 -19.25
N GLY M 233 43.44 61.16 -18.48
CA GLY M 233 43.45 62.56 -18.93
C GLY M 233 42.68 62.81 -20.22
N ASP M 234 41.60 62.06 -20.49
CA ASP M 234 40.76 62.26 -21.69
C ASP M 234 39.99 63.58 -21.64
N HIS M 235 39.50 63.99 -22.80
CA HIS M 235 38.55 65.11 -23.00
C HIS M 235 37.20 64.68 -22.42
N ARG M 236 36.57 65.53 -21.61
CA ARG M 236 35.25 65.27 -20.96
C ARG M 236 34.18 66.26 -21.43
N GLY M 237 34.56 67.40 -22.04
CA GLY M 237 33.61 68.43 -22.49
C GLY M 237 33.20 69.39 -21.39
N VAL M 238 33.90 69.42 -20.27
CA VAL M 238 33.54 70.27 -19.08
C VAL M 238 34.73 71.13 -18.72
N PHE M 239 34.54 72.44 -18.61
CA PHE M 239 35.57 73.39 -18.13
C PHE M 239 35.28 73.66 -16.65
N ASP M 240 35.77 72.82 -15.73
CA ASP M 240 35.27 72.92 -14.33
C ASP M 240 36.11 73.91 -13.50
N TYR M 241 37.21 74.42 -14.03
CA TYR M 241 38.00 75.46 -13.32
C TYR M 241 38.81 76.29 -14.32
N TRP M 242 38.86 77.60 -14.08
CA TRP M 242 39.46 78.61 -14.99
C TRP M 242 40.48 79.48 -14.25
N GLY M 243 41.48 79.97 -14.98
CA GLY M 243 42.36 81.07 -14.54
C GLY M 243 41.73 82.43 -14.80
N GLN M 244 42.34 83.49 -14.23
CA GLN M 244 41.81 84.88 -14.30
C GLN M 244 41.99 85.47 -15.71
N GLY M 245 42.91 84.93 -16.52
CA GLY M 245 43.12 85.32 -17.93
C GLY M 245 44.38 86.15 -18.13
N THR M 246 44.84 86.28 -19.38
CA THR M 246 45.97 87.14 -19.79
C THR M 246 45.57 87.88 -21.06
N LEU M 247 45.84 89.19 -21.13
CA LEU M 247 45.44 90.06 -22.27
C LEU M 247 46.49 89.97 -23.38
N VAL M 248 46.05 89.67 -24.60
CA VAL M 248 46.96 89.70 -25.79
C VAL M 248 46.39 90.80 -26.70
N THR M 249 47.16 91.85 -26.95
CA THR M 249 46.68 92.99 -27.76
C THR M 249 47.54 93.09 -29.02
N VAL M 250 46.91 93.09 -30.19
CA VAL M 250 47.69 93.28 -31.44
C VAL M 250 47.21 94.53 -32.17
N TYR N 3 67.83 68.59 15.22
CA TYR N 3 66.57 69.25 14.76
C TYR N 3 66.22 70.37 15.76
N VAL N 4 65.69 71.49 15.24
CA VAL N 4 65.42 72.70 16.08
C VAL N 4 63.91 72.97 16.08
N LEU N 5 63.37 73.19 17.28
CA LEU N 5 61.94 73.58 17.47
C LEU N 5 61.94 74.99 18.09
N THR N 6 61.31 75.93 17.40
CA THR N 6 61.25 77.37 17.76
C THR N 6 59.89 77.69 18.38
N GLN N 7 59.89 78.20 19.61
CA GLN N 7 58.64 78.65 20.29
C GLN N 7 58.80 80.12 20.68
N PRO N 8 57.77 80.97 20.49
CA PRO N 8 57.79 82.34 21.03
C PRO N 8 57.98 82.25 22.54
N PRO N 9 58.89 83.05 23.13
CA PRO N 9 59.19 82.90 24.57
C PRO N 9 57.96 83.12 25.45
N SER N 10 57.04 84.01 25.07
CA SER N 10 55.86 84.33 25.91
C SER N 10 54.63 84.64 25.05
N VAL N 11 53.45 84.39 25.62
CA VAL N 11 52.12 84.73 25.03
C VAL N 11 51.23 85.23 26.17
N SER N 12 50.49 86.32 25.93
CA SER N 12 49.60 86.97 26.92
C SER N 12 48.15 86.95 26.41
N VAL N 13 47.19 86.68 27.28
CA VAL N 13 45.79 86.36 26.89
C VAL N 13 44.83 86.86 27.96
N ALA N 14 43.70 87.45 27.55
CA ALA N 14 42.61 87.84 28.48
C ALA N 14 41.80 86.60 28.80
N PRO N 15 41.18 86.49 30.01
CA PRO N 15 40.27 85.38 30.30
C PRO N 15 39.13 85.30 29.27
N GLY N 16 38.77 84.09 28.84
CA GLY N 16 37.72 83.85 27.84
C GLY N 16 38.25 83.92 26.41
N LYS N 17 39.39 84.56 26.18
CA LYS N 17 40.00 84.70 24.82
C LYS N 17 40.71 83.39 24.44
N THR N 18 41.27 83.35 23.24
CA THR N 18 42.00 82.18 22.71
C THR N 18 43.51 82.45 22.79
N ALA N 19 44.28 81.45 23.22
CA ALA N 19 45.77 81.48 23.19
C ALA N 19 46.26 80.55 22.07
N ARG N 20 47.14 81.05 21.20
CA ARG N 20 47.74 80.26 20.10
C ARG N 20 49.26 80.25 20.26
N ILE N 21 49.86 79.08 20.49
CA ILE N 21 51.31 78.89 20.72
C ILE N 21 51.89 78.11 19.53
N THR N 22 52.84 78.72 18.81
CA THR N 22 53.44 78.15 17.59
C THR N 22 54.67 77.31 17.97
N CYS N 23 54.99 76.34 17.11
CA CYS N 23 56.18 75.47 17.18
C CYS N 23 56.73 75.39 15.76
N GLY N 24 57.80 76.14 15.48
CA GLY N 24 58.47 76.19 14.18
C GLY N 24 59.45 75.05 14.01
N GLY N 25 59.46 74.44 12.83
CA GLY N 25 60.46 73.42 12.48
C GLY N 25 60.53 73.23 10.98
N ASN N 26 61.72 72.96 10.47
CA ASN N 26 61.93 72.58 9.04
C ASN N 26 61.02 71.38 8.73
N ASN N 27 59.93 71.61 7.98
CA ASN N 27 59.00 70.54 7.54
C ASN N 27 58.51 69.77 8.78
N ILE N 28 58.08 70.48 9.82
CA ILE N 28 57.59 69.85 11.09
C ILE N 28 56.27 69.12 10.79
N GLY N 29 55.56 69.52 9.73
CA GLY N 29 54.29 68.90 9.30
C GLY N 29 54.47 67.44 8.91
N SER N 30 55.71 67.03 8.61
CA SER N 30 56.08 65.65 8.24
C SER N 30 56.45 64.81 9.48
N ARG N 31 56.28 65.36 10.70
CA ARG N 31 56.61 64.69 11.98
C ARG N 31 55.43 64.77 12.95
N SER N 32 55.37 63.84 13.91
CA SER N 32 54.35 63.84 14.99
C SER N 32 54.81 64.74 16.13
N VAL N 33 54.07 65.82 16.39
CA VAL N 33 54.37 66.80 17.48
C VAL N 33 53.50 66.48 18.69
N HIS N 34 54.11 66.40 19.87
CA HIS N 34 53.39 66.29 21.17
C HIS N 34 53.56 67.59 21.94
N TRP N 35 52.64 67.88 22.86
CA TRP N 35 52.62 69.14 23.65
C TRP N 35 52.52 68.83 25.14
N TYR N 36 53.24 69.58 25.97
CA TYR N 36 53.22 69.41 27.44
C TYR N 36 52.90 70.76 28.08
N GLN N 37 52.03 70.73 29.09
CA GLN N 37 51.77 71.85 30.03
C GLN N 37 52.66 71.63 31.25
N HIS N 38 53.37 72.66 31.71
CA HIS N 38 54.28 72.57 32.88
C HIS N 38 54.07 73.77 33.80
N LYS N 39 53.44 73.51 34.96
CA LYS N 39 53.24 74.50 36.04
C LYS N 39 54.41 74.40 37.02
N PRO N 40 54.84 75.54 37.61
CA PRO N 40 55.99 75.53 38.52
C PRO N 40 55.85 74.51 39.67
N GLY N 41 56.93 73.77 39.94
CA GLY N 41 57.00 72.74 41.00
C GLY N 41 56.00 71.61 40.82
N GLN N 42 55.62 71.31 39.57
CA GLN N 42 54.63 70.24 39.25
C GLN N 42 55.20 69.35 38.13
N ALA N 43 54.68 68.13 38.05
CA ALA N 43 54.97 67.19 36.95
C ALA N 43 54.38 67.78 35.67
N PRO N 44 55.16 67.89 34.57
CA PRO N 44 54.59 68.19 33.26
C PRO N 44 53.44 67.22 32.93
N VAL N 45 52.43 67.72 32.23
CA VAL N 45 51.26 66.93 31.78
C VAL N 45 51.25 66.94 30.25
N MET N 46 51.10 65.77 29.65
CA MET N 46 50.90 65.69 28.18
C MET N 46 49.45 66.08 27.87
N ILE N 47 49.26 67.07 26.99
CA ILE N 47 47.92 67.63 26.65
C ILE N 47 47.56 67.34 25.18
N ILE N 48 48.55 67.17 24.30
CA ILE N 48 48.29 66.77 22.89
C ILE N 48 49.34 65.73 22.47
N SER N 49 48.88 64.69 21.77
CA SER N 49 49.73 63.60 21.22
C SER N 49 49.51 63.54 19.72
N TYR N 50 50.56 63.27 18.94
CA TYR N 50 50.46 63.10 17.47
C TYR N 50 49.58 64.22 16.90
N ASP N 51 50.07 65.46 17.04
CA ASP N 51 49.57 66.69 16.36
C ASP N 51 48.25 67.21 16.96
N MET N 52 47.26 66.36 17.22
CA MET N 52 45.88 66.84 17.53
C MET N 52 45.13 65.94 18.54
N ASN N 53 45.71 64.86 19.03
CA ASN N 53 44.95 63.90 19.86
C ASN N 53 45.00 64.35 21.31
N ARG N 54 43.85 64.48 21.95
CA ARG N 54 43.74 64.95 23.35
C ARG N 54 43.64 63.75 24.29
N PRO N 55 44.62 63.49 25.19
CA PRO N 55 44.46 62.45 26.21
C PRO N 55 43.17 62.66 27.02
N SER N 56 42.61 61.56 27.50
CA SER N 56 41.48 61.50 28.47
C SER N 56 41.76 62.48 29.60
N GLY N 57 40.81 63.38 29.91
CA GLY N 57 40.96 64.36 31.00
C GLY N 57 41.37 65.75 30.52
N ILE N 58 41.80 65.89 29.27
CA ILE N 58 42.14 67.22 28.68
C ILE N 58 40.88 67.79 28.02
N PRO N 59 40.44 69.01 28.38
CA PRO N 59 39.19 69.58 27.87
C PRO N 59 39.19 69.91 26.37
N GLU N 60 38.02 69.84 25.73
CA GLU N 60 37.81 70.09 24.27
C GLU N 60 38.35 71.48 23.86
N ARG N 61 38.47 72.44 24.80
CA ARG N 61 39.02 73.80 24.53
C ARG N 61 40.45 73.69 23.99
N VAL N 62 41.17 72.64 24.40
CA VAL N 62 42.58 72.40 23.95
C VAL N 62 42.54 71.64 22.63
N SER N 63 43.20 72.17 21.61
CA SER N 63 43.26 71.56 20.26
C SER N 63 44.69 71.69 19.74
N GLY N 64 45.05 70.83 18.80
CA GLY N 64 46.39 70.82 18.20
C GLY N 64 46.30 70.81 16.69
N SER N 65 47.25 71.44 16.01
CA SER N 65 47.34 71.48 14.53
C SER N 65 48.80 71.36 14.11
N ASN N 66 49.06 70.88 12.90
CA ASN N 66 50.46 70.69 12.39
C ASN N 66 50.44 70.66 10.87
N TYR N 67 51.16 71.57 10.22
CA TYR N 67 51.14 71.72 8.74
C TYR N 67 52.35 72.55 8.30
N GLY N 68 53.02 72.10 7.23
CA GLY N 68 54.20 72.76 6.63
C GLY N 68 55.31 72.91 7.65
N ASN N 69 55.55 74.14 8.12
CA ASN N 69 56.70 74.47 9.01
C ASN N 69 56.23 74.88 10.40
N THR N 70 54.93 74.79 10.67
CA THR N 70 54.36 75.26 11.96
C THR N 70 53.37 74.25 12.53
N ALA N 71 53.60 73.81 13.77
CA ALA N 71 52.60 73.13 14.62
C ALA N 71 52.03 74.18 15.58
N THR N 72 50.74 74.09 15.91
CA THR N 72 50.06 75.12 16.72
C THR N 72 49.21 74.47 17.82
N LEU N 73 49.48 74.85 19.07
CA LEU N 73 48.60 74.54 20.23
C LEU N 73 47.60 75.69 20.41
N THR N 74 46.30 75.39 20.38
CA THR N 74 45.22 76.39 20.54
C THR N 74 44.46 76.10 21.84
N ILE N 75 44.38 77.09 22.74
CA ILE N 75 43.55 76.97 23.97
C ILE N 75 42.49 78.07 23.90
N SER N 76 41.22 77.65 23.80
CA SER N 76 40.02 78.52 23.74
C SER N 76 39.42 78.70 25.13
N ARG N 77 38.63 79.77 25.31
CA ARG N 77 37.89 80.04 26.57
C ARG N 77 38.88 79.91 27.74
N VAL N 78 39.96 80.70 27.67
CA VAL N 78 41.15 80.57 28.56
C VAL N 78 40.76 80.88 30.01
N GLU N 79 41.20 80.03 30.93
CA GLU N 79 41.03 80.20 32.40
C GLU N 79 42.37 80.51 33.07
N ALA N 80 42.32 80.98 34.31
CA ALA N 80 43.50 81.24 35.18
C ALA N 80 44.38 79.98 35.21
N GLY N 81 43.77 78.81 35.41
CA GLY N 81 44.42 77.49 35.46
C GLY N 81 45.27 77.16 34.23
N ASP N 82 45.06 77.85 33.10
CA ASP N 82 45.86 77.61 31.86
C ASP N 82 47.23 78.27 31.94
N GLU N 83 47.47 79.12 32.95
CA GLU N 83 48.76 79.84 33.09
C GLU N 83 49.83 78.81 33.45
N ALA N 84 50.79 78.61 32.53
CA ALA N 84 51.90 77.62 32.66
C ALA N 84 52.91 77.80 31.51
N ASP N 85 53.95 76.97 31.53
CA ASP N 85 54.89 76.82 30.39
C ASP N 85 54.33 75.75 29.45
N TYR N 86 54.48 75.94 28.15
CA TYR N 86 54.03 74.96 27.12
C TYR N 86 55.21 74.59 26.22
N TYR N 87 55.46 73.29 26.07
CA TYR N 87 56.55 72.75 25.22
C TYR N 87 55.98 71.85 24.12
N CYS N 88 56.44 72.07 22.88
CA CYS N 88 56.30 71.07 21.79
C CYS N 88 57.48 70.09 21.85
N GLN N 89 57.37 68.95 21.17
CA GLN N 89 58.39 67.87 21.22
C GLN N 89 58.19 66.92 20.04
N VAL N 90 59.29 66.49 19.41
CA VAL N 90 59.27 65.49 18.31
C VAL N 90 60.27 64.38 18.65
N TRP N 91 60.23 63.31 17.88
CA TRP N 91 61.08 62.10 18.08
C TRP N 91 61.53 61.59 16.72
N ASP N 92 62.84 61.50 16.51
CA ASP N 92 63.47 60.91 15.30
C ASP N 92 64.26 59.68 15.76
N SER N 93 63.71 58.46 15.58
CA SER N 93 64.36 57.18 15.98
C SER N 93 65.77 57.11 15.38
N ARG N 94 65.95 57.58 14.13
CA ARG N 94 67.20 57.53 13.33
C ARG N 94 68.00 58.83 13.50
N SER N 95 68.42 59.20 14.73
CA SER N 95 69.13 60.47 15.01
C SER N 95 70.03 60.38 16.26
N ASP N 96 71.12 61.16 16.27
CA ASP N 96 72.07 61.31 17.41
C ASP N 96 71.32 61.83 18.65
N HIS N 97 70.51 62.89 18.53
CA HIS N 97 69.63 63.39 19.62
C HIS N 97 68.17 63.09 19.23
N PRO N 98 67.63 61.91 19.63
CA PRO N 98 66.33 61.45 19.13
C PRO N 98 65.07 62.07 19.76
N TYR N 99 65.17 62.64 20.96
CA TYR N 99 64.06 63.39 21.61
C TYR N 99 64.47 64.87 21.65
N VAL N 100 63.66 65.75 21.06
CA VAL N 100 63.93 67.21 21.01
C VAL N 100 62.73 67.96 21.56
N PHE N 101 62.96 68.82 22.56
CA PHE N 101 61.93 69.75 23.07
C PHE N 101 62.07 71.12 22.40
N GLY N 102 60.96 71.83 22.30
CA GLY N 102 60.96 73.27 21.98
C GLY N 102 61.57 74.07 23.11
N THR N 103 61.88 75.33 22.83
CA THR N 103 62.50 76.28 23.79
C THR N 103 61.48 76.65 24.87
N GLY N 104 60.17 76.46 24.65
CA GLY N 104 59.12 76.68 25.66
C GLY N 104 58.40 78.02 25.48
N THR N 105 57.16 78.12 25.98
CA THR N 105 56.34 79.36 25.90
C THR N 105 55.68 79.59 27.25
N ARG N 106 55.98 80.72 27.90
CA ARG N 106 55.30 81.16 29.14
C ARG N 106 53.96 81.81 28.75
N VAL N 107 52.84 81.21 29.20
CA VAL N 107 51.48 81.74 28.91
C VAL N 107 50.92 82.40 30.17
N THR N 108 50.74 83.72 30.12
CA THR N 108 50.23 84.53 31.25
C THR N 108 48.80 84.98 30.94
N VAL N 109 47.88 84.78 31.88
CA VAL N 109 46.47 85.26 31.70
C VAL N 109 46.27 86.56 32.47
N GLU N 129 46.43 54.72 40.76
CA GLU N 129 46.84 54.30 39.40
C GLU N 129 48.36 54.36 39.29
N VAL N 130 48.87 55.02 38.24
CA VAL N 130 50.34 55.14 38.01
C VAL N 130 50.90 56.20 38.96
N GLN N 131 52.09 55.93 39.53
CA GLN N 131 52.79 56.89 40.41
C GLN N 131 54.30 56.79 40.14
N LEU N 132 54.92 57.87 39.67
CA LEU N 132 56.40 57.92 39.45
C LEU N 132 57.04 58.79 40.52
N VAL N 133 57.77 58.21 41.47
CA VAL N 133 58.36 58.99 42.59
C VAL N 133 59.89 58.99 42.47
N GLU N 134 60.50 60.16 42.27
CA GLU N 134 61.97 60.29 42.11
C GLU N 134 62.64 60.48 43.48
N SER N 135 63.93 60.21 43.58
CA SER N 135 64.68 60.28 44.86
C SER N 135 66.19 60.30 44.62
N GLY N 136 66.97 60.66 45.65
CA GLY N 136 68.45 60.63 45.60
C GLY N 136 69.03 61.99 45.22
N GLY N 137 68.17 63.00 45.01
CA GLY N 137 68.61 64.38 44.72
C GLY N 137 69.18 65.03 45.96
N GLY N 138 70.16 65.93 45.80
CA GLY N 138 70.78 66.67 46.92
C GLY N 138 71.86 67.64 46.43
N LEU N 139 72.77 68.01 47.33
CA LEU N 139 73.93 68.87 46.99
C LEU N 139 75.19 68.00 47.06
N VAL N 140 76.13 68.26 46.13
CA VAL N 140 77.43 67.54 46.02
C VAL N 140 78.50 68.49 45.44
N LYS N 141 79.77 68.23 45.76
CA LYS N 141 80.94 68.98 45.22
C LYS N 141 81.04 68.70 43.72
N PRO N 142 81.28 69.74 42.88
CA PRO N 142 81.65 69.53 41.48
C PRO N 142 82.73 68.45 41.33
N GLY N 143 82.57 67.55 40.37
CA GLY N 143 83.46 66.39 40.16
C GLY N 143 82.98 65.16 40.92
N GLY N 144 82.04 65.33 41.88
CA GLY N 144 81.46 64.24 42.69
C GLY N 144 80.47 63.38 41.93
N SER N 145 79.73 62.54 42.65
CA SER N 145 78.82 61.51 42.09
C SER N 145 77.51 61.48 42.87
N LEU N 146 76.44 61.08 42.18
CA LEU N 146 75.06 61.02 42.73
C LEU N 146 74.25 60.02 41.87
N ARG N 147 73.46 59.16 42.52
CA ARG N 147 72.57 58.17 41.85
C ARG N 147 71.13 58.55 42.15
N LEU N 148 70.34 58.80 41.10
CA LEU N 148 68.89 59.07 41.23
C LEU N 148 68.13 57.74 41.07
N SER N 149 67.00 57.62 41.78
CA SER N 149 66.04 56.50 41.60
C SER N 149 64.67 57.06 41.22
N CYS N 150 63.91 56.28 40.44
CA CYS N 150 62.47 56.49 40.20
C CYS N 150 61.73 55.19 40.53
N ALA N 151 60.91 55.20 41.57
CA ALA N 151 60.04 54.06 41.96
C ALA N 151 58.72 54.21 41.22
N ALA N 152 58.47 53.33 40.24
CA ALA N 152 57.21 53.34 39.46
C ALA N 152 56.23 52.39 40.15
N SER N 153 54.97 52.77 40.13
CA SER N 153 53.89 52.11 40.89
C SER N 153 52.66 51.96 39.97
N GLY N 154 52.09 50.76 39.90
CA GLY N 154 50.86 50.49 39.14
C GLY N 154 51.11 50.18 37.67
N ILE N 155 52.33 49.81 37.28
CA ILE N 155 52.63 49.41 35.87
C ILE N 155 53.62 48.25 35.91
N THR N 156 53.57 47.35 34.93
CA THR N 156 54.56 46.25 34.76
C THR N 156 55.73 46.82 33.97
N PHE N 157 56.82 47.11 34.67
CA PHE N 157 57.85 48.10 34.27
C PHE N 157 58.53 47.73 32.95
N GLN N 158 58.72 46.45 32.63
CA GLN N 158 59.50 46.07 31.42
C GLN N 158 58.75 46.44 30.14
N TYR N 159 57.52 46.96 30.21
CA TYR N 159 56.69 47.29 29.01
C TYR N 159 56.80 48.78 28.68
N TYR N 160 57.73 49.49 29.32
CA TYR N 160 57.78 50.98 29.23
C TYR N 160 59.21 51.44 28.99
N ALA N 161 59.45 52.11 27.87
CA ALA N 161 60.64 52.97 27.68
C ALA N 161 60.58 54.05 28.76
N MET N 162 61.70 54.29 29.44
CA MET N 162 61.77 55.29 30.52
C MET N 162 62.84 56.31 30.17
N ASN N 163 62.68 57.52 30.69
CA ASN N 163 63.49 58.72 30.32
C ASN N 163 63.78 59.58 31.56
N TRP N 164 64.92 60.26 31.52
CA TRP N 164 65.26 61.38 32.45
C TRP N 164 65.23 62.67 31.65
N VAL N 165 64.46 63.65 32.13
CA VAL N 165 64.38 65.02 31.54
C VAL N 165 64.62 66.02 32.66
N ARG N 166 65.48 67.00 32.42
CA ARG N 166 65.87 67.96 33.48
C ARG N 166 65.46 69.38 33.06
N GLN N 167 65.30 70.23 34.06
CA GLN N 167 65.14 71.69 33.88
C GLN N 167 66.15 72.39 34.78
N ALA N 168 67.19 72.99 34.19
CA ALA N 168 68.15 73.89 34.87
C ALA N 168 67.43 75.21 35.21
N PRO N 169 67.85 75.93 36.26
CA PRO N 169 67.24 77.23 36.59
C PRO N 169 67.18 78.18 35.37
N GLY N 170 65.99 78.72 35.07
CA GLY N 170 65.75 79.68 33.97
C GLY N 170 66.07 79.13 32.59
N LYS N 171 66.11 77.82 32.43
CA LYS N 171 66.22 77.16 31.12
C LYS N 171 64.91 76.40 30.93
N GLY N 172 64.70 75.72 29.81
CA GLY N 172 63.49 74.90 29.62
C GLY N 172 63.76 73.43 29.81
N LEU N 173 62.83 72.58 29.38
CA LEU N 173 62.95 71.11 29.51
C LEU N 173 64.02 70.59 28.55
N GLU N 174 65.00 69.84 29.04
CA GLU N 174 66.05 69.22 28.17
C GLU N 174 66.05 67.71 28.37
N TRP N 175 65.87 66.95 27.29
CA TRP N 175 65.94 65.47 27.39
C TRP N 175 67.37 65.07 27.77
N VAL N 176 67.51 64.18 28.75
CA VAL N 176 68.85 63.77 29.25
C VAL N 176 69.17 62.36 28.73
N SER N 177 68.32 61.39 29.04
CA SER N 177 68.62 59.96 28.78
C SER N 177 67.34 59.14 28.59
N SER N 178 67.44 58.08 27.78
CA SER N 178 66.34 57.13 27.48
C SER N 178 66.84 55.69 27.57
N ILE N 179 65.98 54.80 28.06
CA ILE N 179 66.26 53.34 28.12
C ILE N 179 65.02 52.55 27.70
N GLY N 180 65.22 51.50 26.90
CA GLY N 180 64.15 50.56 26.49
C GLY N 180 63.63 49.78 27.69
N GLY N 181 62.41 49.26 27.59
CA GLY N 181 61.79 48.43 28.66
C GLY N 181 62.69 47.29 29.10
N ARG N 182 63.31 46.59 28.15
CA ARG N 182 64.20 45.42 28.42
C ARG N 182 65.49 45.89 29.10
N GLY N 183 65.83 47.19 29.03
CA GLY N 183 67.10 47.76 29.52
C GLY N 183 68.18 47.75 28.43
N ASP N 184 67.79 47.33 27.23
CA ASP N 184 68.65 46.88 26.12
C ASP N 184 68.95 48.01 25.13
N THR N 185 68.36 49.18 25.27
CA THR N 185 68.58 50.32 24.33
C THR N 185 68.75 51.59 25.14
N THR N 186 69.89 52.27 25.03
CA THR N 186 70.22 53.47 25.85
C THR N 186 70.63 54.62 24.94
N TYR N 187 70.16 55.82 25.25
CA TYR N 187 70.49 57.06 24.53
C TYR N 187 70.79 58.15 25.56
N TYR N 188 71.81 58.94 25.26
CA TYR N 188 72.26 60.07 26.10
C TYR N 188 72.35 61.31 25.21
N THR N 189 72.07 62.47 25.78
CA THR N 189 72.44 63.78 25.17
C THR N 189 73.97 63.87 25.23
N ASP N 190 74.60 64.48 24.24
CA ASP N 190 76.09 64.63 24.14
C ASP N 190 76.61 65.19 25.48
N SER N 191 75.94 66.21 26.03
CA SER N 191 76.25 66.89 27.31
C SER N 191 76.70 65.88 28.37
N VAL N 192 75.97 64.78 28.54
CA VAL N 192 76.17 63.86 29.71
C VAL N 192 76.84 62.56 29.25
N LYS N 193 77.05 62.37 27.93
CA LYS N 193 77.70 61.17 27.35
C LYS N 193 79.03 60.92 28.07
N GLY N 194 79.19 59.75 28.70
CA GLY N 194 80.45 59.34 29.35
C GLY N 194 80.57 59.81 30.79
N ARG N 195 79.59 60.53 31.33
CA ARG N 195 79.53 60.89 32.77
C ARG N 195 78.29 60.25 33.43
N PHE N 196 77.17 60.15 32.69
CA PHE N 196 75.88 59.61 33.19
C PHE N 196 75.67 58.20 32.62
N THR N 197 75.13 57.30 33.45
CA THR N 197 74.69 55.95 33.03
C THR N 197 73.23 55.75 33.47
N ILE N 198 72.36 55.45 32.50
CA ILE N 198 70.93 55.10 32.76
C ILE N 198 70.88 53.57 32.88
N SER N 199 70.17 53.09 33.90
CA SER N 199 69.98 51.64 34.18
C SER N 199 68.57 51.43 34.75
N ARG N 200 68.19 50.19 35.02
CA ARG N 200 66.76 49.86 35.24
C ARG N 200 66.71 48.50 35.93
N ASP N 201 65.94 48.39 37.02
CA ASP N 201 65.65 47.10 37.69
C ASP N 201 64.14 46.82 37.61
N ASN N 202 63.72 46.02 36.62
CA ASN N 202 62.29 45.74 36.33
C ASN N 202 61.65 44.95 37.49
N SER N 203 62.39 44.08 38.16
CA SER N 203 61.86 43.35 39.35
C SER N 203 61.36 44.35 40.41
N LYS N 204 62.08 45.45 40.64
CA LYS N 204 61.74 46.48 41.66
C LYS N 204 60.95 47.64 41.03
N SER N 205 60.75 47.62 39.70
CA SER N 205 60.07 48.72 38.95
C SER N 205 60.79 50.05 39.19
N THR N 206 62.13 50.05 39.15
CA THR N 206 62.94 51.24 39.48
C THR N 206 63.86 51.61 38.33
N LEU N 207 63.87 52.91 37.99
CA LEU N 207 64.79 53.50 36.98
C LEU N 207 65.94 54.17 37.74
N TYR N 208 67.16 54.04 37.24
CA TYR N 208 68.36 54.63 37.87
C TYR N 208 69.04 55.61 36.89
N LEU N 209 69.57 56.69 37.45
CA LEU N 209 70.54 57.58 36.75
C LEU N 209 71.78 57.75 37.64
N GLN N 210 72.88 57.10 37.26
CA GLN N 210 74.21 57.21 37.90
C GLN N 210 74.92 58.41 37.27
N MET N 211 75.04 59.50 38.03
CA MET N 211 75.68 60.75 37.55
C MET N 211 77.08 60.86 38.18
N ASN N 212 78.12 60.63 37.38
CA ASN N 212 79.54 60.75 37.80
C ASN N 212 80.15 62.00 37.15
N SER N 213 81.26 62.50 37.70
CA SER N 213 82.04 63.65 37.12
C SER N 213 81.15 64.90 37.03
N LEU N 214 80.36 65.15 38.07
CA LEU N 214 79.27 66.18 38.03
C LEU N 214 79.86 67.56 37.75
N ARG N 215 79.12 68.37 36.99
CA ARG N 215 79.44 69.79 36.70
C ARG N 215 78.37 70.69 37.34
N ALA N 216 78.61 72.00 37.37
CA ALA N 216 77.66 73.02 37.88
C ALA N 216 76.51 73.19 36.88
N GLU N 217 76.80 73.03 35.58
CA GLU N 217 75.78 73.06 34.49
C GLU N 217 74.74 71.95 34.68
N ASP N 218 75.00 70.97 35.56
CA ASP N 218 74.10 69.81 35.82
C ASP N 218 73.10 70.12 36.94
N THR N 219 73.20 71.30 37.59
CA THR N 219 72.18 71.71 38.58
C THR N 219 70.85 71.86 37.85
N ALA N 220 69.85 71.09 38.27
CA ALA N 220 68.52 71.01 37.65
C ALA N 220 67.58 70.17 38.51
N VAL N 221 66.27 70.31 38.26
CA VAL N 221 65.29 69.31 38.73
C VAL N 221 65.28 68.17 37.69
N TYR N 222 65.42 66.93 38.16
CA TYR N 222 65.47 65.73 37.29
C TYR N 222 64.09 65.06 37.34
N TYR N 223 63.40 65.06 36.19
CA TYR N 223 62.07 64.42 36.02
C TYR N 223 62.23 63.04 35.39
N CYS N 224 61.49 62.11 35.94
CA CYS N 224 61.28 60.72 35.46
C CYS N 224 60.10 60.76 34.48
N ALA N 225 60.29 60.33 33.23
CA ALA N 225 59.25 60.40 32.18
C ALA N 225 59.01 59.01 31.58
N LYS N 226 57.78 58.53 31.76
CA LYS N 226 57.25 57.26 31.22
C LYS N 226 56.86 57.47 29.74
N GLU N 227 57.16 56.49 28.89
CA GLU N 227 56.57 56.39 27.53
C GLU N 227 55.35 55.47 27.60
N PRO N 228 54.45 55.50 26.59
CA PRO N 228 53.26 54.63 26.64
C PRO N 228 53.60 53.13 26.67
N PHE N 229 52.73 52.34 27.29
CA PHE N 229 52.78 50.86 27.27
C PHE N 229 53.05 50.39 25.84
N ASP N 230 54.01 49.47 25.69
CA ASP N 230 54.41 48.83 24.42
C ASP N 230 54.71 47.36 24.72
N SER N 231 54.21 46.46 23.91
CA SER N 231 54.37 45.00 24.10
C SER N 231 55.86 44.61 24.13
N SER N 232 56.75 45.38 23.47
CA SER N 232 58.22 45.15 23.49
C SER N 232 58.95 46.18 24.35
N GLY N 233 58.21 47.05 25.07
CA GLY N 233 58.82 48.20 25.79
C GLY N 233 59.69 49.07 24.90
N ASP N 234 59.37 49.20 23.60
CA ASP N 234 60.14 50.05 22.65
C ASP N 234 60.00 51.55 22.99
N HIS N 235 60.93 52.33 22.44
CA HIS N 235 60.89 53.82 22.41
C HIS N 235 59.75 54.24 21.47
N ARG N 236 58.89 55.15 21.89
CA ARG N 236 57.71 55.63 21.11
C ARG N 236 57.80 57.14 20.80
N GLY N 237 58.65 57.90 21.51
CA GLY N 237 58.80 59.36 21.33
C GLY N 237 57.76 60.17 22.08
N VAL N 238 57.06 59.58 23.05
CA VAL N 238 55.97 60.25 23.79
C VAL N 238 56.27 60.12 25.29
N PHE N 239 56.26 61.23 26.01
CA PHE N 239 56.39 61.26 27.49
C PHE N 239 54.97 61.40 28.07
N ASP N 240 54.25 60.30 28.25
CA ASP N 240 52.80 60.44 28.55
C ASP N 240 52.53 60.54 30.05
N TYR N 241 53.54 60.35 30.91
CA TYR N 241 53.38 60.56 32.37
C TYR N 241 54.73 60.88 33.02
N TRP N 242 54.71 61.84 33.96
CA TRP N 242 55.92 62.39 34.61
C TRP N 242 55.78 62.34 36.14
N GLY N 243 56.93 62.22 36.82
CA GLY N 243 57.07 62.45 38.27
C GLY N 243 57.23 63.92 38.58
N GLN N 244 57.14 64.28 39.86
CA GLN N 244 57.20 65.69 40.33
C GLN N 244 58.61 66.25 40.26
N GLY N 245 59.63 65.38 40.21
CA GLY N 245 61.05 65.78 40.03
C GLY N 245 61.86 65.66 41.31
N THR N 246 63.20 65.70 41.16
CA THR N 246 64.18 65.64 42.28
C THR N 246 65.33 66.59 41.95
N LEU N 247 65.88 67.34 42.93
CA LEU N 247 66.90 68.38 42.61
C LEU N 247 68.34 67.96 42.91
N VAL N 248 69.27 68.23 42.00
CA VAL N 248 70.72 67.93 42.19
C VAL N 248 71.45 69.26 42.42
N THR N 249 72.57 69.28 43.18
CA THR N 249 73.34 70.50 43.57
C THR N 249 72.54 71.79 43.35
N GLY O 1 43.75 28.89 62.50
CA GLY O 1 42.61 29.62 63.07
C GLY O 1 41.71 30.15 61.97
N SER O 2 40.47 30.46 62.29
CA SER O 2 39.47 30.91 61.28
C SER O 2 39.88 32.27 60.72
N TYR O 3 39.45 32.58 59.49
CA TYR O 3 39.64 33.94 58.92
C TYR O 3 38.92 34.93 59.84
N VAL O 4 39.43 36.15 59.99
CA VAL O 4 38.80 37.12 60.91
C VAL O 4 38.22 38.28 60.11
N LEU O 5 36.97 38.61 60.40
CA LEU O 5 36.26 39.76 59.79
C LEU O 5 35.94 40.75 60.92
N THR O 6 36.46 41.98 60.79
CA THR O 6 36.36 43.06 61.81
C THR O 6 35.29 44.07 61.38
N GLN O 7 34.29 44.27 62.23
CA GLN O 7 33.25 45.29 61.98
C GLN O 7 33.23 46.27 63.14
N PRO O 8 33.11 47.59 62.90
CA PRO O 8 32.88 48.55 63.97
C PRO O 8 31.60 48.15 64.71
N PRO O 9 31.60 48.14 66.05
CA PRO O 9 30.44 47.64 66.79
C PRO O 9 29.14 48.42 66.49
N SER O 10 29.24 49.72 66.23
CA SER O 10 28.04 50.56 66.04
C SER O 10 28.30 51.71 65.06
N VAL O 11 27.24 52.15 64.38
CA VAL O 11 27.24 53.31 63.47
C VAL O 11 25.94 54.07 63.72
N SER O 12 26.02 55.40 63.81
CA SER O 12 24.88 56.31 64.03
C SER O 12 24.79 57.27 62.83
N VAL O 13 23.57 57.56 62.39
CA VAL O 13 23.30 58.27 61.11
C VAL O 13 22.02 59.10 61.25
N ALA O 14 22.00 60.32 60.70
CA ALA O 14 20.78 61.16 60.61
C ALA O 14 19.91 60.65 59.47
N PRO O 15 18.56 60.75 59.54
CA PRO O 15 17.69 60.40 58.41
C PRO O 15 18.08 61.21 57.16
N GLY O 16 18.08 60.55 55.99
CA GLY O 16 18.47 61.16 54.70
C GLY O 16 19.97 61.10 54.45
N LYS O 17 20.80 60.94 55.49
CA LYS O 17 22.29 60.88 55.34
C LYS O 17 22.70 59.47 54.87
N THR O 18 23.99 59.26 54.71
CA THR O 18 24.58 57.97 54.25
C THR O 18 25.18 57.24 55.46
N ALA O 19 24.96 55.93 55.55
CA ALA O 19 25.62 55.02 56.51
C ALA O 19 26.67 54.17 55.77
N ARG O 20 27.88 54.11 56.30
CA ARG O 20 28.97 53.26 55.76
C ARG O 20 29.42 52.27 56.85
N ILE O 21 29.31 50.97 56.57
CA ILE O 21 29.71 49.87 57.49
C ILE O 21 30.89 49.14 56.86
N THR O 22 32.04 49.14 57.55
CA THR O 22 33.28 48.51 57.03
C THR O 22 33.35 47.07 57.51
N CYS O 23 34.08 46.26 56.76
CA CYS O 23 34.39 44.83 57.05
C CYS O 23 35.87 44.64 56.72
N GLY O 24 36.71 44.60 57.75
CA GLY O 24 38.18 44.44 57.63
C GLY O 24 38.56 42.98 57.54
N GLY O 25 39.51 42.69 56.67
CA GLY O 25 40.07 41.33 56.55
C GLY O 25 41.38 41.35 55.80
N ASN O 26 42.32 40.48 56.19
CA ASN O 26 43.60 40.29 55.46
C ASN O 26 43.26 39.94 53.99
N ASN O 27 43.49 40.88 53.09
CA ASN O 27 43.27 40.69 51.63
C ASN O 27 41.83 40.22 51.38
N ILE O 28 40.85 40.89 51.99
CA ILE O 28 39.42 40.52 51.85
C ILE O 28 38.97 40.80 50.40
N GLY O 29 39.68 41.70 49.70
CA GLY O 29 39.43 42.04 48.28
C GLY O 29 39.58 40.82 47.38
N SER O 30 40.22 39.76 47.85
CA SER O 30 40.48 38.52 47.06
C SER O 30 39.42 37.46 47.37
N ARG O 31 38.40 37.83 48.13
CA ARG O 31 37.26 36.95 48.50
C ARG O 31 35.92 37.61 48.22
N SER O 32 34.89 36.81 48.04
CA SER O 32 33.50 37.28 47.79
C SER O 32 32.83 37.55 49.13
N VAL O 33 32.46 38.81 49.38
CA VAL O 33 31.81 39.23 50.66
C VAL O 33 30.31 39.35 50.43
N HIS O 34 29.51 38.73 51.28
CA HIS O 34 28.02 38.89 51.31
C HIS O 34 27.63 39.67 52.57
N TRP O 35 26.47 40.32 52.54
CA TRP O 35 25.98 41.20 53.62
C TRP O 35 24.57 40.79 54.03
N TYR O 36 24.28 40.83 55.32
CA TYR O 36 22.95 40.46 55.88
C TYR O 36 22.48 41.59 56.76
N GLN O 37 21.20 41.95 56.62
CA GLN O 37 20.45 42.82 57.57
C GLN O 37 19.73 41.90 58.55
N HIS O 38 19.82 42.19 59.84
CA HIS O 38 19.15 41.39 60.91
C HIS O 38 18.45 42.31 61.90
N LYS O 39 17.12 42.32 61.84
CA LYS O 39 16.25 43.05 62.80
C LYS O 39 15.88 42.08 63.93
N PRO O 40 15.82 42.55 65.20
CA PRO O 40 15.60 41.65 66.34
C PRO O 40 14.33 40.80 66.19
N GLY O 41 14.45 39.50 66.48
CA GLY O 41 13.36 38.49 66.41
C GLY O 41 12.81 38.33 65.00
N GLN O 42 13.63 38.55 63.98
CA GLN O 42 13.25 38.38 62.54
C GLN O 42 14.32 37.54 61.85
N ALA O 43 13.94 36.90 60.74
CA ALA O 43 14.90 36.20 59.84
C ALA O 43 15.87 37.23 59.27
N PRO O 44 17.20 36.98 59.34
CA PRO O 44 18.17 37.78 58.59
C PRO O 44 17.79 37.79 57.10
N VAL O 45 18.07 38.91 56.44
CA VAL O 45 17.82 39.11 55.00
C VAL O 45 19.17 39.33 54.31
N MET O 46 19.42 38.61 53.23
CA MET O 46 20.62 38.90 52.40
C MET O 46 20.34 40.16 51.57
N ILE O 47 21.22 41.15 51.67
CA ILE O 47 21.05 42.46 50.97
C ILE O 47 22.12 42.68 49.90
N ILE O 48 23.30 42.08 50.03
CA ILE O 48 24.37 42.15 48.99
C ILE O 48 25.02 40.77 48.87
N SER O 49 25.22 40.29 47.64
CA SER O 49 25.96 39.03 47.35
C SER O 49 27.15 39.34 46.44
N TYR O 50 28.27 38.64 46.66
CA TYR O 50 29.49 38.80 45.83
C TYR O 50 29.80 40.29 45.68
N ASP O 51 30.10 40.94 46.81
CA ASP O 51 30.71 42.29 46.94
C ASP O 51 29.71 43.41 46.65
N MET O 52 28.87 43.30 45.61
CA MET O 52 28.08 44.48 45.13
C MET O 52 26.73 44.12 44.52
N ASN O 53 26.35 42.84 44.47
CA ASN O 53 25.12 42.44 43.75
C ASN O 53 23.94 42.54 44.69
N ARG O 54 22.92 43.32 44.31
CA ARG O 54 21.65 43.42 45.07
C ARG O 54 20.68 42.33 44.62
N PRO O 55 20.17 41.49 45.55
CA PRO O 55 19.01 40.66 45.27
C PRO O 55 17.79 41.53 44.93
N SER O 56 16.91 40.96 44.12
CA SER O 56 15.56 41.47 43.80
C SER O 56 14.84 41.84 45.11
N GLY O 57 14.31 43.06 45.21
CA GLY O 57 13.61 43.54 46.42
C GLY O 57 14.47 44.45 47.27
N ILE O 58 15.77 44.51 47.07
CA ILE O 58 16.66 45.43 47.85
C ILE O 58 16.80 46.73 47.06
N PRO O 59 16.50 47.89 47.68
CA PRO O 59 16.52 49.17 46.96
C PRO O 59 17.91 49.66 46.54
N GLU O 60 17.99 50.40 45.42
CA GLU O 60 19.25 50.91 44.79
C GLU O 60 20.11 51.71 45.81
N ARG O 61 19.50 52.22 46.87
CA ARG O 61 20.19 53.05 47.90
C ARG O 61 21.20 52.19 48.65
N VAL O 62 20.99 50.88 48.65
CA VAL O 62 21.93 49.89 49.27
C VAL O 62 22.94 49.47 48.21
N SER O 63 24.22 49.61 48.49
CA SER O 63 25.29 49.23 47.53
C SER O 63 26.45 48.61 48.31
N GLY O 64 27.30 47.86 47.61
CA GLY O 64 28.44 47.15 48.22
C GLY O 64 29.73 47.43 47.47
N SER O 65 30.84 47.43 48.20
CA SER O 65 32.20 47.64 47.65
C SER O 65 33.19 46.69 48.36
N ASN O 66 34.30 46.36 47.71
CA ASN O 66 35.37 45.51 48.32
C ASN O 66 36.68 45.80 47.57
N TYR O 67 37.72 46.23 48.29
CA TYR O 67 39.06 46.48 47.70
C TYR O 67 40.12 46.36 48.79
N GLY O 68 41.15 45.56 48.51
CA GLY O 68 42.29 45.38 49.41
C GLY O 68 41.91 44.66 50.70
N ASN O 69 41.88 45.39 51.81
CA ASN O 69 41.64 44.80 53.14
C ASN O 69 40.28 45.27 53.65
N THR O 70 39.47 45.92 52.82
CA THR O 70 38.22 46.54 53.34
C THR O 70 37.04 46.39 52.37
N ALA O 71 36.01 45.66 52.81
CA ALA O 71 34.71 45.62 52.12
C ALA O 71 33.81 46.65 52.81
N THR O 72 32.92 47.32 52.07
CA THR O 72 32.08 48.41 52.60
C THR O 72 30.62 48.24 52.12
N LEU O 73 29.69 48.22 53.08
CA LEU O 73 28.24 48.35 52.82
C LEU O 73 27.87 49.84 52.94
N THR O 74 27.29 50.42 51.87
CA THR O 74 26.83 51.83 51.87
C THR O 74 25.30 51.89 51.78
N ILE O 75 24.65 52.55 52.72
CA ILE O 75 23.18 52.81 52.67
C ILE O 75 22.96 54.32 52.59
N SER O 76 22.44 54.79 51.46
CA SER O 76 22.14 56.22 51.18
C SER O 76 20.68 56.53 51.50
N ARG O 77 20.36 57.81 51.69
CA ARG O 77 18.98 58.29 51.94
C ARG O 77 18.37 57.41 53.04
N VAL O 78 19.03 57.39 54.19
CA VAL O 78 18.72 56.45 55.31
C VAL O 78 17.33 56.71 55.87
N GLU O 79 16.56 55.63 56.05
CA GLU O 79 15.21 55.64 56.65
C GLU O 79 15.26 54.95 58.03
N ALA O 80 14.23 55.16 58.84
CA ALA O 80 14.05 54.51 60.16
C ALA O 80 14.15 52.99 59.98
N GLY O 81 13.47 52.44 58.96
CA GLY O 81 13.47 51.01 58.63
C GLY O 81 14.85 50.42 58.40
N ASP O 82 15.91 51.22 58.21
CA ASP O 82 17.30 50.72 58.03
C ASP O 82 17.91 50.31 59.36
N GLU O 83 17.26 50.65 60.48
CA GLU O 83 17.83 50.39 61.83
C GLU O 83 17.81 48.87 62.04
N ALA O 84 18.99 48.28 62.15
CA ALA O 84 19.18 46.83 62.35
C ALA O 84 20.66 46.52 62.61
N ASP O 85 20.96 45.22 62.78
CA ASP O 85 22.35 44.70 62.79
C ASP O 85 22.74 44.37 61.35
N TYR O 86 24.00 44.62 61.00
CA TYR O 86 24.54 44.29 59.66
C TYR O 86 25.79 43.43 59.81
N TYR O 87 25.81 42.30 59.11
CA TYR O 87 26.95 41.34 59.12
C TYR O 87 27.51 41.14 57.71
N CYS O 88 28.83 41.23 57.59
CA CYS O 88 29.57 40.71 56.41
C CYS O 88 29.86 39.21 56.63
N GLN O 89 30.22 38.50 55.57
CA GLN O 89 30.42 37.03 55.61
C GLN O 89 31.21 36.59 54.37
N VAL O 90 32.15 35.68 54.55
CA VAL O 90 32.94 35.07 53.46
C VAL O 90 32.87 33.56 53.59
N TRP O 91 33.32 32.88 52.55
CA TRP O 91 33.30 31.40 52.45
C TRP O 91 34.62 30.96 51.82
N ASP O 92 35.36 30.13 52.54
CA ASP O 92 36.65 29.55 52.08
C ASP O 92 36.47 28.03 52.00
N SER O 93 36.24 27.51 50.79
CA SER O 93 35.91 26.07 50.55
C SER O 93 37.01 25.20 51.16
N ARG O 94 38.27 25.64 51.07
CA ARG O 94 39.47 24.85 51.48
C ARG O 94 39.93 25.29 52.89
N SER O 95 39.05 25.25 53.90
CA SER O 95 39.35 25.71 55.29
C SER O 95 38.62 24.86 56.33
N ASP O 96 39.21 24.76 57.54
CA ASP O 96 38.64 24.05 58.71
C ASP O 96 37.29 24.71 59.11
N HIS O 97 37.24 26.03 59.19
CA HIS O 97 35.99 26.81 59.45
C HIS O 97 35.62 27.57 58.17
N PRO O 98 34.81 26.96 57.26
CA PRO O 98 34.62 27.51 55.91
C PRO O 98 33.61 28.66 55.76
N TYR O 99 32.69 28.84 56.70
CA TYR O 99 31.75 30.00 56.71
C TYR O 99 32.11 30.90 57.89
N VAL O 100 32.40 32.17 57.65
CA VAL O 100 32.86 33.13 58.69
C VAL O 100 31.97 34.37 58.66
N PHE O 101 31.35 34.72 59.78
CA PHE O 101 30.62 36.01 59.92
C PHE O 101 31.52 37.08 60.55
N GLY O 102 31.25 38.33 60.18
CA GLY O 102 31.77 39.51 60.90
C GLY O 102 31.16 39.60 62.29
N THR O 103 31.78 40.41 63.14
CA THR O 103 31.36 40.61 64.56
C THR O 103 30.03 41.37 64.61
N GLY O 104 29.63 42.05 63.53
CA GLY O 104 28.31 42.73 63.41
C GLY O 104 28.40 44.22 63.68
N THR O 105 27.46 45.00 63.14
CA THR O 105 27.40 46.47 63.32
C THR O 105 25.96 46.88 63.60
N ARG O 106 25.71 47.45 64.79
CA ARG O 106 24.39 47.99 65.16
C ARG O 106 24.26 49.38 64.51
N VAL O 107 23.27 49.55 63.63
CA VAL O 107 23.01 50.84 62.94
C VAL O 107 21.78 51.50 63.54
N THR O 108 21.98 52.65 64.18
CA THR O 108 20.94 53.50 64.81
C THR O 108 20.71 54.72 63.93
N VAL O 109 19.46 55.02 63.63
CA VAL O 109 19.05 56.28 62.93
C VAL O 109 18.50 57.25 63.97
N LEU O 110 19.06 58.46 64.08
CA LEU O 110 18.68 59.37 65.20
C LEU O 110 17.49 60.24 64.76
N GLY O 111 16.39 60.20 65.53
CA GLY O 111 15.17 60.99 65.26
C GLY O 111 13.94 60.13 65.02
N SER O 112 12.76 60.72 65.26
CA SER O 112 11.42 60.10 65.16
C SER O 112 10.32 61.10 65.49
N GLU O 129 5.89 30.82 47.20
CA GLU O 129 7.31 31.20 47.45
C GLU O 129 7.96 30.15 48.38
N VAL O 130 9.19 30.42 48.79
CA VAL O 130 9.98 29.51 49.67
C VAL O 130 9.68 29.88 51.12
N GLN O 131 9.46 28.87 51.99
CA GLN O 131 9.36 29.03 53.47
C GLN O 131 10.32 28.04 54.17
N LEU O 132 10.99 28.51 55.21
CA LEU O 132 11.81 27.68 56.14
C LEU O 132 11.22 27.84 57.55
N VAL O 133 10.66 26.75 58.11
CA VAL O 133 10.00 26.79 59.45
C VAL O 133 10.74 25.84 60.39
N GLU O 134 11.43 26.40 61.39
CA GLU O 134 12.15 25.63 62.43
C GLU O 134 11.18 25.23 63.55
N SER O 135 11.43 24.08 64.19
CA SER O 135 10.73 23.62 65.41
C SER O 135 11.73 22.83 66.29
N GLY O 136 11.24 22.45 67.48
CA GLY O 136 11.94 21.54 68.40
C GLY O 136 12.79 22.29 69.40
N GLY O 137 12.72 23.63 69.40
CA GLY O 137 13.40 24.46 70.40
C GLY O 137 12.68 24.36 71.72
N GLY O 138 13.40 24.49 72.84
CA GLY O 138 12.81 24.51 74.19
C GLY O 138 13.87 24.63 75.29
N LEU O 139 13.55 24.11 76.48
CA LEU O 139 14.43 24.18 77.67
C LEU O 139 14.96 22.77 77.97
N VAL O 140 16.20 22.67 78.43
CA VAL O 140 16.94 21.40 78.66
C VAL O 140 17.97 21.57 79.79
N LYS O 141 18.46 20.45 80.32
CA LYS O 141 19.54 20.37 81.33
C LYS O 141 20.87 20.29 80.60
N PRO O 142 21.93 20.99 81.05
CA PRO O 142 23.28 20.73 80.56
C PRO O 142 23.62 19.23 80.59
N GLY O 143 24.22 18.74 79.51
CA GLY O 143 24.54 17.31 79.28
C GLY O 143 23.40 16.58 78.59
N GLY O 144 22.17 17.13 78.57
CA GLY O 144 20.98 16.56 77.90
C GLY O 144 21.03 16.66 76.36
N SER O 145 19.91 16.39 75.71
CA SER O 145 19.82 16.26 74.23
C SER O 145 18.54 16.92 73.70
N LEU O 146 18.59 17.36 72.44
CA LEU O 146 17.44 17.98 71.74
C LEU O 146 17.69 17.87 70.21
N ARG O 147 16.65 17.56 69.44
CA ARG O 147 16.71 17.52 67.94
C ARG O 147 15.87 18.66 67.35
N LEU O 148 16.50 19.55 66.57
CA LEU O 148 15.77 20.64 65.86
C LEU O 148 15.37 20.17 64.46
N SER O 149 14.24 20.65 63.95
CA SER O 149 13.77 20.40 62.56
C SER O 149 13.58 21.71 61.81
N CYS O 150 13.83 21.70 60.50
CA CYS O 150 13.46 22.80 59.57
C CYS O 150 12.64 22.21 58.42
N ALA O 151 11.35 22.56 58.36
CA ALA O 151 10.43 22.13 57.29
C ALA O 151 10.51 23.17 56.16
N ALA O 152 11.10 22.79 55.02
CA ALA O 152 11.25 23.69 53.87
C ALA O 152 10.06 23.47 52.93
N SER O 153 9.59 24.55 52.34
CA SER O 153 8.37 24.59 51.50
C SER O 153 8.66 25.35 50.20
N GLY O 154 8.28 24.79 49.05
CA GLY O 154 8.32 25.47 47.74
C GLY O 154 9.69 25.34 47.06
N ILE O 155 10.53 24.38 47.46
CA ILE O 155 11.83 24.10 46.81
C ILE O 155 12.03 22.59 46.78
N THR O 156 12.74 22.07 45.78
CA THR O 156 13.10 20.64 45.70
C THR O 156 14.39 20.48 46.49
N PHE O 157 14.27 19.93 47.69
CA PHE O 157 15.23 20.11 48.80
C PHE O 157 16.65 19.61 48.44
N GLN O 158 16.79 18.55 47.64
CA GLN O 158 18.14 17.95 47.40
C GLN O 158 19.01 18.89 46.55
N TYR O 159 18.50 20.05 46.11
CA TYR O 159 19.28 21.00 45.25
C TYR O 159 19.86 22.14 46.08
N TYR O 160 19.82 22.03 47.41
CA TYR O 160 20.16 23.13 48.32
C TYR O 160 21.06 22.64 49.44
N ALA O 161 22.28 23.18 49.52
CA ALA O 161 23.11 23.14 50.73
C ALA O 161 22.32 23.86 51.85
N MET O 162 22.22 23.24 53.01
CA MET O 162 21.48 23.82 54.16
C MET O 162 22.43 23.98 55.34
N ASN O 163 22.10 24.94 56.20
CA ASN O 163 22.98 25.42 57.30
C ASN O 163 22.16 25.70 58.54
N TRP O 164 22.80 25.51 59.71
CA TRP O 164 22.32 26.03 61.02
C TRP O 164 23.24 27.18 61.43
N VAL O 165 22.65 28.33 61.72
CA VAL O 165 23.37 29.53 62.25
C VAL O 165 22.65 29.98 63.51
N ARG O 166 23.41 30.26 64.57
CA ARG O 166 22.81 30.63 65.88
C ARG O 166 23.25 32.03 66.29
N GLN O 167 22.45 32.64 67.15
CA GLN O 167 22.80 33.88 67.88
C GLN O 167 22.58 33.64 69.38
N ALA O 168 23.68 33.51 70.14
CA ALA O 168 23.68 33.51 71.61
C ALA O 168 23.34 34.90 72.13
N PRO O 169 22.75 35.04 73.34
CA PRO O 169 22.46 36.36 73.90
C PRO O 169 23.69 37.28 73.91
N GLY O 170 23.54 38.49 73.35
CA GLY O 170 24.59 39.53 73.31
C GLY O 170 25.85 39.12 72.54
N LYS O 171 25.76 38.10 71.68
CA LYS O 171 26.84 37.71 70.73
C LYS O 171 26.32 37.89 69.30
N GLY O 172 27.20 37.82 68.31
CA GLY O 172 26.85 37.96 66.89
C GLY O 172 26.31 36.65 66.31
N LEU O 173 25.91 36.68 65.04
CA LEU O 173 25.56 35.47 64.27
C LEU O 173 26.78 34.54 64.24
N GLU O 174 26.60 33.26 64.57
CA GLU O 174 27.68 32.24 64.57
C GLU O 174 27.22 31.07 63.69
N TRP O 175 27.98 30.79 62.64
CA TRP O 175 27.72 29.60 61.78
C TRP O 175 28.00 28.34 62.61
N VAL O 176 27.07 27.39 62.58
CA VAL O 176 27.13 26.18 63.42
C VAL O 176 27.51 24.98 62.56
N SER O 177 26.69 24.69 61.55
CA SER O 177 26.83 23.45 60.74
C SER O 177 26.29 23.63 59.33
N SER O 178 26.84 22.89 58.39
CA SER O 178 26.46 22.90 56.96
C SER O 178 26.34 21.46 56.45
N ILE O 179 25.39 21.22 55.55
CA ILE O 179 25.23 19.91 54.86
C ILE O 179 24.92 20.13 53.38
N GLY O 180 25.53 19.32 52.51
CA GLY O 180 25.27 19.30 51.06
C GLY O 180 23.85 18.83 50.77
N GLY O 181 23.32 19.18 49.59
CA GLY O 181 21.98 18.78 49.13
C GLY O 181 21.78 17.27 49.23
N ARG O 182 22.77 16.49 48.79
CA ARG O 182 22.72 15.00 48.80
C ARG O 182 22.75 14.47 50.23
N GLY O 183 23.19 15.28 51.19
CA GLY O 183 23.40 14.86 52.60
C GLY O 183 24.81 14.34 52.81
N ASP O 184 25.65 14.43 51.78
CA ASP O 184 26.94 13.71 51.67
C ASP O 184 28.12 14.57 52.14
N THR O 185 27.92 15.84 52.48
CA THR O 185 29.05 16.73 52.90
C THR O 185 28.62 17.48 54.13
N THR O 186 29.32 17.31 55.25
CA THR O 186 28.95 17.92 56.56
C THR O 186 30.15 18.69 57.12
N TYR O 187 29.87 19.86 57.66
CA TYR O 187 30.87 20.73 58.31
C TYR O 187 30.30 21.23 59.64
N TYR O 188 31.16 21.28 60.64
CA TYR O 188 30.81 21.73 62.01
C TYR O 188 31.85 22.77 62.43
N THR O 189 31.41 23.76 63.20
CA THR O 189 32.33 24.64 63.96
C THR O 189 32.99 23.79 65.07
N ASP O 190 34.25 24.06 65.40
CA ASP O 190 35.02 23.34 66.46
C ASP O 190 34.15 23.16 67.71
N SER O 191 33.54 24.26 68.16
CA SER O 191 32.67 24.35 69.37
C SER O 191 31.74 23.13 69.49
N VAL O 192 31.09 22.70 68.41
CA VAL O 192 30.01 21.67 68.48
C VAL O 192 30.49 20.33 67.93
N LYS O 193 31.72 20.28 67.39
CA LYS O 193 32.32 19.06 66.80
C LYS O 193 32.18 17.88 67.76
N GLY O 194 31.50 16.81 67.35
CA GLY O 194 31.36 15.57 68.13
C GLY O 194 30.21 15.59 69.14
N ARG O 195 29.45 16.69 69.22
CA ARG O 195 28.23 16.76 70.08
C ARG O 195 26.99 17.00 69.21
N PHE O 196 27.16 17.74 68.11
CA PHE O 196 26.07 18.05 67.15
C PHE O 196 26.24 17.14 65.91
N THR O 197 25.11 16.66 65.39
CA THR O 197 25.03 15.96 64.10
C THR O 197 23.97 16.63 63.23
N ILE O 198 24.39 17.11 62.07
CA ILE O 198 23.48 17.68 61.03
C ILE O 198 23.08 16.52 60.10
N SER O 199 21.79 16.42 59.79
CA SER O 199 21.23 15.38 58.89
C SER O 199 20.07 16.00 58.11
N ARG O 200 19.46 15.24 57.21
CA ARG O 200 18.57 15.80 56.16
C ARG O 200 17.71 14.66 55.63
N ASP O 201 16.40 14.89 55.53
CA ASP O 201 15.48 13.96 54.83
C ASP O 201 14.84 14.70 53.64
N ASN O 202 15.40 14.52 52.44
CA ASN O 202 14.96 15.23 51.21
C ASN O 202 13.52 14.82 50.84
N SER O 203 13.10 13.57 51.07
CA SER O 203 11.70 13.11 50.82
C SER O 203 10.72 14.04 51.57
N LYS O 204 11.04 14.40 52.82
CA LYS O 204 10.15 15.24 53.69
C LYS O 204 10.55 16.72 53.59
N SER O 205 11.61 17.05 52.85
CA SER O 205 12.17 18.42 52.72
C SER O 205 12.47 18.97 54.12
N THR O 206 13.09 18.18 54.99
CA THR O 206 13.38 18.57 56.39
C THR O 206 14.87 18.45 56.71
N LEU O 207 15.39 19.50 57.36
CA LEU O 207 16.79 19.55 57.86
C LEU O 207 16.73 19.26 59.37
N TYR O 208 17.69 18.49 59.87
CA TYR O 208 17.77 18.10 61.31
C TYR O 208 19.09 18.60 61.91
N LEU O 209 19.02 19.02 63.17
CA LEU O 209 20.21 19.20 64.04
C LEU O 209 19.99 18.42 65.34
N GLN O 210 20.71 17.29 65.49
CA GLN O 210 20.74 16.46 66.72
C GLN O 210 21.81 17.08 67.63
N MET O 211 21.36 17.69 68.73
CA MET O 211 22.27 18.38 69.70
C MET O 211 22.36 17.48 70.95
N ASN O 212 23.51 16.81 71.11
CA ASN O 212 23.81 15.95 72.29
C ASN O 212 24.87 16.67 73.15
N SER O 213 24.98 16.28 74.42
CA SER O 213 26.02 16.77 75.37
C SER O 213 25.89 18.29 75.51
N LEU O 214 24.64 18.78 75.64
CA LEU O 214 24.34 20.25 75.58
C LEU O 214 25.12 21.00 76.66
N ARG O 215 25.59 22.20 76.31
CA ARG O 215 26.28 23.13 77.24
C ARG O 215 25.41 24.39 77.38
N ALA O 216 25.75 25.26 78.34
CA ALA O 216 25.07 26.56 78.57
C ALA O 216 25.47 27.52 77.45
N GLU O 217 26.71 27.41 76.94
CA GLU O 217 27.24 28.19 75.79
C GLU O 217 26.39 27.94 74.53
N ASP O 218 25.53 26.91 74.53
CA ASP O 218 24.67 26.55 73.37
C ASP O 218 23.32 27.27 73.42
N THR O 219 23.09 28.06 74.47
CA THR O 219 21.84 28.87 74.53
C THR O 219 21.88 29.85 73.37
N ALA O 220 20.87 29.80 72.48
CA ALA O 220 20.83 30.67 71.29
C ALA O 220 19.52 30.49 70.54
N VAL O 221 19.19 31.44 69.68
CA VAL O 221 18.17 31.24 68.60
C VAL O 221 18.88 30.49 67.47
N TYR O 222 18.29 29.38 67.02
CA TYR O 222 18.86 28.54 65.92
C TYR O 222 18.11 28.87 64.64
N TYR O 223 18.83 29.45 63.68
CA TYR O 223 18.31 29.80 62.35
C TYR O 223 18.70 28.73 61.35
N CYS O 224 17.72 28.38 60.52
CA CYS O 224 17.81 27.53 59.30
C CYS O 224 18.18 28.47 58.15
N ALA O 225 19.29 28.19 57.46
CA ALA O 225 19.78 29.04 56.35
C ALA O 225 19.95 28.20 55.07
N LYS O 226 19.18 28.56 54.05
CA LYS O 226 19.22 27.99 52.69
C LYS O 226 20.38 28.62 51.90
N GLU O 227 21.12 27.83 51.14
CA GLU O 227 22.06 28.33 50.10
C GLU O 227 21.31 28.37 48.78
N PRO O 228 21.80 29.10 47.76
CA PRO O 228 21.11 29.16 46.47
C PRO O 228 21.00 27.78 45.79
N PHE O 229 19.96 27.63 44.99
CA PHE O 229 19.76 26.45 44.09
C PHE O 229 21.08 26.13 43.40
N ASP O 230 21.45 24.85 43.39
CA ASP O 230 22.66 24.32 42.72
C ASP O 230 22.28 22.96 42.13
N SER O 231 22.65 22.70 40.88
CA SER O 231 22.28 21.46 40.18
C SER O 231 22.84 20.22 40.92
N SER O 232 23.92 20.36 41.69
CA SER O 232 24.50 19.26 42.52
C SER O 232 24.21 19.45 44.02
N GLY O 233 23.39 20.44 44.40
CA GLY O 233 23.22 20.84 45.81
C GLY O 233 24.56 21.11 46.53
N ASP O 234 25.59 21.60 45.85
CA ASP O 234 26.90 21.96 46.46
C ASP O 234 26.77 23.16 47.41
N HIS O 235 27.78 23.30 48.26
CA HIS O 235 28.02 24.48 49.13
C HIS O 235 28.43 25.64 48.23
N ARG O 236 27.82 26.81 48.42
CA ARG O 236 28.10 28.03 47.60
C ARG O 236 28.65 29.17 48.46
N GLY O 237 28.52 29.10 49.79
CA GLY O 237 29.00 30.17 50.69
C GLY O 237 28.04 31.34 50.84
N VAL O 238 26.78 31.16 50.43
CA VAL O 238 25.74 32.24 50.44
C VAL O 238 24.54 31.72 51.22
N PHE O 239 24.09 32.48 52.21
CA PHE O 239 22.84 32.18 52.96
C PHE O 239 21.74 33.08 52.36
N ASP O 240 21.06 32.64 51.30
CA ASP O 240 20.21 33.61 50.54
C ASP O 240 18.78 33.65 51.10
N TYR O 241 18.43 32.75 52.03
CA TYR O 241 17.10 32.79 52.69
C TYR O 241 17.16 32.09 54.04
N TRP O 242 16.49 32.69 55.03
CA TRP O 242 16.53 32.27 56.45
C TRP O 242 15.10 32.09 56.99
N GLY O 243 14.96 31.18 57.96
CA GLY O 243 13.78 31.05 58.82
C GLY O 243 13.83 32.02 59.97
N GLN O 244 12.71 32.17 60.69
CA GLN O 244 12.52 33.14 61.81
C GLN O 244 13.36 32.72 63.03
N GLY O 245 13.70 31.44 63.16
CA GLY O 245 14.54 30.89 64.25
C GLY O 245 13.72 30.13 65.28
N THR O 246 14.43 29.27 66.04
CA THR O 246 13.85 28.50 67.17
C THR O 246 14.78 28.74 68.35
N LEU O 247 14.26 28.81 69.58
CA LEU O 247 15.10 29.11 70.75
C LEU O 247 15.47 27.86 71.52
N VAL O 248 16.76 27.60 71.70
CA VAL O 248 17.21 26.49 72.58
C VAL O 248 17.81 27.13 73.84
N THR O 249 17.23 26.89 75.01
CA THR O 249 17.83 27.41 76.27
C THR O 249 18.36 26.24 77.09
N VAL O 250 19.67 26.24 77.34
CA VAL O 250 20.28 25.18 78.18
C VAL O 250 20.72 25.82 79.49
N GLY P 1 28.16 -40.36 27.47
CA GLY P 1 26.97 -40.18 28.32
C GLY P 1 25.73 -40.24 27.45
N SER P 2 25.72 -41.18 26.50
CA SER P 2 24.89 -41.13 25.25
C SER P 2 24.17 -42.44 24.95
N TYR P 3 23.39 -42.43 23.88
CA TYR P 3 22.66 -43.62 23.37
C TYR P 3 23.68 -44.52 22.65
N VAL P 4 23.55 -45.84 22.85
CA VAL P 4 24.55 -46.83 22.33
C VAL P 4 23.83 -47.77 21.37
N LEU P 5 24.43 -47.98 20.20
CA LEU P 5 23.94 -48.93 19.18
C LEU P 5 25.00 -50.03 19.02
N THR P 6 24.61 -51.28 19.26
CA THR P 6 25.50 -52.47 19.22
C THR P 6 25.28 -53.24 17.92
N GLN P 7 26.34 -53.45 17.14
CA GLN P 7 26.30 -54.27 15.92
C GLN P 7 27.34 -55.38 16.02
N PRO P 8 27.02 -56.63 15.60
CA PRO P 8 28.02 -57.68 15.49
C PRO P 8 29.12 -57.24 14.52
N PRO P 9 30.42 -57.37 14.88
CA PRO P 9 31.48 -56.80 14.05
C PRO P 9 31.51 -57.37 12.62
N SER P 10 31.16 -58.64 12.46
CA SER P 10 31.22 -59.29 11.12
C SER P 10 30.12 -60.34 10.95
N VAL P 11 29.68 -60.54 9.70
CA VAL P 11 28.67 -61.55 9.30
C VAL P 11 29.14 -62.14 7.96
N SER P 12 29.03 -63.46 7.80
CA SER P 12 29.43 -64.20 6.58
C SER P 12 28.20 -64.90 6.00
N VAL P 13 28.11 -64.92 4.66
CA VAL P 13 26.89 -65.39 3.95
C VAL P 13 27.30 -66.00 2.61
N ALA P 14 26.68 -67.10 2.22
CA ALA P 14 26.88 -67.71 0.89
C ALA P 14 26.03 -66.94 -0.12
N PRO P 15 26.44 -66.86 -1.41
CA PRO P 15 25.57 -66.28 -2.45
C PRO P 15 24.21 -66.99 -2.49
N GLY P 16 23.13 -66.22 -2.66
CA GLY P 16 21.74 -66.72 -2.69
C GLY P 16 21.12 -66.82 -1.31
N LYS P 17 21.94 -66.90 -0.25
CA LYS P 17 21.44 -67.04 1.15
C LYS P 17 20.97 -65.68 1.66
N THR P 18 20.50 -65.64 2.91
CA THR P 18 20.02 -64.40 3.58
C THR P 18 21.08 -63.95 4.59
N ALA P 19 21.35 -62.64 4.62
CA ALA P 19 22.20 -61.98 5.63
C ALA P 19 21.31 -61.19 6.60
N ARG P 20 21.53 -61.38 7.90
CA ARG P 20 20.80 -60.64 8.96
C ARG P 20 21.81 -59.87 9.82
N ILE P 21 21.66 -58.55 9.87
CA ILE P 21 22.53 -57.65 10.68
C ILE P 21 21.66 -57.03 11.79
N THR P 22 22.01 -57.26 13.04
CA THR P 22 21.25 -56.73 14.19
C THR P 22 21.82 -55.38 14.62
N CYS P 23 20.96 -54.58 15.26
CA CYS P 23 21.30 -53.27 15.86
C CYS P 23 20.61 -53.21 17.22
N GLY P 24 21.38 -53.43 18.28
CA GLY P 24 20.91 -53.45 19.67
C GLY P 24 20.83 -52.05 20.25
N GLY P 25 19.74 -51.75 20.96
CA GLY P 25 19.62 -50.47 21.70
C GLY P 25 18.54 -50.57 22.75
N ASN P 26 18.74 -49.90 23.89
CA ASN P 26 17.73 -49.79 24.96
C ASN P 26 16.45 -49.20 24.32
N ASN P 27 15.42 -50.03 24.16
CA ASN P 27 14.09 -49.61 23.62
C ASN P 27 14.29 -48.93 22.25
N ILE P 28 15.07 -49.55 21.37
CA ILE P 28 15.36 -48.97 20.03
C ILE P 28 14.07 -49.02 19.19
N GLY P 29 13.13 -49.91 19.54
CA GLY P 29 11.83 -50.05 18.87
C GLY P 29 11.00 -48.77 18.96
N SER P 30 11.30 -47.90 19.93
CA SER P 30 10.59 -46.62 20.16
C SER P 30 11.27 -45.48 19.37
N ARG P 31 12.26 -45.79 18.54
CA ARG P 31 13.02 -44.79 17.74
C ARG P 31 13.05 -45.22 16.26
N SER P 32 13.27 -44.26 15.37
CA SER P 32 13.34 -44.54 13.91
C SER P 32 14.80 -44.83 13.53
N VAL P 33 15.06 -46.06 13.10
CA VAL P 33 16.44 -46.52 12.72
C VAL P 33 16.60 -46.41 11.21
N HIS P 34 17.71 -45.83 10.76
CA HIS P 34 18.13 -45.79 9.34
C HIS P 34 19.36 -46.69 9.14
N TRP P 35 19.57 -47.18 7.92
CA TRP P 35 20.66 -48.13 7.58
C TRP P 35 21.47 -47.59 6.40
N TYR P 36 22.79 -47.75 6.44
CA TYR P 36 23.71 -47.30 5.36
C TYR P 36 24.58 -48.49 4.95
N GLN P 37 24.74 -48.65 3.64
CA GLN P 37 25.76 -49.54 3.02
C GLN P 37 27.00 -48.70 2.70
N HIS P 38 28.19 -49.19 3.05
CA HIS P 38 29.46 -48.45 2.82
C HIS P 38 30.52 -49.40 2.25
N LYS P 39 30.82 -49.24 0.96
CA LYS P 39 31.90 -49.97 0.27
C LYS P 39 33.18 -49.15 0.35
N PRO P 40 34.36 -49.80 0.49
CA PRO P 40 35.62 -49.07 0.67
C PRO P 40 35.88 -48.05 -0.44
N GLY P 41 36.31 -46.85 -0.04
CA GLY P 41 36.63 -45.71 -0.93
C GLY P 41 35.42 -45.24 -1.74
N GLN P 42 34.21 -45.42 -1.22
CA GLN P 42 32.95 -44.97 -1.88
C GLN P 42 32.09 -44.18 -0.89
N ALA P 43 31.18 -43.37 -1.41
CA ALA P 43 30.15 -42.68 -0.61
C ALA P 43 29.22 -43.73 0.00
N PRO P 44 28.98 -43.69 1.33
CA PRO P 44 27.89 -44.47 1.91
C PRO P 44 26.56 -44.21 1.18
N VAL P 45 25.72 -45.23 1.09
CA VAL P 45 24.37 -45.16 0.48
C VAL P 45 23.34 -45.49 1.55
N MET P 46 22.29 -44.67 1.66
CA MET P 46 21.15 -44.99 2.54
C MET P 46 20.30 -46.07 1.85
N ILE P 47 20.04 -47.17 2.54
CA ILE P 47 19.34 -48.35 1.97
C ILE P 47 17.99 -48.55 2.67
N ILE P 48 17.87 -48.19 3.94
CA ILE P 48 16.60 -48.31 4.70
C ILE P 48 16.44 -47.04 5.54
N SER P 49 15.21 -46.50 5.60
CA SER P 49 14.87 -45.28 6.38
C SER P 49 13.64 -45.56 7.22
N TYR P 50 13.54 -44.94 8.39
CA TYR P 50 12.37 -45.07 9.29
C TYR P 50 11.97 -46.55 9.38
N ASP P 51 12.90 -47.41 9.86
CA ASP P 51 12.68 -48.82 10.23
C ASP P 51 12.60 -49.77 9.02
N MET P 52 11.78 -49.53 8.00
CA MET P 52 11.54 -50.55 6.96
C MET P 52 11.34 -49.91 5.58
N ASN P 53 11.70 -48.65 5.40
CA ASN P 53 11.34 -47.96 4.14
C ASN P 53 12.53 -47.98 3.18
N ARG P 54 12.29 -48.40 1.96
CA ARG P 54 13.38 -48.55 0.97
C ARG P 54 13.40 -47.35 0.05
N PRO P 55 14.48 -46.53 -0.01
CA PRO P 55 14.60 -45.51 -1.04
C PRO P 55 14.48 -46.14 -2.44
N SER P 56 13.99 -45.33 -3.38
CA SER P 56 13.95 -45.61 -4.83
C SER P 56 15.34 -46.09 -5.26
N GLY P 57 15.43 -47.24 -5.95
CA GLY P 57 16.71 -47.80 -6.45
C GLY P 57 17.25 -48.92 -5.57
N ILE P 58 16.72 -49.09 -4.36
CA ILE P 58 17.14 -50.21 -3.46
C ILE P 58 16.24 -51.41 -3.74
N PRO P 59 16.81 -52.60 -4.03
CA PRO P 59 16.00 -53.75 -4.40
C PRO P 59 15.16 -54.34 -3.26
N GLU P 60 14.00 -54.94 -3.58
CA GLU P 60 13.01 -55.52 -2.62
C GLU P 60 13.69 -56.54 -1.70
N ARG P 61 14.81 -57.16 -2.12
CA ARG P 61 15.60 -58.14 -1.30
C ARG P 61 16.01 -57.50 0.02
N VAL P 62 16.21 -56.18 0.02
CA VAL P 62 16.65 -55.43 1.23
C VAL P 62 15.39 -55.05 2.00
N SER P 63 15.33 -55.40 3.28
CA SER P 63 14.18 -55.05 4.13
C SER P 63 14.70 -54.69 5.52
N GLY P 64 13.89 -53.95 6.27
CA GLY P 64 14.23 -53.49 7.62
C GLY P 64 13.14 -53.83 8.60
N SER P 65 13.53 -54.05 9.86
CA SER P 65 12.59 -54.32 10.97
C SER P 65 13.08 -53.59 12.20
N ASN P 66 12.18 -53.23 13.11
CA ASN P 66 12.55 -52.60 14.40
C ASN P 66 11.48 -52.96 15.44
N TYR P 67 11.89 -53.60 16.53
CA TYR P 67 10.95 -53.98 17.61
C TYR P 67 11.72 -54.18 18.91
N GLY P 68 11.20 -53.67 20.03
CA GLY P 68 11.80 -53.88 21.37
C GLY P 68 13.22 -53.37 21.47
N ASN P 69 14.21 -54.24 21.58
CA ASN P 69 15.60 -53.79 21.83
C ASN P 69 16.47 -54.07 20.62
N THR P 70 15.89 -54.50 19.51
CA THR P 70 16.69 -54.92 18.33
C THR P 70 16.12 -54.36 17.01
N ALA P 71 16.96 -53.77 16.17
CA ALA P 71 16.59 -53.37 14.80
C ALA P 71 17.32 -54.32 13.86
N THR P 72 16.68 -54.80 12.78
CA THR P 72 17.30 -55.85 11.94
C THR P 72 17.27 -55.44 10.47
N LEU P 73 18.44 -55.44 9.84
CA LEU P 73 18.58 -55.33 8.37
C LEU P 73 18.66 -56.75 7.79
N THR P 74 17.75 -57.08 6.88
CA THR P 74 17.70 -58.40 6.20
C THR P 74 18.01 -58.21 4.73
N ILE P 75 19.03 -58.91 4.22
CA ILE P 75 19.32 -58.95 2.76
C ILE P 75 19.15 -60.39 2.29
N SER P 76 18.15 -60.62 1.45
CA SER P 76 17.81 -61.94 0.84
C SER P 76 18.49 -62.08 -0.52
N ARG P 77 18.66 -63.32 -0.98
CA ARG P 77 19.18 -63.62 -2.34
C ARG P 77 20.47 -62.82 -2.54
N VAL P 78 21.43 -63.02 -1.62
CA VAL P 78 22.66 -62.19 -1.49
C VAL P 78 23.51 -62.33 -2.75
N GLU P 79 23.98 -61.19 -3.28
CA GLU P 79 24.91 -61.09 -4.43
C GLU P 79 26.28 -60.60 -3.96
N ALA P 80 27.29 -60.75 -4.81
CA ALA P 80 28.69 -60.28 -4.55
C ALA P 80 28.66 -58.79 -4.18
N GLY P 81 27.90 -57.99 -4.95
CA GLY P 81 27.71 -56.54 -4.76
C GLY P 81 27.22 -56.16 -3.37
N ASP P 82 26.66 -57.09 -2.58
CA ASP P 82 26.18 -56.80 -1.21
C ASP P 82 27.34 -56.76 -0.20
N GLU P 83 28.55 -57.18 -0.61
CA GLU P 83 29.72 -57.21 0.30
C GLU P 83 30.10 -55.76 0.60
N ALA P 84 29.95 -55.34 1.86
CA ALA P 84 30.24 -53.97 2.33
C ALA P 84 30.16 -53.87 3.85
N ASP P 85 30.40 -52.68 4.39
CA ASP P 85 30.10 -52.36 5.81
C ASP P 85 28.65 -51.87 5.89
N TYR P 86 27.95 -52.22 6.97
CA TYR P 86 26.54 -51.81 7.21
C TYR P 86 26.42 -51.14 8.57
N TYR P 87 25.84 -49.94 8.59
CA TYR P 87 25.66 -49.14 9.83
C TYR P 87 24.18 -48.84 10.06
N CYS P 88 23.70 -49.06 11.28
CA CYS P 88 22.43 -48.49 11.78
C CYS P 88 22.70 -47.08 12.33
N GLN P 89 21.65 -46.28 12.52
CA GLN P 89 21.77 -44.87 12.97
C GLN P 89 20.41 -44.37 13.49
N VAL P 90 20.42 -43.62 14.59
CA VAL P 90 19.21 -42.97 15.16
C VAL P 90 19.51 -41.50 15.39
N TRP P 91 18.46 -40.73 15.70
CA TRP P 91 18.52 -39.27 15.89
C TRP P 91 17.61 -38.91 17.06
N ASP P 92 18.19 -38.28 18.09
CA ASP P 92 17.43 -37.73 19.24
C ASP P 92 17.61 -36.20 19.25
N SER P 93 16.63 -35.44 18.75
CA SER P 93 16.67 -33.96 18.67
C SER P 93 17.01 -33.37 20.04
N ARG P 94 16.41 -33.95 21.10
CA ARG P 94 16.54 -33.54 22.53
C ARG P 94 17.66 -34.33 23.22
N SER P 95 18.92 -34.19 22.76
CA SER P 95 20.12 -34.88 23.29
C SER P 95 21.40 -34.10 23.00
N ASP P 96 22.40 -34.22 23.88
CA ASP P 96 23.75 -33.60 23.75
C ASP P 96 24.42 -34.08 22.45
N HIS P 97 24.43 -35.40 22.19
CA HIS P 97 25.00 -36.01 20.94
C HIS P 97 23.81 -36.57 20.13
N PRO P 98 23.21 -35.75 19.24
CA PRO P 98 21.92 -36.08 18.62
C PRO P 98 21.92 -37.06 17.44
N TYR P 99 23.06 -37.27 16.77
CA TYR P 99 23.21 -38.29 15.70
C TYR P 99 24.15 -39.39 16.20
N VAL P 100 23.69 -40.64 16.23
CA VAL P 100 24.47 -41.79 16.75
C VAL P 100 24.51 -42.89 15.70
N PHE P 101 25.71 -43.34 15.32
CA PHE P 101 25.90 -44.51 14.43
C PHE P 101 26.17 -45.77 15.28
N GLY P 102 25.80 -46.91 14.73
CA GLY P 102 26.24 -48.21 15.23
C GLY P 102 27.72 -48.42 14.98
N THR P 103 28.29 -49.42 15.65
CA THR P 103 29.73 -49.76 15.57
C THR P 103 30.06 -50.34 14.19
N GLY P 104 29.08 -50.81 13.42
CA GLY P 104 29.27 -51.28 12.03
C GLY P 104 29.36 -52.78 11.93
N THR P 105 29.04 -53.33 10.75
CA THR P 105 29.10 -54.80 10.48
C THR P 105 29.74 -55.02 9.11
N ARG P 106 30.88 -55.71 9.08
CA ARG P 106 31.54 -56.14 7.82
C ARG P 106 30.81 -57.39 7.31
N VAL P 107 30.19 -57.30 6.13
CA VAL P 107 29.46 -58.44 5.51
C VAL P 107 30.29 -59.01 4.37
N THR P 108 30.76 -60.24 4.52
CA THR P 108 31.56 -60.96 3.50
C THR P 108 30.67 -62.01 2.83
N VAL P 109 30.64 -62.00 1.49
CA VAL P 109 29.94 -63.05 0.70
C VAL P 109 31.00 -64.04 0.20
N LEU P 110 30.77 -65.33 0.42
CA LEU P 110 31.77 -66.40 0.14
C LEU P 110 31.69 -66.77 -1.36
N GLU P 129 21.35 -34.57 -11.61
CA GLU P 129 20.97 -35.02 -10.24
C GLU P 129 21.81 -34.25 -9.21
N VAL P 130 21.82 -34.73 -7.96
CA VAL P 130 22.52 -34.08 -6.81
C VAL P 130 23.95 -34.61 -6.77
N GLN P 131 24.93 -33.73 -6.57
CA GLN P 131 26.35 -34.09 -6.30
C GLN P 131 26.86 -33.34 -5.07
N LEU P 132 27.61 -34.03 -4.21
CA LEU P 132 28.37 -33.44 -3.07
C LEU P 132 29.86 -33.71 -3.29
N VAL P 133 30.67 -32.67 -3.53
CA VAL P 133 32.12 -32.84 -3.83
C VAL P 133 32.95 -32.12 -2.75
N GLU P 134 33.65 -32.89 -1.92
CA GLU P 134 34.52 -32.38 -0.84
C GLU P 134 35.91 -32.05 -1.40
N SER P 135 36.57 -31.05 -0.80
CA SER P 135 37.98 -30.68 -1.08
C SER P 135 38.61 -30.14 0.20
N GLY P 136 39.92 -29.84 0.13
CA GLY P 136 40.68 -29.16 1.20
C GLY P 136 41.38 -30.15 2.12
N GLY P 137 41.24 -31.44 1.84
CA GLY P 137 41.94 -32.50 2.60
C GLY P 137 43.42 -32.53 2.23
N GLY P 138 44.28 -32.93 3.16
CA GLY P 138 45.73 -33.08 2.95
C GLY P 138 46.47 -33.50 4.21
N LEU P 139 47.76 -33.21 4.28
CA LEU P 139 48.57 -33.51 5.49
C LEU P 139 48.94 -32.19 6.18
N VAL P 140 48.91 -32.18 7.51
CA VAL P 140 49.29 -31.00 8.33
C VAL P 140 49.96 -31.45 9.63
N LYS P 141 50.78 -30.58 10.22
CA LYS P 141 51.45 -30.80 11.53
C LYS P 141 50.37 -30.82 12.62
N PRO P 142 50.43 -31.77 13.59
CA PRO P 142 49.61 -31.70 14.79
C PRO P 142 49.63 -30.30 15.42
N GLY P 143 48.47 -29.79 15.82
CA GLY P 143 48.31 -28.42 16.34
C GLY P 143 47.98 -27.41 15.24
N GLY P 144 48.17 -27.78 13.96
CA GLY P 144 47.88 -26.94 12.77
C GLY P 144 46.39 -26.80 12.47
N SER P 145 46.08 -26.27 11.28
CA SER P 145 44.70 -25.90 10.88
C SER P 145 44.45 -26.28 9.43
N LEU P 146 43.18 -26.56 9.12
CA LEU P 146 42.73 -27.01 7.78
C LEU P 146 41.24 -26.70 7.64
N ARG P 147 40.83 -26.16 6.48
CA ARG P 147 39.40 -25.88 6.14
C ARG P 147 38.95 -26.79 5.02
N LEU P 148 37.91 -27.61 5.28
CA LEU P 148 37.30 -28.48 4.25
C LEU P 148 36.13 -27.73 3.57
N SER P 149 35.90 -28.00 2.30
CA SER P 149 34.74 -27.47 1.54
C SER P 149 33.94 -28.63 0.96
N CYS P 150 32.62 -28.45 0.85
CA CYS P 150 31.72 -29.34 0.09
C CYS P 150 30.93 -28.49 -0.89
N ALA P 151 31.15 -28.66 -2.19
CA ALA P 151 30.39 -28.00 -3.27
C ALA P 151 29.19 -28.88 -3.60
N ALA P 152 27.98 -28.43 -3.25
CA ALA P 152 26.73 -29.15 -3.56
C ALA P 152 26.21 -28.65 -4.90
N SER P 153 25.66 -29.56 -5.68
CA SER P 153 25.22 -29.32 -7.07
C SER P 153 23.81 -29.92 -7.28
N GLY P 154 22.88 -29.14 -7.83
CA GLY P 154 21.54 -29.62 -8.22
C GLY P 154 20.53 -29.55 -7.10
N ILE P 155 20.79 -28.78 -6.04
CA ILE P 155 19.83 -28.57 -4.92
C ILE P 155 19.90 -27.09 -4.51
N THR P 156 18.79 -26.54 -4.00
CA THR P 156 18.76 -25.17 -3.42
C THR P 156 19.18 -25.30 -1.96
N PHE P 157 20.42 -24.92 -1.66
CA PHE P 157 21.19 -25.39 -0.48
C PHE P 157 20.51 -25.02 0.84
N GLN P 158 19.82 -23.89 0.95
CA GLN P 158 19.27 -23.45 2.27
C GLN P 158 18.12 -24.37 2.73
N TYR P 159 17.72 -25.36 1.94
CA TYR P 159 16.59 -26.26 2.29
C TYR P 159 17.10 -27.58 2.88
N TYR P 160 18.39 -27.66 3.20
CA TYR P 160 19.06 -28.92 3.59
C TYR P 160 19.94 -28.71 4.81
N ALA P 161 19.62 -29.41 5.91
CA ALA P 161 20.57 -29.65 7.02
C ALA P 161 21.77 -30.41 6.44
N MET P 162 22.98 -29.95 6.75
CA MET P 162 24.23 -30.57 6.23
C MET P 162 25.08 -31.03 7.41
N ASN P 163 25.90 -32.04 7.17
CA ASN P 163 26.64 -32.79 8.21
C ASN P 163 28.03 -33.16 7.70
N TRP P 164 28.99 -33.24 8.63
CA TRP P 164 30.32 -33.87 8.43
C TRP P 164 30.36 -35.16 9.23
N VAL P 165 30.69 -36.26 8.55
CA VAL P 165 30.88 -37.60 9.19
C VAL P 165 32.25 -38.14 8.76
N ARG P 166 33.02 -38.64 9.70
CA ARG P 166 34.40 -39.10 9.40
C ARG P 166 34.52 -40.59 9.69
N GLN P 167 35.51 -41.21 9.04
CA GLN P 167 35.99 -42.58 9.34
C GLN P 167 37.51 -42.53 9.54
N ALA P 168 37.97 -42.70 10.78
CA ALA P 168 39.39 -42.91 11.14
C ALA P 168 39.82 -44.31 10.68
N PRO P 169 41.13 -44.54 10.39
CA PRO P 169 41.63 -45.87 10.05
C PRO P 169 41.20 -46.95 11.06
N GLY P 170 40.58 -48.02 10.57
CA GLY P 170 40.13 -49.18 11.37
C GLY P 170 39.08 -48.85 12.42
N LYS P 171 38.38 -47.71 12.30
CA LYS P 171 37.24 -47.34 13.18
C LYS P 171 35.99 -47.20 12.30
N GLY P 172 34.81 -47.10 12.93
CA GLY P 172 33.53 -46.97 12.21
C GLY P 172 33.25 -45.54 11.79
N LEU P 173 32.13 -45.33 11.08
CA LEU P 173 31.62 -43.97 10.76
C LEU P 173 31.33 -43.23 12.06
N GLU P 174 31.84 -42.01 12.23
CA GLU P 174 31.60 -41.16 13.42
C GLU P 174 31.02 -39.82 12.97
N TRP P 175 29.83 -39.49 13.45
CA TRP P 175 29.21 -38.17 13.21
C TRP P 175 30.05 -37.08 13.88
N VAL P 176 30.40 -36.03 13.12
CA VAL P 176 31.31 -34.96 13.60
C VAL P 176 30.49 -33.71 13.93
N SER P 177 29.77 -33.17 12.95
CA SER P 177 29.11 -31.85 13.05
C SER P 177 27.88 -31.76 12.15
N SER P 178 26.90 -30.95 12.57
CA SER P 178 25.62 -30.70 11.85
C SER P 178 25.32 -29.20 11.84
N ILE P 179 24.75 -28.72 10.73
CA ILE P 179 24.28 -27.32 10.61
C ILE P 179 22.91 -27.28 9.89
N GLY P 180 22.00 -26.44 10.38
CA GLY P 180 20.68 -26.19 9.75
C GLY P 180 20.83 -25.50 8.41
N GLY P 181 19.82 -25.62 7.54
CA GLY P 181 19.80 -24.97 6.22
C GLY P 181 20.11 -23.48 6.31
N ARG P 182 19.60 -22.77 7.31
CA ARG P 182 19.80 -21.30 7.43
C ARG P 182 21.16 -20.98 8.06
N GLY P 183 21.78 -21.91 8.78
CA GLY P 183 23.05 -21.70 9.49
C GLY P 183 22.80 -21.38 10.93
N ASP P 184 21.55 -21.15 11.30
CA ASP P 184 21.18 -20.70 12.66
C ASP P 184 21.32 -21.82 13.68
N THR P 185 21.55 -23.06 13.25
CA THR P 185 21.60 -24.19 14.21
C THR P 185 22.88 -25.00 13.94
N THR P 186 23.71 -25.24 14.97
CA THR P 186 25.03 -25.95 14.83
C THR P 186 25.28 -26.88 16.01
N TYR P 187 25.58 -28.16 15.75
CA TYR P 187 25.85 -29.16 16.80
C TYR P 187 27.19 -29.83 16.50
N TYR P 188 27.90 -30.29 17.52
CA TYR P 188 29.24 -30.91 17.38
C TYR P 188 29.39 -32.09 18.33
N THR P 189 30.27 -33.03 17.97
CA THR P 189 30.65 -34.13 18.92
C THR P 189 31.60 -33.54 19.97
N ASP P 190 31.48 -33.97 21.22
CA ASP P 190 32.33 -33.45 22.33
C ASP P 190 33.78 -33.42 21.86
N SER P 191 34.23 -34.50 21.23
CA SER P 191 35.60 -34.72 20.67
C SER P 191 36.12 -33.43 20.02
N VAL P 192 35.33 -32.77 19.17
CA VAL P 192 35.84 -31.65 18.32
C VAL P 192 35.32 -30.30 18.84
N LYS P 193 34.45 -30.31 19.86
CA LYS P 193 33.85 -29.09 20.45
C LYS P 193 34.98 -28.10 20.80
N GLY P 194 34.96 -26.90 20.22
CA GLY P 194 35.92 -25.84 20.56
C GLY P 194 37.20 -25.89 19.74
N ARG P 195 37.35 -26.87 18.84
CA ARG P 195 38.46 -26.92 17.84
C ARG P 195 37.91 -26.82 16.41
N PHE P 196 36.72 -27.38 16.16
CA PHE P 196 36.06 -27.40 14.83
C PHE P 196 34.93 -26.37 14.79
N THR P 197 34.77 -25.69 13.66
CA THR P 197 33.63 -24.78 13.36
C THR P 197 32.99 -25.18 12.03
N ILE P 198 31.70 -25.50 12.07
CA ILE P 198 30.90 -25.79 10.85
C ILE P 198 30.24 -24.47 10.43
N SER P 199 30.30 -24.18 9.13
CA SER P 199 29.72 -22.95 8.51
C SER P 199 29.21 -23.31 7.12
N ARG P 200 28.60 -22.34 6.43
CA ARG P 200 27.77 -22.63 5.24
C ARG P 200 27.60 -21.34 4.45
N ASP P 201 27.82 -21.39 3.13
CA ASP P 201 27.52 -20.26 2.21
C ASP P 201 26.47 -20.71 1.20
N ASN P 202 25.18 -20.41 1.46
CA ASN P 202 24.04 -20.87 0.63
C ASN P 202 24.11 -20.25 -0.76
N SER P 203 24.59 -19.02 -0.92
CA SER P 203 24.75 -18.38 -2.26
C SER P 203 25.64 -19.26 -3.15
N LYS P 204 26.72 -19.85 -2.61
CA LYS P 204 27.67 -20.69 -3.37
C LYS P 204 27.31 -22.17 -3.24
N SER P 205 26.30 -22.52 -2.45
CA SER P 205 25.91 -23.94 -2.17
C SER P 205 27.10 -24.71 -1.59
N THR P 206 27.85 -24.11 -0.67
CA THR P 206 29.09 -24.72 -0.11
C THR P 206 29.03 -24.85 1.41
N LEU P 207 29.39 -26.03 1.91
CA LEU P 207 29.50 -26.34 3.36
C LEU P 207 30.99 -26.25 3.73
N TYR P 208 31.29 -25.70 4.89
CA TYR P 208 32.68 -25.54 5.39
C TYR P 208 32.84 -26.28 6.73
N LEU P 209 34.03 -26.87 6.92
CA LEU P 209 34.51 -27.34 8.24
C LEU P 209 35.91 -26.75 8.49
N GLN P 210 35.97 -25.76 9.39
CA GLN P 210 37.23 -25.13 9.87
C GLN P 210 37.75 -25.99 11.03
N MET P 211 38.85 -26.71 10.80
CA MET P 211 39.48 -27.60 11.81
C MET P 211 40.74 -26.92 12.34
N ASN P 212 40.67 -26.43 13.57
CA ASN P 212 41.83 -25.80 14.29
C ASN P 212 42.33 -26.75 15.39
N SER P 213 43.58 -26.55 15.85
CA SER P 213 44.16 -27.30 17.00
C SER P 213 44.17 -28.81 16.69
N LEU P 214 44.54 -29.17 15.46
CA LEU P 214 44.37 -30.56 14.93
C LEU P 214 45.15 -31.56 15.81
N ARG P 215 44.57 -32.74 15.98
CA ARG P 215 45.18 -33.88 16.71
C ARG P 215 45.43 -35.03 15.72
N ALA P 216 46.17 -36.05 16.14
CA ALA P 216 46.45 -37.26 15.35
C ALA P 216 45.18 -38.12 15.29
N GLU P 217 44.36 -38.08 16.33
CA GLU P 217 43.07 -38.83 16.38
C GLU P 217 42.08 -38.28 15.35
N ASP P 218 42.40 -37.13 14.73
CA ASP P 218 41.55 -36.49 13.70
C ASP P 218 41.89 -36.99 12.29
N THR P 219 42.91 -37.85 12.14
CA THR P 219 43.21 -38.50 10.84
C THR P 219 41.99 -39.34 10.46
N ALA P 220 41.37 -39.03 9.32
CA ALA P 220 40.13 -39.69 8.85
C ALA P 220 39.79 -39.23 7.43
N VAL P 221 38.93 -39.98 6.75
CA VAL P 221 38.21 -39.50 5.54
C VAL P 221 37.01 -38.70 6.06
N TYR P 222 36.83 -37.48 5.57
CA TYR P 222 35.73 -36.57 5.99
C TYR P 222 34.66 -36.60 4.89
N TYR P 223 33.48 -37.13 5.25
CA TYR P 223 32.32 -37.24 4.34
C TYR P 223 31.33 -36.10 4.63
N CYS P 224 30.85 -35.51 3.54
CA CYS P 224 29.76 -34.51 3.46
C CYS P 224 28.43 -35.28 3.37
N ALA P 225 27.51 -35.05 4.30
CA ALA P 225 26.22 -35.80 4.34
C ALA P 225 25.04 -34.82 4.34
N LYS P 226 24.24 -34.93 3.28
CA LYS P 226 22.97 -34.19 3.05
C LYS P 226 21.84 -34.84 3.84
N GLU P 227 20.99 -34.03 4.47
CA GLU P 227 19.69 -34.49 5.03
C GLU P 227 18.61 -34.24 3.98
N PRO P 228 17.42 -34.86 4.08
CA PRO P 228 16.39 -34.67 3.07
C PRO P 228 15.92 -33.21 2.97
N PHE P 229 15.46 -32.80 1.79
CA PHE P 229 14.79 -31.50 1.56
C PHE P 229 13.77 -31.25 2.67
N ASP P 230 13.80 -30.05 3.25
CA ASP P 230 12.86 -29.57 4.29
C ASP P 230 12.56 -28.09 4.00
N SER P 231 11.31 -27.69 4.07
CA SER P 231 10.86 -26.32 3.74
C SER P 231 11.57 -25.29 4.66
N SER P 232 11.99 -25.67 5.86
CA SER P 232 12.74 -24.81 6.81
C SER P 232 14.21 -25.21 6.91
N GLY P 233 14.68 -26.15 6.06
CA GLY P 233 16.04 -26.73 6.18
C GLY P 233 16.34 -27.27 7.58
N ASP P 234 15.34 -27.79 8.30
CA ASP P 234 15.52 -28.35 9.67
C ASP P 234 16.36 -29.64 9.64
N HIS P 235 16.88 -30.01 10.81
CA HIS P 235 17.52 -31.31 11.09
C HIS P 235 16.42 -32.38 11.07
N ARG P 236 16.65 -33.48 10.35
CA ARG P 236 15.66 -34.59 10.20
C ARG P 236 16.20 -35.91 10.78
N GLY P 237 17.51 -36.04 11.00
CA GLY P 237 18.13 -37.28 11.52
C GLY P 237 18.41 -38.30 10.45
N VAL P 238 18.41 -37.91 9.17
CA VAL P 238 18.60 -38.85 8.03
C VAL P 238 19.74 -38.29 7.16
N PHE P 239 20.73 -39.13 6.85
CA PHE P 239 21.81 -38.78 5.89
C PHE P 239 21.45 -39.44 4.56
N ASP P 240 20.66 -38.79 3.71
CA ASP P 240 20.09 -39.52 2.56
C ASP P 240 21.01 -39.44 1.33
N TYR P 241 22.07 -38.64 1.38
CA TYR P 241 23.06 -38.59 0.27
C TYR P 241 24.43 -38.13 0.77
N TRP P 242 25.49 -38.77 0.28
CA TRP P 242 26.88 -38.56 0.74
C TRP P 242 27.81 -38.26 -0.44
N GLY P 243 28.88 -37.49 -0.15
CA GLY P 243 30.04 -37.36 -1.04
C GLY P 243 31.04 -38.49 -0.84
N GLN P 244 32.08 -38.52 -1.68
CA GLN P 244 33.09 -39.62 -1.68
C GLN P 244 34.11 -39.47 -0.56
N GLY P 245 34.34 -38.27 -0.05
CA GLY P 245 35.22 -38.07 1.13
C GLY P 245 36.48 -37.27 0.84
N THR P 246 37.12 -36.75 1.88
CA THR P 246 38.45 -36.08 1.75
C THR P 246 39.33 -36.54 2.92
N LEU P 247 40.55 -36.99 2.64
CA LEU P 247 41.44 -37.52 3.70
C LEU P 247 42.18 -36.36 4.36
N VAL P 248 42.04 -36.24 5.68
CA VAL P 248 42.78 -35.20 6.46
C VAL P 248 43.82 -35.93 7.32
N THR P 249 45.11 -35.63 7.14
CA THR P 249 46.18 -36.38 7.85
C THR P 249 47.01 -35.41 8.71
N GLY Q 1 23.87 -9.46 -33.46
CA GLY Q 1 24.05 -10.73 -34.20
C GLY Q 1 22.89 -11.67 -33.95
N SER Q 2 22.30 -12.20 -35.02
CA SER Q 2 21.20 -13.21 -34.97
C SER Q 2 21.71 -14.53 -34.36
N TYR Q 3 20.79 -15.26 -33.73
CA TYR Q 3 21.04 -16.55 -33.03
C TYR Q 3 21.62 -17.57 -34.02
N VAL Q 4 22.52 -18.44 -33.56
CA VAL Q 4 23.26 -19.39 -34.44
C VAL Q 4 22.88 -20.83 -34.06
N LEU Q 5 22.53 -21.63 -35.06
CA LEU Q 5 22.22 -23.07 -34.87
C LEU Q 5 23.24 -23.86 -35.69
N THR Q 6 24.00 -24.72 -35.01
CA THR Q 6 25.13 -25.51 -35.58
C THR Q 6 24.68 -26.95 -35.80
N GLN Q 7 24.76 -27.43 -37.05
CA GLN Q 7 24.44 -28.83 -37.38
C GLN Q 7 25.67 -29.46 -38.03
N PRO Q 8 26.03 -30.72 -37.67
CA PRO Q 8 27.05 -31.45 -38.41
C PRO Q 8 26.63 -31.54 -39.87
N PRO Q 9 27.53 -31.27 -40.84
CA PRO Q 9 27.14 -31.21 -42.25
C PRO Q 9 26.53 -32.54 -42.75
N SER Q 10 27.00 -33.67 -42.24
CA SER Q 10 26.57 -34.99 -42.75
C SER Q 10 26.58 -36.06 -41.66
N VAL Q 11 25.71 -37.05 -41.80
CA VAL Q 11 25.62 -38.24 -40.92
C VAL Q 11 25.35 -39.45 -41.82
N SER Q 12 26.07 -40.56 -41.58
CA SER Q 12 25.94 -41.83 -42.34
C SER Q 12 25.52 -42.93 -41.37
N VAL Q 13 24.62 -43.80 -41.82
CA VAL Q 13 23.93 -44.79 -40.95
C VAL Q 13 23.61 -46.05 -41.76
N ALA Q 14 23.79 -47.24 -41.18
CA ALA Q 14 23.41 -48.52 -41.80
C ALA Q 14 21.91 -48.71 -41.63
N PRO Q 15 21.20 -49.39 -42.58
CA PRO Q 15 19.79 -49.69 -42.42
C PRO Q 15 19.54 -50.45 -41.10
N GLY Q 16 18.46 -50.10 -40.39
CA GLY Q 16 18.08 -50.73 -39.10
C GLY Q 16 18.76 -50.06 -37.91
N LYS Q 17 19.88 -49.35 -38.11
CA LYS Q 17 20.61 -48.65 -37.02
C LYS Q 17 19.89 -47.33 -36.71
N THR Q 18 20.45 -46.58 -35.75
CA THR Q 18 19.88 -45.28 -35.29
C THR Q 18 20.72 -44.14 -35.86
N ALA Q 19 20.06 -43.09 -36.34
CA ALA Q 19 20.69 -41.81 -36.75
C ALA Q 19 20.41 -40.73 -35.69
N ARG Q 20 21.43 -40.01 -35.27
CA ARG Q 20 21.33 -38.90 -34.29
C ARG Q 20 21.87 -37.62 -34.94
N ILE Q 21 21.05 -36.59 -35.05
CA ILE Q 21 21.40 -35.28 -35.67
C ILE Q 21 21.34 -34.23 -34.58
N THR Q 22 22.47 -33.58 -34.30
CA THR Q 22 22.55 -32.57 -33.21
C THR Q 22 22.26 -31.19 -33.79
N CYS Q 23 21.83 -30.29 -32.91
CA CYS Q 23 21.56 -28.87 -33.19
C CYS Q 23 22.10 -28.10 -32.00
N GLY Q 24 23.26 -27.48 -32.18
CA GLY Q 24 23.97 -26.69 -31.15
C GLY Q 24 23.46 -25.27 -31.11
N GLY Q 25 23.26 -24.75 -29.90
CA GLY Q 25 22.89 -23.35 -29.71
C GLY Q 25 23.16 -22.92 -28.27
N ASN Q 26 23.57 -21.66 -28.09
CA ASN Q 26 23.74 -21.05 -26.75
C ASN Q 26 22.39 -21.18 -26.02
N ASN Q 27 22.34 -22.06 -25.02
CA ASN Q 27 21.14 -22.27 -24.17
C ASN Q 27 19.92 -22.55 -25.07
N ILE Q 28 20.07 -23.48 -26.01
CA ILE Q 28 18.96 -23.84 -26.95
C ILE Q 28 17.87 -24.58 -26.16
N GLY Q 29 18.23 -25.17 -25.02
CA GLY Q 29 17.28 -25.86 -24.11
C GLY Q 29 16.21 -24.90 -23.59
N SER Q 30 16.41 -23.59 -23.69
CA SER Q 30 15.44 -22.56 -23.21
C SER Q 30 14.54 -22.10 -24.35
N ARG Q 31 14.65 -22.73 -25.52
CA ARG Q 31 13.87 -22.37 -26.73
C ARG Q 31 13.19 -23.60 -27.34
N SER Q 32 12.11 -23.39 -28.07
CA SER Q 32 11.33 -24.47 -28.73
C SER Q 32 11.97 -24.76 -30.08
N VAL Q 33 12.52 -25.97 -30.26
CA VAL Q 33 13.19 -26.39 -31.53
C VAL Q 33 12.23 -27.23 -32.36
N HIS Q 34 12.06 -26.88 -33.63
CA HIS Q 34 11.28 -27.68 -34.62
C HIS Q 34 12.25 -28.28 -35.64
N TRP Q 35 11.85 -29.39 -36.27
CA TRP Q 35 12.71 -30.16 -37.20
C TRP Q 35 11.99 -30.37 -38.51
N TYR Q 36 12.71 -30.26 -39.63
CA TYR Q 36 12.15 -30.45 -40.98
C TYR Q 36 12.99 -31.48 -41.72
N GLN Q 37 12.31 -32.39 -42.41
CA GLN Q 37 12.90 -33.32 -43.41
C GLN Q 37 12.73 -32.69 -44.79
N HIS Q 38 13.80 -32.63 -45.58
CA HIS Q 38 13.77 -32.01 -46.94
C HIS Q 38 14.46 -32.93 -47.94
N LYS Q 39 13.67 -33.57 -48.78
CA LYS Q 39 14.14 -34.41 -49.90
C LYS Q 39 14.23 -33.52 -51.14
N PRO Q 40 15.27 -33.72 -52.00
CA PRO Q 40 15.49 -32.83 -53.14
C PRO Q 40 14.25 -32.70 -54.06
N GLY Q 41 13.94 -31.46 -54.45
CA GLY Q 41 12.81 -31.09 -55.33
C GLY Q 41 11.46 -31.46 -54.74
N GLN Q 42 11.35 -31.49 -53.41
CA GLN Q 42 10.08 -31.76 -52.68
C GLN Q 42 9.85 -30.66 -51.64
N ALA Q 43 8.59 -30.48 -51.23
CA ALA Q 43 8.22 -29.61 -50.08
C ALA Q 43 8.85 -30.17 -48.82
N PRO Q 44 9.57 -29.36 -48.02
CA PRO Q 44 9.98 -29.76 -46.68
C PRO Q 44 8.76 -30.23 -45.87
N VAL Q 45 8.99 -31.20 -44.99
CA VAL Q 45 7.95 -31.76 -44.09
C VAL Q 45 8.39 -31.49 -42.65
N MET Q 46 7.48 -30.96 -41.83
CA MET Q 46 7.73 -30.82 -40.39
C MET Q 46 7.57 -32.21 -39.75
N ILE Q 47 8.61 -32.67 -39.06
CA ILE Q 47 8.65 -34.03 -38.48
C ILE Q 47 8.63 -33.95 -36.95
N ILE Q 48 9.08 -32.85 -36.34
CA ILE Q 48 9.04 -32.68 -34.85
C ILE Q 48 8.69 -31.22 -34.54
N SER Q 49 7.72 -30.98 -33.65
CA SER Q 49 7.40 -29.60 -33.18
C SER Q 49 7.70 -29.50 -31.69
N TYR Q 50 8.25 -28.38 -31.25
CA TYR Q 50 8.48 -28.10 -29.80
C TYR Q 50 9.25 -29.27 -29.15
N ASP Q 51 10.50 -29.47 -29.57
CA ASP Q 51 11.50 -30.40 -28.94
C ASP Q 51 11.16 -31.88 -29.18
N MET Q 52 9.92 -32.33 -28.98
CA MET Q 52 9.64 -33.79 -28.96
C MET Q 52 8.28 -34.15 -29.54
N ASN Q 53 7.55 -33.22 -30.15
CA ASN Q 53 6.16 -33.54 -30.55
C ASN Q 53 6.11 -33.97 -32.02
N ARG Q 54 5.54 -35.15 -32.25
CA ARG Q 54 5.38 -35.70 -33.61
C ARG Q 54 4.04 -35.25 -34.17
N PRO Q 55 4.01 -34.60 -35.36
CA PRO Q 55 2.76 -34.46 -36.09
C PRO Q 55 2.19 -35.84 -36.48
N SER Q 56 0.87 -35.86 -36.62
CA SER Q 56 0.07 -36.96 -37.22
C SER Q 56 0.73 -37.37 -38.54
N GLY Q 57 1.01 -38.66 -38.73
CA GLY Q 57 1.63 -39.19 -39.96
C GLY Q 57 3.13 -39.42 -39.82
N ILE Q 58 3.78 -38.93 -38.78
CA ILE Q 58 5.25 -39.14 -38.56
C ILE Q 58 5.41 -40.38 -37.68
N PRO Q 59 6.19 -41.39 -38.12
CA PRO Q 59 6.31 -42.64 -37.36
C PRO Q 59 7.04 -42.52 -36.00
N GLU Q 60 6.67 -43.38 -35.05
CA GLU Q 60 7.19 -43.40 -33.64
C GLU Q 60 8.74 -43.49 -33.62
N ARG Q 61 9.37 -44.04 -34.69
CA ARG Q 61 10.85 -44.16 -34.81
C ARG Q 61 11.50 -42.77 -34.73
N VAL Q 62 10.78 -41.73 -35.15
CA VAL Q 62 11.29 -40.33 -35.13
C VAL Q 62 10.98 -39.76 -33.76
N SER Q 63 11.98 -39.25 -33.05
CA SER Q 63 11.79 -38.62 -31.73
C SER Q 63 12.71 -37.40 -31.62
N GLY Q 64 12.38 -36.51 -30.69
CA GLY Q 64 13.14 -35.26 -30.49
C GLY Q 64 13.52 -35.06 -29.05
N SER Q 65 14.67 -34.42 -28.82
CA SER Q 65 15.18 -34.09 -27.47
C SER Q 65 15.79 -32.69 -27.49
N ASN Q 66 15.86 -32.02 -26.34
CA ASN Q 66 16.39 -30.63 -26.22
C ASN Q 66 16.79 -30.41 -24.76
N TYR Q 67 18.05 -30.09 -24.51
CA TYR Q 67 18.58 -29.88 -23.14
C TYR Q 67 19.94 -29.14 -23.20
N GLY Q 68 20.11 -28.15 -22.32
CA GLY Q 68 21.32 -27.32 -22.21
C GLY Q 68 21.63 -26.60 -23.53
N ASN Q 69 22.66 -27.07 -24.25
CA ASN Q 69 23.16 -26.41 -25.48
C ASN Q 69 22.92 -27.26 -26.71
N THR Q 70 22.20 -28.38 -26.57
CA THR Q 70 22.06 -29.33 -27.69
C THR Q 70 20.61 -29.85 -27.77
N ALA Q 71 19.99 -29.67 -28.94
CA ALA Q 71 18.75 -30.37 -29.33
C ALA Q 71 19.16 -31.52 -30.24
N THR Q 72 18.44 -32.64 -30.19
CA THR Q 72 18.80 -33.87 -30.92
C THR Q 72 17.56 -34.48 -31.61
N LEU Q 73 17.65 -34.70 -32.91
CA LEU Q 73 16.71 -35.52 -33.69
C LEU Q 73 17.22 -36.96 -33.74
N THR Q 74 16.44 -37.92 -33.26
CA THR Q 74 16.81 -39.36 -33.29
C THR Q 74 15.88 -40.10 -34.24
N ILE Q 75 16.44 -40.81 -35.21
CA ILE Q 75 15.66 -41.70 -36.11
C ILE Q 75 16.17 -43.13 -35.91
N SER Q 76 15.31 -44.00 -35.37
CA SER Q 76 15.58 -45.42 -35.10
C SER Q 76 15.09 -46.29 -36.26
N ARG Q 77 15.62 -47.51 -36.36
CA ARG Q 77 15.22 -48.51 -37.39
C ARG Q 77 15.20 -47.82 -38.75
N VAL Q 78 16.36 -47.27 -39.12
CA VAL Q 78 16.51 -46.36 -40.30
C VAL Q 78 16.19 -47.11 -41.59
N GLU Q 79 15.38 -46.49 -42.45
CA GLU Q 79 15.03 -47.00 -43.80
C GLU Q 79 15.67 -46.10 -44.87
N ALA Q 80 15.73 -46.58 -46.11
CA ALA Q 80 16.21 -45.85 -47.29
C ALA Q 80 15.48 -44.50 -47.39
N GLY Q 81 14.15 -44.52 -47.23
CA GLY Q 81 13.26 -43.34 -47.26
C GLY Q 81 13.65 -42.25 -46.28
N ASP Q 82 14.50 -42.51 -45.27
CA ASP Q 82 14.97 -41.48 -44.30
C ASP Q 82 16.05 -40.59 -44.94
N GLU Q 83 16.57 -40.97 -46.10
CA GLU Q 83 17.70 -40.24 -46.73
C GLU Q 83 17.16 -38.88 -47.18
N ALA Q 84 17.67 -37.81 -46.59
CA ALA Q 84 17.24 -36.43 -46.88
C ALA Q 84 18.13 -35.44 -46.12
N ASP Q 85 17.83 -34.14 -46.28
CA ASP Q 85 18.41 -33.06 -45.45
C ASP Q 85 17.51 -32.88 -44.23
N TYR Q 86 18.11 -32.60 -43.08
CA TYR Q 86 17.36 -32.34 -41.82
C TYR Q 86 17.79 -30.99 -41.25
N TYR Q 87 16.82 -30.14 -40.97
CA TYR Q 87 17.05 -28.79 -40.40
C TYR Q 87 16.34 -28.63 -39.06
N CYS Q 88 17.05 -28.12 -38.06
CA CYS Q 88 16.45 -27.56 -36.83
C CYS Q 88 16.08 -26.09 -37.10
N GLN Q 89 15.25 -25.52 -36.23
CA GLN Q 89 14.73 -24.13 -36.41
C GLN Q 89 14.15 -23.63 -35.07
N VAL Q 90 14.39 -22.37 -34.75
CA VAL Q 90 13.83 -21.71 -33.54
C VAL Q 90 13.21 -20.38 -33.98
N TRP Q 91 12.49 -19.74 -33.06
CA TRP Q 91 11.77 -18.47 -33.33
C TRP Q 91 11.90 -17.53 -32.15
N ASP Q 92 12.52 -16.38 -32.33
CA ASP Q 92 12.58 -15.35 -31.26
C ASP Q 92 11.78 -14.13 -31.71
N SER Q 93 10.53 -14.03 -31.28
CA SER Q 93 9.63 -12.89 -31.63
C SER Q 93 10.34 -11.56 -31.40
N ARG Q 94 11.16 -11.49 -30.35
CA ARG Q 94 11.85 -10.23 -29.98
C ARG Q 94 13.26 -10.23 -30.56
N SER Q 95 13.40 -10.35 -31.88
CA SER Q 95 14.72 -10.38 -32.55
C SER Q 95 14.62 -9.73 -33.94
N ASP Q 96 15.70 -9.09 -34.40
CA ASP Q 96 15.78 -8.50 -35.77
C ASP Q 96 15.66 -9.64 -36.78
N HIS Q 97 16.18 -10.81 -36.43
CA HIS Q 97 16.05 -12.04 -37.25
C HIS Q 97 15.22 -13.06 -36.47
N PRO Q 98 13.87 -13.07 -36.56
CA PRO Q 98 13.05 -13.90 -35.66
C PRO Q 98 12.88 -15.39 -36.00
N TYR Q 99 13.08 -15.78 -37.26
CA TYR Q 99 13.06 -17.21 -37.67
C TYR Q 99 14.47 -17.60 -38.09
N VAL Q 100 15.06 -18.61 -37.47
CA VAL Q 100 16.47 -19.04 -37.71
C VAL Q 100 16.48 -20.52 -38.03
N PHE Q 101 17.06 -20.90 -39.17
CA PHE Q 101 17.30 -22.32 -39.51
C PHE Q 101 18.72 -22.73 -39.13
N GLY Q 102 18.90 -24.02 -38.82
CA GLY Q 102 20.22 -24.67 -38.74
C GLY Q 102 20.86 -24.73 -40.12
N THR Q 103 22.16 -25.01 -40.16
CA THR Q 103 22.95 -25.11 -41.41
C THR Q 103 22.54 -26.36 -42.20
N GLY Q 104 21.90 -27.35 -41.56
CA GLY Q 104 21.37 -28.55 -42.23
C GLY Q 104 22.29 -29.76 -42.07
N THR Q 105 21.73 -30.96 -42.16
CA THR Q 105 22.49 -32.23 -42.05
C THR Q 105 22.03 -33.18 -43.16
N ARG Q 106 22.94 -33.56 -44.04
CA ARG Q 106 22.69 -34.56 -45.10
C ARG Q 106 22.80 -35.95 -44.47
N VAL Q 107 21.71 -36.71 -44.48
CA VAL Q 107 21.66 -38.09 -43.92
C VAL Q 107 21.67 -39.10 -45.05
N THR Q 108 22.73 -39.90 -45.11
CA THR Q 108 22.94 -40.99 -46.09
C THR Q 108 22.72 -42.34 -45.39
N VAL Q 109 21.92 -43.20 -45.99
CA VAL Q 109 21.75 -44.61 -45.52
C VAL Q 109 22.58 -45.53 -46.44
N LEU Q 110 23.48 -46.34 -45.87
CA LEU Q 110 24.43 -47.21 -46.62
C LEU Q 110 23.70 -48.47 -47.09
N GLU Q 129 -7.95 -31.46 -48.21
CA GLU Q 129 -6.78 -31.11 -47.37
C GLU Q 129 -6.29 -29.70 -47.78
N VAL Q 130 -5.18 -29.28 -47.17
CA VAL Q 130 -4.53 -27.97 -47.45
C VAL Q 130 -3.55 -28.15 -48.63
N GLN Q 131 -3.56 -27.22 -49.59
CA GLN Q 131 -2.54 -27.12 -50.67
C GLN Q 131 -1.97 -25.69 -50.74
N LEU Q 132 -0.66 -25.60 -50.94
CA LEU Q 132 0.07 -24.33 -51.21
C LEU Q 132 0.72 -24.46 -52.58
N VAL Q 133 0.28 -23.67 -53.57
CA VAL Q 133 0.82 -23.72 -54.96
C VAL Q 133 1.46 -22.38 -55.32
N GLU Q 134 2.79 -22.37 -55.47
CA GLU Q 134 3.56 -21.16 -55.86
C GLU Q 134 3.57 -21.01 -57.40
N SER Q 135 3.63 -19.77 -57.89
CA SER Q 135 3.87 -19.42 -59.32
C SER Q 135 4.67 -18.12 -59.40
N GLY Q 136 5.02 -17.70 -60.63
CA GLY Q 136 5.67 -16.41 -60.92
C GLY Q 136 7.18 -16.51 -60.95
N GLY Q 137 7.73 -17.71 -60.75
CA GLY Q 137 9.18 -17.96 -60.86
C GLY Q 137 9.59 -17.96 -62.32
N GLY Q 138 10.83 -17.55 -62.61
CA GLY Q 138 11.42 -17.60 -63.96
C GLY Q 138 12.82 -17.04 -64.01
N LEU Q 139 13.22 -16.54 -65.18
CA LEU Q 139 14.54 -15.90 -65.40
C LEU Q 139 14.35 -14.40 -65.57
N VAL Q 140 15.29 -13.60 -65.04
CA VAL Q 140 15.23 -12.11 -65.08
C VAL Q 140 16.68 -11.56 -65.09
N LYS Q 141 16.86 -10.36 -65.66
CA LYS Q 141 18.15 -9.62 -65.64
C LYS Q 141 18.41 -9.18 -64.20
N PRO Q 142 19.65 -9.30 -63.68
CA PRO Q 142 20.03 -8.64 -62.43
C PRO Q 142 19.60 -7.17 -62.42
N GLY Q 143 19.02 -6.71 -61.31
CA GLY Q 143 18.47 -5.36 -61.16
C GLY Q 143 16.99 -5.30 -61.54
N GLY Q 144 16.48 -6.32 -62.23
CA GLY Q 144 15.06 -6.43 -62.65
C GLY Q 144 14.10 -6.77 -61.51
N SER Q 145 12.86 -7.13 -61.86
CA SER Q 145 11.75 -7.31 -60.89
C SER Q 145 10.93 -8.54 -61.25
N LEU Q 146 10.30 -9.13 -60.22
CA LEU Q 146 9.49 -10.38 -60.34
C LEU Q 146 8.56 -10.46 -59.13
N ARG Q 147 7.28 -10.85 -59.36
CA ARG Q 147 6.28 -11.02 -58.26
C ARG Q 147 5.88 -12.49 -58.18
N LEU Q 148 6.12 -13.13 -57.02
CA LEU Q 148 5.72 -14.54 -56.78
C LEU Q 148 4.33 -14.57 -56.14
N SER Q 149 3.54 -15.61 -56.45
CA SER Q 149 2.21 -15.86 -55.85
C SER Q 149 2.19 -17.23 -55.19
N CYS Q 150 1.45 -17.36 -54.09
CA CYS Q 150 1.10 -18.67 -53.47
C CYS Q 150 -0.42 -18.75 -53.32
N ALA Q 151 -1.07 -19.64 -54.07
CA ALA Q 151 -2.52 -19.89 -54.01
C ALA Q 151 -2.75 -20.98 -52.95
N ALA Q 152 -3.35 -20.60 -51.82
CA ALA Q 152 -3.62 -21.55 -50.71
C ALA Q 152 -5.04 -22.07 -50.90
N SER Q 153 -5.24 -23.34 -50.59
CA SER Q 153 -6.48 -24.08 -50.83
C SER Q 153 -6.84 -24.88 -49.57
N GLY Q 154 -8.09 -24.79 -49.11
CA GLY Q 154 -8.63 -25.60 -48.00
C GLY Q 154 -8.38 -24.99 -46.63
N ILE Q 155 -8.07 -23.69 -46.55
CA ILE Q 155 -7.88 -22.99 -45.25
C ILE Q 155 -8.46 -21.59 -45.36
N THR Q 156 -8.96 -21.03 -44.27
CA THR Q 156 -9.46 -19.64 -44.23
C THR Q 156 -8.26 -18.75 -43.96
N PHE Q 157 -7.77 -18.08 -44.99
CA PHE Q 157 -6.38 -17.59 -45.11
C PHE Q 157 -6.03 -16.58 -44.01
N GLN Q 158 -6.97 -15.75 -43.55
CA GLN Q 158 -6.62 -14.67 -42.58
C GLN Q 158 -6.25 -15.26 -41.21
N TYR Q 159 -6.32 -16.58 -41.00
CA TYR Q 159 -6.03 -17.22 -39.69
C TYR Q 159 -4.61 -17.79 -39.67
N TYR Q 160 -3.79 -17.45 -40.66
CA TYR Q 160 -2.46 -18.09 -40.86
C TYR Q 160 -1.41 -17.04 -41.14
N ALA Q 161 -0.41 -16.93 -40.27
CA ALA Q 161 0.89 -16.30 -40.60
C ALA Q 161 1.50 -17.07 -41.77
N MET Q 162 1.97 -16.35 -42.78
CA MET Q 162 2.55 -16.96 -44.00
C MET Q 162 3.99 -16.46 -44.16
N ASN Q 163 4.81 -17.27 -44.82
CA ASN Q 163 6.28 -17.07 -44.91
C ASN Q 163 6.77 -17.44 -46.30
N TRP Q 164 7.85 -16.78 -46.73
CA TRP Q 164 8.69 -17.19 -47.88
C TRP Q 164 10.03 -17.69 -47.32
N VAL Q 165 10.42 -18.91 -47.72
CA VAL Q 165 11.72 -19.52 -47.36
C VAL Q 165 12.37 -19.99 -48.65
N ARG Q 166 13.66 -19.71 -48.84
CA ARG Q 166 14.37 -20.04 -50.10
C ARG Q 166 15.53 -20.99 -49.82
N GLN Q 167 15.93 -21.71 -50.86
CA GLN Q 167 17.18 -22.50 -50.90
C GLN Q 167 17.96 -22.11 -52.16
N ALA Q 168 19.05 -21.36 -51.98
CA ALA Q 168 20.06 -21.06 -53.03
C ALA Q 168 20.85 -22.34 -53.36
N PRO Q 169 21.40 -22.48 -54.58
CA PRO Q 169 22.21 -23.65 -54.94
C PRO Q 169 23.31 -23.95 -53.91
N GLY Q 170 23.36 -25.18 -53.41
CA GLY Q 170 24.39 -25.68 -52.47
C GLY Q 170 24.42 -24.93 -51.13
N LYS Q 171 23.35 -24.21 -50.78
CA LYS Q 171 23.20 -23.54 -49.45
C LYS Q 171 21.99 -24.17 -48.74
N GLY Q 172 21.82 -23.89 -47.46
CA GLY Q 172 20.70 -24.43 -46.66
C GLY Q 172 19.42 -23.63 -46.86
N LEU Q 173 18.35 -24.08 -46.21
CA LEU Q 173 17.05 -23.33 -46.14
C LEU Q 173 17.30 -21.98 -45.48
N GLU Q 174 16.86 -20.89 -46.11
CA GLU Q 174 17.02 -19.51 -45.57
C GLU Q 174 15.63 -18.87 -45.48
N TRP Q 175 15.23 -18.48 -44.28
CA TRP Q 175 13.98 -17.72 -44.08
C TRP Q 175 14.11 -16.34 -44.72
N VAL Q 176 13.13 -15.95 -45.52
CA VAL Q 176 13.18 -14.69 -46.31
C VAL Q 176 12.27 -13.64 -45.69
N SER Q 177 10.99 -13.95 -45.56
CA SER Q 177 9.96 -12.97 -45.14
C SER Q 177 8.77 -13.65 -44.46
N SER Q 178 8.12 -12.92 -43.57
CA SER Q 178 6.93 -13.37 -42.81
C SER Q 178 5.86 -12.27 -42.81
N ILE Q 179 4.59 -12.68 -42.86
CA ILE Q 179 3.43 -11.74 -42.74
C ILE Q 179 2.35 -12.36 -41.84
N GLY Q 180 1.76 -11.53 -40.96
CA GLY Q 180 0.61 -11.91 -40.11
C GLY Q 180 -0.62 -12.19 -40.95
N GLY Q 181 -1.56 -12.99 -40.41
CA GLY Q 181 -2.84 -13.32 -41.07
C GLY Q 181 -3.57 -12.08 -41.55
N ARG Q 182 -3.65 -11.05 -40.71
CA ARG Q 182 -4.35 -9.76 -40.99
C ARG Q 182 -3.63 -9.01 -42.11
N GLY Q 183 -2.35 -9.34 -42.38
CA GLY Q 183 -1.48 -8.59 -43.31
C GLY Q 183 -0.72 -7.48 -42.60
N ASP Q 184 -0.88 -7.36 -41.29
CA ASP Q 184 -0.49 -6.16 -40.49
C ASP Q 184 0.90 -6.29 -39.87
N THR Q 185 1.58 -7.43 -40.00
CA THR Q 185 2.91 -7.61 -39.36
C THR Q 185 3.83 -8.24 -40.41
N THR Q 186 4.92 -7.56 -40.76
CA THR Q 186 5.85 -7.99 -41.85
C THR Q 186 7.29 -8.01 -41.30
N TYR Q 187 8.02 -9.05 -41.65
CA TYR Q 187 9.43 -9.25 -41.22
C TYR Q 187 10.24 -9.70 -42.44
N TYR Q 188 11.44 -9.15 -42.56
CA TYR Q 188 12.36 -9.43 -43.68
C TYR Q 188 13.72 -9.79 -43.08
N THR Q 189 14.44 -10.71 -43.73
CA THR Q 189 15.89 -10.91 -43.48
C THR Q 189 16.62 -9.66 -44.02
N ASP Q 190 17.72 -9.27 -43.35
CA ASP Q 190 18.55 -8.09 -43.74
C ASP Q 190 18.82 -8.10 -45.24
N SER Q 191 19.26 -9.24 -45.76
CA SER Q 191 19.58 -9.52 -47.20
C SER Q 191 18.58 -8.79 -48.14
N VAL Q 192 17.28 -8.92 -47.89
CA VAL Q 192 16.23 -8.51 -48.87
C VAL Q 192 15.53 -7.23 -48.41
N LYS Q 193 15.86 -6.72 -47.22
CA LYS Q 193 15.18 -5.53 -46.66
C LYS Q 193 15.26 -4.36 -47.65
N GLY Q 194 14.11 -3.77 -48.01
CA GLY Q 194 14.06 -2.58 -48.89
C GLY Q 194 13.92 -2.96 -50.36
N ARG Q 195 14.05 -4.23 -50.69
CA ARG Q 195 14.02 -4.66 -52.12
C ARG Q 195 12.89 -5.67 -52.31
N PHE Q 196 12.59 -6.44 -51.27
CA PHE Q 196 11.50 -7.43 -51.32
C PHE Q 196 10.32 -6.87 -50.51
N THR Q 197 9.08 -7.08 -50.97
CA THR Q 197 7.88 -6.66 -50.20
C THR Q 197 6.85 -7.80 -50.17
N ILE Q 198 6.56 -8.30 -48.96
CA ILE Q 198 5.58 -9.40 -48.74
C ILE Q 198 4.19 -8.75 -48.58
N SER Q 199 3.19 -9.30 -49.25
CA SER Q 199 1.79 -8.84 -49.18
C SER Q 199 0.86 -10.05 -49.28
N ARG Q 200 -0.44 -9.81 -49.16
CA ARG Q 200 -1.40 -10.92 -48.94
C ARG Q 200 -2.78 -10.42 -49.37
N ASP Q 201 -3.51 -11.24 -50.13
CA ASP Q 201 -4.96 -10.99 -50.44
C ASP Q 201 -5.78 -12.14 -49.86
N ASN Q 202 -6.35 -11.96 -48.67
CA ASN Q 202 -7.12 -13.01 -47.96
C ASN Q 202 -8.38 -13.38 -48.74
N SER Q 203 -9.05 -12.45 -49.43
CA SER Q 203 -10.25 -12.75 -50.27
C SER Q 203 -9.90 -13.83 -51.30
N LYS Q 204 -8.69 -13.77 -51.89
CA LYS Q 204 -8.25 -14.72 -52.94
C LYS Q 204 -7.40 -15.84 -52.32
N SER Q 205 -7.13 -15.80 -51.02
CA SER Q 205 -6.27 -16.76 -50.28
C SER Q 205 -4.90 -16.85 -50.97
N THR Q 206 -4.31 -15.71 -51.32
CA THR Q 206 -3.04 -15.65 -52.07
C THR Q 206 -2.00 -14.81 -51.32
N LEU Q 207 -0.78 -15.35 -51.23
CA LEU Q 207 0.40 -14.67 -50.65
C LEU Q 207 1.25 -14.14 -51.81
N TYR Q 208 1.80 -12.94 -51.67
CA TYR Q 208 2.64 -12.30 -52.70
C TYR Q 208 4.04 -12.01 -52.15
N LEU Q 209 5.04 -12.15 -53.01
CA LEU Q 209 6.42 -11.62 -52.78
C LEU Q 209 6.82 -10.80 -54.01
N GLN Q 210 6.83 -9.47 -53.85
CA GLN Q 210 7.32 -8.49 -54.87
C GLN Q 210 8.82 -8.38 -54.67
N MET Q 211 9.60 -8.91 -55.63
CA MET Q 211 11.08 -8.89 -55.58
C MET Q 211 11.58 -7.83 -56.58
N ASN Q 212 12.04 -6.69 -56.07
CA ASN Q 212 12.65 -5.61 -56.87
C ASN Q 212 14.17 -5.59 -56.62
N SER Q 213 14.92 -4.96 -57.53
CA SER Q 213 16.39 -4.75 -57.42
C SER Q 213 17.09 -6.11 -57.30
N LEU Q 214 16.66 -7.10 -58.11
CA LEU Q 214 17.10 -8.50 -57.96
C LEU Q 214 18.61 -8.62 -58.09
N ARG Q 215 19.23 -9.50 -57.28
CA ARG Q 215 20.68 -9.82 -57.30
C ARG Q 215 20.86 -11.27 -57.72
N ALA Q 216 22.11 -11.67 -57.98
CA ALA Q 216 22.48 -13.07 -58.34
C ALA Q 216 22.38 -13.94 -57.08
N GLU Q 217 22.68 -13.37 -55.90
CA GLU Q 217 22.57 -14.06 -54.59
C GLU Q 217 21.10 -14.45 -54.32
N ASP Q 218 20.14 -13.94 -55.09
CA ASP Q 218 18.69 -14.23 -54.93
C ASP Q 218 18.26 -15.44 -55.76
N THR Q 219 19.15 -16.03 -56.58
CA THR Q 219 18.83 -17.28 -57.30
C THR Q 219 18.56 -18.35 -56.26
N ALA Q 220 17.36 -18.92 -56.27
CA ALA Q 220 16.90 -19.94 -55.28
C ALA Q 220 15.56 -20.52 -55.70
N VAL Q 221 15.20 -21.65 -55.10
CA VAL Q 221 13.79 -22.14 -55.07
C VAL Q 221 13.10 -21.38 -53.93
N TYR Q 222 11.95 -20.77 -54.22
CA TYR Q 222 11.16 -19.99 -53.23
C TYR Q 222 10.00 -20.85 -52.75
N TYR Q 223 10.03 -21.21 -51.48
CA TYR Q 223 8.97 -22.03 -50.82
C TYR Q 223 8.04 -21.12 -50.04
N CYS Q 224 6.75 -21.42 -50.18
CA CYS Q 224 5.61 -20.85 -49.44
C CYS Q 224 5.44 -21.71 -48.16
N ALA Q 225 5.50 -21.11 -46.98
CA ALA Q 225 5.42 -21.84 -45.69
C ALA Q 225 4.27 -21.28 -44.85
N LYS Q 226 3.29 -22.13 -44.57
CA LYS Q 226 2.15 -21.88 -43.67
C LYS Q 226 2.57 -22.07 -42.21
N GLU Q 227 2.13 -21.19 -41.33
CA GLU Q 227 2.20 -21.41 -39.86
C GLU Q 227 0.88 -22.03 -39.40
N PRO Q 228 0.80 -22.64 -38.20
CA PRO Q 228 -0.44 -23.26 -37.76
C PRO Q 228 -1.59 -22.25 -37.61
N PHE Q 229 -2.81 -22.74 -37.77
CA PHE Q 229 -4.06 -21.98 -37.49
C PHE Q 229 -3.90 -21.24 -36.16
N ASP Q 230 -4.27 -19.96 -36.14
CA ASP Q 230 -4.25 -19.07 -34.95
C ASP Q 230 -5.49 -18.19 -35.05
N SER Q 231 -6.24 -18.02 -33.97
CA SER Q 231 -7.51 -17.25 -33.97
C SER Q 231 -7.25 -15.80 -34.39
N SER Q 232 -6.04 -15.27 -34.18
CA SER Q 232 -5.64 -13.89 -34.59
C SER Q 232 -4.71 -13.89 -35.81
N GLY Q 233 -4.46 -15.05 -36.41
CA GLY Q 233 -3.42 -15.20 -37.46
C GLY Q 233 -2.05 -14.68 -37.03
N ASP Q 234 -1.70 -14.76 -35.75
CA ASP Q 234 -0.34 -14.36 -35.24
C ASP Q 234 0.76 -15.28 -35.76
N HIS Q 235 1.99 -14.78 -35.67
CA HIS Q 235 3.26 -15.54 -35.89
C HIS Q 235 3.42 -16.54 -34.74
N ARG Q 236 3.79 -17.78 -35.06
CA ARG Q 236 3.91 -18.87 -34.06
C ARG Q 236 5.31 -19.48 -34.07
N GLY Q 237 6.10 -19.22 -35.11
CA GLY Q 237 7.46 -19.75 -35.23
C GLY Q 237 7.54 -21.17 -35.76
N VAL Q 238 6.46 -21.67 -36.36
CA VAL Q 238 6.34 -23.07 -36.84
C VAL Q 238 5.93 -23.04 -38.30
N PHE Q 239 6.68 -23.71 -39.16
CA PHE Q 239 6.33 -23.86 -40.59
C PHE Q 239 5.69 -25.25 -40.75
N ASP Q 240 4.39 -25.38 -40.54
CA ASP Q 240 3.81 -26.75 -40.40
C ASP Q 240 3.37 -27.30 -41.76
N TYR Q 241 3.40 -26.50 -42.82
CA TYR Q 241 3.09 -27.01 -44.18
C TYR Q 241 3.74 -26.12 -45.25
N TRP Q 242 4.30 -26.76 -46.28
CA TRP Q 242 5.08 -26.10 -47.35
C TRP Q 242 4.55 -26.47 -48.73
N GLY Q 243 4.72 -25.55 -49.69
CA GLY Q 243 4.56 -25.81 -51.13
C GLY Q 243 5.82 -26.41 -51.72
N GLN Q 244 5.72 -26.91 -52.96
CA GLN Q 244 6.80 -27.63 -53.70
C GLN Q 244 7.92 -26.65 -54.09
N GLY Q 245 7.60 -25.35 -54.19
CA GLY Q 245 8.57 -24.29 -54.51
C GLY Q 245 8.45 -23.78 -55.93
N THR Q 246 9.08 -22.63 -56.21
CA THR Q 246 9.12 -22.03 -57.56
C THR Q 246 10.56 -21.54 -57.78
N LEU Q 247 11.14 -21.82 -58.95
CA LEU Q 247 12.56 -21.45 -59.17
C LEU Q 247 12.69 -20.02 -59.68
N VAL Q 248 13.46 -19.21 -58.96
CA VAL Q 248 13.77 -17.84 -59.48
C VAL Q 248 15.23 -17.85 -59.90
N THR Q 249 15.48 -17.65 -61.20
CA THR Q 249 16.86 -17.63 -61.73
C THR Q 249 17.28 -16.20 -62.04
N VAL Q 250 18.18 -15.63 -61.25
CA VAL Q 250 18.70 -14.27 -61.56
C VAL Q 250 20.21 -14.40 -61.79
N GLY R 1 -38.04 -25.15 -63.73
CA GLY R 1 -37.19 -26.30 -64.08
C GLY R 1 -36.97 -27.16 -62.86
N SER R 2 -37.37 -28.44 -62.91
CA SER R 2 -37.19 -29.42 -61.80
C SER R 2 -35.70 -29.76 -61.65
N TYR R 3 -35.24 -30.03 -60.41
CA TYR R 3 -33.89 -30.59 -60.12
C TYR R 3 -33.72 -31.91 -60.87
N VAL R 4 -32.51 -32.21 -61.35
CA VAL R 4 -32.25 -33.39 -62.24
C VAL R 4 -31.27 -34.31 -61.52
N LEU R 5 -31.61 -35.60 -61.48
CA LEU R 5 -30.73 -36.65 -60.90
C LEU R 5 -30.38 -37.61 -62.03
N THR R 6 -29.09 -37.76 -62.32
CA THR R 6 -28.56 -38.56 -63.43
C THR R 6 -28.03 -39.89 -62.89
N GLN R 7 -28.53 -41.00 -63.41
CA GLN R 7 -28.04 -42.35 -63.05
C GLN R 7 -27.58 -43.06 -64.32
N PRO R 8 -26.45 -43.79 -64.30
CA PRO R 8 -26.10 -44.66 -65.41
C PRO R 8 -27.23 -45.66 -65.63
N PRO R 9 -27.70 -45.86 -66.88
CA PRO R 9 -28.84 -46.74 -67.12
C PRO R 9 -28.63 -48.17 -66.60
N SER R 10 -27.40 -48.69 -66.64
CA SER R 10 -27.12 -50.08 -66.23
C SER R 10 -25.72 -50.21 -65.60
N VAL R 11 -25.56 -51.22 -64.74
CA VAL R 11 -24.26 -51.66 -64.16
C VAL R 11 -24.26 -53.18 -64.14
N SER R 12 -23.15 -53.80 -64.54
CA SER R 12 -22.96 -55.28 -64.52
C SER R 12 -21.79 -55.62 -63.59
N VAL R 13 -21.94 -56.68 -62.81
CA VAL R 13 -21.02 -57.02 -61.68
C VAL R 13 -20.95 -58.55 -61.54
N ALA R 14 -19.76 -59.09 -61.27
CA ALA R 14 -19.58 -60.54 -61.00
C ALA R 14 -20.00 -60.81 -59.56
N PRO R 15 -20.51 -62.01 -59.22
CA PRO R 15 -20.78 -62.37 -57.82
C PRO R 15 -19.52 -62.19 -56.96
N GLY R 16 -19.70 -61.67 -55.74
CA GLY R 16 -18.61 -61.41 -54.79
C GLY R 16 -17.94 -60.06 -55.01
N LYS R 17 -18.06 -59.48 -56.21
CA LYS R 17 -17.43 -58.17 -56.53
C LYS R 17 -18.29 -57.03 -55.95
N THR R 18 -17.85 -55.79 -56.15
CA THR R 18 -18.52 -54.58 -55.64
C THR R 18 -19.26 -53.89 -56.80
N ALA R 19 -20.49 -53.47 -56.58
CA ALA R 19 -21.29 -52.63 -57.52
C ALA R 19 -21.34 -51.19 -57.00
N ARG R 20 -21.04 -50.23 -57.86
CA ARG R 20 -21.09 -48.79 -57.52
C ARG R 20 -22.09 -48.09 -58.47
N ILE R 21 -23.15 -47.52 -57.92
CA ILE R 21 -24.20 -46.79 -58.69
C ILE R 21 -24.10 -45.30 -58.34
N THR R 22 -23.87 -44.46 -59.32
CA THR R 22 -23.71 -42.99 -59.12
C THR R 22 -25.08 -42.32 -59.29
N CYS R 23 -25.20 -41.16 -58.66
CA CYS R 23 -26.38 -40.26 -58.74
C CYS R 23 -25.84 -38.84 -58.85
N GLY R 24 -25.85 -38.29 -60.06
CA GLY R 24 -25.31 -36.95 -60.38
C GLY R 24 -26.35 -35.86 -60.15
N GLY R 25 -25.92 -34.76 -59.53
CA GLY R 25 -26.79 -33.60 -59.34
C GLY R 25 -25.98 -32.37 -59.05
N ASN R 26 -26.43 -31.21 -59.53
CA ASN R 26 -25.82 -29.91 -59.22
C ASN R 26 -25.80 -29.74 -57.70
N ASN R 27 -24.62 -29.79 -57.06
CA ASN R 27 -24.45 -29.66 -55.58
C ASN R 27 -25.43 -30.60 -54.88
N ILE R 28 -25.40 -31.88 -55.26
CA ILE R 28 -26.27 -32.90 -54.60
C ILE R 28 -25.75 -33.16 -53.18
N GLY R 29 -24.45 -32.88 -52.93
CA GLY R 29 -23.82 -33.02 -51.61
C GLY R 29 -24.48 -32.15 -50.56
N SER R 30 -25.20 -31.11 -50.96
CA SER R 30 -25.91 -30.18 -50.05
C SER R 30 -27.36 -30.65 -49.79
N ARG R 31 -27.74 -31.83 -50.30
CA ARG R 31 -29.11 -32.41 -50.15
C ARG R 31 -29.03 -33.83 -49.59
N SER R 32 -30.10 -34.26 -48.92
CA SER R 32 -30.22 -35.64 -48.37
C SER R 32 -30.69 -36.59 -49.47
N VAL R 33 -29.86 -37.55 -49.84
CA VAL R 33 -30.19 -38.54 -50.91
C VAL R 33 -30.64 -39.84 -50.27
N HIS R 34 -31.78 -40.37 -50.71
CA HIS R 34 -32.29 -41.70 -50.29
C HIS R 34 -32.19 -42.65 -51.48
N TRP R 35 -32.11 -43.94 -51.23
CA TRP R 35 -31.93 -44.98 -52.28
C TRP R 35 -33.00 -46.05 -52.12
N TYR R 36 -33.53 -46.54 -53.25
CA TYR R 36 -34.57 -47.59 -53.28
C TYR R 36 -34.06 -48.73 -54.17
N GLN R 37 -34.25 -49.96 -53.70
CA GLN R 37 -34.14 -51.19 -54.52
C GLN R 37 -35.54 -51.51 -55.04
N HIS R 38 -35.68 -51.84 -56.32
CA HIS R 38 -37.00 -52.20 -56.94
C HIS R 38 -36.83 -53.44 -57.82
N LYS R 39 -37.36 -54.57 -57.38
CA LYS R 39 -37.44 -55.81 -58.18
C LYS R 39 -38.78 -55.84 -58.91
N PRO R 40 -38.83 -56.39 -60.16
CA PRO R 40 -40.06 -56.38 -60.95
C PRO R 40 -41.25 -57.04 -60.24
N GLY R 41 -42.41 -56.38 -60.28
CA GLY R 41 -43.67 -56.80 -59.65
C GLY R 41 -43.58 -56.90 -58.13
N GLN R 42 -42.71 -56.10 -57.51
CA GLN R 42 -42.53 -56.05 -56.04
C GLN R 42 -42.60 -54.59 -55.57
N ALA R 43 -42.95 -54.39 -54.31
CA ALA R 43 -42.88 -53.08 -53.65
C ALA R 43 -41.40 -52.65 -53.60
N PRO R 44 -41.07 -51.41 -54.04
CA PRO R 44 -39.75 -50.85 -53.80
C PRO R 44 -39.41 -50.91 -52.29
N VAL R 45 -38.14 -51.11 -51.99
CA VAL R 45 -37.60 -51.13 -50.61
C VAL R 45 -36.62 -49.97 -50.44
N MET R 46 -36.76 -49.19 -49.36
CA MET R 46 -35.74 -48.17 -49.02
C MET R 46 -34.54 -48.88 -48.40
N ILE R 47 -33.35 -48.66 -48.96
CA ILE R 47 -32.09 -49.33 -48.51
C ILE R 47 -31.10 -48.32 -47.92
N ILE R 48 -31.16 -47.06 -48.34
CA ILE R 48 -30.35 -45.97 -47.70
C ILE R 48 -31.23 -44.74 -47.52
N SER R 49 -31.12 -44.08 -46.36
CA SER R 49 -31.83 -42.81 -46.06
C SER R 49 -30.79 -41.80 -45.61
N TYR R 50 -30.98 -40.53 -45.94
CA TYR R 50 -30.08 -39.43 -45.49
C TYR R 50 -28.61 -39.81 -45.78
N ASP R 51 -28.29 -40.05 -47.05
CA ASP R 51 -26.91 -40.21 -47.60
C ASP R 51 -26.26 -41.57 -47.25
N MET R 52 -26.35 -42.06 -46.02
CA MET R 52 -25.54 -43.23 -45.62
C MET R 52 -26.20 -44.05 -44.54
N ASN R 53 -27.44 -43.75 -44.19
CA ASN R 53 -28.09 -44.45 -43.06
C ASN R 53 -28.82 -45.69 -43.58
N ARG R 54 -28.54 -46.83 -42.97
CA ARG R 54 -29.13 -48.12 -43.40
C ARG R 54 -30.33 -48.45 -42.52
N PRO R 55 -31.57 -48.59 -43.06
CA PRO R 55 -32.69 -49.12 -42.27
C PRO R 55 -32.38 -50.52 -41.72
N SER R 56 -32.99 -50.82 -40.58
CA SER R 56 -32.99 -52.14 -39.92
C SER R 56 -33.36 -53.20 -40.96
N GLY R 57 -32.55 -54.26 -41.10
CA GLY R 57 -32.79 -55.36 -42.06
C GLY R 57 -31.97 -55.24 -43.33
N ILE R 58 -31.32 -54.10 -43.58
CA ILE R 58 -30.43 -53.93 -44.76
C ILE R 58 -29.02 -54.33 -44.34
N PRO R 59 -28.36 -55.25 -45.07
CA PRO R 59 -27.03 -55.74 -44.68
C PRO R 59 -25.90 -54.71 -44.79
N GLU R 60 -24.87 -54.83 -43.94
CA GLU R 60 -23.70 -53.90 -43.86
C GLU R 60 -22.99 -53.79 -45.23
N ARG R 61 -23.14 -54.78 -46.12
CA ARG R 61 -22.55 -54.75 -47.50
C ARG R 61 -23.07 -53.52 -48.27
N VAL R 62 -24.28 -53.06 -47.94
CA VAL R 62 -24.91 -51.87 -48.60
C VAL R 62 -24.45 -50.63 -47.84
N SER R 63 -23.85 -49.67 -48.53
CA SER R 63 -23.42 -48.39 -47.93
C SER R 63 -23.72 -47.25 -48.90
N GLY R 64 -23.79 -46.04 -48.36
CA GLY R 64 -24.14 -44.82 -49.14
C GLY R 64 -23.13 -43.71 -48.89
N SER R 65 -22.83 -42.92 -49.91
CA SER R 65 -21.93 -41.74 -49.79
C SER R 65 -22.53 -40.58 -50.58
N ASN R 66 -22.24 -39.35 -50.19
CA ASN R 66 -22.72 -38.15 -50.93
C ASN R 66 -21.72 -37.02 -50.71
N TYR R 67 -21.15 -36.53 -51.79
CA TYR R 67 -20.18 -35.40 -51.73
C TYR R 67 -20.19 -34.65 -53.05
N GLY R 68 -20.25 -33.31 -52.98
CA GLY R 68 -20.07 -32.46 -54.16
C GLY R 68 -21.21 -32.62 -55.15
N ASN R 69 -20.97 -33.31 -56.26
CA ASN R 69 -21.99 -33.40 -57.33
C ASN R 69 -22.36 -34.86 -57.54
N THR R 70 -21.90 -35.76 -56.66
CA THR R 70 -22.16 -37.20 -56.91
C THR R 70 -22.43 -37.97 -55.60
N ALA R 71 -23.66 -38.52 -55.47
CA ALA R 71 -24.00 -39.49 -54.41
C ALA R 71 -23.72 -40.87 -54.97
N THR R 72 -23.28 -41.81 -54.13
CA THR R 72 -22.88 -43.17 -54.56
C THR R 72 -23.49 -44.24 -53.65
N LEU R 73 -24.19 -45.19 -54.26
CA LEU R 73 -24.62 -46.44 -53.60
C LEU R 73 -23.56 -47.51 -53.88
N THR R 74 -22.99 -48.10 -52.83
CA THR R 74 -22.00 -49.20 -52.94
C THR R 74 -22.59 -50.49 -52.40
N ILE R 75 -22.57 -51.55 -53.21
CA ILE R 75 -22.98 -52.90 -52.76
C ILE R 75 -21.78 -53.81 -52.91
N SER R 76 -21.24 -54.29 -51.78
CA SER R 76 -20.06 -55.20 -51.70
C SER R 76 -20.55 -56.65 -51.62
N ARG R 77 -19.67 -57.59 -51.95
CA ARG R 77 -19.92 -59.05 -51.84
C ARG R 77 -21.28 -59.33 -52.48
N VAL R 78 -21.41 -58.97 -53.75
CA VAL R 78 -22.71 -58.95 -54.50
C VAL R 78 -23.25 -60.38 -54.64
N GLU R 79 -24.53 -60.54 -54.35
CA GLU R 79 -25.28 -61.83 -54.50
C GLU R 79 -26.30 -61.69 -55.63
N ALA R 80 -26.82 -62.84 -56.09
CA ALA R 80 -27.90 -62.91 -57.10
C ALA R 80 -29.06 -62.00 -56.69
N GLY R 81 -29.49 -62.09 -55.42
CA GLY R 81 -30.61 -61.30 -54.83
C GLY R 81 -30.42 -59.79 -54.97
N ASP R 82 -29.22 -59.29 -55.26
CA ASP R 82 -28.97 -57.83 -55.44
C ASP R 82 -29.45 -57.36 -56.82
N GLU R 83 -29.77 -58.28 -57.72
CA GLU R 83 -30.20 -57.93 -59.10
C GLU R 83 -31.56 -57.23 -59.00
N ALA R 84 -31.61 -55.95 -59.37
CA ALA R 84 -32.82 -55.10 -59.32
C ALA R 84 -32.56 -53.75 -59.98
N ASP R 85 -33.59 -52.88 -59.98
CA ASP R 85 -33.45 -51.46 -60.33
C ASP R 85 -33.11 -50.69 -59.05
N TYR R 86 -32.24 -49.69 -59.14
CA TYR R 86 -31.85 -48.83 -58.00
C TYR R 86 -32.12 -47.36 -58.35
N TYR R 87 -32.84 -46.67 -57.50
CA TYR R 87 -33.18 -45.23 -57.68
C TYR R 87 -32.64 -44.39 -56.52
N CYS R 88 -31.97 -43.29 -56.83
CA CYS R 88 -31.72 -42.19 -55.86
C CYS R 88 -32.93 -41.25 -55.87
N GLN R 89 -33.04 -40.42 -54.84
CA GLN R 89 -34.22 -39.52 -54.66
C GLN R 89 -33.85 -38.40 -53.67
N VAL R 90 -34.30 -37.19 -53.95
CA VAL R 90 -34.15 -36.02 -53.05
C VAL R 90 -35.52 -35.36 -52.86
N TRP R 91 -35.59 -34.44 -51.92
CA TRP R 91 -36.81 -33.69 -51.57
C TRP R 91 -36.43 -32.23 -51.30
N ASP R 92 -37.05 -31.31 -52.05
CA ASP R 92 -36.89 -29.86 -51.86
C ASP R 92 -38.24 -29.27 -51.45
N SER R 93 -38.43 -29.03 -50.14
CA SER R 93 -39.70 -28.54 -49.55
C SER R 93 -40.17 -27.29 -50.30
N ARG R 94 -39.23 -26.40 -50.67
CA ARG R 94 -39.51 -25.06 -51.26
C ARG R 94 -39.40 -25.11 -52.80
N SER R 95 -40.09 -26.03 -53.47
CA SER R 95 -39.99 -26.22 -54.95
C SER R 95 -41.34 -26.64 -55.55
N ASP R 96 -41.53 -26.32 -56.84
CA ASP R 96 -42.76 -26.66 -57.64
C ASP R 96 -42.89 -28.19 -57.72
N HIS R 97 -41.81 -28.90 -58.05
CA HIS R 97 -41.75 -30.39 -58.04
C HIS R 97 -40.86 -30.84 -56.88
N PRO R 98 -41.45 -31.08 -55.67
CA PRO R 98 -40.66 -31.27 -54.45
C PRO R 98 -40.06 -32.67 -54.23
N TYR R 99 -40.58 -33.71 -54.86
CA TYR R 99 -40.00 -35.07 -54.79
C TYR R 99 -39.45 -35.41 -56.18
N VAL R 100 -38.16 -35.72 -56.29
CA VAL R 100 -37.49 -36.04 -57.58
C VAL R 100 -36.80 -37.39 -57.48
N PHE R 101 -37.09 -38.29 -58.40
CA PHE R 101 -36.35 -39.57 -58.52
C PHE R 101 -35.26 -39.46 -59.59
N GLY R 102 -34.21 -40.26 -59.42
CA GLY R 102 -33.24 -40.55 -60.47
C GLY R 102 -33.88 -41.37 -61.60
N THR R 103 -33.22 -41.41 -62.74
CA THR R 103 -33.68 -42.11 -63.98
C THR R 103 -33.61 -43.62 -63.74
N GLY R 104 -32.85 -44.10 -62.75
CA GLY R 104 -32.79 -45.53 -62.36
C GLY R 104 -31.56 -46.23 -62.92
N THR R 105 -31.15 -47.31 -62.28
CA THR R 105 -29.99 -48.13 -62.72
C THR R 105 -30.37 -49.61 -62.63
N ARG R 106 -30.38 -50.30 -63.76
CA ARG R 106 -30.57 -51.78 -63.82
C ARG R 106 -29.23 -52.44 -63.45
N VAL R 107 -29.23 -53.21 -62.36
CA VAL R 107 -28.03 -53.94 -61.89
C VAL R 107 -28.20 -55.42 -62.21
N THR R 108 -27.32 -55.93 -63.08
CA THR R 108 -27.26 -57.35 -63.49
C THR R 108 -26.06 -58.01 -62.82
N VAL R 109 -26.27 -59.19 -62.22
CA VAL R 109 -25.15 -60.03 -61.68
C VAL R 109 -24.84 -61.15 -62.67
N LEU R 110 -23.58 -61.27 -63.09
CA LEU R 110 -23.09 -62.31 -64.04
C LEU R 110 -22.88 -63.61 -63.26
N GLY R 128 -48.55 -57.20 -35.49
CA GLY R 128 -48.66 -55.87 -36.12
C GLY R 128 -47.37 -55.49 -36.81
N GLU R 129 -47.28 -55.77 -38.12
CA GLU R 129 -46.42 -54.99 -39.04
C GLU R 129 -47.32 -54.02 -39.81
N VAL R 130 -46.70 -53.17 -40.61
CA VAL R 130 -47.42 -52.18 -41.47
C VAL R 130 -47.73 -52.87 -42.81
N GLN R 131 -48.94 -52.67 -43.34
CA GLN R 131 -49.32 -53.08 -44.72
C GLN R 131 -49.98 -51.91 -45.45
N LEU R 132 -49.61 -51.75 -46.73
CA LEU R 132 -50.27 -50.81 -47.68
C LEU R 132 -50.84 -51.65 -48.82
N VAL R 133 -52.17 -51.69 -48.97
CA VAL R 133 -52.84 -52.51 -50.01
C VAL R 133 -53.63 -51.58 -50.94
N GLU R 134 -53.19 -51.45 -52.20
CA GLU R 134 -53.86 -50.64 -53.25
C GLU R 134 -54.96 -51.45 -53.94
N SER R 135 -56.04 -50.78 -54.37
CA SER R 135 -57.12 -51.36 -55.20
C SER R 135 -57.65 -50.29 -56.17
N GLY R 136 -58.58 -50.68 -57.05
CA GLY R 136 -59.29 -49.77 -57.97
C GLY R 136 -58.61 -49.67 -59.32
N GLY R 137 -57.52 -50.43 -59.53
CA GLY R 137 -56.81 -50.49 -60.82
C GLY R 137 -57.60 -51.31 -61.82
N GLY R 138 -57.52 -50.96 -63.11
CA GLY R 138 -58.18 -51.69 -64.22
C GLY R 138 -57.99 -51.01 -65.56
N LEU R 139 -58.91 -51.22 -66.51
CA LEU R 139 -58.84 -50.58 -67.85
C LEU R 139 -59.95 -49.53 -67.95
N VAL R 140 -59.66 -48.39 -68.56
CA VAL R 140 -60.67 -47.32 -68.86
C VAL R 140 -60.41 -46.69 -70.23
N LYS R 141 -61.45 -46.16 -70.87
CA LYS R 141 -61.36 -45.37 -72.13
C LYS R 141 -60.60 -44.08 -71.83
N PRO R 142 -59.64 -43.66 -72.70
CA PRO R 142 -59.06 -42.32 -72.59
C PRO R 142 -60.14 -41.25 -72.46
N GLY R 143 -59.92 -40.29 -71.55
CA GLY R 143 -60.87 -39.23 -71.20
C GLY R 143 -61.79 -39.64 -70.06
N GLY R 144 -61.84 -40.94 -69.72
CA GLY R 144 -62.66 -41.50 -68.63
C GLY R 144 -62.09 -41.24 -67.23
N SER R 145 -62.60 -41.96 -66.23
CA SER R 145 -62.30 -41.70 -64.79
C SER R 145 -62.08 -43.01 -64.03
N LEU R 146 -61.27 -42.94 -62.98
CA LEU R 146 -60.92 -44.10 -62.11
C LEU R 146 -60.46 -43.56 -60.75
N ARG R 147 -60.92 -44.18 -59.66
CA ARG R 147 -60.53 -43.84 -58.27
C ARG R 147 -59.74 -45.01 -57.67
N LEU R 148 -58.50 -44.74 -57.26
CA LEU R 148 -57.66 -45.76 -56.56
C LEU R 148 -57.86 -45.61 -55.04
N SER R 149 -57.74 -46.71 -54.32
CA SER R 149 -57.68 -46.73 -52.83
C SER R 149 -56.38 -47.39 -52.34
N CYS R 150 -55.87 -46.93 -51.20
CA CYS R 150 -54.80 -47.62 -50.43
C CYS R 150 -55.28 -47.84 -48.99
N ALA R 151 -55.51 -49.09 -48.58
CA ALA R 151 -55.92 -49.48 -47.21
C ALA R 151 -54.65 -49.71 -46.40
N ALA R 152 -54.35 -48.81 -45.47
CA ALA R 152 -53.15 -48.91 -44.61
C ALA R 152 -53.53 -49.64 -43.32
N SER R 153 -52.63 -50.47 -42.83
CA SER R 153 -52.86 -51.39 -41.69
C SER R 153 -51.66 -51.30 -40.72
N GLY R 154 -51.92 -51.14 -39.43
CA GLY R 154 -50.89 -51.19 -38.35
C GLY R 154 -50.21 -49.86 -38.11
N ILE R 155 -50.82 -48.75 -38.53
CA ILE R 155 -50.29 -47.37 -38.31
C ILE R 155 -51.48 -46.46 -38.06
N THR R 156 -51.30 -45.41 -37.25
CA THR R 156 -52.35 -44.38 -37.01
C THR R 156 -52.19 -43.35 -38.13
N PHE R 157 -53.09 -43.39 -39.11
CA PHE R 157 -52.87 -42.85 -40.48
C PHE R 157 -52.60 -41.35 -40.48
N GLN R 158 -53.19 -40.55 -39.58
CA GLN R 158 -53.06 -39.08 -39.65
C GLN R 158 -51.63 -38.63 -39.31
N TYR R 159 -50.71 -39.54 -38.96
CA TYR R 159 -49.32 -39.20 -38.57
C TYR R 159 -48.36 -39.40 -39.74
N TYR R 160 -48.89 -39.60 -40.94
CA TYR R 160 -48.08 -40.03 -42.12
C TYR R 160 -48.49 -39.21 -43.33
N ALA R 161 -47.55 -38.46 -43.87
CA ALA R 161 -47.61 -37.97 -45.26
C ALA R 161 -47.69 -39.19 -46.18
N MET R 162 -48.61 -39.18 -47.13
CA MET R 162 -48.82 -40.31 -48.07
C MET R 162 -48.64 -39.79 -49.50
N ASN R 163 -48.25 -40.71 -50.39
CA ASN R 163 -47.80 -40.39 -51.76
C ASN R 163 -48.33 -41.46 -52.72
N TRP R 164 -48.57 -41.04 -53.97
CA TRP R 164 -48.75 -41.94 -55.12
C TRP R 164 -47.51 -41.80 -56.01
N VAL R 165 -46.87 -42.94 -56.32
CA VAL R 165 -45.71 -43.01 -57.25
C VAL R 165 -46.04 -44.08 -58.30
N ARG R 166 -45.82 -43.77 -59.57
CA ARG R 166 -46.18 -44.69 -60.68
C ARG R 166 -44.92 -45.08 -61.45
N GLN R 167 -45.02 -46.23 -62.12
CA GLN R 167 -44.05 -46.69 -63.13
C GLN R 167 -44.81 -47.05 -64.40
N ALA R 168 -44.69 -46.21 -65.45
CA ALA R 168 -45.17 -46.49 -66.82
C ALA R 168 -44.27 -47.57 -67.44
N PRO R 169 -44.80 -48.36 -68.41
CA PRO R 169 -43.98 -49.37 -69.10
C PRO R 169 -42.66 -48.79 -69.61
N GLY R 170 -41.53 -49.44 -69.27
CA GLY R 170 -40.17 -49.09 -69.75
C GLY R 170 -39.70 -47.71 -69.32
N LYS R 171 -40.34 -47.10 -68.32
CA LYS R 171 -39.93 -45.78 -67.76
C LYS R 171 -39.58 -45.99 -66.27
N GLY R 172 -38.99 -44.99 -65.63
CA GLY R 172 -38.57 -45.09 -64.22
C GLY R 172 -39.73 -44.81 -63.27
N LEU R 173 -39.48 -44.94 -61.97
CA LEU R 173 -40.41 -44.47 -60.90
C LEU R 173 -40.64 -42.98 -61.07
N GLU R 174 -41.91 -42.56 -61.10
CA GLU R 174 -42.30 -41.13 -61.25
C GLU R 174 -43.22 -40.77 -60.08
N TRP R 175 -42.79 -39.80 -59.28
CA TRP R 175 -43.63 -39.24 -58.19
C TRP R 175 -44.86 -38.54 -58.79
N VAL R 176 -46.06 -38.86 -58.30
CA VAL R 176 -47.34 -38.36 -58.88
C VAL R 176 -47.92 -37.29 -57.96
N SER R 177 -48.18 -37.64 -56.71
CA SER R 177 -48.90 -36.75 -55.77
C SER R 177 -48.53 -37.08 -54.32
N SER R 178 -48.64 -36.05 -53.47
CA SER R 178 -48.35 -36.12 -52.03
C SER R 178 -49.47 -35.42 -51.24
N ILE R 179 -49.78 -35.95 -50.07
CA ILE R 179 -50.76 -35.33 -49.13
C ILE R 179 -50.23 -35.43 -47.69
N GLY R 180 -50.38 -34.35 -46.92
CA GLY R 180 -50.08 -34.30 -45.49
C GLY R 180 -50.98 -35.21 -44.69
N GLY R 181 -50.54 -35.63 -43.50
CA GLY R 181 -51.31 -36.49 -42.59
C GLY R 181 -52.71 -35.94 -42.31
N ARG R 182 -52.81 -34.63 -42.07
CA ARG R 182 -54.08 -33.92 -41.79
C ARG R 182 -54.96 -33.89 -43.03
N GLY R 183 -54.39 -34.10 -44.22
CA GLY R 183 -55.11 -33.98 -45.51
C GLY R 183 -55.02 -32.57 -46.06
N ASP R 184 -54.27 -31.70 -45.40
CA ASP R 184 -54.33 -30.22 -45.58
C ASP R 184 -53.23 -29.72 -46.50
N THR R 185 -52.32 -30.58 -46.99
CA THR R 185 -51.22 -30.14 -47.88
C THR R 185 -51.16 -31.11 -49.03
N THR R 186 -51.34 -30.63 -50.26
CA THR R 186 -51.40 -31.48 -51.48
C THR R 186 -50.42 -30.93 -52.51
N TYR R 187 -49.69 -31.85 -53.16
CA TYR R 187 -48.75 -31.54 -54.24
C TYR R 187 -48.99 -32.52 -55.39
N TYR R 188 -48.92 -32.00 -56.60
CA TYR R 188 -49.13 -32.77 -57.85
C TYR R 188 -47.96 -32.49 -58.77
N THR R 189 -47.55 -33.48 -59.55
CA THR R 189 -46.65 -33.27 -60.70
C THR R 189 -47.47 -32.51 -61.76
N ASP R 190 -46.82 -31.61 -62.53
CA ASP R 190 -47.48 -30.80 -63.60
C ASP R 190 -48.35 -31.70 -64.49
N SER R 191 -47.81 -32.84 -64.91
CA SER R 191 -48.46 -33.86 -65.78
C SER R 191 -49.92 -34.08 -65.36
N VAL R 192 -50.21 -34.23 -64.07
CA VAL R 192 -51.57 -34.65 -63.60
C VAL R 192 -52.33 -33.47 -62.98
N LYS R 193 -51.67 -32.32 -62.82
CA LYS R 193 -52.27 -31.09 -62.24
C LYS R 193 -53.63 -30.82 -62.92
N GLY R 194 -54.71 -30.77 -62.15
CA GLY R 194 -56.04 -30.38 -62.64
C GLY R 194 -56.82 -31.55 -63.20
N ARG R 195 -56.27 -32.76 -63.15
CA ARG R 195 -56.97 -33.98 -63.62
C ARG R 195 -57.05 -34.98 -62.47
N PHE R 196 -56.00 -35.03 -61.64
CA PHE R 196 -55.90 -35.94 -60.48
C PHE R 196 -56.20 -35.16 -59.20
N THR R 197 -56.93 -35.79 -58.27
CA THR R 197 -57.14 -35.27 -56.90
C THR R 197 -56.73 -36.36 -55.90
N ILE R 198 -55.78 -36.00 -55.03
CA ILE R 198 -55.34 -36.86 -53.90
C ILE R 198 -56.19 -36.47 -52.70
N SER R 199 -56.71 -37.48 -51.99
CA SER R 199 -57.60 -37.28 -50.83
C SER R 199 -57.21 -38.30 -49.75
N ARG R 200 -57.95 -38.39 -48.65
CA ARG R 200 -57.52 -39.20 -47.49
C ARG R 200 -58.70 -39.30 -46.51
N ASP R 201 -58.99 -40.51 -46.03
CA ASP R 201 -59.95 -40.73 -44.91
C ASP R 201 -59.20 -41.41 -43.75
N ASN R 202 -58.74 -40.61 -42.78
CA ASN R 202 -57.93 -41.11 -41.65
C ASN R 202 -58.73 -42.07 -40.77
N SER R 203 -60.04 -41.87 -40.59
CA SER R 203 -60.90 -42.80 -39.80
C SER R 203 -60.80 -44.22 -40.36
N LYS R 204 -60.77 -44.36 -41.71
CA LYS R 204 -60.71 -45.68 -42.41
C LYS R 204 -59.25 -46.04 -42.74
N SER R 205 -58.30 -45.16 -42.46
CA SER R 205 -56.86 -45.33 -42.81
C SER R 205 -56.72 -45.61 -44.30
N THR R 206 -57.41 -44.84 -45.14
CA THR R 206 -57.43 -45.04 -46.61
C THR R 206 -57.01 -43.78 -47.37
N LEU R 207 -56.11 -43.96 -48.33
CA LEU R 207 -55.62 -42.89 -49.24
C LEU R 207 -56.38 -43.06 -50.55
N TYR R 208 -56.75 -41.95 -51.18
CA TYR R 208 -57.57 -41.99 -52.43
C TYR R 208 -56.87 -41.23 -53.55
N LEU R 209 -57.04 -41.67 -54.80
CA LEU R 209 -56.53 -40.92 -55.99
C LEU R 209 -57.65 -40.92 -57.03
N GLN R 210 -58.35 -39.81 -57.15
CA GLN R 210 -59.43 -39.65 -58.18
C GLN R 210 -58.76 -39.17 -59.47
N MET R 211 -58.67 -40.05 -60.45
CA MET R 211 -58.05 -39.78 -61.76
C MET R 211 -59.16 -39.47 -62.76
N ASN R 212 -59.32 -38.21 -63.13
CA ASN R 212 -60.26 -37.74 -64.18
C ASN R 212 -59.47 -37.34 -65.43
N SER R 213 -60.13 -37.28 -66.59
CA SER R 213 -59.53 -36.85 -67.89
C SER R 213 -58.34 -37.75 -68.22
N LEU R 214 -58.51 -39.07 -68.05
CA LEU R 214 -57.39 -40.04 -68.17
C LEU R 214 -56.75 -39.95 -69.55
N ARG R 215 -55.42 -40.14 -69.59
CA ARG R 215 -54.63 -40.14 -70.85
C ARG R 215 -53.87 -41.45 -70.95
N ALA R 216 -53.38 -41.80 -72.14
CA ALA R 216 -52.63 -43.04 -72.41
C ALA R 216 -51.29 -42.98 -71.68
N GLU R 217 -50.73 -41.77 -71.51
CA GLU R 217 -49.44 -41.56 -70.78
C GLU R 217 -49.62 -41.91 -69.29
N ASP R 218 -50.86 -42.08 -68.85
CA ASP R 218 -51.18 -42.43 -67.44
C ASP R 218 -51.14 -43.95 -67.21
N THR R 219 -50.96 -44.77 -68.24
CA THR R 219 -50.87 -46.23 -68.07
C THR R 219 -49.62 -46.49 -67.24
N ALA R 220 -49.77 -47.14 -66.09
CA ALA R 220 -48.67 -47.41 -65.12
C ALA R 220 -49.17 -48.31 -63.98
N VAL R 221 -48.24 -48.89 -63.25
CA VAL R 221 -48.50 -49.44 -61.89
C VAL R 221 -48.47 -48.27 -60.92
N TYR R 222 -49.50 -48.13 -60.10
CA TYR R 222 -49.62 -47.03 -59.10
C TYR R 222 -49.26 -47.61 -57.73
N TYR R 223 -48.15 -47.12 -57.18
CA TYR R 223 -47.65 -47.49 -55.83
C TYR R 223 -48.07 -46.43 -54.82
N CYS R 224 -48.54 -46.92 -53.69
CA CYS R 224 -48.83 -46.20 -52.43
C CYS R 224 -47.52 -46.12 -51.62
N ALA R 225 -47.05 -44.92 -51.30
CA ALA R 225 -45.78 -44.73 -50.57
C ALA R 225 -46.00 -43.92 -49.28
N LYS R 226 -45.71 -44.57 -48.18
CA LYS R 226 -45.75 -44.01 -46.80
C LYS R 226 -44.47 -43.21 -46.54
N GLU R 227 -44.61 -42.05 -45.88
CA GLU R 227 -43.44 -41.32 -45.32
C GLU R 227 -43.30 -41.72 -43.86
N PRO R 228 -42.15 -41.48 -43.20
CA PRO R 228 -41.99 -41.88 -41.81
C PRO R 228 -42.98 -41.16 -40.87
N PHE R 229 -43.30 -41.83 -39.76
CA PHE R 229 -44.11 -41.26 -38.66
C PHE R 229 -43.60 -39.86 -38.35
N ASP R 230 -44.53 -38.92 -38.22
CA ASP R 230 -44.27 -37.49 -37.87
C ASP R 230 -45.39 -37.05 -36.94
N SER R 231 -45.06 -36.39 -35.84
CA SER R 231 -46.04 -35.97 -34.82
C SER R 231 -47.11 -35.05 -35.45
N SER R 232 -46.81 -34.34 -36.54
CA SER R 232 -47.77 -33.46 -37.26
C SER R 232 -48.19 -34.06 -38.60
N GLY R 233 -47.80 -35.29 -38.91
CA GLY R 233 -47.98 -35.87 -40.26
C GLY R 233 -47.43 -34.98 -41.38
N ASP R 234 -46.36 -34.21 -41.16
CA ASP R 234 -45.70 -33.38 -42.21
C ASP R 234 -45.00 -34.26 -43.27
N HIS R 235 -44.71 -33.63 -44.41
CA HIS R 235 -43.87 -34.16 -45.50
C HIS R 235 -42.42 -34.23 -45.02
N ARG R 236 -41.71 -35.32 -45.30
CA ARG R 236 -40.32 -35.52 -44.83
C ARG R 236 -39.37 -35.81 -45.99
N GLY R 237 -39.91 -36.15 -47.17
CA GLY R 237 -39.10 -36.43 -48.37
C GLY R 237 -38.58 -37.86 -48.42
N VAL R 238 -39.15 -38.78 -47.64
CA VAL R 238 -38.66 -40.18 -47.52
C VAL R 238 -39.85 -41.10 -47.77
N PHE R 239 -39.71 -42.06 -48.70
CA PHE R 239 -40.72 -43.10 -48.96
C PHE R 239 -40.24 -44.36 -48.24
N ASP R 240 -40.55 -44.54 -46.96
CA ASP R 240 -39.87 -45.61 -46.19
C ASP R 240 -40.64 -46.93 -46.26
N TYR R 241 -41.85 -46.94 -46.84
CA TYR R 241 -42.58 -48.20 -47.05
C TYR R 241 -43.58 -48.04 -48.22
N TRP R 242 -43.65 -49.08 -49.03
CA TRP R 242 -44.45 -49.11 -50.29
C TRP R 242 -45.39 -50.32 -50.31
N GLY R 243 -46.53 -50.16 -51.00
CA GLY R 243 -47.42 -51.26 -51.41
C GLY R 243 -46.93 -51.92 -52.68
N GLN R 244 -47.50 -53.07 -53.03
CA GLN R 244 -47.10 -53.91 -54.19
C GLN R 244 -47.53 -53.25 -55.51
N GLY R 245 -48.52 -52.34 -55.48
CA GLY R 245 -48.97 -51.56 -56.65
C GLY R 245 -50.30 -52.05 -57.21
N THR R 246 -50.94 -51.20 -58.01
CA THR R 246 -52.17 -51.58 -58.76
C THR R 246 -51.98 -51.12 -60.20
N LEU R 247 -52.35 -51.95 -61.18
CA LEU R 247 -52.19 -51.62 -62.63
C LEU R 247 -53.38 -50.80 -63.14
N VAL R 248 -53.10 -49.64 -63.73
CA VAL R 248 -54.16 -48.83 -64.38
C VAL R 248 -53.84 -48.74 -65.87
N THR R 249 -54.65 -49.34 -66.73
CA THR R 249 -54.35 -49.37 -68.18
C THR R 249 -55.33 -48.48 -68.93
N VAL R 250 -54.84 -47.75 -69.93
CA VAL R 250 -55.76 -46.94 -70.77
C VAL R 250 -55.33 -47.08 -72.23
N SER S 2 -71.31 -66.14 -19.23
CA SER S 2 -70.02 -66.32 -18.51
C SER S 2 -68.92 -66.80 -19.48
N TYR S 3 -67.70 -66.29 -19.30
CA TYR S 3 -66.59 -66.38 -20.27
C TYR S 3 -66.21 -67.85 -20.49
N VAL S 4 -65.80 -68.20 -21.71
CA VAL S 4 -65.53 -69.61 -22.12
C VAL S 4 -64.07 -69.71 -22.56
N LEU S 5 -63.36 -70.74 -22.08
CA LEU S 5 -61.97 -71.04 -22.47
C LEU S 5 -61.99 -72.42 -23.12
N THR S 6 -61.55 -72.49 -24.37
CA THR S 6 -61.55 -73.71 -25.21
C THR S 6 -60.14 -74.32 -25.26
N GLN S 7 -60.00 -75.58 -24.85
CA GLN S 7 -58.71 -76.31 -24.94
C GLN S 7 -58.93 -77.57 -25.77
N PRO S 8 -57.98 -77.93 -26.67
CA PRO S 8 -58.05 -79.23 -27.34
C PRO S 8 -58.03 -80.33 -26.28
N PRO S 9 -58.93 -81.34 -26.36
CA PRO S 9 -59.02 -82.33 -25.29
C PRO S 9 -57.71 -83.10 -25.05
N SER S 10 -56.93 -83.34 -26.10
CA SER S 10 -55.68 -84.14 -25.97
C SER S 10 -54.61 -83.67 -26.96
N VAL S 11 -53.35 -83.87 -26.59
CA VAL S 11 -52.15 -83.58 -27.41
C VAL S 11 -51.16 -84.73 -27.19
N SER S 12 -50.54 -85.21 -28.28
CA SER S 12 -49.49 -86.26 -28.23
C SER S 12 -48.17 -85.68 -28.73
N VAL S 13 -47.06 -86.09 -28.11
CA VAL S 13 -45.71 -85.52 -28.35
C VAL S 13 -44.66 -86.61 -28.16
N ALA S 14 -43.64 -86.67 -29.01
CA ALA S 14 -42.49 -87.59 -28.84
C ALA S 14 -41.55 -86.98 -27.82
N PRO S 15 -40.78 -87.78 -27.04
CA PRO S 15 -39.74 -87.25 -26.17
C PRO S 15 -38.74 -86.37 -26.94
N GLY S 16 -38.35 -85.23 -26.37
CA GLY S 16 -37.41 -84.27 -26.97
C GLY S 16 -38.13 -83.26 -27.86
N LYS S 17 -39.33 -83.57 -28.34
CA LYS S 17 -40.10 -82.66 -29.22
C LYS S 17 -40.76 -81.56 -28.38
N THR S 18 -41.48 -80.65 -29.05
CA THR S 18 -42.19 -79.53 -28.40
C THR S 18 -43.70 -79.86 -28.34
N ALA S 19 -44.34 -79.59 -27.20
CA ALA S 19 -45.81 -79.67 -27.01
C ALA S 19 -46.37 -78.25 -26.95
N ARG S 20 -47.45 -78.00 -27.72
CA ARG S 20 -48.17 -76.70 -27.76
C ARG S 20 -49.63 -76.96 -27.37
N ILE S 21 -50.08 -76.32 -26.29
CA ILE S 21 -51.46 -76.40 -25.77
C ILE S 21 -52.13 -75.03 -25.92
N THR S 22 -53.20 -74.95 -26.71
CA THR S 22 -53.89 -73.67 -26.99
C THR S 22 -55.01 -73.47 -25.97
N CYS S 23 -55.36 -72.21 -25.76
CA CYS S 23 -56.47 -71.75 -24.89
C CYS S 23 -57.20 -70.64 -25.65
N GLY S 24 -58.35 -70.97 -26.23
CA GLY S 24 -59.16 -70.04 -27.02
C GLY S 24 -60.09 -69.24 -26.15
N GLY S 25 -60.21 -67.94 -26.45
CA GLY S 25 -61.19 -67.08 -25.75
C GLY S 25 -61.42 -65.81 -26.52
N ASN S 26 -62.65 -65.31 -26.49
CA ASN S 26 -63.00 -64.00 -27.09
C ASN S 26 -62.06 -62.93 -26.49
N ASN S 27 -61.10 -62.46 -27.27
CA ASN S 27 -60.15 -61.37 -26.88
C ASN S 27 -59.44 -61.78 -25.58
N ILE S 28 -58.95 -63.02 -25.53
CA ILE S 28 -58.23 -63.55 -24.32
C ILE S 28 -56.91 -62.79 -24.16
N GLY S 29 -56.38 -62.21 -25.23
CA GLY S 29 -55.14 -61.40 -25.21
C GLY S 29 -55.25 -60.18 -24.32
N SER S 30 -56.47 -59.76 -24.03
CA SER S 30 -56.77 -58.58 -23.17
C SER S 30 -56.94 -59.03 -21.71
N ARG S 31 -56.67 -60.30 -21.39
CA ARG S 31 -56.79 -60.87 -20.02
C ARG S 31 -55.50 -61.60 -19.63
N SER S 32 -55.26 -61.71 -18.32
CA SER S 32 -54.10 -62.44 -17.74
C SER S 32 -54.43 -63.94 -17.65
N VAL S 33 -53.73 -64.77 -18.42
CA VAL S 33 -53.95 -66.24 -18.43
C VAL S 33 -52.90 -66.92 -17.55
N HIS S 34 -53.34 -67.80 -16.65
CA HIS S 34 -52.44 -68.64 -15.83
C HIS S 34 -52.62 -70.10 -16.29
N TRP S 35 -51.60 -70.93 -16.04
CA TRP S 35 -51.56 -72.35 -16.48
C TRP S 35 -51.25 -73.25 -15.29
N TYR S 36 -51.90 -74.41 -15.24
CA TYR S 36 -51.70 -75.41 -14.16
C TYR S 36 -51.38 -76.75 -14.82
N GLN S 37 -50.39 -77.44 -14.26
CA GLN S 37 -50.09 -78.87 -14.53
C GLN S 37 -50.81 -79.68 -13.45
N HIS S 38 -51.51 -80.75 -13.83
CA HIS S 38 -52.23 -81.64 -12.88
C HIS S 38 -51.97 -83.11 -13.23
N LYS S 39 -51.17 -83.78 -12.40
CA LYS S 39 -50.93 -85.25 -12.49
C LYS S 39 -51.94 -85.95 -11.58
N PRO S 40 -52.44 -87.15 -11.99
CA PRO S 40 -53.47 -87.86 -11.23
C PRO S 40 -53.06 -88.10 -9.77
N GLY S 41 -54.02 -87.83 -8.87
CA GLY S 41 -53.88 -87.98 -7.40
C GLY S 41 -52.80 -87.09 -6.82
N GLN S 42 -52.54 -85.94 -7.44
CA GLN S 42 -51.56 -84.94 -6.95
C GLN S 42 -52.21 -83.56 -6.91
N ALA S 43 -51.66 -82.66 -6.09
CA ALA S 43 -52.03 -81.23 -6.08
C ALA S 43 -51.64 -80.62 -7.43
N PRO S 44 -52.57 -79.92 -8.11
CA PRO S 44 -52.19 -79.11 -9.27
C PRO S 44 -51.05 -78.14 -8.91
N VAL S 45 -50.18 -77.89 -9.89
CA VAL S 45 -49.03 -76.97 -9.76
C VAL S 45 -49.22 -75.80 -10.74
N MET S 46 -49.05 -74.57 -10.28
CA MET S 46 -49.04 -73.41 -11.20
C MET S 46 -47.66 -73.36 -11.89
N ILE S 47 -47.68 -73.36 -13.23
CA ILE S 47 -46.44 -73.39 -14.06
C ILE S 47 -46.27 -72.07 -14.84
N ILE S 48 -47.34 -71.34 -15.15
CA ILE S 48 -47.24 -69.98 -15.78
C ILE S 48 -48.26 -69.05 -15.13
N SER S 49 -47.85 -67.84 -14.76
CA SER S 49 -48.74 -66.76 -14.25
C SER S 49 -48.64 -65.53 -15.15
N TYR S 50 -49.74 -64.83 -15.32
CA TYR S 50 -49.83 -63.60 -16.13
C TYR S 50 -49.16 -63.85 -17.50
N ASP S 51 -49.68 -64.83 -18.26
CA ASP S 51 -49.34 -65.09 -19.68
C ASP S 51 -47.98 -65.77 -19.86
N MET S 52 -46.91 -65.32 -19.21
CA MET S 52 -45.55 -65.80 -19.56
C MET S 52 -44.63 -65.90 -18.34
N ASN S 53 -45.15 -65.72 -17.13
CA ASN S 53 -44.22 -65.66 -15.98
C ASN S 53 -44.08 -67.05 -15.37
N ARG S 54 -42.84 -67.50 -15.22
CA ARG S 54 -42.56 -68.87 -14.68
C ARG S 54 -42.27 -68.79 -13.20
N PRO S 55 -43.07 -69.40 -12.29
CA PRO S 55 -42.71 -69.49 -10.88
C PRO S 55 -41.35 -70.17 -10.71
N SER S 56 -40.66 -69.80 -9.63
CA SER S 56 -39.40 -70.43 -9.15
C SER S 56 -39.60 -71.95 -9.10
N GLY S 57 -38.71 -72.73 -9.73
CA GLY S 57 -38.77 -74.20 -9.73
C GLY S 57 -39.33 -74.76 -11.02
N ILE S 58 -39.91 -73.92 -11.88
CA ILE S 58 -40.42 -74.37 -13.22
C ILE S 58 -39.30 -74.18 -14.23
N PRO S 59 -38.92 -75.23 -14.98
CA PRO S 59 -37.80 -75.14 -15.93
C PRO S 59 -38.05 -74.24 -17.14
N GLU S 60 -36.97 -73.64 -17.68
CA GLU S 60 -36.99 -72.67 -18.83
C GLU S 60 -37.70 -73.27 -20.05
N ARG S 61 -37.76 -74.60 -20.17
CA ARG S 61 -38.43 -75.32 -21.30
C ARG S 61 -39.91 -74.95 -21.34
N VAL S 62 -40.49 -74.61 -20.19
CA VAL S 62 -41.94 -74.23 -20.10
C VAL S 62 -42.02 -72.72 -20.36
N SER S 63 -42.84 -72.31 -21.31
CA SER S 63 -43.03 -70.87 -21.64
C SER S 63 -44.50 -70.62 -21.97
N GLY S 64 -44.92 -69.38 -21.86
CA GLY S 64 -46.32 -68.97 -22.11
C GLY S 64 -46.41 -67.81 -23.08
N SER S 65 -47.47 -67.78 -23.89
CA SER S 65 -47.76 -66.72 -24.87
C SER S 65 -49.26 -66.39 -24.82
N ASN S 66 -49.63 -65.18 -25.23
CA ASN S 66 -51.05 -64.72 -25.18
C ASN S 66 -51.22 -63.56 -26.16
N TYR S 67 -52.09 -63.70 -27.16
CA TYR S 67 -52.29 -62.68 -28.21
C TYR S 67 -53.63 -62.94 -28.93
N GLY S 68 -54.39 -61.86 -29.15
CA GLY S 68 -55.68 -61.89 -29.85
C GLY S 68 -56.66 -62.81 -29.15
N ASN S 69 -56.95 -63.97 -29.75
CA ASN S 69 -57.99 -64.90 -29.27
C ASN S 69 -57.38 -66.21 -28.77
N THR S 70 -56.04 -66.29 -28.72
CA THR S 70 -55.35 -67.55 -28.33
C THR S 70 -54.20 -67.28 -27.36
N ALA S 71 -54.24 -67.95 -26.20
CA ALA S 71 -53.09 -68.09 -25.29
C ALA S 71 -52.48 -69.48 -25.55
N THR S 72 -51.17 -69.60 -25.42
CA THR S 72 -50.45 -70.86 -25.77
C THR S 72 -49.42 -71.21 -24.69
N LEU S 73 -49.52 -72.43 -24.17
CA LEU S 73 -48.49 -73.06 -23.31
C LEU S 73 -47.56 -73.87 -24.22
N THR S 74 -46.27 -73.58 -24.18
CA THR S 74 -45.24 -74.33 -24.95
C THR S 74 -44.33 -75.08 -23.99
N ILE S 75 -44.20 -76.39 -24.16
CA ILE S 75 -43.21 -77.23 -23.42
C ILE S 75 -42.24 -77.82 -24.43
N SER S 76 -40.97 -77.40 -24.36
CA SER S 76 -39.86 -77.84 -25.24
C SER S 76 -39.09 -78.97 -24.56
N ARG S 77 -38.36 -79.75 -25.36
CA ARG S 77 -37.46 -80.85 -24.86
C ARG S 77 -38.28 -81.69 -23.88
N VAL S 78 -39.40 -82.22 -24.37
CA VAL S 78 -40.45 -82.89 -23.55
C VAL S 78 -39.87 -84.16 -22.91
N GLU S 79 -40.13 -84.34 -21.61
CA GLU S 79 -39.76 -85.54 -20.83
C GLU S 79 -41.00 -86.32 -20.43
N ALA S 80 -40.83 -87.58 -20.00
CA ALA S 80 -41.91 -88.46 -19.50
C ALA S 80 -42.70 -87.73 -18.40
N GLY S 81 -41.99 -87.09 -17.46
CA GLY S 81 -42.56 -86.31 -16.34
C GLY S 81 -43.49 -85.19 -16.77
N ASP S 82 -43.49 -84.78 -18.04
CA ASP S 82 -44.42 -83.73 -18.55
C ASP S 82 -45.82 -84.30 -18.79
N GLU S 83 -45.98 -85.63 -18.76
CA GLU S 83 -47.29 -86.27 -19.04
C GLU S 83 -48.22 -85.91 -17.88
N ALA S 84 -49.26 -85.12 -18.18
CA ALA S 84 -50.25 -84.64 -17.20
C ALA S 84 -51.42 -83.95 -17.91
N ASP S 85 -52.38 -83.47 -17.12
CA ASP S 85 -53.46 -82.56 -17.61
C ASP S 85 -52.96 -81.13 -17.48
N TYR S 86 -53.30 -80.27 -18.45
CA TYR S 86 -52.93 -78.84 -18.44
C TYR S 86 -54.17 -77.98 -18.58
N TYR S 87 -54.35 -77.03 -17.65
CA TYR S 87 -55.50 -76.10 -17.65
C TYR S 87 -55.03 -74.65 -17.74
N CYS S 88 -55.66 -73.88 -18.63
CA CYS S 88 -55.60 -72.39 -18.62
C CYS S 88 -56.70 -71.87 -17.68
N GLN S 89 -56.59 -70.61 -17.26
CA GLN S 89 -57.52 -69.99 -16.30
C GLN S 89 -57.39 -68.46 -16.36
N VAL S 90 -58.51 -67.76 -16.28
CA VAL S 90 -58.56 -66.28 -16.24
C VAL S 90 -59.42 -65.88 -15.03
N TRP S 91 -59.39 -64.59 -14.74
CA TRP S 91 -60.13 -63.99 -13.61
C TRP S 91 -60.69 -62.65 -14.06
N ASP S 92 -61.99 -62.49 -13.96
CA ASP S 92 -62.74 -61.26 -14.32
C ASP S 92 -63.41 -60.72 -13.06
N SER S 93 -62.79 -59.70 -12.44
CA SER S 93 -63.15 -59.19 -11.09
C SER S 93 -64.65 -58.85 -11.03
N ARG S 94 -65.21 -58.22 -12.08
CA ARG S 94 -66.61 -57.73 -12.04
C ARG S 94 -67.48 -58.66 -12.89
N SER S 95 -67.58 -59.94 -12.51
CA SER S 95 -68.37 -60.96 -13.27
C SER S 95 -69.13 -61.92 -12.35
N ASP S 96 -70.18 -62.57 -12.89
CA ASP S 96 -71.12 -63.48 -12.16
C ASP S 96 -70.31 -64.65 -11.58
N HIS S 97 -69.54 -65.32 -12.45
CA HIS S 97 -68.50 -66.33 -12.10
C HIS S 97 -67.15 -65.71 -12.47
N PRO S 98 -66.41 -65.19 -11.47
CA PRO S 98 -65.14 -64.50 -11.72
C PRO S 98 -63.88 -65.35 -11.99
N TYR S 99 -63.88 -66.64 -11.63
CA TYR S 99 -62.78 -67.57 -11.96
C TYR S 99 -63.28 -68.59 -12.99
N VAL S 100 -62.61 -68.68 -14.12
CA VAL S 100 -62.98 -69.62 -15.22
C VAL S 100 -61.77 -70.49 -15.56
N PHE S 101 -61.94 -71.80 -15.52
CA PHE S 101 -60.92 -72.75 -16.04
C PHE S 101 -61.24 -73.15 -17.48
N GLY S 102 -60.20 -73.50 -18.22
CA GLY S 102 -60.31 -74.21 -19.50
C GLY S 102 -60.80 -75.64 -19.27
N THR S 103 -61.26 -76.26 -20.35
CA THR S 103 -61.83 -77.64 -20.36
C THR S 103 -60.70 -78.65 -20.09
N GLY S 104 -59.43 -78.28 -20.26
CA GLY S 104 -58.26 -79.13 -19.93
C GLY S 104 -57.68 -79.81 -21.16
N THR S 105 -56.41 -80.19 -21.11
CA THR S 105 -55.71 -80.90 -22.21
C THR S 105 -54.89 -82.04 -21.61
N ARG S 106 -55.21 -83.29 -21.99
CA ARG S 106 -54.41 -84.49 -21.61
C ARG S 106 -53.19 -84.55 -22.54
N VAL S 107 -51.99 -84.45 -21.97
CA VAL S 107 -50.73 -84.51 -22.77
C VAL S 107 -50.06 -85.87 -22.53
N THR S 108 -50.00 -86.68 -23.59
CA THR S 108 -49.34 -88.00 -23.60
C THR S 108 -47.98 -87.89 -24.31
N VAL S 109 -46.93 -88.40 -23.67
CA VAL S 109 -45.58 -88.49 -24.28
C VAL S 109 -45.35 -89.93 -24.76
N LEU S 110 -44.99 -90.08 -26.03
CA LEU S 110 -44.72 -91.40 -26.69
C LEU S 110 -43.33 -91.89 -26.29
N GLU S 129 -42.54 -75.46 4.34
CA GLU S 129 -42.83 -74.03 4.04
C GLU S 129 -44.35 -73.91 4.16
N VAL S 130 -45.09 -73.67 3.07
CA VAL S 130 -46.58 -73.61 3.11
C VAL S 130 -47.14 -75.02 2.89
N GLN S 131 -48.13 -75.42 3.70
CA GLN S 131 -48.92 -76.67 3.52
C GLN S 131 -50.42 -76.34 3.58
N LEU S 132 -51.20 -76.96 2.69
CA LEU S 132 -52.69 -76.93 2.71
C LEU S 132 -53.16 -78.38 2.86
N VAL S 133 -53.78 -78.72 4.00
CA VAL S 133 -54.25 -80.11 4.27
C VAL S 133 -55.77 -80.11 4.43
N GLU S 134 -56.47 -80.73 3.47
CA GLU S 134 -57.95 -80.88 3.48
C GLU S 134 -58.35 -82.10 4.31
N SER S 135 -59.51 -82.03 4.96
CA SER S 135 -60.18 -83.16 5.66
C SER S 135 -61.70 -83.01 5.55
N GLY S 136 -62.44 -84.01 6.06
CA GLY S 136 -63.92 -84.00 6.16
C GLY S 136 -64.58 -84.64 4.94
N GLY S 137 -63.79 -85.19 4.02
CA GLY S 137 -64.31 -85.93 2.86
C GLY S 137 -64.81 -87.30 3.31
N GLY S 138 -65.82 -87.85 2.62
CA GLY S 138 -66.32 -89.22 2.89
C GLY S 138 -67.49 -89.61 2.00
N LEU S 139 -68.35 -90.50 2.48
CA LEU S 139 -69.57 -90.96 1.74
C LEU S 139 -70.80 -90.41 2.45
N VAL S 140 -71.82 -90.01 1.69
CA VAL S 140 -73.07 -89.37 2.23
C VAL S 140 -74.27 -89.76 1.36
N LYS S 141 -75.47 -89.85 1.96
CA LYS S 141 -76.76 -90.03 1.24
C LYS S 141 -77.03 -88.76 0.42
N PRO S 142 -77.49 -88.88 -0.84
CA PRO S 142 -78.00 -87.70 -1.59
C PRO S 142 -79.01 -86.91 -0.75
N GLY S 143 -78.89 -85.58 -0.73
CA GLY S 143 -79.71 -84.69 0.11
C GLY S 143 -79.08 -84.43 1.48
N GLY S 144 -78.05 -85.20 1.85
CA GLY S 144 -77.28 -85.08 3.11
C GLY S 144 -76.34 -83.86 3.14
N SER S 145 -75.49 -83.82 4.17
CA SER S 145 -74.61 -82.66 4.47
C SER S 145 -73.20 -83.14 4.82
N LEU S 146 -72.23 -82.27 4.57
CA LEU S 146 -70.80 -82.55 4.83
C LEU S 146 -70.03 -81.23 4.90
N ARG S 147 -69.19 -81.05 5.93
CA ARG S 147 -68.32 -79.84 6.06
C ARG S 147 -66.87 -80.24 5.80
N LEU S 148 -66.22 -79.62 4.81
CA LEU S 148 -64.77 -79.78 4.57
C LEU S 148 -63.96 -78.74 5.35
N SER S 149 -62.76 -79.12 5.75
CA SER S 149 -61.76 -78.20 6.37
C SER S 149 -60.49 -78.21 5.54
N CYS S 150 -59.81 -77.07 5.52
CA CYS S 150 -58.41 -76.94 5.03
C CYS S 150 -57.58 -76.28 6.13
N ALA S 151 -56.63 -77.03 6.71
CA ALA S 151 -55.67 -76.51 7.71
C ALA S 151 -54.46 -75.98 6.96
N ALA S 152 -54.28 -74.67 6.94
CA ALA S 152 -53.14 -74.02 6.26
C ALA S 152 -52.03 -73.84 7.29
N SER S 153 -50.79 -74.02 6.84
CA SER S 153 -49.58 -74.05 7.68
C SER S 153 -48.50 -73.18 7.02
N GLY S 154 -47.87 -72.30 7.81
CA GLY S 154 -46.69 -71.52 7.39
C GLY S 154 -47.05 -70.23 6.68
N ILE S 155 -48.28 -69.74 6.83
CA ILE S 155 -48.74 -68.45 6.23
C ILE S 155 -49.66 -67.77 7.25
N THR S 156 -49.68 -66.44 7.26
CA THR S 156 -50.61 -65.66 8.11
C THR S 156 -51.91 -65.54 7.31
N PHE S 157 -52.92 -66.32 7.70
CA PHE S 157 -54.07 -66.72 6.83
C PHE S 157 -54.89 -65.53 6.35
N GLN S 158 -55.05 -64.47 7.13
CA GLN S 158 -55.96 -63.35 6.72
C GLN S 158 -55.37 -62.57 5.52
N TYR S 159 -54.17 -62.90 5.02
CA TYR S 159 -53.54 -62.18 3.90
C TYR S 159 -53.77 -62.91 2.57
N TYR S 160 -54.65 -63.91 2.55
CA TYR S 160 -54.78 -64.84 1.40
C TYR S 160 -56.26 -65.06 1.08
N ALA S 161 -56.68 -64.67 -0.11
CA ALA S 161 -57.92 -65.16 -0.73
C ALA S 161 -57.81 -66.68 -0.87
N MET S 162 -58.83 -67.41 -0.46
CA MET S 162 -58.83 -68.90 -0.50
C MET S 162 -59.99 -69.38 -1.36
N ASN S 163 -59.84 -70.56 -1.94
CA ASN S 163 -60.74 -71.11 -2.98
C ASN S 163 -60.92 -72.62 -2.76
N TRP S 164 -62.09 -73.11 -3.15
CA TRP S 164 -62.37 -74.56 -3.34
C TRP S 164 -62.51 -74.82 -4.84
N VAL S 165 -61.76 -75.80 -5.33
CA VAL S 165 -61.84 -76.26 -6.75
C VAL S 165 -62.01 -77.77 -6.72
N ARG S 166 -62.95 -78.30 -7.50
CA ARG S 166 -63.24 -79.75 -7.50
C ARG S 166 -62.98 -80.36 -8.88
N GLN S 167 -62.77 -81.66 -8.88
CA GLN S 167 -62.71 -82.50 -10.10
C GLN S 167 -63.64 -83.69 -9.90
N ALA S 168 -64.78 -83.70 -10.60
CA ALA S 168 -65.69 -84.86 -10.71
C ALA S 168 -65.03 -85.94 -11.57
N PRO S 169 -65.41 -87.23 -11.39
CA PRO S 169 -64.91 -88.31 -12.24
C PRO S 169 -65.03 -88.01 -13.73
N GLY S 170 -63.91 -88.12 -14.47
CA GLY S 170 -63.83 -87.92 -15.93
C GLY S 170 -64.20 -86.51 -16.39
N LYS S 171 -64.20 -85.51 -15.51
CA LYS S 171 -64.48 -84.10 -15.85
C LYS S 171 -63.25 -83.26 -15.49
N GLY S 172 -63.20 -82.01 -15.93
CA GLY S 172 -62.06 -81.11 -15.69
C GLY S 172 -62.11 -80.47 -14.31
N LEU S 173 -61.08 -79.71 -13.95
CA LEU S 173 -61.06 -78.85 -12.74
C LEU S 173 -62.20 -77.83 -12.87
N GLU S 174 -63.04 -77.74 -11.83
CA GLU S 174 -64.18 -76.78 -11.77
C GLU S 174 -64.04 -75.91 -10.53
N TRP S 175 -63.94 -74.60 -10.72
CA TRP S 175 -63.91 -73.61 -9.62
C TRP S 175 -65.25 -73.67 -8.90
N VAL S 176 -65.23 -73.79 -7.56
CA VAL S 176 -66.47 -73.96 -6.75
C VAL S 176 -66.79 -72.66 -6.03
N SER S 177 -65.86 -72.18 -5.21
CA SER S 177 -66.10 -71.05 -4.28
C SER S 177 -64.80 -70.32 -3.95
N SER S 178 -64.94 -69.02 -3.67
CA SER S 178 -63.82 -68.12 -3.31
C SER S 178 -64.22 -67.25 -2.12
N ILE S 179 -63.26 -66.97 -1.24
CA ILE S 179 -63.46 -66.05 -0.09
C ILE S 179 -62.23 -65.16 0.07
N GLY S 180 -62.45 -63.88 0.36
CA GLY S 180 -61.38 -62.90 0.67
C GLY S 180 -60.69 -63.25 1.98
N GLY S 181 -59.47 -62.76 2.18
CA GLY S 181 -58.68 -62.95 3.41
C GLY S 181 -59.47 -62.58 4.66
N ARG S 182 -60.14 -61.44 4.63
CA ARG S 182 -60.95 -60.92 5.78
C ARG S 182 -62.17 -61.80 6.01
N GLY S 183 -62.56 -62.64 5.05
CA GLY S 183 -63.80 -63.43 5.09
C GLY S 183 -64.96 -62.66 4.49
N ASP S 184 -64.68 -61.47 3.92
CA ASP S 184 -65.70 -60.41 3.65
C ASP S 184 -66.19 -60.47 2.20
N THR S 185 -65.63 -61.33 1.36
CA THR S 185 -66.03 -61.36 -0.08
C THR S 185 -66.16 -62.82 -0.47
N THR S 186 -67.35 -63.25 -0.91
CA THR S 186 -67.64 -64.67 -1.21
C THR S 186 -68.21 -64.76 -2.62
N TYR S 187 -67.75 -65.76 -3.37
CA TYR S 187 -68.26 -66.08 -4.71
C TYR S 187 -68.52 -67.59 -4.80
N TYR S 188 -69.61 -67.94 -5.48
CA TYR S 188 -70.02 -69.35 -5.70
C TYR S 188 -70.30 -69.52 -7.19
N THR S 189 -70.00 -70.69 -7.73
CA THR S 189 -70.51 -71.11 -9.06
C THR S 189 -72.03 -71.34 -8.91
N ASP S 190 -72.81 -71.03 -9.94
CA ASP S 190 -74.30 -71.14 -9.91
C ASP S 190 -74.70 -72.53 -9.40
N SER S 191 -74.05 -73.58 -9.88
CA SER S 191 -74.37 -75.00 -9.53
C SER S 191 -74.54 -75.17 -8.01
N VAL S 192 -73.69 -74.56 -7.18
CA VAL S 192 -73.71 -74.82 -5.71
C VAL S 192 -74.37 -73.66 -4.94
N LYS S 193 -74.71 -72.57 -5.63
CA LYS S 193 -75.31 -71.35 -5.04
C LYS S 193 -76.52 -71.76 -4.19
N GLY S 194 -76.50 -71.44 -2.90
CA GLY S 194 -77.63 -71.65 -1.97
C GLY S 194 -77.64 -73.04 -1.36
N ARG S 195 -76.68 -73.91 -1.67
CA ARG S 195 -76.47 -75.22 -0.99
C ARG S 195 -75.12 -75.25 -0.28
N PHE S 196 -74.09 -74.60 -0.84
CA PHE S 196 -72.72 -74.53 -0.29
C PHE S 196 -72.51 -73.18 0.39
N THR S 197 -71.82 -73.17 1.54
CA THR S 197 -71.33 -71.94 2.21
C THR S 197 -69.83 -72.06 2.45
N ILE S 198 -69.07 -71.10 1.92
CA ILE S 198 -67.61 -70.97 2.19
C ILE S 198 -67.46 -70.04 3.40
N SER S 199 -66.61 -70.43 4.34
CA SER S 199 -66.29 -69.63 5.55
C SER S 199 -64.81 -69.85 5.92
N ARG S 200 -64.34 -69.18 6.94
CA ARG S 200 -62.89 -69.04 7.21
C ARG S 200 -62.70 -68.67 8.68
N ASP S 201 -61.81 -69.37 9.39
CA ASP S 201 -61.38 -68.97 10.76
C ASP S 201 -59.88 -68.66 10.72
N ASN S 202 -59.52 -67.38 10.60
CA ASN S 202 -58.11 -66.93 10.45
C ASN S 202 -57.31 -67.24 11.72
N SER S 203 -57.91 -67.18 12.92
CA SER S 203 -57.22 -67.54 14.19
C SER S 203 -56.67 -68.98 14.09
N LYS S 204 -57.44 -69.92 13.49
CA LYS S 204 -57.06 -71.35 13.37
C LYS S 204 -56.40 -71.61 12.01
N SER S 205 -56.34 -70.61 11.12
CA SER S 205 -55.81 -70.73 9.73
C SER S 205 -56.56 -71.85 9.00
N THR S 206 -57.89 -71.90 9.12
CA THR S 206 -58.72 -72.98 8.55
C THR S 206 -59.78 -72.39 7.60
N LEU S 207 -59.89 -73.01 6.43
CA LEU S 207 -60.94 -72.71 5.43
C LEU S 207 -62.03 -73.78 5.56
N TYR S 208 -63.30 -73.38 5.45
CA TYR S 208 -64.45 -74.29 5.58
C TYR S 208 -65.28 -74.26 4.30
N LEU S 209 -65.79 -75.44 3.92
CA LEU S 209 -66.88 -75.56 2.92
C LEU S 209 -68.01 -76.40 3.51
N GLN S 210 -69.11 -75.75 3.88
CA GLN S 210 -70.37 -76.37 4.36
C GLN S 210 -71.19 -76.75 3.13
N MET S 211 -71.28 -78.04 2.84
CA MET S 211 -72.03 -78.57 1.67
C MET S 211 -73.35 -79.20 2.17
N ASN S 212 -74.46 -78.49 1.94
CA ASN S 212 -75.83 -78.96 2.28
C ASN S 212 -76.58 -79.33 0.99
N SER S 213 -77.64 -80.14 1.12
CA SER S 213 -78.56 -80.51 0.01
C SER S 213 -77.75 -81.22 -1.09
N LEU S 214 -76.84 -82.14 -0.70
CA LEU S 214 -75.83 -82.72 -1.63
C LEU S 214 -76.53 -83.45 -2.78
N ARG S 215 -75.96 -83.34 -3.97
CA ARG S 215 -76.38 -84.04 -5.21
C ARG S 215 -75.30 -85.06 -5.60
N ALA S 216 -75.61 -85.93 -6.55
CA ALA S 216 -74.66 -86.93 -7.11
C ALA S 216 -73.64 -86.21 -7.99
N GLU S 217 -74.05 -85.13 -8.66
CA GLU S 217 -73.20 -84.22 -9.48
C GLU S 217 -72.06 -83.63 -8.62
N ASP S 218 -72.17 -83.71 -7.29
CA ASP S 218 -71.18 -83.12 -6.35
C ASP S 218 -70.10 -84.13 -5.98
N THR S 219 -70.19 -85.39 -6.42
CA THR S 219 -69.10 -86.38 -6.19
C THR S 219 -67.86 -85.87 -6.92
N ALA S 220 -66.77 -85.63 -6.18
CA ALA S 220 -65.52 -85.02 -6.70
C ALA S 220 -64.43 -85.08 -5.64
N VAL S 221 -63.18 -84.90 -6.08
CA VAL S 221 -62.05 -84.52 -5.18
C VAL S 221 -62.15 -83.00 -4.98
N TYR S 222 -62.14 -82.54 -3.72
CA TYR S 222 -62.23 -81.10 -3.37
C TYR S 222 -60.82 -80.63 -3.02
N TYR S 223 -60.29 -79.73 -3.85
CA TYR S 223 -58.95 -79.12 -3.66
C TYR S 223 -59.13 -77.73 -3.03
N CYS S 224 -58.26 -77.47 -2.06
CA CYS S 224 -58.03 -76.19 -1.37
C CYS S 224 -57.00 -75.41 -2.19
N ALA S 225 -57.31 -74.19 -2.63
CA ALA S 225 -56.41 -73.37 -3.48
C ALA S 225 -56.17 -71.99 -2.88
N LYS S 226 -54.91 -71.74 -2.57
CA LYS S 226 -54.37 -70.46 -2.02
C LYS S 226 -54.14 -69.48 -3.16
N GLU S 227 -54.49 -68.22 -2.97
CA GLU S 227 -54.08 -67.11 -3.86
C GLU S 227 -52.81 -66.49 -3.29
N PRO S 228 -52.05 -65.69 -4.06
CA PRO S 228 -50.82 -65.11 -3.53
C PRO S 228 -51.09 -64.15 -2.36
N PHE S 229 -50.09 -64.01 -1.49
CA PHE S 229 -50.07 -63.01 -0.41
C PHE S 229 -50.52 -61.66 -0.98
N ASP S 230 -51.43 -61.00 -0.26
CA ASP S 230 -51.93 -59.63 -0.56
C ASP S 230 -52.09 -58.90 0.78
N SER S 231 -51.66 -57.64 0.85
CA SER S 231 -51.67 -56.84 2.11
C SER S 231 -53.11 -56.69 2.60
N SER S 232 -54.13 -56.75 1.71
CA SER S 232 -55.56 -56.69 2.08
C SER S 232 -56.25 -58.04 1.98
N GLY S 233 -55.51 -59.13 1.72
CA GLY S 233 -56.10 -60.45 1.41
C GLY S 233 -57.13 -60.40 0.28
N ASP S 234 -56.98 -59.51 -0.70
CA ASP S 234 -57.88 -59.42 -1.87
C ASP S 234 -57.78 -60.66 -2.78
N HIS S 235 -58.79 -60.84 -3.62
CA HIS S 235 -58.80 -61.80 -4.74
C HIS S 235 -57.81 -61.29 -5.79
N ARG S 236 -56.94 -62.17 -6.29
CA ARG S 236 -55.93 -61.84 -7.33
C ARG S 236 -56.16 -62.60 -8.63
N GLY S 237 -56.97 -63.66 -8.61
CA GLY S 237 -57.25 -64.49 -9.79
C GLY S 237 -56.20 -65.56 -10.04
N VAL S 238 -55.34 -65.85 -9.06
CA VAL S 238 -54.20 -66.81 -9.22
C VAL S 238 -54.29 -67.87 -8.14
N PHE S 239 -54.28 -69.13 -8.51
CA PHE S 239 -54.22 -70.27 -7.56
C PHE S 239 -52.76 -70.71 -7.48
N ASP S 240 -51.95 -70.10 -6.60
CA ASP S 240 -50.48 -70.34 -6.71
C ASP S 240 -50.04 -71.53 -5.84
N TYR S 241 -50.93 -72.10 -5.03
CA TYR S 241 -50.60 -73.33 -4.26
C TYR S 241 -51.87 -74.10 -3.90
N TRP S 242 -51.80 -75.42 -4.02
CA TRP S 242 -52.95 -76.34 -3.85
C TRP S 242 -52.62 -77.44 -2.84
N GLY S 243 -53.65 -77.93 -2.14
CA GLY S 243 -53.59 -79.18 -1.36
C GLY S 243 -53.82 -80.40 -2.24
N GLN S 244 -53.56 -81.60 -1.69
CA GLN S 244 -53.63 -82.89 -2.41
C GLN S 244 -55.09 -83.27 -2.70
N GLY S 245 -56.05 -82.73 -1.94
CA GLY S 245 -57.50 -82.93 -2.17
C GLY S 245 -58.13 -83.87 -1.15
N THR S 246 -59.47 -83.91 -1.14
CA THR S 246 -60.23 -84.87 -0.31
C THR S 246 -61.43 -85.35 -1.17
N LEU S 247 -61.84 -86.61 -1.06
CA LEU S 247 -62.92 -87.17 -1.91
C LEU S 247 -64.29 -87.10 -1.21
N VAL S 248 -65.27 -86.50 -1.87
CA VAL S 248 -66.65 -86.52 -1.36
C VAL S 248 -67.43 -87.45 -2.31
N THR S 249 -68.07 -88.49 -1.79
CA THR S 249 -68.74 -89.51 -2.65
C THR S 249 -70.23 -89.54 -2.30
N VAL S 250 -71.03 -88.70 -2.97
CA VAL S 250 -72.48 -88.64 -2.71
C VAL S 250 -73.19 -89.61 -3.64
N SER T 2 -32.75 -74.07 36.47
CA SER T 2 -32.03 -73.40 35.36
C SER T 2 -31.95 -74.32 34.12
N TYR T 3 -31.57 -73.72 32.99
CA TYR T 3 -31.77 -74.26 31.62
C TYR T 3 -30.91 -75.51 31.45
N VAL T 4 -31.39 -76.49 30.67
CA VAL T 4 -30.69 -77.78 30.48
C VAL T 4 -30.28 -77.94 29.00
N LEU T 5 -29.03 -78.32 28.76
CA LEU T 5 -28.51 -78.63 27.41
C LEU T 5 -28.11 -80.10 27.39
N THR T 6 -28.71 -80.87 26.49
CA THR T 6 -28.52 -82.34 26.36
C THR T 6 -27.59 -82.63 25.18
N GLN T 7 -26.49 -83.34 25.43
CA GLN T 7 -25.58 -83.79 24.36
C GLN T 7 -25.45 -85.31 24.43
N PRO T 8 -25.43 -86.02 23.28
CA PRO T 8 -25.09 -87.44 23.27
C PRO T 8 -23.70 -87.63 23.88
N PRO T 9 -23.52 -88.58 24.82
CA PRO T 9 -22.25 -88.70 25.53
C PRO T 9 -21.04 -88.97 24.61
N SER T 10 -21.24 -89.72 23.52
CA SER T 10 -20.13 -90.07 22.61
C SER T 10 -20.61 -90.21 21.17
N VAL T 11 -19.70 -89.96 20.22
CA VAL T 11 -19.91 -90.20 18.76
C VAL T 11 -18.60 -90.76 18.19
N SER T 12 -18.70 -91.74 17.29
CA SER T 12 -17.57 -92.37 16.56
C SER T 12 -17.72 -92.08 15.06
N VAL T 13 -16.59 -91.82 14.40
CA VAL T 13 -16.56 -91.34 12.98
C VAL T 13 -15.29 -91.89 12.31
N ALA T 14 -15.40 -92.31 11.05
CA ALA T 14 -14.24 -92.71 10.23
C ALA T 14 -13.56 -91.45 9.72
N PRO T 15 -12.22 -91.45 9.50
CA PRO T 15 -11.54 -90.33 8.84
C PRO T 15 -12.19 -90.02 7.47
N GLY T 16 -12.34 -88.74 7.15
CA GLY T 16 -12.96 -88.26 5.90
C GLY T 16 -14.48 -88.16 5.99
N LYS T 17 -15.11 -88.87 6.92
CA LYS T 17 -16.60 -88.83 7.11
C LYS T 17 -17.00 -87.56 7.87
N THR T 18 -18.30 -87.40 8.10
CA THR T 18 -18.86 -86.19 8.77
C THR T 18 -19.30 -86.58 10.19
N ALA T 19 -18.97 -85.75 11.18
CA ALA T 19 -19.44 -85.88 12.57
C ALA T 19 -20.53 -84.83 12.83
N ARG T 20 -21.66 -85.27 13.40
CA ARG T 20 -22.75 -84.36 13.83
C ARG T 20 -22.97 -84.53 15.34
N ILE T 21 -22.81 -83.44 16.09
CA ILE T 21 -23.03 -83.39 17.56
C ILE T 21 -24.23 -82.51 17.85
N THR T 22 -25.27 -83.07 18.46
CA THR T 22 -26.52 -82.33 18.77
C THR T 22 -26.42 -81.70 20.15
N CYS T 23 -27.20 -80.64 20.34
CA CYS T 23 -27.36 -79.90 21.61
C CYS T 23 -28.85 -79.60 21.77
N GLY T 24 -29.52 -80.38 22.60
CA GLY T 24 -30.98 -80.28 22.84
C GLY T 24 -31.29 -79.24 23.90
N GLY T 25 -32.29 -78.42 23.65
CA GLY T 25 -32.78 -77.45 24.65
C GLY T 25 -34.19 -76.99 24.32
N ASN T 26 -35.01 -76.75 25.34
CA ASN T 26 -36.36 -76.18 25.18
C ASN T 26 -36.23 -74.84 24.43
N ASN T 27 -36.63 -74.82 23.15
CA ASN T 27 -36.62 -73.60 22.28
C ASN T 27 -35.20 -73.02 22.27
N ILE T 28 -34.18 -73.86 22.06
CA ILE T 28 -32.76 -73.42 22.03
C ILE T 28 -32.56 -72.53 20.81
N GLY T 29 -33.40 -72.66 19.78
CA GLY T 29 -33.36 -71.85 18.54
C GLY T 29 -33.54 -70.37 18.82
N SER T 30 -34.10 -70.03 19.98
CA SER T 30 -34.36 -68.62 20.40
C SER T 30 -33.16 -68.08 21.21
N ARG T 31 -32.07 -68.86 21.34
CA ARG T 31 -30.85 -68.49 22.11
C ARG T 31 -29.61 -68.63 21.23
N SER T 32 -28.57 -67.88 21.54
CA SER T 32 -27.26 -67.94 20.86
C SER T 32 -26.43 -69.08 21.47
N VAL T 33 -26.13 -70.12 20.67
CA VAL T 33 -25.32 -71.29 21.13
C VAL T 33 -23.87 -71.12 20.65
N HIS T 34 -22.92 -71.29 21.57
CA HIS T 34 -21.46 -71.32 21.26
C HIS T 34 -20.95 -72.75 21.48
N TRP T 35 -19.85 -73.11 20.81
CA TRP T 35 -19.28 -74.47 20.83
C TRP T 35 -17.80 -74.40 21.19
N TYR T 36 -17.34 -75.36 22.00
CA TYR T 36 -15.92 -75.45 22.43
C TYR T 36 -15.40 -76.85 22.10
N GLN T 37 -14.19 -76.90 21.55
CA GLN T 37 -13.36 -78.12 21.44
C GLN T 37 -12.44 -78.19 22.65
N HIS T 38 -12.34 -79.35 23.31
CA HIS T 38 -11.48 -79.55 24.49
C HIS T 38 -10.70 -80.86 24.37
N LYS T 39 -9.40 -80.77 24.14
CA LYS T 39 -8.46 -81.92 24.16
C LYS T 39 -7.90 -82.07 25.57
N PRO T 40 -7.66 -83.32 26.05
CA PRO T 40 -7.14 -83.55 27.40
C PRO T 40 -5.83 -82.77 27.67
N GLY T 41 -5.78 -82.13 28.84
CA GLY T 41 -4.63 -81.33 29.31
C GLY T 41 -4.34 -80.14 28.42
N GLN T 42 -5.35 -79.58 27.77
CA GLN T 42 -5.23 -78.38 26.89
C GLN T 42 -6.33 -77.37 27.26
N ALA T 43 -6.08 -76.10 26.96
CA ALA T 43 -7.10 -75.03 27.05
C ALA T 43 -8.20 -75.32 26.05
N PRO T 44 -9.48 -75.32 26.48
CA PRO T 44 -10.59 -75.35 25.52
C PRO T 44 -10.46 -74.23 24.48
N VAL T 45 -10.89 -74.52 23.26
CA VAL T 45 -10.88 -73.56 22.12
C VAL T 45 -12.33 -73.30 21.69
N MET T 46 -12.70 -72.04 21.52
CA MET T 46 -14.01 -71.69 20.93
C MET T 46 -13.93 -71.90 19.41
N ILE T 47 -14.85 -72.68 18.86
CA ILE T 47 -14.86 -73.06 17.42
C ILE T 47 -16.09 -72.50 16.72
N ILE T 48 -17.21 -72.27 17.43
CA ILE T 48 -18.40 -71.60 16.84
C ILE T 48 -18.96 -70.61 17.86
N SER T 49 -19.29 -69.39 17.42
CA SER T 49 -19.99 -68.36 18.23
C SER T 49 -21.31 -67.99 17.56
N TYR T 50 -22.34 -67.73 18.37
CA TYR T 50 -23.68 -67.29 17.90
C TYR T 50 -24.13 -68.20 16.75
N ASP T 51 -24.33 -69.48 17.07
CA ASP T 51 -24.95 -70.52 16.17
C ASP T 51 -24.02 -70.98 15.02
N MET T 52 -23.54 -70.12 14.12
CA MET T 52 -22.86 -70.60 12.89
C MET T 52 -21.56 -69.83 12.62
N ASN T 53 -21.19 -68.87 13.46
CA ASN T 53 -20.02 -68.01 13.15
C ASN T 53 -18.73 -68.72 13.57
N ARG T 54 -17.85 -68.96 12.59
CA ARG T 54 -16.52 -69.57 12.80
C ARG T 54 -15.52 -68.48 13.12
N PRO T 55 -14.78 -68.53 14.25
CA PRO T 55 -13.69 -67.59 14.50
C PRO T 55 -12.50 -67.78 13.54
N SER T 56 -11.68 -66.73 13.42
CA SER T 56 -10.43 -66.74 12.60
C SER T 56 -9.54 -67.92 13.05
N GLY T 57 -9.10 -68.75 12.11
CA GLY T 57 -8.24 -69.92 12.40
C GLY T 57 -9.00 -71.24 12.49
N ILE T 58 -10.33 -71.22 12.56
CA ILE T 58 -11.15 -72.47 12.55
C ILE T 58 -11.49 -72.82 11.10
N PRO T 59 -11.18 -74.04 10.63
CA PRO T 59 -11.39 -74.42 9.23
C PRO T 59 -12.87 -74.49 8.81
N GLU T 60 -13.14 -74.19 7.53
CA GLU T 60 -14.51 -74.14 6.91
C GLU T 60 -15.26 -75.47 7.13
N ARG T 61 -14.54 -76.59 7.33
CA ARG T 61 -15.14 -77.94 7.60
C ARG T 61 -16.03 -77.89 8.84
N VAL T 62 -15.71 -77.01 9.79
CA VAL T 62 -16.48 -76.85 11.05
C VAL T 62 -17.62 -75.86 10.75
N SER T 63 -18.86 -76.25 11.01
CA SER T 63 -20.03 -75.36 10.79
C SER T 63 -21.03 -75.57 11.94
N GLY T 64 -21.89 -74.58 12.16
CA GLY T 64 -22.90 -74.62 13.22
C GLY T 64 -24.29 -74.33 12.71
N SER T 65 -25.28 -74.94 13.34
CA SER T 65 -26.72 -74.75 13.01
C SER T 65 -27.53 -74.69 14.32
N ASN T 66 -28.67 -74.03 14.30
CA ASN T 66 -29.55 -73.88 15.49
C ASN T 66 -30.97 -73.60 15.02
N TYR T 67 -31.91 -74.46 15.37
CA TYR T 67 -33.34 -74.34 14.95
C TYR T 67 -34.25 -75.16 15.87
N GLY T 68 -35.35 -74.56 16.29
CA GLY T 68 -36.36 -75.17 17.18
C GLY T 68 -35.75 -75.60 18.49
N ASN T 69 -35.55 -76.91 18.69
CA ASN T 69 -35.11 -77.50 19.98
C ASN T 69 -33.71 -78.11 19.86
N THR T 70 -33.05 -77.94 18.71
CA THR T 70 -31.75 -78.60 18.48
C THR T 70 -30.77 -77.63 17.81
N ALA T 71 -29.61 -77.44 18.44
CA ALA T 71 -28.41 -76.84 17.81
C ALA T 71 -27.47 -77.98 17.40
N THR T 72 -26.77 -77.83 16.29
CA THR T 72 -25.94 -78.91 15.72
C THR T 72 -24.56 -78.38 15.32
N LEU T 73 -23.52 -79.04 15.83
CA LEU T 73 -22.13 -78.85 15.37
C LEU T 73 -21.84 -79.91 14.31
N THR T 74 -21.44 -79.47 13.11
CA THR T 74 -21.09 -80.38 11.99
C THR T 74 -19.60 -80.26 11.70
N ILE T 75 -18.87 -81.37 11.72
CA ILE T 75 -17.44 -81.41 11.30
C ILE T 75 -17.34 -82.36 10.10
N SER T 76 -17.01 -81.80 8.94
CA SER T 76 -16.84 -82.53 7.65
C SER T 76 -15.36 -82.89 7.45
N ARG T 77 -15.10 -83.90 6.60
CA ARG T 77 -13.74 -84.31 6.19
C ARG T 77 -12.90 -84.48 7.47
N VAL T 78 -13.38 -85.34 8.38
CA VAL T 78 -12.86 -85.47 9.77
C VAL T 78 -11.40 -85.96 9.75
N GLU T 79 -10.55 -85.31 10.53
CA GLU T 79 -9.12 -85.68 10.73
C GLU T 79 -8.90 -86.22 12.15
N ALA T 80 -7.75 -86.86 12.38
CA ALA T 80 -7.32 -87.37 13.70
C ALA T 80 -7.38 -86.24 14.74
N GLY T 81 -6.88 -85.06 14.37
CA GLY T 81 -6.87 -83.82 15.19
C GLY T 81 -8.25 -83.39 15.69
N ASP T 82 -9.34 -83.88 15.10
CA ASP T 82 -10.73 -83.53 15.53
C ASP T 82 -11.13 -84.35 16.76
N GLU T 83 -10.34 -85.37 17.14
CA GLU T 83 -10.68 -86.24 18.30
C GLU T 83 -10.53 -85.38 19.56
N ALA T 84 -11.65 -85.11 20.24
CA ALA T 84 -11.70 -84.25 21.45
C ALA T 84 -13.08 -84.33 22.09
N ASP T 85 -13.25 -83.60 23.19
CA ASP T 85 -14.59 -83.36 23.81
C ASP T 85 -15.18 -82.09 23.16
N TYR T 86 -16.49 -82.08 22.94
CA TYR T 86 -17.20 -80.92 22.35
C TYR T 86 -18.36 -80.50 23.25
N TYR T 87 -18.41 -79.22 23.61
CA TYR T 87 -19.46 -78.65 24.50
C TYR T 87 -20.21 -77.53 23.77
N CYS T 88 -21.54 -77.57 23.83
CA CYS T 88 -22.40 -76.38 23.54
C CYS T 88 -22.56 -75.57 24.83
N GLN T 89 -23.02 -74.33 24.69
CA GLN T 89 -23.13 -73.38 25.82
C GLN T 89 -24.05 -72.22 25.41
N VAL T 90 -24.91 -71.80 26.34
CA VAL T 90 -25.79 -70.61 26.17
C VAL T 90 -25.60 -69.69 27.37
N TRP T 91 -26.19 -68.49 27.28
CA TRP T 91 -26.10 -67.43 28.30
C TRP T 91 -27.46 -66.75 28.39
N ASP T 92 -28.05 -66.72 29.58
CA ASP T 92 -29.31 -66.00 29.86
C ASP T 92 -29.01 -64.92 30.91
N SER T 93 -28.86 -63.66 30.50
CA SER T 93 -28.44 -62.57 31.44
C SER T 93 -29.45 -62.45 32.60
N ARG T 94 -30.74 -62.68 32.31
CA ARG T 94 -31.84 -62.58 33.29
C ARG T 94 -32.13 -63.97 33.88
N SER T 95 -31.15 -64.58 34.57
CA SER T 95 -31.28 -65.93 35.17
C SER T 95 -30.36 -66.10 36.37
N ASP T 96 -30.76 -66.95 37.32
CA ASP T 96 -29.99 -67.26 38.57
C ASP T 96 -28.66 -67.94 38.19
N HIS T 97 -28.68 -68.94 37.29
CA HIS T 97 -27.49 -69.58 36.71
C HIS T 97 -27.36 -69.16 35.24
N PRO T 98 -26.64 -68.05 34.95
CA PRO T 98 -26.66 -67.43 33.62
C PRO T 98 -25.77 -68.07 32.54
N TYR T 99 -24.75 -68.84 32.90
CA TYR T 99 -23.91 -69.59 31.93
C TYR T 99 -24.18 -71.08 32.11
N VAL T 100 -24.60 -71.74 31.03
CA VAL T 100 -24.94 -73.20 31.06
C VAL T 100 -24.12 -73.91 29.99
N PHE T 101 -23.37 -74.94 30.39
CA PHE T 101 -22.70 -75.85 29.44
C PHE T 101 -23.58 -77.09 29.19
N GLY T 102 -23.42 -77.66 27.99
CA GLY T 102 -23.90 -79.01 27.70
C GLY T 102 -23.10 -80.05 28.48
N THR T 103 -23.63 -81.26 28.53
CA THR T 103 -23.03 -82.40 29.27
C THR T 103 -21.76 -82.87 28.56
N GLY T 104 -21.57 -82.51 27.27
CA GLY T 104 -20.34 -82.82 26.51
C GLY T 104 -20.48 -84.02 25.60
N THR T 105 -19.67 -84.09 24.57
CA THR T 105 -19.65 -85.23 23.61
C THR T 105 -18.20 -85.62 23.34
N ARG T 106 -17.83 -86.86 23.68
CA ARG T 106 -16.52 -87.45 23.32
C ARG T 106 -16.57 -87.90 21.86
N VAL T 107 -15.74 -87.31 21.01
CA VAL T 107 -15.67 -87.68 19.56
C VAL T 107 -14.40 -88.49 19.33
N THR T 108 -14.58 -89.76 18.94
CA THR T 108 -13.46 -90.69 18.60
C THR T 108 -13.40 -90.85 17.08
N VAL T 109 -12.22 -90.67 16.50
CA VAL T 109 -11.97 -90.93 15.06
C VAL T 109 -11.27 -92.29 14.93
N LEU T 110 -11.79 -93.18 14.09
CA LEU T 110 -11.17 -94.50 13.82
C LEU T 110 -9.98 -94.32 12.87
N GLU T 129 0.35 -62.46 21.69
CA GLU T 129 -1.09 -62.06 21.62
C GLU T 129 -1.65 -62.01 23.05
N VAL T 130 -2.84 -62.55 23.30
CA VAL T 130 -3.41 -62.69 24.68
C VAL T 130 -2.89 -64.00 25.31
N GLN T 131 -2.47 -63.95 26.58
CA GLN T 131 -2.18 -65.15 27.41
C GLN T 131 -2.93 -65.08 28.74
N LEU T 132 -3.47 -66.23 29.17
CA LEU T 132 -4.11 -66.41 30.51
C LEU T 132 -3.33 -67.50 31.24
N VAL T 133 -2.63 -67.15 32.32
CA VAL T 133 -1.80 -68.12 33.10
C VAL T 133 -2.34 -68.24 34.53
N GLU T 134 -2.88 -69.41 34.87
CA GLU T 134 -3.42 -69.71 36.21
C GLU T 134 -2.30 -70.20 37.14
N SER T 135 -2.43 -69.92 38.44
CA SER T 135 -1.52 -70.41 39.51
C SER T 135 -2.33 -70.63 40.79
N GLY T 136 -1.69 -71.18 41.83
CA GLY T 136 -2.25 -71.33 43.18
C GLY T 136 -2.94 -72.65 43.37
N GLY T 137 -2.90 -73.54 42.37
CA GLY T 137 -3.45 -74.90 42.49
C GLY T 137 -2.53 -75.76 43.34
N GLY T 138 -3.09 -76.73 44.06
CA GLY T 138 -2.30 -77.68 44.88
C GLY T 138 -3.20 -78.64 45.66
N LEU T 139 -2.66 -79.11 46.78
CA LEU T 139 -3.34 -80.06 47.69
C LEU T 139 -3.70 -79.31 48.99
N VAL T 140 -4.84 -79.66 49.57
CA VAL T 140 -5.49 -78.95 50.71
C VAL T 140 -6.31 -79.98 51.50
N LYS T 141 -6.38 -79.82 52.82
CA LYS T 141 -7.28 -80.62 53.68
C LYS T 141 -8.72 -80.21 53.36
N PRO T 142 -9.67 -81.17 53.25
CA PRO T 142 -11.09 -80.82 53.22
C PRO T 142 -11.48 -79.85 54.34
N GLY T 143 -12.25 -78.81 54.03
CA GLY T 143 -12.61 -77.71 54.96
C GLY T 143 -11.61 -76.57 54.93
N GLY T 144 -10.43 -76.77 54.30
CA GLY T 144 -9.36 -75.76 54.15
C GLY T 144 -9.65 -74.69 53.11
N SER T 145 -8.63 -73.92 52.75
CA SER T 145 -8.74 -72.74 51.87
C SER T 145 -7.61 -72.71 50.85
N LEU T 146 -7.89 -72.06 49.72
CA LEU T 146 -6.95 -71.93 48.59
C LEU T 146 -7.39 -70.74 47.72
N ARG T 147 -6.45 -69.91 47.28
CA ARG T 147 -6.70 -68.76 46.38
C ARG T 147 -6.02 -69.01 45.04
N LEU T 148 -6.80 -69.04 43.95
CA LEU T 148 -6.25 -69.16 42.57
C LEU T 148 -6.02 -67.75 42.00
N SER T 149 -5.01 -67.63 41.15
CA SER T 149 -4.71 -66.39 40.37
C SER T 149 -4.72 -66.71 38.88
N CYS T 150 -5.15 -65.75 38.07
CA CYS T 150 -4.97 -65.77 36.60
C CYS T 150 -4.29 -64.46 36.19
N ALA T 151 -3.05 -64.55 35.71
CA ALA T 151 -2.27 -63.41 35.17
C ALA T 151 -2.61 -63.30 33.67
N ALA T 152 -3.36 -62.25 33.29
CA ALA T 152 -3.71 -62.00 31.88
C ALA T 152 -2.63 -61.08 31.29
N SER T 153 -2.31 -61.33 30.02
CA SER T 153 -1.20 -60.67 29.31
C SER T 153 -1.70 -60.24 27.91
N GLY T 154 -1.43 -58.99 27.52
CA GLY T 154 -1.74 -58.46 26.17
C GLY T 154 -3.17 -57.92 26.01
N ILE T 155 -3.87 -57.64 27.10
CA ILE T 155 -5.24 -57.05 27.05
C ILE T 155 -5.35 -56.01 28.18
N THR T 156 -6.18 -54.99 27.98
CA THR T 156 -6.50 -54.01 29.04
C THR T 156 -7.65 -54.59 29.85
N PHE T 157 -7.33 -55.10 31.05
CA PHE T 157 -8.14 -56.11 31.78
C PHE T 157 -9.54 -55.59 32.11
N GLN T 158 -9.74 -54.31 32.39
CA GLN T 158 -11.08 -53.83 32.84
C GLN T 158 -12.12 -53.89 31.71
N TYR T 159 -11.75 -54.29 30.49
CA TYR T 159 -12.68 -54.32 29.33
C TYR T 159 -13.21 -55.75 29.12
N TYR T 160 -12.98 -56.65 30.07
CA TYR T 160 -13.22 -58.10 29.88
C TYR T 160 -13.91 -58.70 31.10
N ALA T 161 -15.14 -59.19 30.91
CA ALA T 161 -15.79 -60.12 31.85
C ALA T 161 -14.90 -61.35 31.93
N MET T 162 -14.62 -61.82 33.15
CA MET T 162 -13.74 -63.00 33.36
C MET T 162 -14.53 -64.06 34.12
N ASN T 163 -14.12 -65.31 33.94
CA ASN T 163 -14.86 -66.50 34.42
C ASN T 163 -13.90 -67.58 34.92
N TRP T 164 -14.36 -68.37 35.89
CA TRP T 164 -13.72 -69.65 36.32
C TRP T 164 -14.62 -70.78 35.88
N VAL T 165 -14.04 -71.74 35.16
CA VAL T 165 -14.74 -72.98 34.73
C VAL T 165 -13.88 -74.17 35.14
N ARG T 166 -14.49 -75.19 35.75
CA ARG T 166 -13.72 -76.35 36.26
C ARG T 166 -14.17 -77.64 35.55
N GLN T 167 -13.27 -78.62 35.56
CA GLN T 167 -13.56 -80.02 35.16
C GLN T 167 -13.09 -80.96 36.26
N ALA T 168 -14.04 -81.56 36.99
CA ALA T 168 -13.81 -82.65 37.96
C ALA T 168 -13.46 -83.92 37.20
N PRO T 169 -12.72 -84.88 37.81
CA PRO T 169 -12.42 -86.16 37.18
C PRO T 169 -13.67 -86.86 36.61
N GLY T 170 -13.62 -87.22 35.32
CA GLY T 170 -14.70 -87.94 34.61
C GLY T 170 -16.03 -87.19 34.55
N LYS T 171 -16.04 -85.87 34.76
CA LYS T 171 -17.24 -85.01 34.64
C LYS T 171 -16.98 -83.97 33.54
N GLY T 172 -18.04 -83.29 33.09
CA GLY T 172 -17.96 -82.27 32.03
C GLY T 172 -17.43 -80.94 32.55
N LEU T 173 -17.24 -79.98 31.64
CA LEU T 173 -16.93 -78.58 32.00
C LEU T 173 -18.09 -78.03 32.83
N GLU T 174 -17.79 -77.44 33.98
CA GLU T 174 -18.81 -76.80 34.85
C GLU T 174 -18.42 -75.34 35.07
N TRP T 175 -19.30 -74.42 34.68
CA TRP T 175 -19.13 -72.98 34.94
C TRP T 175 -19.20 -72.76 36.45
N VAL T 176 -18.22 -72.03 37.01
CA VAL T 176 -18.10 -71.85 38.48
C VAL T 176 -18.53 -70.43 38.84
N SER T 177 -17.87 -69.43 38.27
CA SER T 177 -18.06 -68.02 38.66
C SER T 177 -17.74 -67.05 37.52
N SER T 178 -18.41 -65.90 37.55
CA SER T 178 -18.23 -64.82 36.56
C SER T 178 -18.11 -63.46 37.27
N ILE T 179 -17.29 -62.58 36.72
CA ILE T 179 -17.15 -61.18 37.20
C ILE T 179 -17.09 -60.22 36.00
N GLY T 180 -17.78 -59.08 36.11
CA GLY T 180 -17.70 -57.96 35.15
C GLY T 180 -16.32 -57.33 35.14
N GLY T 181 -15.95 -56.67 34.04
CA GLY T 181 -14.67 -55.95 33.87
C GLY T 181 -14.40 -55.00 35.01
N ARG T 182 -15.42 -54.24 35.44
CA ARG T 182 -15.34 -53.23 36.52
C ARG T 182 -15.11 -53.94 37.87
N GLY T 183 -15.44 -55.23 37.96
CA GLY T 183 -15.41 -56.00 39.22
C GLY T 183 -16.76 -55.94 39.93
N ASP T 184 -17.76 -55.30 39.30
CA ASP T 184 -19.02 -54.83 39.95
C ASP T 184 -20.16 -55.83 39.78
N THR T 185 -19.98 -56.91 39.03
CA THR T 185 -21.08 -57.88 38.79
C THR T 185 -20.51 -59.28 38.96
N THR T 186 -21.04 -60.06 39.89
CA THR T 186 -20.49 -61.39 40.27
C THR T 186 -21.62 -62.41 40.24
N TYR T 187 -21.33 -63.58 39.71
CA TYR T 187 -22.28 -64.72 39.63
C TYR T 187 -21.55 -65.99 40.06
N TYR T 188 -22.25 -66.82 40.80
CA TYR T 188 -21.73 -68.10 41.32
C TYR T 188 -22.74 -69.19 40.96
N THR T 189 -22.25 -70.39 40.68
CA THR T 189 -23.09 -71.61 40.68
C THR T 189 -23.51 -71.89 42.14
N ASP T 190 -24.72 -72.40 42.34
CA ASP T 190 -25.30 -72.70 43.69
C ASP T 190 -24.27 -73.48 44.51
N SER T 191 -23.66 -74.51 43.91
CA SER T 191 -22.64 -75.42 44.50
C SER T 191 -21.64 -74.63 45.36
N VAL T 192 -21.11 -73.52 44.88
CA VAL T 192 -19.97 -72.82 45.55
C VAL T 192 -20.45 -71.54 46.25
N LYS T 193 -21.73 -71.17 46.08
CA LYS T 193 -22.34 -69.94 46.65
C LYS T 193 -22.02 -69.89 48.14
N GLY T 194 -21.36 -68.83 48.60
CA GLY T 194 -21.07 -68.57 50.03
C GLY T 194 -19.80 -69.27 50.52
N ARG T 195 -19.05 -69.95 49.67
CA ARG T 195 -17.73 -70.53 50.05
C ARG T 195 -16.65 -70.00 49.10
N PHE T 196 -17.02 -69.72 47.84
CA PHE T 196 -16.10 -69.13 46.82
C PHE T 196 -16.39 -67.63 46.68
N THR T 197 -15.32 -66.84 46.54
CA THR T 197 -15.40 -65.40 46.18
C THR T 197 -14.52 -65.15 44.95
N ILE T 198 -15.13 -64.61 43.90
CA ILE T 198 -14.41 -64.16 42.69
C ILE T 198 -14.09 -62.66 42.88
N SER T 199 -12.85 -62.28 42.57
CA SER T 199 -12.38 -60.88 42.68
C SER T 199 -11.38 -60.62 41.54
N ARG T 200 -10.88 -59.40 41.45
CA ARG T 200 -10.16 -58.94 40.24
C ARG T 200 -9.33 -57.72 40.61
N ASP T 201 -8.07 -57.70 40.18
CA ASP T 201 -7.18 -56.51 40.31
C ASP T 201 -6.78 -56.08 38.90
N ASN T 202 -7.49 -55.10 38.34
CA ASN T 202 -7.27 -54.62 36.94
C ASN T 202 -5.88 -53.99 36.81
N SER T 203 -5.35 -53.31 37.83
CA SER T 203 -3.98 -52.72 37.83
C SER T 203 -2.95 -53.81 37.51
N LYS T 204 -3.10 -55.01 38.07
CA LYS T 204 -2.16 -56.14 37.89
C LYS T 204 -2.65 -57.08 36.78
N SER T 205 -3.82 -56.82 36.20
CA SER T 205 -4.48 -57.68 35.17
C SER T 205 -4.61 -59.12 35.72
N THR T 206 -5.06 -59.27 36.96
CA THR T 206 -5.14 -60.58 37.65
C THR T 206 -6.58 -60.85 38.12
N LEU T 207 -7.05 -62.07 37.85
CA LEU T 207 -8.35 -62.58 38.33
C LEU T 207 -8.06 -63.50 39.53
N TYR T 208 -8.91 -63.44 40.55
CA TYR T 208 -8.75 -64.24 41.79
C TYR T 208 -9.98 -65.11 41.98
N LEU T 209 -9.75 -66.33 42.48
CA LEU T 209 -10.81 -67.18 43.08
C LEU T 209 -10.37 -67.62 44.48
N GLN T 210 -10.99 -67.02 45.51
CA GLN T 210 -10.82 -67.39 46.94
C GLN T 210 -11.77 -68.54 47.23
N MET T 211 -11.21 -69.72 47.45
CA MET T 211 -11.99 -70.95 47.71
C MET T 211 -11.87 -71.30 49.20
N ASN T 212 -12.93 -71.06 49.97
CA ASN T 212 -12.99 -71.41 51.42
C ASN T 212 -13.94 -72.61 51.59
N SER T 213 -13.83 -73.31 52.73
CA SER T 213 -14.71 -74.44 53.13
C SER T 213 -14.65 -75.54 52.07
N LEU T 214 -13.44 -75.85 51.59
CA LEU T 214 -13.23 -76.75 50.43
C LEU T 214 -13.84 -78.14 50.70
N ARG T 215 -14.44 -78.73 49.65
CA ARG T 215 -15.03 -80.08 49.68
C ARG T 215 -14.26 -80.97 48.69
N ALA T 216 -14.52 -82.27 48.72
CA ALA T 216 -13.91 -83.27 47.81
C ALA T 216 -14.55 -83.11 46.41
N GLU T 217 -15.82 -82.72 46.34
CA GLU T 217 -16.54 -82.44 45.05
C GLU T 217 -15.88 -81.25 44.33
N ASP T 218 -15.01 -80.49 44.99
CA ASP T 218 -14.30 -79.33 44.40
C ASP T 218 -12.98 -79.75 43.72
N THR T 219 -12.55 -81.00 43.83
CA THR T 219 -11.31 -81.48 43.14
C THR T 219 -11.57 -81.37 41.64
N ALA T 220 -10.76 -80.58 40.93
CA ALA T 220 -10.95 -80.27 39.49
C ALA T 220 -9.74 -79.50 38.97
N VAL T 221 -9.61 -79.46 37.64
CA VAL T 221 -8.75 -78.45 36.97
C VAL T 221 -9.58 -77.17 36.85
N TYR T 222 -9.02 -76.05 37.29
CA TYR T 222 -9.70 -74.73 37.27
C TYR T 222 -9.16 -73.93 36.07
N TYR T 223 -10.04 -73.66 35.12
CA TYR T 223 -9.73 -72.88 33.89
C TYR T 223 -10.22 -71.45 34.06
N CYS T 224 -9.36 -70.53 33.64
CA CYS T 224 -9.57 -69.07 33.50
C CYS T 224 -10.17 -68.82 32.12
N ALA T 225 -11.34 -68.20 32.01
CA ALA T 225 -12.03 -67.97 30.71
C ALA T 225 -12.35 -66.50 30.51
N LYS T 226 -11.75 -65.92 29.47
CA LYS T 226 -11.94 -64.52 29.01
C LYS T 226 -13.22 -64.44 28.17
N GLU T 227 -14.01 -63.39 28.37
CA GLU T 227 -15.11 -63.02 27.44
C GLU T 227 -14.56 -62.00 26.44
N PRO T 228 -15.24 -61.76 25.29
CA PRO T 228 -14.74 -60.80 24.32
C PRO T 228 -14.66 -59.36 24.89
N PHE T 229 -13.72 -58.58 24.35
CA PHE T 229 -13.59 -57.13 24.61
C PHE T 229 -14.97 -56.49 24.55
N ASP T 230 -15.29 -55.65 25.54
CA ASP T 230 -16.55 -54.87 25.63
C ASP T 230 -16.16 -53.50 26.20
N SER T 231 -16.69 -52.41 25.63
CA SER T 231 -16.34 -51.03 26.04
C SER T 231 -16.71 -50.82 27.52
N SER T 232 -17.69 -51.54 28.07
CA SER T 232 -18.08 -51.47 29.51
C SER T 232 -17.61 -52.69 30.30
N GLY T 233 -16.81 -53.58 29.70
CA GLY T 233 -16.47 -54.88 30.33
C GLY T 233 -17.68 -55.70 30.77
N ASP T 234 -18.83 -55.57 30.08
CA ASP T 234 -20.05 -56.35 30.41
C ASP T 234 -19.86 -57.85 30.13
N HIS T 235 -20.75 -58.64 30.72
CA HIS T 235 -20.93 -60.09 30.44
C HIS T 235 -21.53 -60.20 29.03
N ARG T 236 -20.95 -61.06 28.19
CA ARG T 236 -21.42 -61.30 26.80
C ARG T 236 -21.92 -62.72 26.59
N GLY T 237 -21.61 -63.66 27.49
CA GLY T 237 -22.02 -65.08 27.37
C GLY T 237 -21.10 -65.90 26.49
N VAL T 238 -19.89 -65.42 26.18
CA VAL T 238 -18.94 -66.10 25.26
C VAL T 238 -17.60 -66.27 25.98
N PHE T 239 -17.06 -67.49 26.03
CA PHE T 239 -15.71 -67.77 26.57
C PHE T 239 -14.76 -67.85 25.37
N ASP T 240 -14.21 -66.73 24.89
CA ASP T 240 -13.52 -66.76 23.57
C ASP T 240 -12.03 -67.09 23.73
N TYR T 241 -11.52 -67.16 24.95
CA TYR T 241 -10.11 -67.61 25.18
C TYR T 241 -9.94 -68.14 26.61
N TRP T 242 -9.17 -69.23 26.72
CA TRP T 242 -8.98 -70.00 27.99
C TRP T 242 -7.49 -70.19 28.30
N GLY T 243 -7.17 -70.29 29.59
CA GLY T 243 -5.87 -70.77 30.07
C GLY T 243 -5.82 -72.29 30.12
N GLN T 244 -4.65 -72.89 30.37
CA GLN T 244 -4.50 -74.37 30.32
C GLN T 244 -4.99 -75.06 31.59
N GLY T 245 -5.27 -74.31 32.65
CA GLY T 245 -5.86 -74.88 33.88
C GLY T 245 -4.93 -75.02 35.07
N THR T 246 -5.49 -75.03 36.29
CA THR T 246 -4.70 -75.28 37.52
C THR T 246 -5.36 -76.41 38.31
N LEU T 247 -4.57 -77.39 38.76
CA LEU T 247 -5.15 -78.57 39.46
C LEU T 247 -5.36 -78.28 40.93
N VAL T 248 -6.61 -78.37 41.39
CA VAL T 248 -6.90 -78.22 42.84
C VAL T 248 -7.38 -79.58 43.32
N THR T 249 -6.60 -80.23 44.18
CA THR T 249 -6.95 -81.58 44.69
C THR T 249 -7.26 -81.44 46.17
N VAL T 250 -8.43 -81.90 46.59
CA VAL T 250 -8.70 -81.89 48.04
C VAL T 250 -9.01 -83.30 48.53
N SER T 251 -8.23 -83.80 49.48
CA SER T 251 -8.44 -85.13 50.07
C SER T 251 -7.50 -85.25 51.28
#